data_4ZFJ
#
_entry.id   4ZFJ
#
_cell.length_a   128.977
_cell.length_b   69.507
_cell.length_c   160.375
_cell.angle_alpha   90.00
_cell.angle_beta   94.84
_cell.angle_gamma   90.00
#
_symmetry.space_group_name_H-M   'P 1 21 1'
#
loop_
_entity.id
_entity.type
_entity.pdbx_description
1 polymer 'Amidohydrolase EgtC'
2 non-polymer '2-(N-MORPHOLINO)-ETHANESULFONIC ACID'
3 non-polymer 3,6,9,12,15,18,21,24,27-NONAOXANONACOSANE-1,29-DIOL
4 water water
#
_entity_poly.entity_id   1
_entity_poly.type   'polypeptide(L)'
_entity_poly.pdbx_seq_one_letter_code
;(MSE)CRHVAWLGAPRSLADLVLDPPQGLLVQSYAPRRQKHGL(MSE)NADGWGAGFFDDDGVARRWRSDKPLWGDASFA
SVAPALRSRCVVAAVRSATIG(MSE)SIEPSASAPFSDGQWLLSHNGLVARGVLPLTGAAESTVDSAILAALIFSRGLDA
LGATIAEVGELDPNARLNILAANGSRLLATTWGDTLSVLRRPDGVVLASEPYDDDPGWSDIPDRHLVDVRDAHVVVTPLS
SHHHHHH
;
_entity_poly.pdbx_strand_id   A,B,C,D,E,F,G,H,I,J,K,L
#
loop_
_chem_comp.id
_chem_comp.type
_chem_comp.name
_chem_comp.formula
MES non-polymer '2-(N-MORPHOLINO)-ETHANESULFONIC ACID' 'C6 H13 N O4 S'
XPE non-polymer 3,6,9,12,15,18,21,24,27-NONAOXANONACOSANE-1,29-DIOL 'C20 H42 O11'
#
# COMPACT_ATOMS: atom_id res chain seq x y z
N CYS A 2 15.42 7.02 13.79
CA CYS A 2 16.06 8.33 13.66
C CYS A 2 16.93 8.66 14.87
N ARG A 3 17.79 9.65 14.68
CA ARG A 3 18.58 10.22 15.76
C ARG A 3 18.48 11.72 15.65
N HIS A 4 18.35 12.42 16.78
CA HIS A 4 18.32 13.89 16.72
C HIS A 4 19.19 14.53 17.80
N VAL A 5 19.46 15.81 17.61
CA VAL A 5 20.32 16.57 18.50
C VAL A 5 19.83 18.01 18.50
N ALA A 6 19.94 18.67 19.65
CA ALA A 6 19.58 20.06 19.75
C ALA A 6 20.57 20.78 20.63
N TRP A 7 20.68 22.07 20.38
CA TRP A 7 21.58 22.95 21.09
C TRP A 7 20.85 24.19 21.52
N LEU A 8 21.13 24.64 22.74
CA LEU A 8 20.70 25.94 23.21
C LEU A 8 21.83 26.58 23.99
N GLY A 9 22.35 27.67 23.45
CA GLY A 9 23.40 28.38 24.19
C GLY A 9 24.02 29.46 23.34
N ALA A 10 25.29 29.74 23.61
CA ALA A 10 26.06 30.66 22.77
C ALA A 10 26.19 30.03 21.40
N PRO A 11 26.49 30.86 20.38
CA PRO A 11 26.46 30.30 19.02
C PRO A 11 27.43 29.14 18.77
N ARG A 12 26.95 28.09 18.12
CA ARG A 12 27.79 27.00 17.60
C ARG A 12 27.43 26.79 16.14
N SER A 13 28.38 26.32 15.34
CA SER A 13 28.07 26.02 13.95
C SER A 13 27.33 24.69 13.81
N LEU A 14 26.53 24.56 12.76
CA LEU A 14 25.89 23.31 12.48
C LEU A 14 26.91 22.19 12.32
N ALA A 15 28.04 22.50 11.70
CA ALA A 15 29.09 21.49 11.53
C ALA A 15 29.61 21.02 12.90
N ASP A 16 29.83 21.95 13.81
CA ASP A 16 30.35 21.63 15.14
C ASP A 16 29.41 20.69 15.89
N LEU A 17 28.12 20.88 15.71
CA LEU A 17 27.12 20.08 16.40
C LEU A 17 26.83 18.75 15.75
N VAL A 18 26.84 18.73 14.42
CA VAL A 18 26.28 17.65 13.62
C VAL A 18 27.34 16.79 12.94
N LEU A 19 28.35 17.42 12.37
CA LEU A 19 29.31 16.74 11.51
C LEU A 19 30.63 16.37 12.19
N ASP A 20 31.13 17.25 13.05
CA ASP A 20 32.50 17.14 13.53
C ASP A 20 32.71 16.17 14.71
N PRO A 21 31.71 16.02 15.61
CA PRO A 21 32.03 15.11 16.73
C PRO A 21 32.29 13.67 16.27
N PRO A 22 33.16 12.95 16.99
CA PRO A 22 33.59 11.61 16.55
C PRO A 22 32.47 10.58 16.53
N GLN A 23 31.39 10.83 17.27
CA GLN A 23 30.23 9.95 17.26
C GLN A 23 28.94 10.75 17.10
N GLY A 24 29.01 11.83 16.33
CA GLY A 24 27.87 12.73 16.16
C GLY A 24 26.87 12.23 15.14
N LEU A 25 25.95 13.12 14.78
CA LEU A 25 24.87 12.76 13.86
C LEU A 25 25.39 12.21 12.52
N LEU A 26 26.45 12.80 11.98
CA LEU A 26 27.05 12.30 10.74
C LEU A 26 27.40 10.82 10.86
N VAL A 27 28.14 10.50 11.92
CA VAL A 27 28.53 9.12 12.16
C VAL A 27 27.28 8.27 12.45
N GLN A 28 26.30 8.84 13.13
CA GLN A 28 25.10 8.07 13.47
C GLN A 28 24.25 7.77 12.25
N SER A 29 24.47 8.47 11.13
CA SER A 29 23.68 8.20 9.94
C SER A 29 24.01 6.83 9.35
N TYR A 30 25.22 6.31 9.61
CA TYR A 30 25.58 4.98 9.15
C TYR A 30 26.03 4.04 10.27
N ALA A 31 26.32 4.58 11.45
CA ALA A 31 26.85 3.76 12.55
C ALA A 31 26.41 4.30 13.91
N PRO A 32 25.10 4.31 14.16
CA PRO A 32 24.64 4.70 15.49
C PRO A 32 25.12 3.71 16.55
N ARG A 33 25.16 4.15 17.81
CA ARG A 33 25.65 3.32 18.91
C ARG A 33 24.56 2.82 19.86
N ARG A 34 23.45 3.55 19.98
CA ARG A 34 22.42 3.21 20.97
C ARG A 34 21.03 3.10 20.35
N GLN A 35 20.99 2.70 19.09
CA GLN A 35 19.77 2.63 18.31
C GLN A 35 19.23 1.20 18.28
N LYS A 36 18.00 1.04 18.74
CA LYS A 36 17.39 -0.28 18.82
C LYS A 36 16.56 -0.59 17.59
N HIS A 37 16.21 0.43 16.84
CA HIS A 37 15.30 0.28 15.69
C HIS A 37 15.84 0.96 14.45
N GLY A 38 16.17 0.13 13.45
CA GLY A 38 16.81 0.60 12.24
C GLY A 38 18.31 0.44 12.36
N LEU A 39 18.95 -0.07 11.32
CA LEU A 39 20.39 -0.26 11.37
C LEU A 39 21.14 1.04 11.20
N MSE A 40 20.50 2.00 10.52
CA MSE A 40 21.15 3.26 10.24
C MSE A 40 20.10 4.33 10.05
O MSE A 40 18.92 4.09 10.29
CB MSE A 40 22.01 3.13 8.99
CG MSE A 40 21.17 3.01 7.75
SE MSE A 40 22.03 1.94 6.41
CE MSE A 40 21.66 0.18 7.17
H MSE A 40 19.69 1.94 10.24
HA MSE A 40 21.73 3.50 10.98
HB2 MSE A 40 22.57 3.92 8.90
HB3 MSE A 40 22.56 2.33 9.07
HG2 MSE A 40 20.32 2.59 7.98
HG3 MSE A 40 21.02 3.90 7.39
HE1 MSE A 40 22.05 -0.49 6.59
HE2 MSE A 40 22.07 0.14 8.05
HE3 MSE A 40 20.70 0.07 7.23
N ASN A 41 20.55 5.52 9.65
CA ASN A 41 19.65 6.65 9.50
C ASN A 41 20.03 7.36 8.21
N ALA A 42 19.68 6.72 7.11
CA ALA A 42 20.16 7.12 5.79
C ALA A 42 19.04 7.70 4.94
N ASP A 43 17.83 7.73 5.48
CA ASP A 43 16.67 8.15 4.70
C ASP A 43 16.40 9.66 4.79
N GLY A 44 17.45 10.45 4.66
CA GLY A 44 17.34 11.88 4.72
C GLY A 44 17.83 12.45 6.04
N TRP A 45 17.82 13.78 6.11
CA TRP A 45 18.30 14.49 7.28
C TRP A 45 17.74 15.90 7.23
N GLY A 46 17.87 16.60 8.33
CA GLY A 46 17.48 18.00 8.36
C GLY A 46 18.18 18.74 9.47
N ALA A 47 18.39 20.04 9.24
CA ALA A 47 19.00 20.90 10.23
C ALA A 47 18.23 22.21 10.25
N GLY A 48 17.74 22.56 11.44
CA GLY A 48 17.01 23.79 11.64
C GLY A 48 17.72 24.64 12.67
N PHE A 49 17.66 25.95 12.50
CA PHE A 49 18.30 26.86 13.43
C PHE A 49 17.60 28.22 13.44
N PHE A 50 17.85 29.00 14.47
CA PHE A 50 17.29 30.33 14.57
C PHE A 50 18.40 31.34 14.29
N ASP A 51 18.15 32.27 13.39
CA ASP A 51 19.17 33.27 13.07
C ASP A 51 19.11 34.36 14.13
N ASP A 52 19.93 35.40 13.97
CA ASP A 52 20.04 36.41 15.01
C ASP A 52 18.76 37.23 15.18
N ASP A 53 17.87 37.19 14.20
CA ASP A 53 16.59 37.89 14.29
C ASP A 53 15.46 37.02 14.82
N GLY A 54 15.78 35.78 15.17
CA GLY A 54 14.80 34.86 15.72
C GLY A 54 14.03 34.11 14.64
N VAL A 55 14.48 34.20 13.40
CA VAL A 55 13.79 33.52 12.32
C VAL A 55 14.25 32.07 12.23
N ALA A 56 13.29 31.17 12.21
CA ALA A 56 13.58 29.74 12.04
C ALA A 56 13.90 29.47 10.58
N ARG A 57 15.03 28.80 10.36
CA ARG A 57 15.47 28.44 9.01
C ARG A 57 15.80 26.97 9.00
N ARG A 58 15.60 26.32 7.86
CA ARG A 58 15.79 24.88 7.78
C ARG A 58 16.41 24.47 6.45
N TRP A 59 17.24 23.44 6.54
CA TRP A 59 17.82 22.74 5.41
C TRP A 59 17.44 21.27 5.58
N ARG A 60 16.71 20.71 4.62
CA ARG A 60 16.34 19.29 4.69
C ARG A 60 16.59 18.57 3.39
N SER A 61 16.86 17.29 3.52
CA SER A 61 17.21 16.45 2.38
C SER A 61 16.62 15.05 2.51
N ASP A 62 16.51 14.37 1.38
CA ASP A 62 16.07 12.97 1.34
C ASP A 62 17.23 11.99 1.11
N LYS A 63 18.45 12.52 1.12
CA LYS A 63 19.63 11.70 0.88
C LYS A 63 20.40 11.44 2.15
N PRO A 64 21.29 10.42 2.15
CA PRO A 64 22.05 10.15 3.37
C PRO A 64 22.96 11.32 3.76
N LEU A 65 23.01 11.64 5.05
CA LEU A 65 23.79 12.78 5.50
C LEU A 65 25.26 12.65 5.12
N TRP A 66 25.81 11.45 5.18
CA TRP A 66 27.24 11.26 4.95
C TRP A 66 27.64 11.56 3.51
N GLY A 67 26.67 11.59 2.61
CA GLY A 67 26.95 11.81 1.20
C GLY A 67 26.75 13.25 0.74
N ASP A 68 26.34 14.14 1.64
CA ASP A 68 25.95 15.48 1.23
C ASP A 68 27.13 16.43 1.24
N ALA A 69 27.73 16.62 0.07
CA ALA A 69 28.92 17.44 -0.05
C ALA A 69 28.63 18.93 0.14
N SER A 70 27.42 19.36 -0.21
CA SER A 70 27.04 20.76 -0.04
C SER A 70 26.92 21.10 1.44
N PHE A 71 26.24 20.24 2.20
CA PHE A 71 26.11 20.50 3.63
C PHE A 71 27.49 20.43 4.31
N ALA A 72 28.34 19.48 3.89
CA ALA A 72 29.66 19.36 4.47
C ALA A 72 30.44 20.66 4.27
N SER A 73 30.25 21.27 3.10
CA SER A 73 30.98 22.48 2.76
C SER A 73 30.43 23.72 3.45
N VAL A 74 29.11 23.80 3.60
CA VAL A 74 28.48 25.04 4.02
C VAL A 74 28.20 25.07 5.53
N ALA A 75 28.00 23.91 6.15
CA ALA A 75 27.57 23.87 7.55
C ALA A 75 28.49 24.59 8.54
N PRO A 76 29.82 24.61 8.29
CA PRO A 76 30.68 25.37 9.21
C PRO A 76 30.41 26.88 9.23
N ALA A 77 29.72 27.40 8.22
CA ALA A 77 29.46 28.83 8.08
C ALA A 77 28.09 29.23 8.64
N LEU A 78 27.36 28.25 9.15
CA LEU A 78 26.03 28.49 9.72
C LEU A 78 26.10 28.31 11.22
N ARG A 79 26.02 29.43 11.95
CA ARG A 79 26.14 29.46 13.40
C ARG A 79 24.82 29.90 14.00
N SER A 80 24.48 29.33 15.14
CA SER A 80 23.24 29.67 15.81
C SER A 80 23.26 29.35 17.31
N ARG A 81 22.49 30.14 18.06
CA ARG A 81 22.27 29.91 19.48
C ARG A 81 21.28 28.77 19.75
N CYS A 82 20.56 28.33 18.71
CA CYS A 82 19.53 27.33 18.91
C CYS A 82 19.32 26.49 17.65
N VAL A 83 19.59 25.19 17.78
CA VAL A 83 19.64 24.26 16.64
C VAL A 83 18.85 23.00 16.97
N VAL A 84 18.14 22.47 15.99
CA VAL A 84 17.58 21.12 16.06
C VAL A 84 17.89 20.42 14.75
N ALA A 85 18.57 19.28 14.83
CA ALA A 85 18.94 18.52 13.61
C ALA A 85 18.63 17.04 13.80
N ALA A 86 18.40 16.34 12.69
CA ALA A 86 18.06 14.92 12.79
C ALA A 86 18.51 14.17 11.55
N VAL A 87 18.84 12.90 11.75
CA VAL A 87 19.00 11.96 10.64
C VAL A 87 17.89 10.93 10.71
N ARG A 88 17.34 10.60 9.55
CA ARG A 88 16.12 9.79 9.49
C ARG A 88 16.32 8.33 9.10
N SER A 89 15.60 7.48 9.81
CA SER A 89 15.35 6.11 9.41
C SER A 89 13.86 5.97 9.18
N ALA A 90 13.47 5.82 7.92
CA ALA A 90 12.04 5.89 7.57
C ALA A 90 11.29 4.63 7.98
N THR A 91 10.10 4.81 8.54
CA THR A 91 9.20 3.69 8.76
C THR A 91 8.76 3.14 7.41
N ILE A 92 8.65 1.83 7.31
CA ILE A 92 8.26 1.22 6.04
C ILE A 92 6.94 1.83 5.55
N GLY A 93 6.86 2.09 4.26
CA GLY A 93 5.68 2.70 3.66
C GLY A 93 5.65 4.22 3.70
N MSE A 94 6.56 4.84 4.45
CA MSE A 94 6.56 6.30 4.59
C MSE A 94 7.42 6.94 3.53
O MSE A 94 8.56 6.51 3.31
CB MSE A 94 7.06 6.68 5.98
CG MSE A 94 6.21 6.16 7.13
SE MSE A 94 4.39 6.91 7.17
CE MSE A 94 3.47 5.70 5.93
H MSE A 94 7.20 4.45 4.87
HA MSE A 94 5.65 6.62 4.51
HB2 MSE A 94 7.95 6.32 6.10
HB3 MSE A 94 7.09 7.65 6.05
HG2 MSE A 94 6.13 5.20 7.06
HG3 MSE A 94 6.63 6.40 7.97
HE1 MSE A 94 2.55 5.97 5.85
HE2 MSE A 94 3.91 5.76 5.07
HE3 MSE A 94 3.54 4.80 6.27
N SER A 95 6.87 7.96 2.87
CA SER A 95 7.60 8.71 1.85
C SER A 95 8.97 9.16 2.33
N ILE A 96 9.97 8.95 1.49
CA ILE A 96 11.32 9.46 1.74
C ILE A 96 11.50 10.69 0.87
N GLU A 97 11.40 11.84 1.51
CA GLU A 97 11.28 13.11 0.83
C GLU A 97 11.64 14.19 1.84
N PRO A 98 12.19 15.32 1.39
CA PRO A 98 12.66 16.35 2.33
C PRO A 98 11.56 16.85 3.29
N SER A 99 10.32 16.92 2.83
CA SER A 99 9.27 17.47 3.68
C SER A 99 8.93 16.51 4.82
N ALA A 100 9.34 15.26 4.69
CA ALA A 100 9.12 14.23 5.72
C ALA A 100 10.29 14.14 6.69
N SER A 101 11.37 14.84 6.40
CA SER A 101 12.50 14.89 7.30
C SER A 101 12.26 15.93 8.39
N ALA A 102 12.60 15.57 9.61
CA ALA A 102 12.71 16.53 10.70
C ALA A 102 13.85 17.48 10.42
N PRO A 103 13.78 18.71 10.93
CA PRO A 103 12.74 19.25 11.81
C PRO A 103 11.55 19.82 11.09
N PHE A 104 10.38 19.57 11.66
CA PHE A 104 9.14 20.25 11.29
C PHE A 104 9.06 21.59 12.00
N SER A 105 8.15 22.45 11.55
CA SER A 105 8.07 23.78 12.12
C SER A 105 6.69 24.37 12.00
N ASP A 106 6.30 25.15 13.00
CA ASP A 106 5.08 25.97 12.90
C ASP A 106 5.46 27.45 12.84
N GLY A 107 6.73 27.73 12.58
CA GLY A 107 7.22 29.09 12.47
C GLY A 107 7.87 29.61 13.73
N GLN A 108 7.44 29.08 14.87
CA GLN A 108 8.00 29.45 16.17
C GLN A 108 8.86 28.34 16.75
N TRP A 109 8.40 27.11 16.57
CA TRP A 109 9.09 25.91 17.07
C TRP A 109 9.67 25.05 15.94
N LEU A 110 10.84 24.48 16.21
CA LEU A 110 11.40 23.40 15.40
C LEU A 110 11.17 22.10 16.18
N LEU A 111 10.84 21.02 15.50
CA LEU A 111 10.48 19.78 16.17
C LEU A 111 10.91 18.54 15.41
N SER A 112 11.50 17.60 16.12
CA SER A 112 11.88 16.31 15.58
C SER A 112 11.22 15.19 16.37
N HIS A 113 10.78 14.15 15.67
CA HIS A 113 10.24 12.95 16.27
C HIS A 113 11.09 11.75 15.92
N ASN A 114 11.52 11.03 16.95
CA ASN A 114 12.18 9.74 16.80
C ASN A 114 11.26 8.67 17.35
N GLY A 115 10.73 7.81 16.49
CA GLY A 115 9.86 6.77 16.97
C GLY A 115 8.96 6.18 15.93
N LEU A 116 7.74 5.86 16.36
CA LEU A 116 6.81 5.07 15.58
C LEU A 116 5.45 5.35 16.15
N VAL A 117 4.49 5.71 15.31
CA VAL A 117 3.13 5.87 15.79
C VAL A 117 2.11 5.50 14.71
N ALA A 118 1.07 4.77 15.12
CA ALA A 118 -0.02 4.44 14.21
C ALA A 118 -0.75 5.72 13.81
N ARG A 119 -0.68 6.10 12.53
CA ARG A 119 -1.32 7.34 12.09
C ARG A 119 -2.81 7.31 12.35
N GLY A 120 -3.39 6.12 12.30
CA GLY A 120 -4.82 5.94 12.48
C GLY A 120 -5.38 6.43 13.80
N VAL A 121 -4.53 6.55 14.82
CA VAL A 121 -5.02 7.03 16.12
C VAL A 121 -4.89 8.54 16.25
N LEU A 122 -4.18 9.17 15.32
CA LEU A 122 -3.97 10.62 15.39
C LEU A 122 -5.10 11.37 14.68
N PRO A 123 -5.44 12.57 15.17
CA PRO A 123 -6.49 13.35 14.52
C PRO A 123 -6.12 13.73 13.10
N LEU A 124 -7.11 13.84 12.23
CA LEU A 124 -6.86 14.36 10.90
C LEU A 124 -6.50 15.83 11.03
N THR A 125 -5.71 16.31 10.08
CA THR A 125 -5.25 17.68 10.12
C THR A 125 -5.09 18.20 8.70
N GLY A 126 -5.23 19.51 8.54
CA GLY A 126 -4.91 20.17 7.29
C GLY A 126 -3.64 20.98 7.39
N ALA A 127 -2.90 20.82 8.49
CA ALA A 127 -1.74 21.65 8.78
C ALA A 127 -0.42 20.88 8.81
N ALA A 128 -0.42 19.63 8.36
CA ALA A 128 0.83 18.87 8.36
C ALA A 128 1.69 19.27 7.17
N GLU A 129 3.00 19.13 7.33
CA GLU A 129 3.96 19.44 6.28
C GLU A 129 4.19 18.26 5.35
N SER A 130 3.75 17.09 5.81
CA SER A 130 3.91 15.84 5.08
C SER A 130 2.84 14.88 5.55
N THR A 131 2.64 13.80 4.81
CA THR A 131 1.64 12.79 5.19
C THR A 131 2.21 11.74 6.12
N VAL A 132 3.51 11.74 6.34
CA VAL A 132 4.11 10.66 7.12
C VAL A 132 3.77 10.79 8.60
N ASP A 133 3.83 9.67 9.31
CA ASP A 133 3.37 9.63 10.70
C ASP A 133 3.98 10.71 11.58
N SER A 134 5.30 10.93 11.51
CA SER A 134 5.93 11.94 12.34
C SER A 134 5.39 13.35 12.09
N ALA A 135 5.01 13.65 10.85
CA ALA A 135 4.54 14.99 10.51
C ALA A 135 3.12 15.22 11.04
N ILE A 136 2.32 14.16 11.04
CA ILE A 136 0.96 14.22 11.57
C ILE A 136 1.03 14.43 13.08
N LEU A 137 1.94 13.70 13.73
CA LEU A 137 2.19 13.87 15.15
C LEU A 137 2.70 15.27 15.46
N ALA A 138 3.63 15.78 14.65
CA ALA A 138 4.13 17.13 14.85
C ALA A 138 2.98 18.13 14.77
N ALA A 139 2.08 17.93 13.81
CA ALA A 139 0.92 18.81 13.65
C ALA A 139 0.08 18.83 14.93
N LEU A 140 -0.15 17.65 15.49
CA LEU A 140 -0.92 17.54 16.72
C LEU A 140 -0.22 18.27 17.87
N ILE A 141 1.08 18.06 18.00
CA ILE A 141 1.83 18.66 19.09
C ILE A 141 1.75 20.19 18.99
N PHE A 142 1.98 20.72 17.78
CA PHE A 142 1.90 22.16 17.57
C PHE A 142 0.49 22.70 17.88
N SER A 143 -0.52 21.93 17.50
N SER A 143 -0.52 21.92 17.52
CA SER A 143 -1.89 22.35 17.71
CA SER A 143 -1.91 22.35 17.69
C SER A 143 -2.20 22.48 19.19
C SER A 143 -2.30 22.40 19.16
N ARG A 144 -1.69 21.53 19.98
CA ARG A 144 -1.96 21.49 21.42
C ARG A 144 -1.10 22.48 22.20
N GLY A 145 -0.01 22.92 21.58
CA GLY A 145 0.92 23.84 22.22
C GLY A 145 2.03 23.08 22.94
N LEU A 146 3.25 23.60 22.86
CA LEU A 146 4.38 22.89 23.42
C LEU A 146 4.35 22.87 24.94
N ASP A 147 3.64 23.82 25.56
CA ASP A 147 3.47 23.78 27.00
C ASP A 147 2.69 22.53 27.42
N ALA A 148 1.98 21.91 26.48
CA ALA A 148 1.20 20.70 26.73
C ALA A 148 1.90 19.44 26.18
N LEU A 149 3.18 19.55 25.84
CA LEU A 149 3.89 18.44 25.20
C LEU A 149 3.78 17.12 25.99
N GLY A 150 4.03 17.18 27.29
CA GLY A 150 4.01 15.97 28.10
C GLY A 150 2.64 15.32 28.12
N ALA A 151 1.60 16.13 28.15
CA ALA A 151 0.25 15.60 28.20
C ALA A 151 -0.15 15.03 26.85
N THR A 152 0.27 15.70 25.77
CA THR A 152 -0.04 15.25 24.43
C THR A 152 0.60 13.88 24.18
N ILE A 153 1.85 13.75 24.58
CA ILE A 153 2.58 12.50 24.37
C ILE A 153 1.99 11.38 25.22
N ALA A 154 1.63 11.65 26.47
CA ALA A 154 0.98 10.62 27.29
C ALA A 154 -0.34 10.19 26.66
N GLU A 155 -1.07 11.14 26.10
CA GLU A 155 -2.35 10.85 25.48
C GLU A 155 -2.15 9.93 24.26
N VAL A 156 -1.16 10.23 23.44
CA VAL A 156 -0.91 9.44 22.23
C VAL A 156 -0.41 8.05 22.64
N GLY A 157 0.44 8.01 23.64
CA GLY A 157 1.00 6.77 24.14
C GLY A 157 -0.06 5.83 24.68
N GLU A 158 -1.17 6.40 25.17
CA GLU A 158 -2.28 5.59 25.63
C GLU A 158 -3.10 5.11 24.45
N LEU A 159 -3.21 5.93 23.41
CA LEU A 159 -3.98 5.56 22.22
C LEU A 159 -3.29 4.46 21.42
N ASP A 160 -1.96 4.52 21.36
CA ASP A 160 -1.16 3.50 20.68
C ASP A 160 -0.12 2.94 21.64
N PRO A 161 -0.43 1.82 22.30
CA PRO A 161 0.49 1.25 23.31
C PRO A 161 1.84 0.83 22.75
N ASN A 162 1.95 0.70 21.43
CA ASN A 162 3.23 0.34 20.81
C ASN A 162 3.98 1.54 20.26
N ALA A 163 3.49 2.75 20.52
CA ALA A 163 4.12 3.94 19.96
C ALA A 163 5.43 4.25 20.68
N ARG A 164 6.38 4.79 19.91
CA ARG A 164 7.60 5.36 20.45
C ARG A 164 7.54 6.84 20.10
N LEU A 165 7.70 7.70 21.11
CA LEU A 165 7.31 9.10 20.98
C LEU A 165 8.39 10.03 21.52
N ASN A 166 9.62 9.86 21.03
CA ASN A 166 10.69 10.74 21.44
C ASN A 166 10.67 12.04 20.65
N ILE A 167 10.40 13.13 21.33
CA ILE A 167 10.29 14.45 20.72
C ILE A 167 11.47 15.31 21.16
N LEU A 168 11.96 16.13 20.25
CA LEU A 168 12.97 17.13 20.57
C LEU A 168 12.57 18.40 19.85
N ALA A 169 12.36 19.48 20.61
CA ALA A 169 11.83 20.71 20.06
C ALA A 169 12.52 21.95 20.64
N ALA A 170 12.51 23.03 19.88
CA ALA A 170 13.18 24.26 20.29
C ALA A 170 12.53 25.48 19.64
N ASN A 171 12.54 26.60 20.36
CA ASN A 171 11.91 27.83 19.90
C ASN A 171 12.85 29.02 19.89
N GLY A 172 14.14 28.76 20.06
CA GLY A 172 15.13 29.82 20.02
C GLY A 172 15.64 30.21 21.39
N SER A 173 14.79 29.98 22.40
N SER A 173 14.81 30.00 22.42
CA SER A 173 15.09 30.36 23.78
CA SER A 173 15.21 30.32 23.79
C SER A 173 14.88 29.20 24.77
C SER A 173 14.87 29.21 24.78
N ARG A 174 14.30 28.11 24.27
CA ARG A 174 13.90 26.96 25.10
C ARG A 174 14.11 25.66 24.34
N LEU A 175 14.45 24.59 25.04
CA LEU A 175 14.35 23.24 24.49
C LEU A 175 13.32 22.45 25.27
N LEU A 176 12.63 21.55 24.57
CA LEU A 176 11.74 20.58 25.18
C LEU A 176 11.99 19.23 24.56
N ALA A 177 11.91 18.17 25.37
CA ALA A 177 12.09 16.83 24.84
C ALA A 177 11.33 15.82 25.67
N THR A 178 10.97 14.71 25.04
CA THR A 178 10.37 13.58 25.76
C THR A 178 11.11 12.31 25.45
N THR A 179 11.15 11.44 26.44
CA THR A 179 11.58 10.06 26.27
C THR A 179 10.34 9.22 26.36
N TRP A 180 10.12 8.39 25.35
CA TRP A 180 8.97 7.51 25.34
C TRP A 180 9.28 6.36 24.41
N GLY A 181 10.14 5.47 24.88
CA GLY A 181 10.48 4.26 24.14
C GLY A 181 11.81 4.32 23.42
N ASP A 182 12.51 5.44 23.49
CA ASP A 182 13.86 5.51 22.93
C ASP A 182 14.74 6.43 23.75
N THR A 183 15.99 6.53 23.32
CA THR A 183 17.05 7.12 24.14
C THR A 183 17.16 8.64 24.03
N LEU A 184 17.64 9.25 25.12
CA LEU A 184 18.00 10.66 25.13
C LEU A 184 19.05 10.93 26.21
N SER A 185 20.02 11.78 25.90
CA SER A 185 21.07 12.17 26.83
C SER A 185 21.25 13.69 26.82
N VAL A 186 21.77 14.23 27.92
CA VAL A 186 21.98 15.66 28.07
C VAL A 186 23.44 15.94 28.36
N LEU A 187 23.97 17.00 27.75
CA LEU A 187 25.34 17.44 28.04
C LEU A 187 25.29 18.92 28.40
N ARG A 188 25.77 19.24 29.60
CA ARG A 188 25.80 20.62 30.06
C ARG A 188 27.19 21.16 29.87
N ARG A 189 27.33 22.05 28.89
CA ARG A 189 28.58 22.75 28.65
C ARG A 189 28.56 24.11 29.34
N PRO A 190 29.74 24.73 29.49
CA PRO A 190 29.79 26.08 30.07
C PRO A 190 29.02 27.11 29.23
N ASP A 191 28.92 26.88 27.92
CA ASP A 191 28.26 27.82 27.02
C ASP A 191 26.85 27.41 26.60
N GLY A 192 26.35 26.27 27.10
CA GLY A 192 25.01 25.85 26.74
C GLY A 192 24.74 24.38 26.96
N VAL A 193 23.58 23.93 26.48
CA VAL A 193 23.09 22.59 26.71
C VAL A 193 22.84 21.87 25.39
N VAL A 194 23.33 20.63 25.32
CA VAL A 194 23.02 19.72 24.23
C VAL A 194 22.02 18.68 24.73
N LEU A 195 20.99 18.42 23.95
CA LEU A 195 20.17 17.24 24.09
C LEU A 195 20.32 16.39 22.84
N ALA A 196 20.43 15.08 23.02
CA ALA A 196 20.70 14.20 21.88
C ALA A 196 20.19 12.80 22.12
N SER A 197 19.73 12.15 21.05
CA SER A 197 19.35 10.74 21.12
C SER A 197 20.45 9.89 21.74
N GLU A 198 21.68 10.16 21.34
CA GLU A 198 22.83 9.53 21.96
C GLU A 198 24.00 10.49 21.98
N PRO A 199 24.91 10.32 22.96
CA PRO A 199 26.09 11.18 23.07
C PRO A 199 26.91 11.24 21.78
N TYR A 200 27.37 12.41 21.40
CA TYR A 200 28.15 12.52 20.17
C TYR A 200 29.63 12.31 20.41
N ASP A 201 29.99 11.98 21.65
CA ASP A 201 31.35 11.56 21.98
C ASP A 201 31.32 10.79 23.30
N ASP A 202 32.49 10.59 23.90
CA ASP A 202 32.58 9.78 25.12
C ASP A 202 32.78 10.64 26.36
N ASP A 203 32.36 11.89 26.29
CA ASP A 203 32.46 12.81 27.42
C ASP A 203 31.72 12.23 28.65
N PRO A 204 32.42 12.11 29.78
CA PRO A 204 31.70 11.57 30.96
C PRO A 204 30.59 12.50 31.45
N GLY A 205 30.55 13.73 30.95
CA GLY A 205 29.52 14.68 31.32
C GLY A 205 28.12 14.36 30.78
N TRP A 206 28.04 13.49 29.78
CA TRP A 206 26.74 13.10 29.27
C TRP A 206 25.95 12.35 30.34
N SER A 207 24.67 12.69 30.46
CA SER A 207 23.77 12.05 31.42
C SER A 207 22.56 11.52 30.68
N ASP A 208 22.23 10.24 30.90
CA ASP A 208 21.09 9.63 30.23
C ASP A 208 19.78 9.99 30.92
N ILE A 209 18.79 10.38 30.13
CA ILE A 209 17.45 10.68 30.62
C ILE A 209 16.63 9.39 30.71
N PRO A 210 16.01 9.11 31.87
CA PRO A 210 15.21 7.90 31.99
C PRO A 210 13.98 7.92 31.07
N ASP A 211 13.47 6.75 30.72
CA ASP A 211 12.31 6.65 29.85
C ASP A 211 11.07 7.29 30.50
N ARG A 212 10.12 7.72 29.66
CA ARG A 212 8.87 8.38 30.06
C ARG A 212 9.10 9.60 30.93
N HIS A 213 9.98 10.48 30.44
CA HIS A 213 10.24 11.76 31.08
C HIS A 213 10.19 12.91 30.08
N LEU A 214 9.98 14.09 30.62
CA LEU A 214 10.06 15.35 29.90
C LEU A 214 11.30 16.11 30.34
N VAL A 215 12.00 16.72 29.40
CA VAL A 215 13.15 17.58 29.67
C VAL A 215 12.82 18.99 29.19
N ASP A 216 13.06 19.95 30.05
CA ASP A 216 12.72 21.34 29.80
C ASP A 216 13.97 22.17 30.08
N VAL A 217 14.51 22.80 29.04
CA VAL A 217 15.72 23.59 29.15
C VAL A 217 15.46 25.07 28.86
N ARG A 218 15.75 25.93 29.82
CA ARG A 218 15.71 27.36 29.58
C ARG A 218 16.69 28.07 30.50
N ASP A 219 17.22 29.19 30.02
CA ASP A 219 18.31 29.94 30.67
C ASP A 219 19.23 29.04 31.50
N ALA A 220 19.84 28.07 30.81
CA ALA A 220 20.84 27.18 31.38
C ALA A 220 20.31 26.19 32.42
N HIS A 221 19.06 26.35 32.84
CA HIS A 221 18.46 25.39 33.77
C HIS A 221 17.93 24.18 33.01
N VAL A 222 18.30 22.98 33.45
CA VAL A 222 17.72 21.76 32.92
C VAL A 222 16.80 21.16 33.97
N VAL A 223 15.53 20.97 33.61
CA VAL A 223 14.53 20.38 34.51
C VAL A 223 13.97 19.11 33.88
N VAL A 224 14.05 18.01 34.61
CA VAL A 224 13.61 16.71 34.13
C VAL A 224 12.46 16.26 35.00
N THR A 225 11.32 15.93 34.36
CA THR A 225 10.12 15.54 35.09
C THR A 225 9.53 14.25 34.52
N PRO A 226 8.89 13.45 35.36
CA PRO A 226 8.23 12.25 34.81
C PRO A 226 7.07 12.63 33.92
N LEU A 227 6.66 11.70 33.07
CA LEU A 227 5.41 11.82 32.34
C LEU A 227 4.40 10.96 33.05
N SER A 228 3.13 11.15 32.73
CA SER A 228 2.08 10.29 33.27
C SER A 228 1.98 9.01 32.47
N SER A 229 2.00 7.88 33.17
CA SER A 229 1.66 6.58 32.57
C SER A 229 0.31 6.13 33.08
N HIS A 230 -0.55 5.69 32.17
CA HIS A 230 -1.92 5.30 32.50
C HIS A 230 -2.68 6.46 33.14
N CYS B 2 0.34 21.94 -15.06
CA CYS B 2 0.67 20.58 -15.48
C CYS B 2 0.09 20.25 -16.85
N ARG B 3 0.61 19.17 -17.43
CA ARG B 3 0.08 18.58 -18.64
C ARG B 3 0.01 17.09 -18.41
N HIS B 4 -1.04 16.43 -18.88
CA HIS B 4 -1.13 14.99 -18.75
C HIS B 4 -1.61 14.32 -20.04
N VAL B 5 -1.41 13.01 -20.10
CA VAL B 5 -1.77 12.21 -21.25
C VAL B 5 -2.16 10.83 -20.75
N ALA B 6 -3.10 10.21 -21.46
CA ALA B 6 -3.53 8.86 -21.16
C ALA B 6 -3.78 8.09 -22.43
N TRP B 7 -3.62 6.78 -22.31
CA TRP B 7 -3.82 5.87 -23.42
C TRP B 7 -4.68 4.71 -22.96
N LEU B 8 -5.63 4.30 -23.79
CA LEU B 8 -6.34 3.05 -23.59
C LEU B 8 -6.47 2.36 -24.93
N GLY B 9 -5.82 1.20 -25.07
CA GLY B 9 -5.94 0.45 -26.31
C GLY B 9 -4.96 -0.70 -26.37
N ALA B 10 -4.52 -1.03 -27.58
CA ALA B 10 -3.52 -2.06 -27.76
C ALA B 10 -2.25 -1.65 -27.04
N PRO B 11 -1.40 -2.61 -26.67
CA PRO B 11 -0.21 -2.26 -25.89
C PRO B 11 0.65 -1.22 -26.61
N ARG B 12 1.11 -0.24 -25.84
CA ARG B 12 1.89 0.87 -26.34
C ARG B 12 2.99 1.16 -25.32
N SER B 13 4.20 1.50 -25.79
CA SER B 13 5.29 1.75 -24.85
C SER B 13 5.14 3.13 -24.23
N LEU B 14 5.64 3.29 -23.01
CA LEU B 14 5.63 4.58 -22.35
C LEU B 14 6.40 5.61 -23.18
N ALA B 15 7.51 5.19 -23.79
CA ALA B 15 8.28 6.09 -24.65
C ALA B 15 7.46 6.54 -25.84
N ASP B 16 6.75 5.60 -26.44
CA ASP B 16 5.98 5.89 -27.65
C ASP B 16 4.90 6.93 -27.36
N LEU B 17 4.39 6.94 -26.14
CA LEU B 17 3.31 7.85 -25.78
C LEU B 17 3.81 9.19 -25.26
N VAL B 18 4.92 9.15 -24.53
CA VAL B 18 5.37 10.27 -23.71
C VAL B 18 6.61 10.96 -24.29
N LEU B 19 7.55 10.19 -24.82
CA LEU B 19 8.85 10.74 -25.20
C LEU B 19 9.04 10.94 -26.70
N ASP B 20 8.46 10.05 -27.50
CA ASP B 20 8.71 10.02 -28.93
C ASP B 20 7.87 11.01 -29.76
N PRO B 21 6.61 11.29 -29.37
CA PRO B 21 5.85 12.22 -30.22
C PRO B 21 6.53 13.59 -30.31
N PRO B 22 6.41 14.26 -31.46
CA PRO B 22 7.18 15.49 -31.67
C PRO B 22 6.77 16.64 -30.76
N GLN B 23 5.56 16.58 -30.21
CA GLN B 23 5.08 17.63 -29.30
C GLN B 23 4.39 17.02 -28.10
N GLY B 24 4.92 15.88 -27.67
CA GLY B 24 4.35 15.14 -26.56
C GLY B 24 4.82 15.65 -25.21
N LEU B 25 4.57 14.85 -24.18
CA LEU B 25 4.76 15.28 -22.81
C LEU B 25 6.21 15.71 -22.54
N LEU B 26 7.16 15.02 -23.17
CA LEU B 26 8.56 15.41 -23.04
C LEU B 26 8.77 16.86 -23.48
N VAL B 27 8.26 17.21 -24.65
CA VAL B 27 8.43 18.55 -25.20
C VAL B 27 7.64 19.54 -24.35
N GLN B 28 6.49 19.10 -23.87
CA GLN B 28 5.63 19.96 -23.04
C GLN B 28 6.25 20.27 -21.67
N SER B 29 7.25 19.52 -21.24
CA SER B 29 7.90 19.82 -19.97
C SER B 29 8.68 21.13 -20.04
N TYR B 30 9.14 21.50 -21.23
CA TYR B 30 9.84 22.79 -21.41
C TYR B 30 9.19 23.74 -22.43
N ALA B 31 8.29 23.25 -23.27
CA ALA B 31 7.66 24.07 -24.31
C ALA B 31 6.21 23.67 -24.58
N PRO B 32 5.36 23.75 -23.56
CA PRO B 32 3.94 23.48 -23.80
C PRO B 32 3.32 24.49 -24.78
N ARG B 33 2.29 24.07 -25.53
CA ARG B 33 1.69 24.90 -26.58
C ARG B 33 0.39 25.58 -26.18
N ARG B 34 -0.31 25.04 -25.19
CA ARG B 34 -1.67 25.49 -24.87
C ARG B 34 -1.87 25.67 -23.38
N GLN B 35 -0.80 26.07 -22.71
CA GLN B 35 -0.82 26.17 -21.25
C GLN B 35 -0.89 27.63 -20.82
N LYS B 36 -1.98 27.97 -20.13
CA LYS B 36 -2.20 29.33 -19.67
C LYS B 36 -1.59 29.60 -18.30
N HIS B 37 -1.35 28.53 -17.53
CA HIS B 37 -0.83 28.67 -16.19
C HIS B 37 0.50 27.93 -16.01
N GLY B 38 1.56 28.71 -15.91
CA GLY B 38 2.93 28.19 -15.87
C GLY B 38 3.56 28.28 -17.25
N LEU B 39 4.87 28.51 -17.28
CA LEU B 39 5.63 28.64 -18.52
C LEU B 39 6.06 27.28 -19.03
N MSE B 40 6.05 26.31 -18.13
CA MSE B 40 6.74 25.05 -18.33
C MSE B 40 6.24 24.07 -17.30
O MSE B 40 5.42 24.43 -16.45
CB MSE B 40 8.22 25.26 -18.14
CG MSE B 40 8.48 26.01 -16.84
SE MSE B 40 10.11 26.96 -16.92
CE MSE B 40 11.05 25.36 -17.19
H MSE B 40 5.64 26.36 -17.37
HA MSE B 40 6.57 24.71 -19.22
HB2 MSE B 40 8.68 24.41 -18.10
HB3 MSE B 40 8.58 25.80 -18.87
HG2 MSE B 40 7.76 26.64 -16.68
HG3 MSE B 40 8.53 25.37 -16.10
HE1 MSE B 40 12.00 25.54 -17.27
HE2 MSE B 40 10.90 24.76 -16.42
HE3 MSE B 40 10.73 24.93 -17.99
N ASN B 41 6.71 22.84 -17.37
CA ASN B 41 6.32 21.78 -16.43
C ASN B 41 7.55 21.00 -16.06
N ALA B 42 8.37 21.64 -15.23
CA ALA B 42 9.69 21.12 -14.89
C ALA B 42 9.78 20.63 -13.45
N ASP B 43 8.67 20.66 -12.72
CA ASP B 43 8.69 20.37 -11.28
C ASP B 43 8.36 18.90 -10.98
N GLY B 44 8.86 18.01 -11.84
CA GLY B 44 8.64 16.60 -11.68
C GLY B 44 7.72 16.03 -12.74
N TRP B 45 7.52 14.72 -12.65
CA TRP B 45 6.73 14.01 -13.64
C TRP B 45 6.35 12.67 -13.06
N GLY B 46 5.44 11.99 -13.72
CA GLY B 46 5.08 10.65 -13.34
C GLY B 46 4.47 9.91 -14.50
N ALA B 47 4.66 8.60 -14.49
CA ALA B 47 4.04 7.74 -15.48
C ALA B 47 3.51 6.53 -14.76
N GLY B 48 2.22 6.26 -14.95
CA GLY B 48 1.59 5.09 -14.40
C GLY B 48 1.03 4.20 -15.49
N PHE B 49 1.01 2.91 -15.23
CA PHE B 49 0.48 1.96 -16.20
C PHE B 49 -0.02 0.72 -15.50
N PHE B 50 -0.77 -0.08 -16.25
CA PHE B 50 -1.31 -1.32 -15.75
C PHE B 50 -0.60 -2.47 -16.45
N ASP B 51 -0.12 -3.43 -15.66
CA ASP B 51 0.60 -4.55 -16.25
C ASP B 51 -0.39 -5.62 -16.68
N ASP B 52 0.12 -6.71 -17.25
CA ASP B 52 -0.75 -7.72 -17.83
C ASP B 52 -1.69 -8.37 -16.81
N ASP B 53 -1.38 -8.24 -15.53
CA ASP B 53 -2.23 -8.78 -14.47
C ASP B 53 -3.16 -7.72 -13.87
N GLY B 54 -3.13 -6.51 -14.40
CA GLY B 54 -4.01 -5.45 -13.94
C GLY B 54 -3.48 -4.67 -12.76
N VAL B 55 -2.21 -4.88 -12.42
CA VAL B 55 -1.60 -4.17 -11.32
C VAL B 55 -1.18 -2.78 -11.77
N ALA B 56 -1.58 -1.77 -11.00
CA ALA B 56 -1.16 -0.41 -11.25
C ALA B 56 0.28 -0.24 -10.80
N ARG B 57 1.12 0.29 -11.68
CA ARG B 57 2.52 0.54 -11.39
C ARG B 57 2.84 1.98 -11.76
N ARG B 58 3.77 2.58 -11.01
CA ARG B 58 4.06 4.00 -11.15
C ARG B 58 5.55 4.28 -10.99
N TRP B 59 5.99 5.26 -11.76
CA TRP B 59 7.33 5.84 -11.69
C TRP B 59 7.14 7.35 -11.58
N ARG B 60 7.63 7.94 -10.50
CA ARG B 60 7.47 9.38 -10.30
C ARG B 60 8.78 10.01 -9.85
N SER B 61 8.93 11.28 -10.21
CA SER B 61 10.14 12.04 -9.95
C SER B 61 9.81 13.48 -9.61
N ASP B 62 10.74 14.16 -8.95
CA ASP B 62 10.61 15.58 -8.67
C ASP B 62 11.53 16.42 -9.56
N LYS B 63 12.16 15.77 -10.55
CA LYS B 63 13.07 16.46 -11.46
C LYS B 63 12.44 16.68 -12.85
N PRO B 64 13.03 17.55 -13.67
CA PRO B 64 12.46 17.77 -15.01
C PRO B 64 12.50 16.52 -15.88
N LEU B 65 11.41 16.25 -16.57
CA LEU B 65 11.30 15.05 -17.39
C LEU B 65 12.42 14.99 -18.44
N TRP B 66 12.80 16.14 -18.99
CA TRP B 66 13.75 16.15 -20.09
C TRP B 66 15.15 15.71 -19.64
N GLY B 67 15.42 15.77 -18.35
CA GLY B 67 16.73 15.44 -17.84
C GLY B 67 16.89 14.02 -17.34
N ASP B 68 15.83 13.21 -17.41
CA ASP B 68 15.88 11.89 -16.77
C ASP B 68 16.39 10.84 -17.74
N ALA B 69 17.67 10.52 -17.61
CA ALA B 69 18.32 9.56 -18.50
C ALA B 69 17.81 8.14 -18.26
N SER B 70 17.48 7.81 -17.01
CA SER B 70 16.96 6.49 -16.72
C SER B 70 15.61 6.27 -17.39
N PHE B 71 14.71 7.24 -17.31
CA PHE B 71 13.40 7.06 -17.94
C PHE B 71 13.56 6.98 -19.47
N ALA B 72 14.45 7.80 -20.03
CA ALA B 72 14.66 7.79 -21.48
C ALA B 72 15.16 6.42 -21.94
N SER B 73 15.98 5.80 -21.11
CA SER B 73 16.54 4.50 -21.43
C SER B 73 15.54 3.37 -21.24
N VAL B 74 14.73 3.44 -20.19
CA VAL B 74 13.90 2.31 -19.79
C VAL B 74 12.49 2.34 -20.40
N ALA B 75 11.96 3.55 -20.62
CA ALA B 75 10.58 3.73 -21.05
C ALA B 75 10.21 2.93 -22.32
N PRO B 76 11.13 2.76 -23.27
CA PRO B 76 10.73 1.96 -24.43
C PRO B 76 10.41 0.50 -24.10
N ALA B 77 10.88 0.01 -22.96
CA ALA B 77 10.70 -1.40 -22.60
C ALA B 77 9.48 -1.63 -21.73
N LEU B 78 8.73 -0.56 -21.45
CA LEU B 78 7.54 -0.63 -20.61
C LEU B 78 6.31 -0.42 -21.49
N ARG B 79 5.58 -1.51 -21.75
CA ARG B 79 4.43 -1.48 -22.64
C ARG B 79 3.16 -1.81 -21.86
N SER B 80 2.07 -1.16 -22.22
CA SER B 80 0.83 -1.33 -21.49
C SER B 80 -0.37 -0.94 -22.34
N ARG B 81 -1.51 -1.56 -22.05
CA ARG B 81 -2.77 -1.20 -22.66
C ARG B 81 -3.38 0.06 -22.05
N CYS B 82 -2.83 0.52 -20.93
CA CYS B 82 -3.45 1.62 -20.24
C CYS B 82 -2.43 2.41 -19.44
N VAL B 83 -2.27 3.68 -19.80
CA VAL B 83 -1.20 4.53 -19.29
C VAL B 83 -1.78 5.89 -18.90
N VAL B 84 -1.32 6.43 -17.76
CA VAL B 84 -1.57 7.82 -17.39
C VAL B 84 -0.25 8.47 -16.98
N ALA B 85 0.12 9.57 -17.62
CA ALA B 85 1.38 10.24 -17.30
C ALA B 85 1.19 11.74 -17.26
N ALA B 86 2.07 12.42 -16.51
CA ALA B 86 1.94 13.85 -16.36
C ALA B 86 3.29 14.50 -16.08
N VAL B 87 3.43 15.74 -16.53
CA VAL B 87 4.54 16.60 -16.14
C VAL B 87 3.98 17.74 -15.31
N ARG B 88 4.70 18.11 -14.26
CA ARG B 88 4.14 19.00 -13.24
C ARG B 88 4.70 20.42 -13.29
N SER B 89 3.79 21.39 -13.15
CA SER B 89 4.16 22.74 -12.84
C SER B 89 3.62 23.06 -11.44
N ALA B 90 4.52 23.26 -10.49
CA ALA B 90 4.13 23.36 -9.09
C ALA B 90 3.63 24.75 -8.75
N THR B 91 2.50 24.80 -8.05
CA THR B 91 1.99 26.05 -7.50
C THR B 91 2.90 26.52 -6.38
N ILE B 92 3.13 27.83 -6.33
CA ILE B 92 3.97 28.44 -5.31
C ILE B 92 3.57 27.95 -3.91
N GLY B 93 4.56 27.55 -3.12
CA GLY B 93 4.32 27.07 -1.77
C GLY B 93 4.04 25.58 -1.65
N MSE B 94 3.84 24.91 -2.77
CA MSE B 94 3.60 23.46 -2.77
C MSE B 94 4.91 22.68 -2.86
O MSE B 94 5.80 23.05 -3.64
CB MSE B 94 2.68 23.06 -3.92
CG MSE B 94 1.37 23.82 -3.98
SE MSE B 94 0.07 23.22 -2.66
CE MSE B 94 0.78 24.12 -1.08
H MSE B 94 3.84 25.26 -3.56
HA MSE B 94 3.16 23.23 -1.93
HB2 MSE B 94 3.14 23.21 -4.75
HB3 MSE B 94 2.46 22.12 -3.82
HG2 MSE B 94 1.55 24.76 -3.83
HG3 MSE B 94 0.98 23.69 -4.87
HE1 MSE B 94 0.21 23.90 -0.32
HE2 MSE B 94 1.68 23.81 -0.92
HE3 MSE B 94 0.78 25.08 -1.24
N SER B 95 5.00 21.63 -2.06
CA SER B 95 6.17 20.77 -2.05
C SER B 95 6.48 20.22 -3.44
N ILE B 96 7.75 20.25 -3.80
CA ILE B 96 8.21 19.62 -5.03
C ILE B 96 8.90 18.32 -4.65
N GLU B 97 8.17 17.23 -4.81
CA GLU B 97 8.58 15.93 -4.30
C GLU B 97 7.84 14.84 -5.06
N PRO B 98 8.43 13.65 -5.18
CA PRO B 98 7.77 12.66 -6.05
C PRO B 98 6.34 12.29 -5.62
N SER B 99 6.06 12.26 -4.31
CA SER B 99 4.71 11.91 -3.87
C SER B 99 3.68 12.95 -4.27
N ALA B 100 4.14 14.16 -4.62
CA ALA B 100 3.27 15.25 -5.04
C ALA B 100 3.05 15.28 -6.56
N SER B 101 3.80 14.45 -7.28
CA SER B 101 3.62 14.33 -8.72
C SER B 101 2.50 13.35 -9.05
N ALA B 102 1.70 13.68 -10.05
CA ALA B 102 0.75 12.74 -10.61
C ALA B 102 1.53 11.68 -11.37
N PRO B 103 0.95 10.45 -11.52
CA PRO B 103 -0.37 10.03 -11.06
C PRO B 103 -0.45 9.55 -9.63
N PHE B 104 -1.54 9.92 -8.97
CA PHE B 104 -1.94 9.40 -7.69
C PHE B 104 -2.67 8.09 -7.90
N SER B 105 -2.81 7.29 -6.85
CA SER B 105 -3.43 5.98 -6.99
C SER B 105 -4.11 5.51 -5.71
N ASP B 106 -5.21 4.80 -5.89
CA ASP B 106 -5.83 4.07 -4.78
C ASP B 106 -5.71 2.57 -5.01
N GLY B 107 -4.84 2.18 -5.93
CA GLY B 107 -4.62 0.78 -6.25
C GLY B 107 -5.41 0.33 -7.45
N GLN B 108 -6.57 0.93 -7.66
CA GLN B 108 -7.44 0.55 -8.78
C GLN B 108 -7.36 1.58 -9.88
N TRP B 109 -7.30 2.84 -9.49
CA TRP B 109 -7.26 3.97 -10.41
C TRP B 109 -5.95 4.70 -10.33
N LEU B 110 -5.45 5.16 -11.46
CA LEU B 110 -4.41 6.18 -11.54
C LEU B 110 -5.07 7.50 -11.85
N LEU B 111 -4.61 8.59 -11.24
CA LEU B 111 -5.28 9.89 -11.41
C LEU B 111 -4.31 11.06 -11.44
N SER B 112 -4.55 11.98 -12.38
CA SER B 112 -3.78 13.18 -12.51
C SER B 112 -4.71 14.38 -12.42
N HIS B 113 -4.25 15.44 -11.76
CA HIS B 113 -4.98 16.70 -11.70
C HIS B 113 -4.13 17.84 -12.29
N ASN B 114 -4.75 18.58 -13.20
CA ASN B 114 -4.18 19.81 -13.75
C ASN B 114 -5.08 20.97 -13.32
N GLY B 115 -4.59 21.79 -12.41
CA GLY B 115 -5.37 22.93 -11.99
C GLY B 115 -4.94 23.50 -10.66
N LEU B 116 -5.93 23.84 -9.86
CA LEU B 116 -5.70 24.62 -8.65
C LEU B 116 -6.99 24.54 -7.86
N VAL B 117 -6.88 24.29 -6.56
CA VAL B 117 -8.08 24.26 -5.72
C VAL B 117 -7.71 24.65 -4.28
N ALA B 118 -8.54 25.49 -3.68
CA ALA B 118 -8.34 25.91 -2.30
C ALA B 118 -8.48 24.73 -1.34
N ARG B 119 -7.39 24.38 -0.65
CA ARG B 119 -7.44 23.21 0.22
C ARG B 119 -8.43 23.38 1.35
N GLY B 120 -8.71 24.63 1.70
CA GLY B 120 -9.63 24.93 2.78
C GLY B 120 -11.08 24.50 2.52
N VAL B 121 -11.45 24.28 1.26
CA VAL B 121 -12.82 23.83 0.97
C VAL B 121 -12.92 22.30 0.89
N LEU B 122 -11.78 21.62 0.96
CA LEU B 122 -11.76 20.17 0.87
C LEU B 122 -11.75 19.55 2.27
N PRO B 123 -12.38 18.37 2.42
CA PRO B 123 -12.39 17.76 3.74
C PRO B 123 -11.01 17.27 4.13
N LEU B 124 -10.79 17.17 5.43
CA LEU B 124 -9.56 16.57 5.93
C LEU B 124 -9.57 15.10 5.61
N THR B 125 -8.39 14.54 5.39
CA THR B 125 -8.27 13.12 5.04
C THR B 125 -7.01 12.55 5.65
N GLY B 126 -7.04 11.24 5.93
CA GLY B 126 -5.85 10.52 6.32
C GLY B 126 -5.29 9.68 5.18
N ALA B 127 -5.88 9.82 4.00
CA ALA B 127 -5.61 8.93 2.88
C ALA B 127 -4.87 9.61 1.73
N ALA B 128 -4.51 10.88 1.87
CA ALA B 128 -3.78 11.57 0.81
C ALA B 128 -2.33 11.11 0.73
N GLU B 129 -1.75 11.18 -0.46
CA GLU B 129 -0.38 10.71 -0.68
C GLU B 129 0.63 11.82 -0.44
N SER B 130 0.13 13.04 -0.43
CA SER B 130 0.94 14.23 -0.24
C SER B 130 0.07 15.33 0.34
N THR B 131 0.70 16.44 0.73
CA THR B 131 -0.03 17.59 1.29
C THR B 131 -0.49 18.60 0.24
N VAL B 132 -0.01 18.46 -0.99
CA VAL B 132 -0.32 19.43 -2.02
C VAL B 132 -1.79 19.33 -2.40
N ASP B 133 -2.35 20.41 -2.92
CA ASP B 133 -3.79 20.49 -3.13
C ASP B 133 -4.28 19.38 -4.05
N SER B 134 -3.51 19.06 -5.08
CA SER B 134 -3.92 18.02 -6.01
C SER B 134 -4.08 16.66 -5.33
N ALA B 135 -3.25 16.38 -4.34
CA ALA B 135 -3.31 15.11 -3.63
C ALA B 135 -4.52 15.03 -2.71
N ILE B 136 -4.86 16.15 -2.08
CA ILE B 136 -6.03 16.23 -1.22
C ILE B 136 -7.29 16.06 -2.07
N LEU B 137 -7.29 16.68 -3.25
CA LEU B 137 -8.39 16.54 -4.21
C LEU B 137 -8.49 15.10 -4.70
N ALA B 138 -7.35 14.50 -5.02
CA ALA B 138 -7.35 13.11 -5.46
C ALA B 138 -7.94 12.19 -4.38
N ALA B 139 -7.54 12.39 -3.13
CA ALA B 139 -8.10 11.61 -2.03
C ALA B 139 -9.63 11.73 -1.97
N LEU B 140 -10.14 12.95 -2.13
CA LEU B 140 -11.59 13.15 -2.14
C LEU B 140 -12.23 12.39 -3.30
N ILE B 141 -11.63 12.51 -4.47
CA ILE B 141 -12.18 11.86 -5.66
C ILE B 141 -12.25 10.35 -5.45
N PHE B 142 -11.16 9.77 -4.94
CA PHE B 142 -11.09 8.34 -4.71
C PHE B 142 -12.13 7.91 -3.67
N SER B 143 -12.31 8.73 -2.65
N SER B 143 -12.33 8.74 -2.66
CA SER B 143 -13.24 8.43 -1.57
CA SER B 143 -13.23 8.41 -1.56
C SER B 143 -14.66 8.34 -2.10
C SER B 143 -14.69 8.40 -2.02
N ARG B 144 -15.03 9.30 -2.94
CA ARG B 144 -16.37 9.35 -3.51
C ARG B 144 -16.58 8.29 -4.59
N GLY B 145 -15.48 7.83 -5.18
CA GLY B 145 -15.51 6.82 -6.23
C GLY B 145 -15.49 7.48 -7.59
N LEU B 146 -14.76 6.90 -8.52
CA LEU B 146 -14.61 7.53 -9.83
C LEU B 146 -15.91 7.56 -10.63
N ASP B 147 -16.86 6.70 -10.30
CA ASP B 147 -18.15 6.75 -10.98
C ASP B 147 -18.90 8.04 -10.63
N ALA B 148 -18.50 8.67 -9.53
CA ALA B 148 -19.09 9.93 -9.09
C ALA B 148 -18.19 11.11 -9.41
N LEU B 149 -17.24 10.93 -10.34
CA LEU B 149 -16.29 11.99 -10.65
C LEU B 149 -16.99 13.30 -11.01
N GLY B 150 -18.02 13.20 -11.85
CA GLY B 150 -18.75 14.37 -12.32
C GLY B 150 -19.39 15.11 -11.16
N ALA B 151 -19.96 14.37 -10.22
CA ALA B 151 -20.57 14.97 -9.05
C ALA B 151 -19.52 15.63 -8.18
N THR B 152 -18.39 14.95 -8.02
CA THR B 152 -17.36 15.46 -7.15
C THR B 152 -16.78 16.75 -7.71
N ILE B 153 -16.51 16.80 -9.00
CA ILE B 153 -15.91 17.98 -9.60
C ILE B 153 -16.91 19.14 -9.65
N ALA B 154 -18.17 18.87 -10.01
CA ALA B 154 -19.19 19.91 -9.98
C ALA B 154 -19.34 20.49 -8.58
N GLU B 155 -19.26 19.64 -7.57
CA GLU B 155 -19.39 20.12 -6.20
C GLU B 155 -18.22 21.02 -5.83
N VAL B 156 -17.00 20.53 -6.05
CA VAL B 156 -15.83 21.29 -5.68
C VAL B 156 -15.79 22.60 -6.45
N GLY B 157 -16.24 22.59 -7.71
CA GLY B 157 -16.25 23.79 -8.52
C GLY B 157 -17.20 24.85 -7.99
N GLU B 158 -18.24 24.42 -7.29
CA GLU B 158 -19.15 25.35 -6.60
C GLU B 158 -18.54 25.88 -5.31
N LEU B 159 -17.91 24.99 -4.56
CA LEU B 159 -17.30 25.34 -3.27
C LEU B 159 -16.17 26.35 -3.48
N ASP B 160 -15.43 26.18 -4.57
CA ASP B 160 -14.33 27.07 -4.92
C ASP B 160 -14.49 27.55 -6.35
N PRO B 161 -15.21 28.67 -6.54
CA PRO B 161 -15.48 29.21 -7.88
C PRO B 161 -14.23 29.50 -8.70
N ASN B 162 -13.07 29.60 -8.06
CA ASN B 162 -11.82 29.91 -8.75
C ASN B 162 -11.03 28.64 -9.10
N ALA B 163 -11.55 27.48 -8.72
CA ALA B 163 -10.84 26.24 -8.93
C ALA B 163 -10.74 25.88 -10.41
N ARG B 164 -9.61 25.26 -10.75
CA ARG B 164 -9.40 24.64 -12.04
C ARG B 164 -9.27 23.15 -11.75
N LEU B 165 -10.08 22.34 -12.42
CA LEU B 165 -10.28 20.95 -12.00
C LEU B 165 -10.22 19.98 -13.18
N ASN B 166 -9.13 20.01 -13.93
CA ASN B 166 -8.94 19.05 -15.01
C ASN B 166 -8.39 17.74 -14.45
N ILE B 167 -9.20 16.69 -14.53
CA ILE B 167 -8.80 15.37 -14.07
C ILE B 167 -8.59 14.45 -15.25
N LEU B 168 -7.62 13.55 -15.14
CA LEU B 168 -7.44 12.48 -16.11
C LEU B 168 -7.11 11.23 -15.30
N ALA B 169 -7.90 10.18 -15.49
CA ALA B 169 -7.80 8.99 -14.65
C ALA B 169 -8.03 7.72 -15.45
N ALA B 170 -7.51 6.60 -14.97
CA ALA B 170 -7.63 5.33 -15.69
C ALA B 170 -7.56 4.14 -14.74
N ASN B 171 -8.25 3.05 -15.09
CA ASN B 171 -8.31 1.86 -14.23
C ASN B 171 -7.91 0.57 -14.95
N GLY B 172 -7.35 0.71 -16.14
CA GLY B 172 -6.87 -0.43 -16.91
C GLY B 172 -7.77 -0.80 -18.08
N SER B 173 -9.04 -0.42 -17.99
CA SER B 173 -10.01 -0.74 -19.03
C SER B 173 -10.95 0.44 -19.30
N ARG B 174 -10.61 1.59 -18.72
CA ARG B 174 -11.48 2.76 -18.80
C ARG B 174 -10.65 4.03 -18.56
N LEU B 175 -10.96 5.09 -19.30
CA LEU B 175 -10.43 6.43 -19.02
C LEU B 175 -11.57 7.34 -18.59
N LEU B 176 -11.29 8.20 -17.62
CA LEU B 176 -12.20 9.26 -17.22
C LEU B 176 -11.46 10.59 -17.21
N ALA B 177 -12.13 11.65 -17.60
CA ALA B 177 -11.52 12.97 -17.54
C ALA B 177 -12.53 14.05 -17.38
N THR B 178 -12.08 15.18 -16.85
CA THR B 178 -12.91 16.37 -16.80
C THR B 178 -12.14 17.54 -17.37
N THR B 179 -12.90 18.44 -18.00
CA THR B 179 -12.42 19.76 -18.34
C THR B 179 -13.11 20.74 -17.41
N TRP B 180 -12.32 21.52 -16.69
CA TRP B 180 -12.87 22.51 -15.81
C TRP B 180 -11.82 23.61 -15.64
N GLY B 181 -11.68 24.40 -16.70
CA GLY B 181 -10.80 25.56 -16.67
C GLY B 181 -9.46 25.35 -17.34
N ASP B 182 -9.22 24.17 -17.90
CA ASP B 182 -8.01 23.96 -18.69
C ASP B 182 -8.29 22.99 -19.84
N THR B 183 -7.25 22.73 -20.64
CA THR B 183 -7.43 22.12 -21.95
C THR B 183 -7.39 20.59 -21.96
N LEU B 184 -8.10 20.01 -22.93
CA LEU B 184 -8.03 18.57 -23.19
C LEU B 184 -8.43 18.28 -24.61
N SER B 185 -7.76 17.31 -25.22
CA SER B 185 -8.08 16.87 -26.57
C SER B 185 -8.14 15.36 -26.62
N VAL B 186 -8.76 14.83 -27.67
CA VAL B 186 -8.88 13.39 -27.83
C VAL B 186 -8.42 12.98 -29.23
N LEU B 187 -7.74 11.83 -29.30
CA LEU B 187 -7.37 11.22 -30.57
C LEU B 187 -7.87 9.78 -30.56
N ARG B 188 -8.70 9.43 -31.52
CA ARG B 188 -9.16 8.06 -31.68
C ARG B 188 -8.36 7.40 -32.80
N ARG B 189 -7.44 6.52 -32.42
CA ARG B 189 -6.67 5.76 -33.39
C ARG B 189 -7.37 4.43 -33.63
N PRO B 190 -6.96 3.71 -34.69
CA PRO B 190 -7.60 2.41 -34.93
C PRO B 190 -7.36 1.43 -33.77
N ASP B 191 -6.26 1.60 -33.04
CA ASP B 191 -5.86 0.66 -32.01
C ASP B 191 -6.10 1.17 -30.59
N GLY B 192 -6.71 2.35 -30.46
CA GLY B 192 -6.96 2.89 -29.13
C GLY B 192 -7.22 4.38 -29.11
N VAL B 193 -7.38 4.89 -27.89
CA VAL B 193 -7.75 6.29 -27.64
C VAL B 193 -6.72 6.99 -26.79
N VAL B 194 -6.34 8.19 -27.22
CA VAL B 194 -5.51 9.10 -26.42
C VAL B 194 -6.36 10.24 -25.89
N LEU B 195 -6.23 10.54 -24.60
CA LEU B 195 -6.68 11.81 -24.03
C LEU B 195 -5.44 12.58 -23.57
N ALA B 196 -5.39 13.88 -23.86
CA ALA B 196 -4.19 14.67 -23.61
C ALA B 196 -4.54 16.13 -23.37
N SER B 197 -3.84 16.76 -22.43
CA SER B 197 -3.96 18.20 -22.22
C SER B 197 -3.79 18.96 -23.54
N GLU B 198 -2.86 18.50 -24.36
CA GLU B 198 -2.69 19.04 -25.71
C GLU B 198 -2.24 17.94 -26.66
N PRO B 199 -2.62 18.05 -27.94
CA PRO B 199 -2.20 17.08 -28.96
C PRO B 199 -0.69 16.92 -28.98
N TYR B 200 -0.21 15.69 -29.12
CA TYR B 200 1.22 15.46 -29.11
C TYR B 200 1.82 15.50 -30.52
N ASP B 201 0.97 15.76 -31.51
CA ASP B 201 1.45 15.98 -32.88
C ASP B 201 0.37 16.71 -33.67
N ASP B 202 0.52 16.75 -34.99
CA ASP B 202 -0.41 17.47 -35.85
C ASP B 202 -1.38 16.55 -36.61
N ASP B 203 -1.65 15.38 -36.01
CA ASP B 203 -2.60 14.42 -36.56
C ASP B 203 -3.96 15.13 -36.75
N PRO B 204 -4.56 15.02 -37.95
CA PRO B 204 -5.87 15.67 -38.14
C PRO B 204 -6.98 15.08 -37.27
N GLY B 205 -6.73 13.91 -36.68
CA GLY B 205 -7.72 13.25 -35.85
C GLY B 205 -7.97 13.90 -34.51
N TRP B 206 -7.06 14.77 -34.08
CA TRP B 206 -7.21 15.42 -32.78
C TRP B 206 -8.46 16.32 -32.76
N SER B 207 -9.25 16.20 -31.71
CA SER B 207 -10.37 17.12 -31.51
C SER B 207 -10.37 17.60 -30.08
N ASP B 208 -10.73 18.86 -29.91
CA ASP B 208 -10.68 19.50 -28.61
C ASP B 208 -11.95 19.20 -27.83
N ILE B 209 -11.79 18.91 -26.54
CA ILE B 209 -12.92 18.70 -25.65
C ILE B 209 -13.39 20.04 -25.11
N PRO B 210 -14.71 20.31 -25.15
CA PRO B 210 -15.22 21.57 -24.64
C PRO B 210 -15.11 21.66 -23.14
N ASP B 211 -15.00 22.88 -22.63
CA ASP B 211 -14.81 23.10 -21.21
C ASP B 211 -16.07 22.63 -20.46
N ARG B 212 -15.88 22.31 -19.18
CA ARG B 212 -16.95 21.89 -18.28
C ARG B 212 -17.68 20.67 -18.81
N HIS B 213 -16.90 19.68 -19.25
CA HIS B 213 -17.41 18.39 -19.67
C HIS B 213 -16.68 17.23 -18.97
N LEU B 214 -17.31 16.07 -19.01
CA LEU B 214 -16.71 14.84 -18.54
C LEU B 214 -16.52 13.88 -19.74
N VAL B 215 -15.34 13.30 -19.83
CA VAL B 215 -15.03 12.33 -20.87
C VAL B 215 -14.94 10.94 -20.26
N ASP B 216 -15.58 9.99 -20.92
CA ASP B 216 -15.63 8.61 -20.45
C ASP B 216 -15.34 7.68 -21.62
N VAL B 217 -14.19 7.01 -21.54
CA VAL B 217 -13.74 6.11 -22.61
C VAL B 217 -13.81 4.69 -22.10
N ARG B 218 -14.73 3.94 -22.70
CA ARG B 218 -14.90 2.53 -22.42
C ARG B 218 -15.80 2.05 -23.54
N ASP B 219 -15.22 1.83 -24.72
CA ASP B 219 -13.78 1.70 -24.92
C ASP B 219 -13.24 1.77 -26.36
N ALA B 220 -13.90 1.34 -27.47
CA ALA B 220 -15.31 0.93 -27.76
C ALA B 220 -16.28 2.12 -27.88
N HIS B 221 -16.10 3.15 -27.07
CA HIS B 221 -17.06 4.25 -26.99
C HIS B 221 -16.38 5.42 -26.29
N VAL B 222 -16.55 6.61 -26.84
CA VAL B 222 -16.13 7.85 -26.20
C VAL B 222 -17.34 8.70 -25.92
N VAL B 223 -17.57 8.98 -24.65
CA VAL B 223 -18.66 9.83 -24.21
C VAL B 223 -18.07 11.16 -23.78
N VAL B 224 -18.69 12.25 -24.24
CA VAL B 224 -18.26 13.58 -23.84
C VAL B 224 -19.52 14.33 -23.42
N THR B 225 -19.75 14.38 -22.11
CA THR B 225 -21.03 14.81 -21.56
C THR B 225 -20.84 16.03 -20.67
N PRO B 226 -21.81 16.96 -20.68
CA PRO B 226 -21.58 18.17 -19.87
C PRO B 226 -21.59 17.93 -18.36
N LEU B 227 -20.82 18.75 -17.65
CA LEU B 227 -20.86 18.81 -16.20
C LEU B 227 -21.82 19.90 -15.73
N SER B 228 -22.23 19.81 -14.48
CA SER B 228 -23.12 20.82 -13.91
C SER B 228 -22.33 22.07 -13.53
N SER B 229 -22.80 23.22 -14.01
CA SER B 229 -22.18 24.51 -13.67
C SER B 229 -23.17 25.46 -13.01
N CYS C 2 30.93 -2.55 -2.90
CA CYS C 2 29.69 -2.77 -3.66
C CYS C 2 29.31 -4.25 -3.71
N ARG C 3 28.08 -4.51 -4.13
CA ARG C 3 27.64 -5.86 -4.42
C ARG C 3 27.00 -5.85 -5.78
N HIS C 4 27.23 -6.87 -6.60
CA HIS C 4 26.55 -6.95 -7.88
C HIS C 4 26.02 -8.35 -8.17
N VAL C 5 25.13 -8.42 -9.16
CA VAL C 5 24.45 -9.64 -9.55
C VAL C 5 24.20 -9.58 -11.05
N ALA C 6 24.25 -10.73 -11.70
CA ALA C 6 23.89 -10.83 -13.11
C ALA C 6 23.11 -12.08 -13.38
N TRP C 7 22.30 -12.01 -14.43
CA TRP C 7 21.48 -13.10 -14.88
C TRP C 7 21.69 -13.30 -16.38
N LEU C 8 21.78 -14.56 -16.78
CA LEU C 8 21.76 -14.94 -18.19
C LEU C 8 20.93 -16.20 -18.31
N GLY C 9 19.77 -16.10 -18.94
CA GLY C 9 18.92 -17.25 -19.12
C GLY C 9 17.58 -16.85 -19.70
N ALA C 10 16.55 -17.64 -19.39
CA ALA C 10 15.20 -17.31 -19.83
C ALA C 10 14.78 -16.00 -19.17
N PRO C 11 13.83 -15.28 -19.77
CA PRO C 11 13.44 -13.97 -19.24
C PRO C 11 13.09 -14.01 -17.75
N ARG C 12 13.63 -13.07 -17.01
CA ARG C 12 13.42 -12.96 -15.58
C ARG C 12 13.18 -11.50 -15.26
N SER C 13 12.28 -11.18 -14.33
CA SER C 13 12.05 -9.78 -14.01
C SER C 13 13.17 -9.22 -13.14
N LEU C 14 13.40 -7.92 -13.25
CA LEU C 14 14.38 -7.25 -12.40
C LEU C 14 14.02 -7.46 -10.93
N ALA C 15 12.72 -7.41 -10.62
CA ALA C 15 12.28 -7.58 -9.24
C ALA C 15 12.64 -8.97 -8.73
N ASP C 16 12.40 -9.96 -9.57
CA ASP C 16 12.63 -11.35 -9.18
C ASP C 16 14.10 -11.61 -8.88
N LEU C 17 14.98 -10.92 -9.59
CA LEU C 17 16.42 -11.08 -9.41
C LEU C 17 16.98 -10.27 -8.25
N VAL C 18 16.47 -9.05 -8.07
CA VAL C 18 17.13 -8.05 -7.24
C VAL C 18 16.38 -7.77 -5.94
N LEU C 19 15.05 -7.72 -6.02
CA LEU C 19 14.22 -7.29 -4.88
C LEU C 19 13.57 -8.41 -4.08
N ASP C 20 13.23 -9.51 -4.75
CA ASP C 20 12.40 -10.55 -4.13
C ASP C 20 13.15 -11.62 -3.33
N PRO C 21 14.40 -11.93 -3.70
CA PRO C 21 15.09 -12.94 -2.89
C PRO C 21 15.33 -12.49 -1.45
N PRO C 22 15.35 -13.43 -0.50
CA PRO C 22 15.45 -13.08 0.92
C PRO C 22 16.77 -12.47 1.32
N GLN C 23 17.81 -12.69 0.52
CA GLN C 23 19.13 -12.12 0.79
C GLN C 23 19.75 -11.54 -0.47
N GLY C 24 18.91 -11.02 -1.36
CA GLY C 24 19.37 -10.49 -2.62
C GLY C 24 19.89 -9.06 -2.51
N LEU C 25 20.07 -8.44 -3.66
CA LEU C 25 20.70 -7.13 -3.73
C LEU C 25 20.00 -6.10 -2.87
N LEU C 26 18.67 -6.12 -2.83
CA LEU C 26 17.92 -5.20 -1.97
C LEU C 26 18.39 -5.33 -0.52
N VAL C 27 18.45 -6.56 -0.03
CA VAL C 27 18.84 -6.79 1.35
C VAL C 27 20.31 -6.45 1.53
N GLN C 28 21.12 -6.70 0.50
CA GLN C 28 22.55 -6.44 0.59
C GLN C 28 22.86 -4.95 0.63
N SER C 29 21.88 -4.11 0.29
CA SER C 29 22.11 -2.67 0.33
C SER C 29 22.21 -2.18 1.78
N TYR C 30 21.55 -2.88 2.71
CA TYR C 30 21.63 -2.50 4.13
C TYR C 30 22.18 -3.61 5.02
N ALA C 31 22.15 -4.85 4.56
CA ALA C 31 22.59 -5.98 5.40
C ALA C 31 23.23 -7.09 4.60
N PRO C 32 24.38 -6.80 3.99
CA PRO C 32 25.09 -7.85 3.23
C PRO C 32 25.59 -8.94 4.17
N ARG C 33 25.77 -10.15 3.65
CA ARG C 33 26.14 -11.27 4.49
C ARG C 33 27.63 -11.61 4.39
N ARG C 34 28.27 -11.22 3.30
CA ARG C 34 29.67 -11.61 3.07
C ARG C 34 30.61 -10.43 2.89
N GLN C 35 30.30 -9.40 3.69
N GLN C 35 30.27 -9.26 3.41
CA GLN C 35 31.23 -8.37 4.13
CA GLN C 35 31.01 -8.07 2.97
C GLN C 35 31.09 -8.20 5.65
C GLN C 35 32.14 -7.69 3.91
N LYS C 36 32.10 -7.64 6.29
N LYS C 36 33.36 -7.68 3.37
CA LYS C 36 32.07 -7.43 7.74
CA LYS C 36 34.56 -7.41 4.16
C LYS C 36 30.89 -6.56 8.18
C LYS C 36 34.91 -5.93 4.16
N HIS C 37 30.41 -6.79 9.39
N HIS C 37 34.60 -5.25 3.07
CA HIS C 37 29.27 -6.04 9.92
CA HIS C 37 34.82 -3.81 2.98
C HIS C 37 29.63 -4.55 10.00
C HIS C 37 33.71 -3.07 3.75
N GLY C 38 28.64 -3.70 9.81
N GLY C 38 33.03 -2.12 3.10
CA GLY C 38 28.86 -2.26 9.75
CA GLY C 38 32.00 -1.34 3.76
C GLY C 38 28.87 -1.79 8.31
C GLY C 38 30.92 -2.19 4.42
N LEU C 39 29.20 -2.70 7.39
N LEU C 39 30.21 -1.59 5.36
CA LEU C 39 29.28 -2.37 5.98
CA LEU C 39 29.18 -2.30 6.11
C LEU C 39 27.90 -2.37 5.32
C LEU C 39 27.84 -2.31 5.38
N MSE C 40 27.73 -1.49 4.35
CA MSE C 40 26.47 -1.36 3.62
C MSE C 40 26.75 -0.87 2.22
O MSE C 40 27.89 -0.53 1.89
CB MSE C 40 25.56 -0.37 4.33
CG MSE C 40 26.16 1.02 4.32
SE MSE C 40 25.30 2.23 5.54
CE MSE C 40 25.66 1.32 7.24
H MSE C 40 28.37 -1.01 4.03
HA MSE C 40 26.03 -2.22 3.59
HB2 MSE C 40 24.70 -0.34 3.87
HB3 MSE C 40 25.43 -0.64 5.26
HG2 MSE C 40 27.09 0.96 4.57
HG3 MSE C 40 26.07 1.39 3.42
HE1 MSE C 40 25.27 1.84 7.96
HE2 MSE C 40 25.25 0.43 7.21
HE3 MSE C 40 26.61 1.25 7.36
N ASN C 41 25.71 -0.84 1.40
CA ASN C 41 25.82 -0.40 0.02
C ASN C 41 24.66 0.52 -0.31
N ALA C 42 24.73 1.74 0.23
CA ALA C 42 23.59 2.64 0.21
C ALA C 42 23.83 3.87 -0.66
N ASP C 43 24.97 3.89 -1.36
CA ASP C 43 25.40 5.07 -2.10
C ASP C 43 24.95 5.01 -3.56
N GLY C 44 23.76 4.48 -3.78
CA GLY C 44 23.20 4.41 -5.12
C GLY C 44 23.13 2.97 -5.60
N TRP C 45 22.62 2.81 -6.81
CA TRP C 45 22.38 1.49 -7.36
C TRP C 45 22.14 1.65 -8.85
N GLY C 46 22.17 0.54 -9.56
CA GLY C 46 21.83 0.55 -10.96
C GLY C 46 21.40 -0.84 -11.38
N ALA C 47 20.53 -0.85 -12.37
CA ALA C 47 20.07 -2.09 -12.99
C ALA C 47 20.11 -1.90 -14.48
N GLY C 48 20.85 -2.76 -15.16
CA GLY C 48 20.92 -2.74 -16.60
C GLY C 48 20.39 -4.04 -17.15
N PHE C 49 19.80 -3.99 -18.34
CA PHE C 49 19.27 -5.18 -18.96
C PHE C 49 19.23 -4.99 -20.48
N PHE C 50 19.10 -6.09 -21.19
CA PHE C 50 19.01 -6.07 -22.64
C PHE C 50 17.58 -6.39 -23.06
N ASP C 51 17.00 -5.58 -23.94
CA ASP C 51 15.63 -5.83 -24.40
C ASP C 51 15.65 -6.84 -25.54
N ASP C 52 14.49 -7.14 -26.11
CA ASP C 52 14.37 -8.19 -27.12
C ASP C 52 15.22 -7.92 -28.37
N ASP C 53 15.42 -6.64 -28.68
CA ASP C 53 16.20 -6.25 -29.85
C ASP C 53 17.70 -6.08 -29.52
N GLY C 54 18.09 -6.45 -28.30
CA GLY C 54 19.48 -6.43 -27.90
C GLY C 54 20.00 -5.07 -27.46
N VAL C 55 19.10 -4.12 -27.25
CA VAL C 55 19.49 -2.80 -26.81
C VAL C 55 19.77 -2.79 -25.32
N ALA C 56 20.89 -2.22 -24.93
CA ALA C 56 21.23 -2.09 -23.52
C ALA C 56 20.46 -0.94 -22.93
N ARG C 57 19.80 -1.20 -21.81
CA ARG C 57 19.01 -0.20 -21.13
C ARG C 57 19.40 -0.19 -19.65
N ARG C 58 19.35 0.97 -19.03
CA ARG C 58 19.84 1.15 -17.66
C ARG C 58 18.98 2.10 -16.87
N TRP C 59 18.83 1.77 -15.60
CA TRP C 59 18.19 2.62 -14.60
C TRP C 59 19.21 2.77 -13.50
N ARG C 60 19.59 4.01 -13.19
CA ARG C 60 20.59 4.25 -12.15
C ARG C 60 20.16 5.37 -11.22
N SER C 61 20.62 5.28 -9.98
CA SER C 61 20.27 6.22 -8.93
C SER C 61 21.44 6.45 -7.99
N ASP C 62 21.40 7.56 -7.27
CA ASP C 62 22.42 7.87 -6.27
C ASP C 62 21.86 7.70 -4.86
N LYS C 63 20.65 7.14 -4.76
CA LYS C 63 19.97 6.96 -3.48
C LYS C 63 19.96 5.49 -3.05
N PRO C 64 19.70 5.22 -1.77
CA PRO C 64 19.70 3.81 -1.34
C PRO C 64 18.61 2.97 -2.04
N LEU C 65 18.97 1.77 -2.46
CA LEU C 65 18.03 0.94 -3.22
C LEU C 65 16.75 0.66 -2.43
N TRP C 66 16.84 0.45 -1.12
CA TRP C 66 15.67 0.07 -0.35
C TRP C 66 14.64 1.18 -0.31
N GLY C 67 15.06 2.41 -0.63
CA GLY C 67 14.21 3.57 -0.51
C GLY C 67 13.47 3.96 -1.76
N ASP C 68 13.69 3.24 -2.86
CA ASP C 68 13.17 3.67 -4.15
C ASP C 68 11.83 3.02 -4.46
N ALA C 69 10.77 3.79 -4.26
CA ALA C 69 9.41 3.32 -4.45
C ALA C 69 9.11 3.09 -5.92
N SER C 70 9.68 3.92 -6.79
CA SER C 70 9.44 3.75 -8.24
C SER C 70 10.02 2.42 -8.73
N PHE C 71 11.25 2.13 -8.35
CA PHE C 71 11.86 0.86 -8.76
C PHE C 71 11.08 -0.33 -8.21
N ALA C 72 10.69 -0.26 -6.94
CA ALA C 72 9.91 -1.35 -6.35
C ALA C 72 8.62 -1.57 -7.13
N SER C 73 8.02 -0.48 -7.60
CA SER C 73 6.76 -0.58 -8.31
C SER C 73 6.93 -1.08 -9.74
N VAL C 74 7.95 -0.59 -10.42
CA VAL C 74 8.12 -0.87 -11.85
C VAL C 74 8.91 -2.14 -12.17
N ALA C 75 9.86 -2.49 -11.30
CA ALA C 75 10.79 -3.59 -11.58
C ALA C 75 10.14 -4.94 -11.91
N PRO C 76 9.00 -5.27 -11.28
CA PRO C 76 8.36 -6.54 -11.67
C PRO C 76 7.90 -6.59 -13.13
N ALA C 77 7.80 -5.44 -13.80
CA ALA C 77 7.29 -5.37 -15.16
C ALA C 77 8.43 -5.30 -16.18
N LEU C 78 9.66 -5.31 -15.70
CA LEU C 78 10.83 -5.29 -16.56
C LEU C 78 11.48 -6.66 -16.57
N ARG C 79 11.39 -7.35 -17.71
CA ARG C 79 11.89 -8.71 -17.82
C ARG C 79 12.95 -8.76 -18.91
N SER C 80 13.99 -9.55 -18.67
CA SER C 80 15.09 -9.65 -19.63
C SER C 80 15.81 -10.96 -19.50
N ARG C 81 16.45 -11.38 -20.59
CA ARG C 81 17.29 -12.58 -20.62
C ARG C 81 18.67 -12.31 -20.07
N CYS C 82 18.99 -11.03 -19.86
CA CYS C 82 20.34 -10.66 -19.48
C CYS C 82 20.32 -9.38 -18.67
N VAL C 83 20.77 -9.48 -17.42
CA VAL C 83 20.68 -8.40 -16.44
C VAL C 83 21.99 -8.26 -15.70
N VAL C 84 22.43 -7.02 -15.48
CA VAL C 84 23.52 -6.72 -14.55
C VAL C 84 23.05 -5.61 -13.63
N ALA C 85 23.10 -5.85 -12.33
CA ALA C 85 22.66 -4.86 -11.34
C ALA C 85 23.65 -4.78 -10.19
N ALA C 86 23.70 -3.62 -9.55
CA ALA C 86 24.65 -3.39 -8.46
C ALA C 86 24.12 -2.39 -7.46
N VAL C 87 24.57 -2.53 -6.22
CA VAL C 87 24.36 -1.55 -5.18
C VAL C 87 25.73 -1.02 -4.79
N ARG C 88 25.84 0.29 -4.64
CA ARG C 88 27.15 0.92 -4.48
C ARG C 88 27.49 1.26 -3.03
N SER C 89 28.74 1.01 -2.66
CA SER C 89 29.35 1.65 -1.51
C SER C 89 30.47 2.55 -2.00
N ALA C 90 30.34 3.85 -1.76
CA ALA C 90 31.29 4.82 -2.29
C ALA C 90 32.52 4.92 -1.38
N THR C 91 33.70 4.93 -1.97
N THR C 91 33.69 4.90 -2.01
CA THR C 91 34.95 4.94 -1.18
CA THR C 91 34.95 5.03 -1.29
C THR C 91 35.19 6.32 -0.53
C THR C 91 35.34 6.50 -1.16
N ILE C 92 36.45 6.75 -0.47
CA ILE C 92 36.81 8.08 -0.01
C ILE C 92 36.80 9.14 -1.13
N GLY C 93 36.03 10.20 -0.92
CA GLY C 93 36.05 11.36 -1.80
C GLY C 93 35.61 11.15 -3.24
N MSE C 94 34.94 10.03 -3.50
CA MSE C 94 34.34 9.78 -4.81
C MSE C 94 32.93 10.36 -4.85
O MSE C 94 32.21 10.33 -3.86
CB MSE C 94 34.31 8.29 -5.12
CG MSE C 94 35.66 7.62 -5.12
SE MSE C 94 36.72 8.01 -6.71
CE MSE C 94 38.42 7.22 -6.15
H MSE C 94 34.81 9.39 -2.94
HA MSE C 94 34.88 10.22 -5.49
HB2 MSE C 94 33.75 7.85 -4.45
HB3 MSE C 94 33.91 8.17 -6.00
HG2 MSE C 94 36.15 7.92 -4.34
HG3 MSE C 94 35.53 6.65 -5.08
HE1 MSE C 94 39.07 7.35 -6.86
HE2 MSE C 94 38.73 7.67 -5.34
HE3 MSE C 94 38.29 6.27 -5.99
N SER C 95 32.54 10.89 -6.01
CA SER C 95 31.23 11.52 -6.15
C SER C 95 30.11 10.47 -6.00
N ILE C 96 29.04 10.87 -5.33
CA ILE C 96 27.84 10.05 -5.23
C ILE C 96 26.80 10.68 -6.14
N GLU C 97 26.60 10.03 -7.28
CA GLU C 97 25.80 10.58 -8.37
C GLU C 97 25.47 9.43 -9.30
N PRO C 98 24.33 9.51 -10.01
CA PRO C 98 23.90 8.34 -10.80
C PRO C 98 24.93 7.92 -11.85
N SER C 99 25.65 8.86 -12.44
CA SER C 99 26.61 8.51 -13.48
C SER C 99 27.74 7.66 -12.91
N ALA C 100 27.90 7.69 -11.58
CA ALA C 100 28.97 6.96 -10.91
C ALA C 100 28.54 5.58 -10.44
N SER C 101 27.25 5.28 -10.60
CA SER C 101 26.71 3.97 -10.23
C SER C 101 26.88 2.99 -11.37
N ALA C 102 27.27 1.76 -11.05
CA ALA C 102 27.26 0.68 -12.03
C ALA C 102 25.79 0.35 -12.33
N PRO C 103 25.51 -0.24 -13.50
CA PRO C 103 26.49 -0.61 -14.52
C PRO C 103 26.84 0.52 -15.46
N PHE C 104 28.09 0.51 -15.91
CA PHE C 104 28.58 1.35 -16.97
C PHE C 104 28.33 0.63 -18.28
N SER C 105 28.41 1.37 -19.38
CA SER C 105 28.09 0.77 -20.68
C SER C 105 28.86 1.42 -21.81
N ASP C 106 29.20 0.62 -22.81
CA ASP C 106 29.75 1.15 -24.05
C ASP C 106 28.79 0.90 -25.20
N GLY C 107 27.53 0.59 -24.86
CA GLY C 107 26.49 0.38 -25.82
C GLY C 107 26.31 -1.09 -26.17
N GLN C 108 27.38 -1.87 -25.99
CA GLN C 108 27.35 -3.30 -26.29
C GLN C 108 27.42 -4.11 -25.00
N TRP C 109 28.24 -3.66 -24.06
CA TRP C 109 28.44 -4.31 -22.77
C TRP C 109 27.92 -3.46 -21.61
N LEU C 110 27.33 -4.13 -20.62
CA LEU C 110 27.10 -3.55 -19.30
C LEU C 110 28.18 -4.05 -18.35
N LEU C 111 28.66 -3.20 -17.46
CA LEU C 111 29.78 -3.57 -16.60
C LEU C 111 29.68 -2.96 -15.21
N SER C 112 29.93 -3.79 -14.21
CA SER C 112 29.99 -3.36 -12.82
C SER C 112 31.36 -3.69 -12.22
N HIS C 113 31.88 -2.76 -11.43
CA HIS C 113 33.14 -2.99 -10.71
C HIS C 113 32.89 -2.92 -9.21
N ASN C 114 33.25 -4.00 -8.52
CA ASN C 114 33.29 -4.00 -7.06
C ASN C 114 34.73 -4.01 -6.60
N GLY C 115 35.20 -2.88 -6.08
CA GLY C 115 36.53 -2.86 -5.51
C GLY C 115 37.08 -1.48 -5.33
N LEU C 116 38.35 -1.34 -5.70
CA LEU C 116 39.12 -0.16 -5.36
C LEU C 116 40.36 -0.17 -6.23
N VAL C 117 40.67 0.96 -6.84
CA VAL C 117 41.88 1.08 -7.64
C VAL C 117 42.33 2.54 -7.64
N ALA C 118 43.64 2.75 -7.47
CA ALA C 118 44.21 4.08 -7.57
C ALA C 118 44.06 4.60 -9.00
N ARG C 119 43.32 5.68 -9.19
CA ARG C 119 43.16 6.26 -10.53
C ARG C 119 44.52 6.68 -11.09
N GLY C 120 45.48 6.87 -10.20
CA GLY C 120 46.83 7.26 -10.58
C GLY C 120 47.56 6.27 -11.48
N VAL C 121 47.17 4.99 -11.43
CA VAL C 121 47.81 3.98 -12.27
C VAL C 121 47.04 3.73 -13.56
N LEU C 122 45.83 4.29 -13.65
CA LEU C 122 45.01 4.10 -14.84
C LEU C 122 45.32 5.16 -15.89
N PRO C 123 45.16 4.82 -17.17
CA PRO C 123 45.37 5.84 -18.20
C PRO C 123 44.35 6.96 -18.09
N LEU C 124 44.72 8.17 -18.50
CA LEU C 124 43.72 9.22 -18.62
C LEU C 124 42.79 8.86 -19.77
N THR C 125 41.55 9.31 -19.71
CA THR C 125 40.59 8.99 -20.76
C THR C 125 39.62 10.12 -20.96
N GLY C 126 39.07 10.21 -22.17
CA GLY C 126 38.00 11.14 -22.47
C GLY C 126 36.66 10.41 -22.62
N ALA C 127 36.65 9.12 -22.33
CA ALA C 127 35.49 8.26 -22.63
C ALA C 127 34.77 7.74 -21.38
N ALA C 128 35.19 8.20 -20.21
CA ALA C 128 34.57 7.78 -18.96
C ALA C 128 33.21 8.44 -18.75
N GLU C 129 32.30 7.72 -18.08
CA GLU C 129 30.94 8.20 -17.83
C GLU C 129 30.86 9.04 -16.57
N SER C 130 31.91 8.93 -15.75
CA SER C 130 32.00 9.64 -14.48
C SER C 130 33.48 9.84 -14.16
N THR C 131 33.76 10.60 -13.12
CA THR C 131 35.14 10.81 -12.67
C THR C 131 35.62 9.73 -11.70
N VAL C 132 34.70 8.88 -11.23
CA VAL C 132 35.03 7.95 -10.17
C VAL C 132 35.94 6.82 -10.68
N ASP C 133 36.70 6.23 -9.76
CA ASP C 133 37.72 5.25 -10.14
C ASP C 133 37.13 4.11 -10.95
N SER C 134 35.96 3.61 -10.56
CA SER C 134 35.33 2.51 -11.29
C SER C 134 34.97 2.87 -12.72
N ALA C 135 34.63 4.14 -12.98
CA ALA C 135 34.26 4.57 -14.32
C ALA C 135 35.50 4.67 -15.21
N ILE C 136 36.62 5.11 -14.63
CA ILE C 136 37.89 5.17 -15.35
C ILE C 136 38.36 3.75 -15.70
N LEU C 137 38.21 2.83 -14.74
CA LEU C 137 38.54 1.42 -14.97
C LEU C 137 37.65 0.82 -16.06
N ALA C 138 36.35 1.13 -16.02
CA ALA C 138 35.43 0.60 -17.02
C ALA C 138 35.84 1.09 -18.40
N ALA C 139 36.23 2.35 -18.49
CA ALA C 139 36.67 2.93 -19.76
C ALA C 139 37.88 2.16 -20.31
N LEU C 140 38.82 1.82 -19.43
CA LEU C 140 39.99 1.05 -19.84
C LEU C 140 39.57 -0.32 -20.35
N ILE C 141 38.73 -0.99 -19.57
CA ILE C 141 38.29 -2.33 -19.91
C ILE C 141 37.58 -2.33 -21.27
N PHE C 142 36.68 -1.38 -21.48
CA PHE C 142 35.99 -1.27 -22.76
C PHE C 142 36.97 -1.01 -23.90
N SER C 143 37.96 -0.15 -23.66
CA SER C 143 38.91 0.20 -24.70
CA SER C 143 38.92 0.20 -24.71
C SER C 143 39.75 -1.00 -25.15
N ARG C 144 40.11 -1.86 -24.20
CA ARG C 144 40.90 -3.06 -24.49
C ARG C 144 40.05 -4.16 -25.09
N GLY C 145 38.75 -4.11 -24.85
CA GLY C 145 37.84 -5.13 -25.32
C GLY C 145 37.63 -6.18 -24.26
N LEU C 146 36.40 -6.70 -24.16
CA LEU C 146 36.07 -7.61 -23.08
C LEU C 146 36.71 -8.99 -23.29
N ASP C 147 37.10 -9.32 -24.51
CA ASP C 147 37.81 -10.58 -24.75
C ASP C 147 39.21 -10.53 -24.14
N ALA C 148 39.64 -9.32 -23.77
CA ALA C 148 40.93 -9.12 -23.12
C ALA C 148 40.78 -8.83 -21.63
N LEU C 149 39.59 -9.06 -21.08
CA LEU C 149 39.29 -8.66 -19.70
C LEU C 149 40.30 -9.22 -18.71
N GLY C 150 40.63 -10.50 -18.86
CA GLY C 150 41.51 -11.17 -17.92
C GLY C 150 42.90 -10.58 -17.94
N ALA C 151 43.36 -10.21 -19.12
CA ALA C 151 44.69 -9.62 -19.24
C ALA C 151 44.68 -8.18 -18.70
N THR C 152 43.58 -7.48 -18.94
CA THR C 152 43.48 -6.10 -18.49
C THR C 152 43.50 -6.04 -16.98
N ILE C 153 42.73 -6.93 -16.35
CA ILE C 153 42.66 -6.94 -14.89
C ILE C 153 44.01 -7.37 -14.29
N ALA C 154 44.70 -8.33 -14.92
CA ALA C 154 45.99 -8.75 -14.41
C ALA C 154 47.00 -7.60 -14.48
N GLU C 155 46.92 -6.84 -15.57
CA GLU C 155 47.80 -5.69 -15.76
C GLU C 155 47.58 -4.65 -14.67
N VAL C 156 46.32 -4.28 -14.46
CA VAL C 156 45.99 -3.26 -13.46
C VAL C 156 46.37 -3.77 -12.07
N GLY C 157 46.10 -5.05 -11.82
CA GLY C 157 46.44 -5.66 -10.56
C GLY C 157 47.92 -5.64 -10.24
N GLU C 158 48.76 -5.68 -11.27
CA GLU C 158 50.21 -5.60 -11.08
C GLU C 158 50.66 -4.16 -10.84
N LEU C 159 49.96 -3.21 -11.45
CA LEU C 159 50.25 -1.79 -11.26
C LEU C 159 49.84 -1.30 -9.88
N ASP C 160 48.77 -1.88 -9.34
CA ASP C 160 48.25 -1.52 -8.02
C ASP C 160 48.05 -2.81 -7.21
N PRO C 161 49.06 -3.18 -6.41
CA PRO C 161 48.98 -4.42 -5.63
C PRO C 161 47.86 -4.41 -4.58
N ASN C 162 47.34 -3.24 -4.26
CA ASN C 162 46.23 -3.13 -3.32
C ASN C 162 44.88 -3.05 -4.01
N ALA C 163 44.87 -3.08 -5.33
CA ALA C 163 43.61 -2.94 -6.06
C ALA C 163 42.71 -4.15 -5.85
N ARG C 164 41.41 -3.89 -5.74
CA ARG C 164 40.40 -4.94 -5.78
C ARG C 164 39.60 -4.74 -7.07
N LEU C 165 39.54 -5.80 -7.87
CA LEU C 165 39.14 -5.69 -9.25
C LEU C 165 38.09 -6.72 -9.65
N ASN C 166 37.02 -6.85 -8.86
CA ASN C 166 35.92 -7.72 -9.22
C ASN C 166 35.03 -7.07 -10.27
N ILE C 167 34.99 -7.69 -11.43
CA ILE C 167 34.18 -7.23 -12.55
C ILE C 167 33.06 -8.21 -12.81
N LEU C 168 31.90 -7.67 -13.20
CA LEU C 168 30.78 -8.47 -13.68
C LEU C 168 30.23 -7.73 -14.90
N ALA C 169 30.22 -8.39 -16.05
CA ALA C 169 29.82 -7.75 -17.29
C ALA C 169 28.94 -8.65 -18.12
N ALA C 170 28.17 -8.06 -19.03
CA ALA C 170 27.27 -8.82 -19.89
C ALA C 170 26.96 -8.07 -21.17
N ASN C 171 26.72 -8.81 -22.24
CA ASN C 171 26.43 -8.22 -23.55
C ASN C 171 25.13 -8.71 -24.16
N GLY C 172 24.32 -9.39 -23.36
CA GLY C 172 23.02 -9.86 -23.83
C GLY C 172 22.98 -11.35 -24.09
N SER C 173 24.13 -11.93 -24.44
N SER C 173 24.13 -11.94 -24.43
CA SER C 173 24.24 -13.36 -24.74
CA SER C 173 24.22 -13.37 -24.71
C SER C 173 25.38 -14.03 -23.97
C SER C 173 25.38 -14.03 -23.97
N ARG C 174 26.14 -13.24 -23.23
CA ARG C 174 27.30 -13.72 -22.48
C ARG C 174 27.43 -12.96 -21.18
N LEU C 175 27.95 -13.64 -20.16
CA LEU C 175 28.47 -12.99 -18.96
C LEU C 175 29.97 -13.18 -18.87
N LEU C 176 30.65 -12.16 -18.38
CA LEU C 176 32.06 -12.25 -18.04
C LEU C 176 32.27 -11.69 -16.65
N ALA C 177 33.13 -12.33 -15.87
CA ALA C 177 33.43 -11.83 -14.55
C ALA C 177 34.85 -12.12 -14.14
N THR C 178 35.39 -11.30 -13.24
CA THR C 178 36.66 -11.59 -12.60
C THR C 178 36.53 -11.52 -11.10
N THR C 179 37.24 -12.42 -10.44
CA THR C 179 37.47 -12.32 -9.01
C THR C 179 38.88 -11.80 -8.80
N TRP C 180 39.00 -10.75 -7.99
CA TRP C 180 40.30 -10.16 -7.70
C TRP C 180 40.19 -9.37 -6.41
N GLY C 181 40.19 -10.10 -5.31
CA GLY C 181 40.13 -9.49 -3.98
C GLY C 181 38.80 -9.71 -3.28
N ASP C 182 37.80 -10.11 -4.04
CA ASP C 182 36.49 -10.45 -3.47
C ASP C 182 36.06 -11.76 -4.11
N THR C 183 35.03 -12.39 -3.59
N THR C 183 34.75 -12.05 -3.98
CA THR C 183 34.69 -13.63 -4.21
CA THR C 183 34.11 -13.38 -3.68
C THR C 183 33.40 -13.37 -4.95
C THR C 183 33.48 -14.47 -4.65
N LEU C 184 33.26 -14.19 -5.94
CA LEU C 184 31.99 -14.46 -6.63
C LEU C 184 31.33 -15.82 -6.39
N SER C 185 30.00 -15.84 -6.47
CA SER C 185 29.22 -17.08 -6.36
C SER C 185 28.37 -17.31 -7.59
N VAL C 186 28.08 -18.58 -7.89
CA VAL C 186 27.35 -18.97 -9.09
C VAL C 186 26.20 -19.91 -8.75
N LEU C 187 25.05 -19.67 -9.39
CA LEU C 187 23.90 -20.54 -9.25
C LEU C 187 23.42 -20.95 -10.64
N ARG C 188 23.45 -22.27 -10.89
CA ARG C 188 22.94 -22.83 -12.14
C ARG C 188 21.50 -23.31 -11.93
N ARG C 189 20.54 -22.51 -12.40
CA ARG C 189 19.13 -22.91 -12.38
C ARG C 189 18.82 -23.71 -13.62
N PRO C 190 17.65 -24.37 -13.64
CA PRO C 190 17.28 -25.05 -14.88
C PRO C 190 17.08 -24.08 -16.06
N ASP C 191 16.80 -22.81 -15.78
CA ASP C 191 16.49 -21.85 -16.84
C ASP C 191 17.55 -20.78 -17.07
N GLY C 192 18.71 -20.87 -16.40
CA GLY C 192 19.74 -19.88 -16.58
C GLY C 192 20.75 -19.86 -15.45
N VAL C 193 21.66 -18.90 -15.53
CA VAL C 193 22.77 -18.80 -14.60
C VAL C 193 22.77 -17.43 -13.91
N VAL C 194 22.95 -17.45 -12.59
CA VAL C 194 23.21 -16.25 -11.80
C VAL C 194 24.65 -16.20 -11.41
N LEU C 195 25.27 -15.03 -11.56
CA LEU C 195 26.56 -14.74 -10.92
C LEU C 195 26.30 -13.61 -9.93
N ALA C 196 26.87 -13.72 -8.73
CA ALA C 196 26.60 -12.74 -7.69
C ALA C 196 27.76 -12.60 -6.70
N SER C 197 27.96 -11.38 -6.20
CA SER C 197 28.92 -11.14 -5.12
C SER C 197 28.62 -12.07 -3.95
N GLU C 198 27.35 -12.31 -3.68
CA GLU C 198 26.99 -13.30 -2.67
C GLU C 198 25.65 -13.93 -2.99
N PRO C 199 25.44 -15.18 -2.55
CA PRO C 199 24.17 -15.85 -2.82
C PRO C 199 22.97 -15.07 -2.29
N TYR C 200 21.89 -15.03 -3.07
CA TYR C 200 20.72 -14.26 -2.67
C TYR C 200 19.70 -15.11 -1.90
N ASP C 201 20.05 -16.36 -1.64
CA ASP C 201 19.26 -17.21 -0.76
C ASP C 201 20.13 -18.37 -0.28
N ASP C 202 19.53 -19.45 0.18
CA ASP C 202 20.28 -20.58 0.72
C ASP C 202 20.12 -21.82 -0.14
N ASP C 203 19.79 -21.60 -1.40
CA ASP C 203 19.73 -22.67 -2.40
C ASP C 203 21.02 -23.49 -2.34
N PRO C 204 20.91 -24.83 -2.24
CA PRO C 204 22.17 -25.59 -2.16
C PRO C 204 22.96 -25.63 -3.46
N GLY C 205 22.39 -25.11 -4.54
CA GLY C 205 23.09 -25.02 -5.81
C GLY C 205 24.19 -23.96 -5.89
N TRP C 206 24.21 -23.02 -4.95
CA TRP C 206 25.23 -21.99 -4.96
C TRP C 206 26.62 -22.58 -4.76
N SER C 207 27.57 -22.17 -5.59
CA SER C 207 28.97 -22.52 -5.38
C SER C 207 29.82 -21.27 -5.48
N ASP C 208 30.98 -21.28 -4.83
CA ASP C 208 31.82 -20.09 -4.80
C ASP C 208 32.96 -20.21 -5.80
N ILE C 209 33.24 -19.12 -6.49
CA ILE C 209 34.37 -19.02 -7.42
C ILE C 209 35.58 -18.51 -6.68
N PRO C 210 36.71 -19.22 -6.76
CA PRO C 210 37.90 -18.77 -6.03
C PRO C 210 38.48 -17.47 -6.58
N ASP C 211 39.26 -16.78 -5.76
CA ASP C 211 39.90 -15.52 -6.13
C ASP C 211 40.84 -15.71 -7.31
N ARG C 212 41.05 -14.62 -8.05
CA ARG C 212 41.98 -14.59 -9.18
C ARG C 212 41.56 -15.53 -10.30
N HIS C 213 40.27 -15.49 -10.66
CA HIS C 213 39.76 -16.25 -11.79
C HIS C 213 38.87 -15.42 -12.70
N LEU C 214 38.77 -15.90 -13.93
CA LEU C 214 37.84 -15.37 -14.91
C LEU C 214 36.67 -16.34 -15.04
N VAL C 215 35.46 -15.81 -15.16
CA VAL C 215 34.28 -16.62 -15.38
C VAL C 215 33.63 -16.18 -16.67
N ASP C 216 33.28 -17.15 -17.50
CA ASP C 216 32.69 -16.92 -18.81
C ASP C 216 31.44 -17.81 -18.91
N VAL C 217 30.30 -17.18 -19.10
CA VAL C 217 29.02 -17.88 -19.20
C VAL C 217 28.37 -17.59 -20.53
N ARG C 218 28.00 -18.64 -21.24
CA ARG C 218 27.18 -18.51 -22.44
C ARG C 218 26.33 -19.76 -22.57
N ASP C 219 25.06 -19.56 -22.94
CA ASP C 219 24.16 -20.69 -23.17
C ASP C 219 24.14 -21.61 -21.95
N ALA C 220 24.14 -21.00 -20.76
CA ALA C 220 24.07 -21.72 -19.48
C ALA C 220 25.30 -22.59 -19.23
N HIS C 221 26.36 -22.36 -19.99
CA HIS C 221 27.61 -23.09 -19.84
C HIS C 221 28.62 -22.22 -19.09
N VAL C 222 29.05 -22.65 -17.92
CA VAL C 222 29.99 -21.86 -17.10
C VAL C 222 31.41 -22.37 -17.25
N VAL C 223 32.32 -21.49 -17.66
CA VAL C 223 33.75 -21.83 -17.79
C VAL C 223 34.58 -20.92 -16.89
N VAL C 224 35.36 -21.54 -16.00
CA VAL C 224 36.18 -20.82 -15.03
C VAL C 224 37.65 -21.06 -15.35
N THR C 225 38.42 -19.98 -15.51
CA THR C 225 39.84 -20.08 -15.82
C THR C 225 40.65 -19.23 -14.84
N PRO C 226 41.91 -19.60 -14.59
CA PRO C 226 42.76 -18.76 -13.74
C PRO C 226 43.09 -17.44 -14.42
N LEU C 227 43.47 -16.44 -13.65
CA LEU C 227 44.10 -15.23 -14.19
C LEU C 227 45.59 -15.32 -13.99
N SER C 228 46.34 -14.59 -14.80
CA SER C 228 47.80 -14.57 -14.68
C SER C 228 48.24 -13.90 -13.38
N SER C 229 49.21 -14.50 -12.71
CA SER C 229 49.74 -14.00 -11.44
C SER C 229 51.04 -13.22 -11.62
N HIS C 230 51.52 -12.64 -10.52
CA HIS C 230 52.70 -11.77 -10.52
C HIS C 230 53.91 -12.39 -11.22
N CYS D 2 23.81 28.95 -19.62
CA CYS D 2 23.88 29.30 -18.20
C CYS D 2 23.94 30.81 -17.98
N ARG D 3 23.67 31.21 -16.75
CA ARG D 3 23.78 32.60 -16.32
C ARG D 3 24.57 32.60 -15.03
N HIS D 4 25.49 33.54 -14.84
CA HIS D 4 26.20 33.59 -13.57
C HIS D 4 26.32 35.02 -13.04
N VAL D 5 26.70 35.11 -11.77
CA VAL D 5 26.82 36.37 -11.08
C VAL D 5 27.93 36.24 -10.06
N ALA D 6 28.64 37.34 -9.82
CA ALA D 6 29.68 37.39 -8.82
C ALA D 6 29.64 38.70 -8.07
N TRP D 7 30.08 38.64 -6.82
CA TRP D 7 30.14 39.78 -5.92
C TRP D 7 31.51 39.87 -5.29
N LEU D 8 32.05 41.07 -5.21
CA LEU D 8 33.23 41.33 -4.41
C LEU D 8 33.05 42.67 -3.72
N GLY D 9 32.99 42.66 -2.39
CA GLY D 9 32.85 43.89 -1.64
C GLY D 9 32.49 43.62 -0.20
N ALA D 10 31.75 44.56 0.41
CA ALA D 10 31.28 44.36 1.78
C ALA D 10 30.34 43.16 1.81
N PRO D 11 30.25 42.47 2.95
CA PRO D 11 29.45 41.24 3.00
C PRO D 11 28.03 41.41 2.52
N ARG D 12 27.60 40.44 1.71
CA ARG D 12 26.28 40.42 1.13
C ARG D 12 25.72 39.02 1.27
N SER D 13 24.43 38.89 1.56
CA SER D 13 23.87 37.54 1.69
C SER D 13 23.68 36.94 0.32
N LEU D 14 23.77 35.61 0.24
CA LEU D 14 23.53 34.90 -1.00
C LEU D 14 22.13 35.21 -1.50
N ALA D 15 21.16 35.31 -0.59
CA ALA D 15 19.80 35.63 -0.98
C ALA D 15 19.72 37.02 -1.61
N ASP D 16 20.42 37.96 -1.01
CA ASP D 16 20.40 39.34 -1.49
C ASP D 16 20.96 39.45 -2.90
N LEU D 17 21.92 38.60 -3.24
CA LEU D 17 22.57 38.64 -4.55
C LEU D 17 21.78 37.86 -5.60
N VAL D 18 21.21 36.73 -5.18
CA VAL D 18 20.73 35.70 -6.10
C VAL D 18 19.21 35.59 -6.13
N LEU D 19 18.56 35.70 -4.98
CA LEU D 19 17.14 35.42 -4.87
C LEU D 19 16.26 36.67 -4.82
N ASP D 20 16.78 37.75 -4.23
CA ASP D 20 15.94 38.91 -3.94
C ASP D 20 15.82 39.92 -5.10
N PRO D 21 16.86 40.09 -5.93
CA PRO D 21 16.70 41.10 -6.99
C PRO D 21 15.55 40.75 -7.94
N PRO D 22 14.89 41.76 -8.53
CA PRO D 22 13.71 41.48 -9.34
C PRO D 22 14.00 40.75 -10.66
N GLN D 23 15.25 40.77 -11.10
CA GLN D 23 15.64 40.09 -12.34
C GLN D 23 16.95 39.38 -12.16
N GLY D 24 17.20 38.90 -10.94
CA GLY D 24 18.42 38.20 -10.59
C GLY D 24 18.42 36.74 -11.02
N LEU D 25 19.38 36.00 -10.48
CA LEU D 25 19.64 34.63 -10.92
C LEU D 25 18.42 33.73 -10.75
N LEU D 26 17.68 33.91 -9.67
CA LEU D 26 16.46 33.14 -9.47
C LEU D 26 15.50 33.35 -10.65
N VAL D 27 15.28 34.60 -11.03
CA VAL D 27 14.34 34.89 -12.13
C VAL D 27 14.92 34.37 -13.45
N GLN D 28 16.24 34.49 -13.60
CA GLN D 28 16.89 34.04 -14.84
C GLN D 28 16.84 32.52 -15.00
N SER D 29 16.52 31.78 -13.95
CA SER D 29 16.45 30.32 -14.08
C SER D 29 15.25 29.94 -14.96
N TYR D 30 14.21 30.78 -14.97
CA TYR D 30 13.02 30.49 -15.77
C TYR D 30 12.65 31.61 -16.74
N ALA D 31 13.21 32.80 -16.56
CA ALA D 31 12.88 33.92 -17.43
C ALA D 31 14.03 34.91 -17.60
N PRO D 32 15.14 34.44 -18.20
CA PRO D 32 16.29 35.32 -18.46
C PRO D 32 15.96 36.39 -19.49
N ARG D 33 16.65 37.53 -19.45
CA ARG D 33 16.33 38.66 -20.31
C ARG D 33 17.31 38.83 -21.48
N ARG D 34 18.49 38.24 -21.39
CA ARG D 34 19.53 38.47 -22.40
C ARG D 34 20.23 37.20 -22.87
N GLN D 35 19.48 36.09 -22.88
CA GLN D 35 20.05 34.80 -23.17
C GLN D 35 19.73 34.34 -24.59
N LYS D 36 20.77 34.17 -25.39
CA LYS D 36 20.58 33.79 -26.79
C LYS D 36 20.69 32.29 -27.00
N HIS D 37 21.20 31.58 -25.99
CA HIS D 37 21.33 30.13 -26.06
C HIS D 37 20.60 29.48 -24.88
N GLY D 38 19.46 28.86 -25.21
CA GLY D 38 18.57 28.29 -24.20
C GLY D 38 17.50 29.31 -23.83
N LEU D 39 16.32 28.82 -23.48
CA LEU D 39 15.22 29.68 -23.04
C LEU D 39 15.18 29.77 -21.53
N MSE D 40 16.03 28.99 -20.87
CA MSE D 40 15.96 28.87 -19.42
C MSE D 40 17.19 28.19 -18.87
O MSE D 40 18.03 27.69 -19.62
CB MSE D 40 14.73 28.06 -19.07
CG MSE D 40 14.58 26.92 -20.05
SE MSE D 40 13.28 25.62 -19.50
CE MSE D 40 14.24 25.13 -17.93
H MSE D 40 16.65 28.54 -21.24
HA MSE D 40 15.88 29.75 -19.03
HB2 MSE D 40 14.82 27.70 -18.18
HB3 MSE D 40 13.94 28.62 -19.13
HG2 MSE D 40 14.30 27.26 -20.92
HG3 MSE D 40 15.42 26.46 -20.14
HE1 MSE D 40 13.74 24.45 -17.46
HE2 MSE D 40 15.11 24.78 -18.18
HE3 MSE D 40 14.34 25.91 -17.36
N ASN D 41 17.29 28.14 -17.54
CA ASN D 41 18.44 27.57 -16.87
C ASN D 41 17.98 26.77 -15.67
N ALA D 42 17.46 25.58 -15.94
CA ALA D 42 16.79 24.77 -14.92
C ALA D 42 17.52 23.49 -14.58
N ASP D 43 18.69 23.29 -15.15
CA ASP D 43 19.41 22.04 -14.99
C ASP D 43 20.40 22.10 -13.83
N GLY D 44 19.99 22.76 -12.75
CA GLY D 44 20.83 22.87 -11.59
C GLY D 44 21.33 24.29 -11.36
N TRP D 45 22.08 24.44 -10.28
CA TRP D 45 22.60 25.72 -9.88
C TRP D 45 23.69 25.49 -8.87
N GLY D 46 24.45 26.54 -8.59
CA GLY D 46 25.43 26.46 -7.54
C GLY D 46 25.69 27.86 -7.00
N ALA D 47 26.10 27.90 -5.75
CA ALA D 47 26.50 29.13 -5.11
C ALA D 47 27.75 28.84 -4.31
N GLY D 48 28.82 29.54 -4.65
CA GLY D 48 30.07 29.46 -3.92
C GLY D 48 30.38 30.78 -3.24
N PHE D 49 31.03 30.70 -2.09
CA PHE D 49 31.42 31.90 -1.37
C PHE D 49 32.65 31.63 -0.53
N PHE D 50 33.28 32.71 -0.08
CA PHE D 50 34.41 32.61 0.82
C PHE D 50 34.00 33.10 2.21
N ASP D 51 34.28 32.30 3.23
CA ASP D 51 33.91 32.70 4.58
C ASP D 51 34.97 33.67 5.11
N ASP D 52 34.83 34.10 6.35
CA ASP D 52 35.69 35.17 6.87
C ASP D 52 37.16 34.74 6.98
N ASP D 53 37.41 33.44 6.97
CA ASP D 53 38.78 32.91 7.05
C ASP D 53 39.35 32.57 5.67
N GLY D 54 38.61 32.89 4.61
CA GLY D 54 39.09 32.70 3.26
C GLY D 54 38.88 31.31 2.71
N VAL D 55 38.08 30.50 3.39
CA VAL D 55 37.78 29.16 2.90
C VAL D 55 36.69 29.20 1.84
N ALA D 56 36.94 28.54 0.71
CA ALA D 56 35.95 28.45 -0.35
C ALA D 56 34.90 27.42 0.01
N ARG D 57 33.64 27.82 0.01
CA ARG D 57 32.53 26.93 0.32
C ARG D 57 31.52 26.95 -0.81
N ARG D 58 30.85 25.82 -1.04
CA ARG D 58 29.91 25.69 -2.15
C ARG D 58 28.68 24.86 -1.85
N TRP D 59 27.56 25.32 -2.39
CA TRP D 59 26.29 24.59 -2.37
C TRP D 59 25.90 24.38 -3.83
N ARG D 60 25.76 23.13 -4.26
CA ARG D 60 25.41 22.84 -5.64
C ARG D 60 24.26 21.85 -5.72
N SER D 61 23.48 21.97 -6.79
CA SER D 61 22.29 21.15 -6.99
C SER D 61 22.08 20.83 -8.47
N ASP D 62 21.34 19.76 -8.74
CA ASP D 62 21.00 19.39 -10.11
C ASP D 62 19.54 19.68 -10.41
N LYS D 63 18.87 20.38 -9.49
CA LYS D 63 17.45 20.71 -9.62
C LYS D 63 17.26 22.19 -9.92
N PRO D 64 16.06 22.60 -10.37
CA PRO D 64 15.89 24.02 -10.70
C PRO D 64 15.97 24.93 -9.47
N LEU D 65 16.66 26.06 -9.60
CA LEU D 65 16.89 26.95 -8.48
C LEU D 65 15.57 27.40 -7.85
N TRP D 66 14.54 27.66 -8.65
CA TRP D 66 13.30 28.19 -8.10
C TRP D 66 12.60 27.21 -7.15
N GLY D 67 12.94 25.93 -7.25
CA GLY D 67 12.23 24.89 -6.52
C GLY D 67 12.88 24.52 -5.20
N ASP D 68 13.98 25.18 -4.83
CA ASP D 68 14.74 24.72 -3.67
C ASP D 68 14.35 25.49 -2.42
N ALA D 69 13.54 24.84 -1.59
CA ALA D 69 13.04 25.48 -0.37
C ALA D 69 14.13 25.62 0.68
N SER D 70 15.08 24.68 0.71
CA SER D 70 16.20 24.78 1.65
C SER D 70 17.06 26.00 1.35
N PHE D 71 17.42 26.20 0.07
CA PHE D 71 18.23 27.34 -0.27
C PHE D 71 17.49 28.64 0.01
N ALA D 72 16.20 28.68 -0.29
CA ALA D 72 15.42 29.89 -0.04
C ALA D 72 15.39 30.24 1.45
N SER D 73 15.37 29.20 2.30
CA SER D 73 15.33 29.38 3.75
C SER D 73 16.68 29.79 4.32
N VAL D 74 17.74 29.15 3.85
CA VAL D 74 19.08 29.31 4.42
C VAL D 74 19.90 30.45 3.80
N ALA D 75 19.73 30.71 2.50
CA ALA D 75 20.55 31.70 1.79
C ALA D 75 20.63 33.08 2.47
N PRO D 76 19.53 33.54 3.11
CA PRO D 76 19.65 34.83 3.81
C PRO D 76 20.66 34.82 4.95
N ALA D 77 20.95 33.64 5.49
CA ALA D 77 21.86 33.53 6.65
C ALA D 77 23.31 33.31 6.23
N LEU D 78 23.54 33.26 4.93
CA LEU D 78 24.89 33.07 4.39
C LEU D 78 25.37 34.37 3.76
N ARG D 79 26.37 34.99 4.38
CA ARG D 79 26.87 36.28 3.95
C ARG D 79 28.35 36.19 3.64
N SER D 80 28.77 36.89 2.59
CA SER D 80 30.16 36.83 2.16
C SER D 80 30.61 38.08 1.44
N ARG D 81 31.91 38.35 1.54
CA ARG D 81 32.55 39.41 0.79
C ARG D 81 32.79 39.00 -0.67
N CYS D 82 32.68 37.72 -0.98
CA CYS D 82 33.01 37.25 -2.31
C CYS D 82 32.18 36.02 -2.69
N VAL D 83 31.37 36.17 -3.73
CA VAL D 83 30.40 35.15 -4.14
C VAL D 83 30.48 34.90 -5.64
N VAL D 84 30.31 33.65 -6.04
CA VAL D 84 30.14 33.28 -7.45
C VAL D 84 28.99 32.29 -7.51
N ALA D 85 27.96 32.62 -8.27
CA ALA D 85 26.80 31.74 -8.38
C ALA D 85 26.33 31.62 -9.81
N ALA D 86 25.64 30.53 -10.11
CA ALA D 86 25.27 30.20 -11.47
C ALA D 86 24.01 29.35 -11.50
N VAL D 87 23.22 29.55 -12.54
CA VAL D 87 22.13 28.64 -12.89
C VAL D 87 22.51 28.00 -14.22
N ARG D 88 22.28 26.69 -14.31
CA ARG D 88 22.75 25.90 -15.44
C ARG D 88 21.67 25.60 -16.48
N SER D 89 22.06 25.71 -17.74
CA SER D 89 21.32 25.13 -18.86
C SER D 89 22.26 24.10 -19.48
N ALA D 90 21.88 22.82 -19.42
CA ALA D 90 22.77 21.75 -19.85
C ALA D 90 22.66 21.47 -21.35
N THR D 91 23.80 21.20 -21.98
CA THR D 91 23.83 20.73 -23.36
C THR D 91 23.42 19.27 -23.43
N ILE D 92 22.82 18.86 -24.54
CA ILE D 92 22.40 17.47 -24.71
C ILE D 92 23.58 16.52 -24.52
N GLY D 93 23.31 15.41 -23.85
CA GLY D 93 24.34 14.41 -23.60
C GLY D 93 25.14 14.64 -22.34
N MSE D 94 25.06 15.84 -21.77
CA MSE D 94 25.85 16.18 -20.59
C MSE D 94 25.12 15.78 -19.32
O MSE D 94 23.93 16.02 -19.17
CB MSE D 94 26.15 17.69 -20.54
CG MSE D 94 26.68 18.29 -21.83
SE MSE D 94 28.62 18.35 -21.98
CE MSE D 94 29.01 16.47 -21.74
H MSE D 94 24.56 16.49 -22.06
HA MSE D 94 26.70 15.71 -20.63
HB2 MSE D 94 25.34 18.16 -20.30
HB3 MSE D 94 26.82 17.84 -19.85
HG2 MSE D 94 26.35 17.77 -22.57
HG3 MSE D 94 26.36 19.20 -21.90
HE1 MSE D 94 29.98 16.35 -21.80
HE2 MSE D 94 28.69 16.19 -20.88
HE3 MSE D 94 28.58 15.97 -22.45
N SER D 95 25.85 15.16 -18.40
CA SER D 95 25.28 14.73 -17.13
C SER D 95 24.67 15.91 -16.42
N ILE D 96 23.48 15.70 -15.85
CA ILE D 96 22.83 16.68 -15.01
C ILE D 96 22.93 16.19 -13.58
N GLU D 97 23.97 16.65 -12.90
CA GLU D 97 24.29 16.22 -11.54
C GLU D 97 25.04 17.37 -10.88
N PRO D 98 25.01 17.43 -9.54
CA PRO D 98 25.60 18.60 -8.86
C PRO D 98 27.07 18.85 -9.20
N SER D 99 27.85 17.79 -9.44
CA SER D 99 29.27 17.98 -9.70
C SER D 99 29.50 18.68 -11.04
N ALA D 100 28.47 18.72 -11.88
CA ALA D 100 28.55 19.36 -13.19
C ALA D 100 28.08 20.81 -13.15
N SER D 101 27.49 21.22 -12.03
CA SER D 101 27.04 22.60 -11.87
C SER D 101 28.20 23.49 -11.45
N ALA D 102 28.30 24.67 -12.04
CA ALA D 102 29.21 25.70 -11.54
C ALA D 102 28.74 26.16 -10.17
N PRO D 103 29.64 26.68 -9.33
CA PRO D 103 31.08 26.89 -9.56
C PRO D 103 31.94 25.67 -9.26
N PHE D 104 32.93 25.47 -10.11
CA PHE D 104 34.00 24.53 -9.86
C PHE D 104 35.03 25.19 -8.97
N SER D 105 35.90 24.38 -8.36
CA SER D 105 36.88 24.91 -7.44
C SER D 105 38.16 24.10 -7.41
N ASP D 106 39.29 24.79 -7.29
CA ASP D 106 40.56 24.14 -6.99
C ASP D 106 40.99 24.43 -5.55
N GLY D 107 40.06 24.93 -4.75
CA GLY D 107 40.34 25.23 -3.36
C GLY D 107 40.71 26.69 -3.10
N GLN D 108 41.29 27.35 -4.10
CA GLN D 108 41.64 28.77 -3.98
C GLN D 108 40.71 29.64 -4.80
N TRP D 109 40.30 29.15 -5.98
CA TRP D 109 39.43 29.87 -6.90
C TRP D 109 38.10 29.16 -7.10
N LEU D 110 37.03 29.95 -7.19
CA LEU D 110 35.74 29.47 -7.68
C LEU D 110 35.58 29.90 -9.12
N LEU D 111 34.99 29.06 -9.96
CA LEU D 111 34.93 29.31 -11.39
C LEU D 111 33.62 28.83 -12.01
N SER D 112 32.99 29.70 -12.80
CA SER D 112 31.81 29.37 -13.57
C SER D 112 32.08 29.58 -15.07
N HIS D 113 31.64 28.64 -15.87
CA HIS D 113 31.70 28.75 -17.32
C HIS D 113 30.31 28.81 -17.92
N ASN D 114 30.07 29.82 -18.72
CA ASN D 114 28.88 29.94 -19.53
C ASN D 114 29.26 29.83 -20.99
N GLY D 115 28.94 28.70 -21.60
CA GLY D 115 29.17 28.55 -23.02
C GLY D 115 29.26 27.12 -23.45
N LEU D 116 30.19 26.88 -24.36
CA LEU D 116 30.24 25.62 -25.08
C LEU D 116 31.66 25.45 -25.56
N VAL D 117 32.22 24.25 -25.39
CA VAL D 117 33.53 23.97 -25.95
C VAL D 117 33.64 22.50 -26.33
N ALA D 118 34.22 22.23 -27.49
CA ALA D 118 34.45 20.88 -27.94
C ALA D 118 35.52 20.24 -27.07
N ARG D 119 35.14 19.20 -26.34
CA ARG D 119 36.07 18.59 -25.40
C ARG D 119 37.28 18.00 -26.12
N GLY D 120 37.10 17.65 -27.39
CA GLY D 120 38.18 17.09 -28.16
C GLY D 120 39.42 17.97 -28.29
N VAL D 121 39.27 19.28 -28.18
CA VAL D 121 40.44 20.16 -28.33
C VAL D 121 41.16 20.37 -27.01
N LEU D 122 40.55 19.91 -25.93
CA LEU D 122 41.12 20.08 -24.59
C LEU D 122 41.94 18.87 -24.17
N PRO D 123 42.97 19.09 -23.35
CA PRO D 123 43.78 17.96 -22.89
C PRO D 123 42.96 17.00 -22.03
N LEU D 124 43.32 15.73 -22.07
CA LEU D 124 42.78 14.79 -21.10
C LEU D 124 43.25 15.21 -19.72
N THR D 125 42.43 14.89 -18.73
CA THR D 125 42.74 15.27 -17.36
C THR D 125 42.19 14.24 -16.40
N GLY D 126 42.85 14.10 -15.26
CA GLY D 126 42.36 13.26 -14.18
C GLY D 126 41.89 14.11 -13.04
N ALA D 127 41.89 15.43 -13.25
CA ALA D 127 41.63 16.38 -12.17
C ALA D 127 40.29 17.10 -12.31
N ALA D 128 39.44 16.69 -13.25
CA ALA D 128 38.14 17.34 -13.42
C ALA D 128 37.12 16.88 -12.37
N GLU D 129 36.16 17.74 -12.05
CA GLU D 129 35.13 17.43 -11.08
C GLU D 129 33.97 16.66 -11.70
N SER D 130 33.89 16.71 -13.03
CA SER D 130 32.82 16.08 -13.78
C SER D 130 33.34 15.79 -15.15
N THR D 131 32.59 15.00 -15.91
CA THR D 131 32.93 14.70 -17.30
C THR D 131 32.45 15.78 -18.27
N VAL D 132 31.63 16.70 -17.80
CA VAL D 132 30.99 17.66 -18.69
C VAL D 132 32.01 18.67 -19.19
N ASP D 133 31.77 19.20 -20.38
CA ASP D 133 32.75 20.04 -21.06
C ASP D 133 33.23 21.21 -20.18
N SER D 134 32.32 21.86 -19.46
CA SER D 134 32.70 22.99 -18.63
C SER D 134 33.68 22.59 -17.54
N ALA D 135 33.54 21.38 -17.00
CA ALA D 135 34.44 20.90 -15.96
C ALA D 135 35.83 20.58 -16.52
N ILE D 136 35.89 20.08 -17.75
CA ILE D 136 37.16 19.79 -18.39
C ILE D 136 37.89 21.10 -18.69
N LEU D 137 37.12 22.09 -19.10
CA LEU D 137 37.64 23.43 -19.34
C LEU D 137 38.14 24.04 -18.03
N ALA D 138 37.34 23.91 -16.97
CA ALA D 138 37.74 24.42 -15.67
C ALA D 138 39.08 23.80 -15.26
N ALA D 139 39.20 22.49 -15.42
CA ALA D 139 40.44 21.78 -15.06
C ALA D 139 41.63 22.38 -15.77
N LEU D 140 41.47 22.66 -17.06
CA LEU D 140 42.53 23.28 -17.85
C LEU D 140 42.86 24.67 -17.31
N ILE D 141 41.83 25.48 -17.07
CA ILE D 141 42.04 26.84 -16.59
C ILE D 141 42.79 26.84 -15.24
N PHE D 142 42.39 25.94 -14.35
CA PHE D 142 43.04 25.82 -13.03
C PHE D 142 44.50 25.40 -13.16
N SER D 143 44.78 24.48 -14.07
CA SER D 143 46.14 23.96 -14.22
C SER D 143 47.07 25.00 -14.83
N ARG D 144 46.54 25.90 -15.64
CA ARG D 144 47.35 26.98 -16.22
C ARG D 144 47.51 28.13 -15.24
N GLY D 145 46.58 28.22 -14.29
CA GLY D 145 46.57 29.29 -13.30
C GLY D 145 45.69 30.45 -13.76
N LEU D 146 44.96 31.05 -12.83
CA LEU D 146 44.02 32.11 -13.19
C LEU D 146 44.72 33.39 -13.63
N ASP D 147 45.96 33.58 -13.23
CA ASP D 147 46.72 34.74 -13.70
C ASP D 147 46.97 34.64 -15.22
N ALA D 148 46.79 33.44 -15.76
CA ALA D 148 46.91 33.20 -17.20
C ALA D 148 45.54 32.98 -17.84
N LEU D 149 44.47 33.39 -17.16
CA LEU D 149 43.11 33.16 -17.68
C LEU D 149 42.93 33.71 -19.08
N GLY D 150 43.37 34.95 -19.31
CA GLY D 150 43.21 35.57 -20.61
C GLY D 150 43.86 34.78 -21.73
N ALA D 151 45.09 34.33 -21.48
CA ALA D 151 45.83 33.58 -22.48
C ALA D 151 45.20 32.21 -22.71
N THR D 152 44.73 31.58 -21.64
CA THR D 152 44.11 30.27 -21.74
C THR D 152 42.83 30.35 -22.58
N ILE D 153 42.01 31.35 -22.34
CA ILE D 153 40.75 31.48 -23.07
C ILE D 153 41.02 31.86 -24.53
N ALA D 154 41.97 32.76 -24.74
CA ALA D 154 42.35 33.15 -26.09
C ALA D 154 42.83 31.92 -26.86
N GLU D 155 43.60 31.07 -26.20
CA GLU D 155 44.10 29.85 -26.82
C GLU D 155 42.95 28.89 -27.17
N VAL D 156 42.10 28.60 -26.20
CA VAL D 156 41.00 27.66 -26.42
C VAL D 156 40.08 28.21 -27.50
N GLY D 157 39.90 29.53 -27.50
CA GLY D 157 39.07 30.18 -28.51
C GLY D 157 39.60 29.96 -29.92
N GLU D 158 40.92 29.83 -30.06
CA GLU D 158 41.53 29.59 -31.36
C GLU D 158 41.50 28.10 -31.71
N LEU D 159 41.67 27.25 -30.70
CA LEU D 159 41.58 25.80 -30.91
C LEU D 159 40.19 25.42 -31.38
N ASP D 160 39.17 26.06 -30.81
CA ASP D 160 37.78 25.79 -31.18
C ASP D 160 37.10 27.11 -31.53
N PRO D 161 37.06 27.44 -32.82
CA PRO D 161 36.51 28.75 -33.21
C PRO D 161 35.00 28.83 -33.01
N ASN D 162 34.37 27.71 -32.67
CA ASN D 162 32.94 27.69 -32.34
C ASN D 162 32.67 27.80 -30.83
N ALA D 163 33.73 27.78 -30.01
CA ALA D 163 33.54 27.81 -28.56
C ALA D 163 33.00 29.14 -28.06
N ARG D 164 32.18 29.07 -27.02
CA ARG D 164 31.80 30.24 -26.23
C ARG D 164 32.43 30.06 -24.87
N LEU D 165 33.15 31.07 -24.41
CA LEU D 165 34.04 30.89 -23.28
C LEU D 165 33.93 32.04 -22.29
N ASN D 166 32.71 32.30 -21.83
CA ASN D 166 32.48 33.26 -20.76
C ASN D 166 32.84 32.64 -19.41
N ILE D 167 33.87 33.19 -18.77
CA ILE D 167 34.30 32.71 -17.47
C ILE D 167 34.01 33.77 -16.43
N LEU D 168 33.61 33.34 -15.24
CA LEU D 168 33.52 34.22 -14.09
C LEU D 168 34.18 33.48 -12.93
N ALA D 169 35.17 34.11 -12.31
CA ALA D 169 35.98 33.47 -11.29
C ALA D 169 36.33 34.41 -10.15
N ALA D 170 36.60 33.84 -8.97
CA ALA D 170 36.88 34.64 -7.78
C ALA D 170 37.70 33.85 -6.77
N ASN D 171 38.55 34.55 -5.99
CA ASN D 171 39.44 33.90 -5.02
C ASN D 171 39.31 34.49 -3.61
N GLY D 172 38.28 35.30 -3.42
CA GLY D 172 38.02 35.94 -2.13
C GLY D 172 38.42 37.41 -2.08
N SER D 173 39.39 37.79 -2.90
CA SER D 173 39.95 39.15 -2.96
C SER D 173 39.95 39.75 -4.37
N ARG D 174 39.62 38.95 -5.37
CA ARG D 174 39.62 39.38 -6.77
C ARG D 174 38.51 38.70 -7.53
N LEU D 175 38.05 39.36 -8.60
CA LEU D 175 37.25 38.72 -9.63
C LEU D 175 37.98 38.78 -10.94
N LEU D 176 37.83 37.72 -11.70
CA LEU D 176 38.30 37.65 -13.07
C LEU D 176 37.14 37.20 -13.95
N ALA D 177 37.00 37.76 -15.14
CA ALA D 177 35.99 37.27 -16.06
C ALA D 177 36.45 37.46 -17.48
N THR D 178 35.91 36.62 -18.36
CA THR D 178 36.11 36.80 -19.80
C THR D 178 34.77 36.85 -20.50
N THR D 179 34.70 37.68 -21.53
CA THR D 179 33.60 37.64 -22.47
C THR D 179 34.12 37.00 -23.74
N TRP D 180 33.47 35.95 -24.17
CA TRP D 180 33.85 35.29 -25.41
C TRP D 180 32.63 34.61 -25.99
N GLY D 181 31.79 35.42 -26.64
CA GLY D 181 30.62 34.93 -27.34
C GLY D 181 29.34 35.09 -26.54
N ASP D 182 29.42 35.65 -25.34
CA ASP D 182 28.23 35.84 -24.53
C ASP D 182 28.34 37.07 -23.65
N THR D 183 27.28 37.33 -22.88
CA THR D 183 27.10 38.62 -22.25
C THR D 183 27.76 38.74 -20.88
N LEU D 184 28.29 39.93 -20.58
CA LEU D 184 28.68 40.29 -19.20
C LEU D 184 28.42 41.77 -18.91
N SER D 185 27.82 42.04 -17.74
CA SER D 185 27.57 43.42 -17.30
C SER D 185 28.19 43.65 -15.93
N VAL D 186 28.48 44.91 -15.63
CA VAL D 186 29.13 45.26 -14.38
C VAL D 186 28.33 46.35 -13.66
N LEU D 187 28.23 46.21 -12.34
CA LEU D 187 27.62 47.24 -11.49
C LEU D 187 28.58 47.62 -10.39
N ARG D 188 28.96 48.90 -10.35
CA ARG D 188 29.85 49.41 -9.32
C ARG D 188 29.04 50.07 -8.21
N ARG D 189 28.89 49.36 -7.09
CA ARG D 189 28.17 49.89 -5.93
C ARG D 189 29.13 50.65 -5.03
N PRO D 190 28.58 51.45 -4.10
CA PRO D 190 29.46 52.12 -3.14
C PRO D 190 30.24 51.11 -2.28
N ASP D 191 29.70 49.90 -2.13
CA ASP D 191 30.30 48.90 -1.23
C ASP D 191 30.85 47.66 -1.93
N GLY D 192 30.94 47.71 -3.26
CA GLY D 192 31.53 46.59 -3.99
C GLY D 192 31.11 46.55 -5.43
N VAL D 193 31.51 45.48 -6.11
CA VAL D 193 31.28 45.32 -7.55
C VAL D 193 30.56 44.02 -7.83
N VAL D 194 29.54 44.12 -8.68
CA VAL D 194 28.85 42.96 -9.25
C VAL D 194 29.29 42.75 -10.69
N LEU D 195 29.60 41.50 -11.04
CA LEU D 195 29.72 41.07 -12.43
C LEU D 195 28.61 40.06 -12.67
N ALA D 196 27.92 40.16 -13.81
CA ALA D 196 26.78 39.26 -14.07
C ALA D 196 26.52 39.07 -15.55
N SER D 197 26.05 37.89 -15.91
CA SER D 197 25.65 37.63 -17.30
C SER D 197 24.63 38.66 -17.76
N GLU D 198 23.74 39.04 -16.85
CA GLU D 198 22.83 40.13 -17.13
C GLU D 198 22.46 40.90 -15.86
N PRO D 199 22.13 42.19 -16.01
CA PRO D 199 21.74 43.04 -14.87
C PRO D 199 20.62 42.41 -14.07
N TYR D 200 20.72 42.42 -12.75
CA TYR D 200 19.66 41.82 -11.94
C TYR D 200 18.56 42.81 -11.57
N ASP D 201 18.68 44.04 -12.05
CA ASP D 201 17.61 45.01 -11.96
C ASP D 201 17.82 46.06 -13.04
N ASP D 202 17.18 47.22 -12.89
CA ASP D 202 17.27 48.28 -13.88
C ASP D 202 18.04 49.49 -13.35
N ASP D 203 18.97 49.23 -12.44
CA ASP D 203 19.88 50.27 -11.93
C ASP D 203 20.60 50.95 -13.12
N PRO D 204 20.56 52.29 -13.17
CA PRO D 204 21.25 52.93 -14.31
C PRO D 204 22.77 52.79 -14.25
N GLY D 205 23.29 52.27 -13.14
CA GLY D 205 24.72 52.05 -13.00
C GLY D 205 25.25 50.85 -13.77
N TRP D 206 24.36 49.98 -14.24
CA TRP D 206 24.81 48.81 -15.01
C TRP D 206 25.42 49.24 -16.34
N SER D 207 26.55 48.63 -16.69
CA SER D 207 27.14 48.84 -18.01
C SER D 207 27.66 47.51 -18.58
N ASP D 208 27.54 47.37 -19.88
CA ASP D 208 27.89 46.12 -20.53
C ASP D 208 29.36 46.08 -20.91
N ILE D 209 29.97 44.91 -20.68
CA ILE D 209 31.34 44.65 -21.11
C ILE D 209 31.30 44.13 -22.54
N PRO D 210 32.14 44.68 -23.43
CA PRO D 210 32.17 44.19 -24.81
C PRO D 210 32.71 42.76 -24.93
N ASP D 211 32.35 42.09 -26.01
CA ASP D 211 32.79 40.73 -26.25
C ASP D 211 34.30 40.67 -26.44
N ARG D 212 34.88 39.49 -26.20
CA ARG D 212 36.33 39.27 -26.30
C ARG D 212 37.15 40.23 -25.44
N HIS D 213 36.79 40.29 -24.15
CA HIS D 213 37.53 41.09 -23.18
C HIS D 213 37.81 40.31 -21.90
N LEU D 214 38.85 40.75 -21.18
CA LEU D 214 39.15 40.27 -19.85
C LEU D 214 38.76 41.35 -18.86
N VAL D 215 38.10 40.94 -17.77
CA VAL D 215 37.74 41.85 -16.68
C VAL D 215 38.47 41.43 -15.41
N ASP D 216 39.09 42.39 -14.75
CA ASP D 216 39.88 42.14 -13.55
C ASP D 216 39.43 43.11 -12.45
N VAL D 217 38.86 42.58 -11.37
CA VAL D 217 38.39 43.41 -10.26
C VAL D 217 39.20 43.15 -9.00
N ARG D 218 39.78 44.21 -8.44
CA ARG D 218 40.41 44.12 -7.12
C ARG D 218 40.70 45.50 -6.54
N ASP D 219 40.60 45.59 -5.22
CA ASP D 219 40.71 46.87 -4.51
C ASP D 219 39.75 47.91 -5.11
N ALA D 220 38.55 47.45 -5.43
CA ALA D 220 37.48 48.28 -6.00
C ALA D 220 37.76 48.82 -7.40
N HIS D 221 38.87 48.43 -8.02
CA HIS D 221 39.15 48.86 -9.40
C HIS D 221 38.70 47.80 -10.40
N VAL D 222 38.00 48.24 -11.43
CA VAL D 222 37.57 47.39 -12.54
C VAL D 222 38.42 47.70 -13.76
N VAL D 223 39.23 46.73 -14.17
CA VAL D 223 40.12 46.90 -15.32
C VAL D 223 39.65 45.98 -16.43
N VAL D 224 39.32 46.56 -17.59
CA VAL D 224 38.83 45.81 -18.73
C VAL D 224 39.82 45.94 -19.89
N THR D 225 40.28 44.80 -20.41
CA THR D 225 41.29 44.80 -21.47
C THR D 225 40.90 43.81 -22.56
N PRO D 226 41.26 44.10 -23.81
CA PRO D 226 40.91 43.15 -24.86
C PRO D 226 41.68 41.85 -24.74
N LEU D 227 41.04 40.72 -25.05
CA LEU D 227 41.75 39.46 -25.14
C LEU D 227 42.55 39.45 -26.44
N SER D 228 43.87 39.34 -26.31
CA SER D 228 44.79 39.40 -27.45
C SER D 228 46.23 39.54 -26.94
N CYS E 2 -44.37 41.71 37.95
CA CYS E 2 -43.79 40.70 38.84
C CYS E 2 -44.81 39.62 39.19
N ARG E 3 -44.31 38.51 39.71
CA ARG E 3 -45.16 37.44 40.23
C ARG E 3 -44.66 37.07 41.60
N HIS E 4 -45.56 36.80 42.53
CA HIS E 4 -45.11 36.35 43.83
C HIS E 4 -45.97 35.19 44.35
N VAL E 5 -45.45 34.56 45.39
CA VAL E 5 -46.07 33.40 45.98
C VAL E 5 -45.71 33.42 47.45
N ALA E 6 -46.62 32.92 48.28
CA ALA E 6 -46.36 32.77 49.71
C ALA E 6 -46.99 31.49 50.24
N TRP E 7 -46.40 31.02 51.33
CA TRP E 7 -46.80 29.79 51.98
C TRP E 7 -46.91 30.03 53.47
N LEU E 8 -47.98 29.55 54.06
CA LEU E 8 -48.09 29.45 55.50
C LEU E 8 -48.64 28.07 55.86
N GLY E 9 -47.83 27.26 56.53
CA GLY E 9 -48.31 25.96 56.97
C GLY E 9 -47.20 25.08 57.50
N ALA E 10 -47.32 23.78 57.27
CA ALA E 10 -46.30 22.85 57.71
C ALA E 10 -45.03 23.13 56.93
N PRO E 11 -43.86 22.74 57.48
CA PRO E 11 -42.60 23.03 56.79
C PRO E 11 -42.61 22.59 55.34
N ARG E 12 -42.19 23.49 54.47
CA ARG E 12 -42.13 23.24 53.03
C ARG E 12 -40.82 23.79 52.49
N SER E 13 -40.19 23.07 51.56
CA SER E 13 -38.92 23.58 51.02
C SER E 13 -39.17 24.69 50.01
N LEU E 14 -38.21 25.59 49.86
CA LEU E 14 -38.32 26.66 48.90
C LEU E 14 -38.42 26.08 47.49
N ALA E 15 -37.69 24.99 47.23
CA ALA E 15 -37.73 24.37 45.89
C ALA E 15 -39.13 23.83 45.60
N ASP E 16 -39.74 23.17 46.59
CA ASP E 16 -41.07 22.57 46.41
C ASP E 16 -42.11 23.63 46.08
N LEU E 17 -41.94 24.83 46.62
CA LEU E 17 -42.89 25.93 46.40
C LEU E 17 -42.64 26.72 45.12
N VAL E 18 -41.36 26.92 44.80
CA VAL E 18 -40.94 27.91 43.80
C VAL E 18 -40.45 27.26 42.52
N LEU E 19 -39.68 26.19 42.66
CA LEU E 19 -38.96 25.62 41.52
C LEU E 19 -39.68 24.39 40.95
N ASP E 20 -40.26 23.56 41.82
CA ASP E 20 -40.75 22.25 41.39
C ASP E 20 -42.14 22.22 40.72
N PRO E 21 -43.04 23.15 41.07
CA PRO E 21 -44.35 23.08 40.42
C PRO E 21 -44.26 23.26 38.91
N PRO E 22 -45.18 22.65 38.16
CA PRO E 22 -45.10 22.70 36.69
C PRO E 22 -45.35 24.10 36.13
N GLN E 23 -46.04 24.95 36.88
CA GLN E 23 -46.29 26.32 36.44
C GLN E 23 -46.00 27.29 37.57
N GLY E 24 -45.00 26.97 38.38
CA GLY E 24 -44.64 27.78 39.52
C GLY E 24 -43.78 28.99 39.16
N LEU E 25 -43.21 29.62 40.18
CA LEU E 25 -42.48 30.87 40.00
C LEU E 25 -41.33 30.72 39.02
N LEU E 26 -40.62 29.61 39.08
CA LEU E 26 -39.57 29.34 38.12
C LEU E 26 -40.07 29.46 36.68
N VAL E 27 -41.18 28.79 36.38
CA VAL E 27 -41.74 28.84 35.05
C VAL E 27 -42.28 30.24 34.72
N GLN E 28 -42.86 30.90 35.71
CA GLN E 28 -43.40 32.24 35.50
C GLN E 28 -42.31 33.27 35.22
N SER E 29 -41.06 32.94 35.51
CA SER E 29 -39.98 33.89 35.23
C SER E 29 -39.80 34.08 33.72
N TYR E 30 -40.08 33.05 32.93
CA TYR E 30 -39.97 33.17 31.46
C TYR E 30 -41.28 32.92 30.72
N ALA E 31 -42.26 32.30 31.38
CA ALA E 31 -43.53 31.96 30.72
C ALA E 31 -44.74 32.06 31.67
N PRO E 32 -45.06 33.27 32.14
CA PRO E 32 -46.23 33.40 33.02
C PRO E 32 -47.54 33.16 32.27
N ARG E 33 -48.58 32.71 32.98
CA ARG E 33 -49.86 32.38 32.36
C ARG E 33 -50.94 33.46 32.49
N ARG E 34 -50.81 34.35 33.48
CA ARG E 34 -51.87 35.33 33.78
C ARG E 34 -51.35 36.76 33.93
N GLN E 35 -50.26 37.06 33.24
CA GLN E 35 -49.58 38.33 33.44
C GLN E 35 -49.97 39.33 32.36
N LYS E 36 -50.51 40.46 32.79
CA LYS E 36 -51.00 41.48 31.86
C LYS E 36 -49.95 42.57 31.60
N HIS E 37 -48.98 42.69 32.51
CA HIS E 37 -47.94 43.71 32.40
C HIS E 37 -46.55 43.08 32.44
N GLY E 38 -45.87 43.12 31.30
CA GLY E 38 -44.59 42.47 31.13
C GLY E 38 -44.76 41.10 30.51
N LEU E 39 -43.82 40.71 29.64
CA LEU E 39 -43.87 39.41 28.99
C LEU E 39 -43.35 38.32 29.92
N MSE E 40 -42.59 38.74 30.92
CA MSE E 40 -41.70 37.86 31.64
C MSE E 40 -41.25 38.54 32.92
O MSE E 40 -41.54 39.72 33.14
CB MSE E 40 -40.49 37.54 30.80
CG MSE E 40 -39.76 38.81 30.40
SE MSE E 40 -38.75 38.60 28.80
CE MSE E 40 -37.37 37.57 29.63
H MSE E 40 -42.57 39.56 31.19
HA MSE E 40 -42.16 37.04 31.86
HB2 MSE E 40 -39.87 36.98 31.31
HB3 MSE E 40 -40.77 37.08 29.99
HG2 MSE E 40 -40.43 39.51 30.26
HG3 MSE E 40 -39.16 39.07 31.12
HE1 MSE E 40 -36.71 37.34 28.96
HE2 MSE E 40 -36.96 38.09 30.34
HE3 MSE E 40 -37.77 36.76 30.00
N ASN E 41 -40.53 37.80 33.75
CA ASN E 41 -40.06 38.29 35.03
C ASN E 41 -38.63 37.83 35.27
N ALA E 42 -37.73 38.45 34.51
CA ALA E 42 -36.35 38.03 34.41
C ALA E 42 -35.38 38.99 35.11
N ASP E 43 -35.92 40.04 35.71
CA ASP E 43 -35.05 41.09 36.26
C ASP E 43 -34.73 40.88 37.75
N GLY E 44 -34.40 39.64 38.09
CA GLY E 44 -34.11 39.30 39.46
C GLY E 44 -35.21 38.54 40.16
N TRP E 45 -34.93 38.15 41.39
CA TRP E 45 -35.84 37.33 42.16
C TRP E 45 -35.44 37.43 43.61
N GLY E 46 -36.33 36.96 44.47
CA GLY E 46 -36.03 36.89 45.88
C GLY E 46 -36.87 35.83 46.57
N ALA E 47 -36.33 35.24 47.61
CA ALA E 47 -37.05 34.28 48.42
C ALA E 47 -36.74 34.56 49.86
N GLY E 48 -37.80 34.78 50.64
CA GLY E 48 -37.65 35.02 52.05
C GLY E 48 -38.41 33.98 52.85
N PHE E 49 -37.91 33.69 54.04
CA PHE E 49 -38.55 32.68 54.88
C PHE E 49 -38.23 32.95 56.34
N PHE E 50 -39.01 32.36 57.23
CA PHE E 50 -38.78 32.44 58.66
C PHE E 50 -38.21 31.13 59.19
N ASP E 51 -37.13 31.21 59.95
CA ASP E 51 -36.49 29.99 60.45
C ASP E 51 -37.19 29.57 61.75
N ASP E 52 -36.71 28.52 62.40
CA ASP E 52 -37.44 27.95 63.53
C ASP E 52 -37.49 28.90 64.73
N ASP E 53 -36.60 29.89 64.75
CA ASP E 53 -36.56 30.86 65.84
C ASP E 53 -37.32 32.14 65.51
N GLY E 54 -37.98 32.16 64.34
CA GLY E 54 -38.78 33.30 63.95
C GLY E 54 -38.01 34.40 63.24
N VAL E 55 -36.73 34.16 62.91
CA VAL E 55 -35.93 35.17 62.22
C VAL E 55 -36.22 35.18 60.72
N ALA E 56 -36.45 36.37 60.18
CA ALA E 56 -36.65 36.54 58.74
C ALA E 56 -35.31 36.44 58.01
N ARG E 57 -35.26 35.59 56.99
CA ARG E 57 -34.04 35.40 56.20
C ARG E 57 -34.38 35.52 54.73
N ARG E 58 -33.44 36.01 53.94
CA ARG E 58 -33.72 36.38 52.56
C ARG E 58 -32.55 36.10 51.66
N TRP E 59 -32.87 35.62 50.47
CA TRP E 59 -31.92 35.43 49.40
C TRP E 59 -32.48 36.21 48.22
N ARG E 60 -31.72 37.18 47.72
CA ARG E 60 -32.17 37.98 46.58
C ARG E 60 -31.08 38.09 45.53
N SER E 61 -31.52 38.27 44.29
CA SER E 61 -30.62 38.31 43.14
C SER E 61 -31.13 39.31 42.10
N ASP E 62 -30.23 39.75 41.22
CA ASP E 62 -30.61 40.60 40.11
C ASP E 62 -30.59 39.84 38.78
N LYS E 63 -30.43 38.52 38.83
CA LYS E 63 -30.37 37.69 37.63
C LYS E 63 -31.66 36.90 37.43
N PRO E 64 -31.88 36.35 36.23
CA PRO E 64 -33.12 35.59 36.03
C PRO E 64 -33.16 34.33 36.87
N LEU E 65 -34.31 34.00 37.44
CA LEU E 65 -34.39 32.86 38.36
C LEU E 65 -34.01 31.55 37.70
N TRP E 66 -34.31 31.42 36.40
CA TRP E 66 -34.09 30.13 35.73
C TRP E 66 -32.63 29.82 35.58
N GLY E 67 -31.79 30.84 35.69
CA GLY E 67 -30.35 30.69 35.49
C GLY E 67 -29.56 30.47 36.76
N ASP E 68 -30.20 30.52 37.92
CA ASP E 68 -29.44 30.49 39.18
C ASP E 68 -29.21 29.07 39.66
N ALA E 69 -28.01 28.55 39.40
CA ALA E 69 -27.68 27.18 39.74
C ALA E 69 -27.46 27.00 41.24
N SER E 70 -27.03 28.04 41.94
CA SER E 70 -26.89 27.97 43.39
C SER E 70 -28.25 27.78 44.06
N PHE E 71 -29.22 28.58 43.66
CA PHE E 71 -30.53 28.49 44.27
C PHE E 71 -31.16 27.13 43.93
N ALA E 72 -30.99 26.68 42.70
CA ALA E 72 -31.53 25.39 42.29
C ALA E 72 -30.93 24.25 43.15
N SER E 73 -29.65 24.38 43.48
CA SER E 73 -28.96 23.38 44.29
C SER E 73 -29.35 23.47 45.77
N VAL E 74 -29.49 24.68 46.31
CA VAL E 74 -29.62 24.85 47.75
C VAL E 74 -31.08 24.90 48.22
N ALA E 75 -31.97 25.39 47.37
CA ALA E 75 -33.36 25.59 47.76
C ALA E 75 -34.06 24.34 48.33
N PRO E 76 -33.73 23.14 47.81
CA PRO E 76 -34.38 21.98 48.43
C PRO E 76 -34.05 21.80 49.92
N ALA E 77 -32.96 22.39 50.39
CA ALA E 77 -32.50 22.18 51.75
C ALA E 77 -32.96 23.29 52.68
N LEU E 78 -33.72 24.24 52.14
CA LEU E 78 -34.29 25.33 52.92
C LEU E 78 -35.79 25.10 53.11
N ARG E 79 -36.15 24.69 54.31
CA ARG E 79 -37.54 24.42 54.62
C ARG E 79 -38.05 25.43 55.64
N SER E 80 -39.29 25.86 55.48
CA SER E 80 -39.87 26.83 56.40
C SER E 80 -41.39 26.71 56.45
N ARG E 81 -41.97 27.13 57.57
CA ARG E 81 -43.41 27.17 57.73
C ARG E 81 -44.00 28.43 57.07
N CYS E 82 -43.14 29.37 56.70
CA CYS E 82 -43.63 30.65 56.19
C CYS E 82 -42.64 31.25 55.20
N VAL E 83 -43.09 31.38 53.95
CA VAL E 83 -42.25 31.76 52.82
C VAL E 83 -42.92 32.85 51.99
N VAL E 84 -42.14 33.84 51.52
CA VAL E 84 -42.61 34.79 50.51
C VAL E 84 -41.52 34.90 49.44
N ALA E 85 -41.90 34.68 48.18
CA ALA E 85 -40.91 34.73 47.10
C ALA E 85 -41.48 35.45 45.89
N ALA E 86 -40.59 36.00 45.06
CA ALA E 86 -41.03 36.78 43.92
C ALA E 86 -40.02 36.74 42.79
N VAL E 87 -40.53 36.84 41.58
CA VAL E 87 -39.69 37.07 40.41
C VAL E 87 -40.07 38.44 39.85
N ARG E 88 -39.06 39.23 39.48
CA ARG E 88 -39.26 40.63 39.16
C ARG E 88 -39.29 40.95 37.69
N SER E 89 -40.23 41.82 37.31
CA SER E 89 -40.18 42.48 36.02
C SER E 89 -40.00 43.96 36.30
N ALA E 90 -38.85 44.52 35.91
CA ALA E 90 -38.52 45.90 36.26
C ALA E 90 -39.21 46.88 35.31
N THR E 91 -39.78 47.91 35.92
N THR E 91 -39.60 48.05 35.81
CA THR E 91 -40.26 49.03 35.20
CA THR E 91 -40.52 48.97 35.07
C THR E 91 -39.02 49.80 34.79
C THR E 91 -39.90 50.05 34.12
N ILE E 92 -38.76 49.77 33.50
CA ILE E 92 -37.94 50.78 32.80
C ILE E 92 -37.49 51.98 33.66
N GLY E 93 -36.18 52.22 33.68
CA GLY E 93 -35.62 53.30 34.48
C GLY E 93 -35.24 52.90 35.89
N MSE E 94 -35.86 51.82 36.39
CA MSE E 94 -35.60 51.38 37.76
C MSE E 94 -34.36 50.51 37.81
O MSE E 94 -34.09 49.73 36.90
CB MSE E 94 -36.80 50.62 38.31
CG MSE E 94 -38.08 51.43 38.45
SE MSE E 94 -38.02 52.83 39.81
CE MSE E 94 -39.63 53.82 39.28
H MSE E 94 -36.42 51.34 35.96
HA MSE E 94 -35.47 52.16 38.32
HB2 MSE E 94 -37.00 49.88 37.71
HB3 MSE E 94 -36.58 50.27 39.19
HG2 MSE E 94 -38.27 51.85 37.59
HG3 MSE E 94 -38.80 50.84 38.68
HE1 MSE E 94 -40.40 53.22 39.35
HE2 MSE E 94 -39.75 54.58 39.88
HE3 MSE E 94 -39.53 54.13 38.38
N SER E 95 -33.59 50.67 38.89
CA SER E 95 -32.37 49.87 39.07
C SER E 95 -32.69 48.38 39.11
N ILE E 96 -31.84 47.59 38.46
CA ILE E 96 -31.96 46.14 38.54
C ILE E 96 -30.79 45.64 39.39
N GLU E 97 -31.08 45.43 40.66
CA GLU E 97 -30.06 45.04 41.61
C GLU E 97 -30.77 44.34 42.77
N PRO E 98 -30.02 43.51 43.53
CA PRO E 98 -30.68 42.66 44.52
C PRO E 98 -31.51 43.44 45.54
N SER E 99 -31.07 44.62 45.93
CA SER E 99 -31.78 45.41 46.93
C SER E 99 -33.14 45.86 46.44
N ALA E 100 -33.33 45.85 45.12
CA ALA E 100 -34.60 46.27 44.54
C ALA E 100 -35.55 45.09 44.32
N SER E 101 -35.08 43.87 44.55
CA SER E 101 -35.93 42.70 44.40
C SER E 101 -36.71 42.46 45.69
N ALA E 102 -37.97 42.09 45.55
CA ALA E 102 -38.76 41.60 46.68
C ALA E 102 -38.20 40.24 47.09
N PRO E 103 -38.40 39.84 48.35
CA PRO E 103 -39.13 40.55 49.40
C PRO E 103 -38.28 41.57 50.15
N PHE E 104 -38.95 42.67 50.50
CA PHE E 104 -38.41 43.67 51.41
C PHE E 104 -38.73 43.23 52.83
N SER E 105 -38.07 43.83 53.81
CA SER E 105 -38.26 43.38 55.19
C SER E 105 -38.03 44.50 56.17
N ASP E 106 -38.82 44.52 57.25
CA ASP E 106 -38.55 45.42 58.35
C ASP E 106 -38.09 44.64 59.58
N GLY E 107 -37.76 43.38 59.39
CA GLY E 107 -37.31 42.52 60.48
C GLY E 107 -38.39 41.58 60.99
N GLN E 108 -39.65 42.00 60.95
CA GLN E 108 -40.76 41.15 61.39
C GLN E 108 -41.61 40.67 60.22
N TRP E 109 -41.72 41.52 59.20
CA TRP E 109 -42.48 41.21 57.99
C TRP E 109 -41.61 41.11 56.76
N LEU E 110 -41.94 40.14 55.91
CA LEU E 110 -41.46 40.10 54.52
C LEU E 110 -42.56 40.61 53.63
N LEU E 111 -42.20 41.40 52.62
CA LEU E 111 -43.20 42.02 51.76
C LEU E 111 -42.77 42.08 50.30
N SER E 112 -43.71 41.71 49.44
CA SER E 112 -43.53 41.80 47.99
C SER E 112 -44.62 42.69 47.39
N HIS E 113 -44.22 43.51 46.43
CA HIS E 113 -45.14 44.34 45.67
C HIS E 113 -45.10 43.98 44.19
N ASN E 114 -46.28 43.69 43.64
CA ASN E 114 -46.47 43.53 42.20
C ASN E 114 -47.31 44.68 41.70
N GLY E 115 -46.71 45.60 40.97
CA GLY E 115 -47.47 46.68 40.40
C GLY E 115 -46.66 47.87 40.00
N LEU E 116 -47.25 49.04 40.18
CA LEU E 116 -46.70 50.29 39.71
C LEU E 116 -47.30 51.42 40.52
N VAL E 117 -46.46 52.35 40.96
CA VAL E 117 -46.95 53.58 41.56
C VAL E 117 -45.99 54.73 41.21
N ALA E 118 -46.56 55.85 40.80
CA ALA E 118 -45.77 57.05 40.54
C ALA E 118 -45.08 57.48 41.84
N ARG E 119 -43.76 57.56 41.83
CA ARG E 119 -43.00 57.75 43.07
C ARG E 119 -43.33 59.06 43.79
N GLY E 120 -43.51 60.14 43.03
CA GLY E 120 -43.79 61.45 43.61
C GLY E 120 -45.03 61.44 44.49
N VAL E 121 -45.84 60.37 44.38
CA VAL E 121 -47.06 60.24 45.15
C VAL E 121 -46.77 59.83 46.59
N LEU E 122 -45.69 59.07 46.78
CA LEU E 122 -45.35 58.50 48.08
C LEU E 122 -44.45 59.42 48.89
N PRO E 123 -44.51 59.33 50.23
CA PRO E 123 -43.64 60.19 51.04
C PRO E 123 -42.15 59.88 50.87
N LEU E 124 -41.31 60.88 51.00
CA LEU E 124 -39.88 60.64 51.11
C LEU E 124 -39.61 59.82 52.36
N THR E 125 -38.56 59.02 52.34
CA THR E 125 -38.22 58.16 53.46
C THR E 125 -36.70 57.98 53.53
N GLY E 126 -36.21 57.74 54.74
CA GLY E 126 -34.82 57.37 54.94
C GLY E 126 -34.69 55.88 55.21
N ALA E 127 -35.80 55.16 55.09
CA ALA E 127 -35.89 53.76 55.55
C ALA E 127 -36.08 52.76 54.42
N ALA E 128 -35.97 53.19 53.18
CA ALA E 128 -36.17 52.26 52.06
C ALA E 128 -34.89 51.48 51.79
N GLU E 129 -35.04 50.25 51.29
CA GLU E 129 -33.90 49.38 50.99
C GLU E 129 -33.30 49.66 49.62
N SER E 130 -34.07 50.39 48.80
CA SER E 130 -33.66 50.74 47.45
C SER E 130 -34.41 52.00 47.02
N THR E 131 -34.08 52.49 45.84
CA THR E 131 -34.67 53.71 45.30
C THR E 131 -35.92 53.42 44.50
N VAL E 132 -36.12 52.16 44.16
CA VAL E 132 -37.18 51.80 43.24
C VAL E 132 -38.54 51.95 43.91
N ASP E 133 -39.56 52.18 43.09
CA ASP E 133 -40.91 52.47 43.57
C ASP E 133 -41.42 51.47 44.59
N SER E 134 -41.22 50.18 44.32
CA SER E 134 -41.70 49.15 45.23
C SER E 134 -41.08 49.23 46.62
N ALA E 135 -39.81 49.63 46.70
CA ALA E 135 -39.14 49.73 47.99
C ALA E 135 -39.66 50.94 48.79
N ILE E 136 -39.98 52.01 48.09
CA ILE E 136 -40.51 53.22 48.72
C ILE E 136 -41.90 52.92 49.25
N LEU E 137 -42.67 52.14 48.51
CA LEU E 137 -44.00 51.71 48.94
C LEU E 137 -43.88 50.76 50.13
N ALA E 138 -42.91 49.86 50.10
CA ALA E 138 -42.69 48.94 51.19
C ALA E 138 -42.44 49.72 52.48
N ALA E 139 -41.60 50.74 52.38
CA ALA E 139 -41.23 51.54 53.54
C ALA E 139 -42.45 52.25 54.13
N LEU E 140 -43.32 52.76 53.26
CA LEU E 140 -44.58 53.36 53.71
C LEU E 140 -45.46 52.35 54.44
N ILE E 141 -45.65 51.18 53.82
CA ILE E 141 -46.47 50.14 54.41
C ILE E 141 -45.94 49.72 55.78
N PHE E 142 -44.63 49.54 55.87
CA PHE E 142 -44.03 49.15 57.16
C PHE E 142 -44.21 50.25 58.20
N SER E 143 -44.07 51.50 57.76
N SER E 143 -44.11 51.50 57.77
CA SER E 143 -44.20 52.64 58.67
CA SER E 143 -44.18 52.63 58.69
C SER E 143 -45.59 52.68 59.28
C SER E 143 -45.59 52.87 59.22
N ARG E 144 -46.60 52.49 58.46
CA ARG E 144 -48.00 52.57 58.92
C ARG E 144 -48.40 51.31 59.69
N GLY E 145 -47.67 50.22 59.46
CA GLY E 145 -47.94 48.95 60.12
C GLY E 145 -48.85 48.06 59.28
N LEU E 146 -48.66 46.74 59.35
CA LEU E 146 -49.38 45.84 58.47
C LEU E 146 -50.85 45.71 58.89
N ASP E 147 -51.17 46.04 60.13
CA ASP E 147 -52.57 46.02 60.54
C ASP E 147 -53.35 47.14 59.86
N ALA E 148 -52.62 48.05 59.22
CA ALA E 148 -53.21 49.15 58.49
C ALA E 148 -53.03 48.99 56.99
N LEU E 149 -52.64 47.79 56.55
CA LEU E 149 -52.35 47.57 55.14
C LEU E 149 -53.50 47.97 54.22
N GLY E 150 -54.72 47.53 54.56
CA GLY E 150 -55.88 47.85 53.74
C GLY E 150 -56.10 49.34 53.56
N ALA E 151 -55.93 50.10 54.63
CA ALA E 151 -56.11 51.53 54.58
C ALA E 151 -54.97 52.19 53.82
N THR E 152 -53.76 51.70 54.00
CA THR E 152 -52.60 52.28 53.34
C THR E 152 -52.74 52.14 51.83
N ILE E 153 -53.14 50.95 51.40
CA ILE E 153 -53.27 50.68 49.97
C ILE E 153 -54.43 51.48 49.38
N ALA E 154 -55.55 51.58 50.09
CA ALA E 154 -56.67 52.38 49.60
C ALA E 154 -56.27 53.83 49.44
N GLU E 155 -55.46 54.33 50.39
CA GLU E 155 -54.98 55.70 50.34
C GLU E 155 -54.09 55.94 49.12
N VAL E 156 -53.10 55.09 48.93
CA VAL E 156 -52.19 55.24 47.79
C VAL E 156 -52.99 55.10 46.49
N GLY E 157 -53.96 54.19 46.50
CA GLY E 157 -54.79 53.95 45.33
C GLY E 157 -55.63 55.16 44.96
N GLU E 158 -55.97 55.99 45.95
CA GLU E 158 -56.72 57.21 45.70
C GLU E 158 -55.80 58.33 45.21
N LEU E 159 -54.55 58.35 45.69
CA LEU E 159 -53.58 59.35 45.24
C LEU E 159 -53.13 59.11 43.81
N ASP E 160 -52.99 57.84 43.43
CA ASP E 160 -52.57 57.44 42.09
C ASP E 160 -53.60 56.45 41.52
N PRO E 161 -54.61 56.96 40.81
CA PRO E 161 -55.64 56.06 40.27
C PRO E 161 -55.12 55.06 39.25
N ASN E 162 -53.91 55.27 38.72
CA ASN E 162 -53.32 54.30 37.81
C ASN E 162 -52.44 53.29 38.53
N ALA E 163 -52.28 53.45 39.84
CA ALA E 163 -51.40 52.57 40.59
C ALA E 163 -51.91 51.14 40.61
N ARG E 164 -50.99 50.18 40.55
CA ARG E 164 -51.30 48.79 40.78
C ARG E 164 -50.58 48.40 42.06
N LEU E 165 -51.34 47.86 43.01
CA LEU E 165 -50.86 47.74 44.39
C LEU E 165 -51.11 46.35 44.97
N ASN E 166 -50.68 45.33 44.25
CA ASN E 166 -50.76 43.99 44.75
C ASN E 166 -49.65 43.73 45.74
N ILE E 167 -50.04 43.53 47.01
CA ILE E 167 -49.09 43.23 48.07
C ILE E 167 -49.22 41.79 48.52
N LEU E 168 -48.10 41.17 48.88
CA LEU E 168 -48.10 39.88 49.55
C LEU E 168 -47.07 39.95 50.66
N ALA E 169 -47.52 39.71 51.90
CA ALA E 169 -46.67 39.88 53.08
C ALA E 169 -46.87 38.77 54.09
N ALA E 170 -45.86 38.55 54.93
CA ALA E 170 -45.92 37.47 55.91
C ALA E 170 -45.01 37.79 57.09
N ASN E 171 -45.40 37.31 58.26
CA ASN E 171 -44.63 37.55 59.47
C ASN E 171 -44.28 36.28 60.23
N GLY E 172 -44.42 35.12 59.58
CA GLY E 172 -44.07 33.85 60.20
C GLY E 172 -45.27 33.06 60.68
N SER E 173 -46.34 33.77 61.03
CA SER E 173 -47.56 33.11 61.50
C SER E 173 -48.82 33.70 60.86
N ARG E 174 -48.65 34.69 59.99
CA ARG E 174 -49.76 35.28 59.23
C ARG E 174 -49.34 35.62 57.81
N LEU E 175 -50.29 35.56 56.88
CA LEU E 175 -50.15 36.17 55.57
C LEU E 175 -51.14 37.32 55.42
N LEU E 176 -50.70 38.35 54.70
CA LEU E 176 -51.59 39.43 54.29
C LEU E 176 -51.35 39.68 52.80
N ALA E 177 -52.42 40.00 52.08
CA ALA E 177 -52.29 40.33 50.68
C ALA E 177 -53.37 41.29 50.24
N THR E 178 -53.07 42.06 49.21
CA THR E 178 -54.07 42.89 48.56
C THR E 178 -54.09 42.60 47.07
N THR E 179 -55.29 42.64 46.51
CA THR E 179 -55.47 42.70 45.08
C THR E 179 -55.84 44.14 44.76
N TRP E 180 -55.07 44.77 43.87
CA TRP E 180 -55.35 46.12 43.47
C TRP E 180 -54.78 46.33 42.08
N GLY E 181 -55.45 45.75 41.09
CA GLY E 181 -55.06 45.91 39.69
C GLY E 181 -54.41 44.69 39.07
N ASP E 182 -54.17 43.64 39.86
CA ASP E 182 -53.53 42.45 39.32
C ASP E 182 -54.02 41.21 40.07
N THR E 183 -53.51 40.06 39.64
CA THR E 183 -54.12 38.78 39.99
C THR E 183 -53.63 38.21 41.33
N LEU E 184 -54.53 37.53 42.04
CA LEU E 184 -54.17 36.69 43.18
C LEU E 184 -55.08 35.47 43.29
N SER E 185 -54.49 34.30 43.54
CA SER E 185 -55.22 33.06 43.74
C SER E 185 -54.81 32.41 45.06
N VAL E 186 -55.70 31.59 45.60
CA VAL E 186 -55.45 30.92 46.86
C VAL E 186 -55.65 29.41 46.73
N LEU E 187 -54.76 28.65 47.36
CA LEU E 187 -54.88 27.21 47.43
C LEU E 187 -54.82 26.80 48.89
N ARG E 188 -55.92 26.21 49.37
CA ARG E 188 -55.97 25.68 50.74
C ARG E 188 -55.65 24.20 50.77
N ARG E 189 -54.38 23.85 51.02
CA ARG E 189 -54.00 22.45 51.16
C ARG E 189 -54.32 21.97 52.58
N PRO E 190 -54.34 20.66 52.79
CA PRO E 190 -54.56 20.18 54.16
C PRO E 190 -53.46 20.63 55.14
N ASP E 191 -52.24 20.86 54.64
CA ASP E 191 -51.12 21.22 55.52
C ASP E 191 -50.75 22.71 55.50
N GLY E 192 -51.51 23.52 54.77
CA GLY E 192 -51.26 24.95 54.75
C GLY E 192 -51.90 25.68 53.59
N VAL E 193 -51.61 26.98 53.50
CA VAL E 193 -52.23 27.85 52.50
C VAL E 193 -51.19 28.49 51.59
N VAL E 194 -51.47 28.47 50.29
CA VAL E 194 -50.66 29.18 49.30
C VAL E 194 -51.43 30.37 48.78
N LEU E 195 -50.76 31.51 48.71
CA LEU E 195 -51.26 32.68 48.02
C LEU E 195 -50.30 32.95 46.88
N ALA E 196 -50.82 33.21 45.69
CA ALA E 196 -49.96 33.35 44.53
C ALA E 196 -50.58 34.24 43.46
N SER E 197 -49.73 34.99 42.77
CA SER E 197 -50.15 35.76 41.61
C SER E 197 -50.90 34.89 40.61
N GLU E 198 -50.39 33.68 40.37
CA GLU E 198 -51.10 32.70 39.55
C GLU E 198 -50.92 31.30 40.12
N PRO E 199 -51.92 30.43 39.91
CA PRO E 199 -51.79 29.03 40.33
C PRO E 199 -50.53 28.38 39.78
N TYR E 200 -49.87 27.55 40.57
CA TYR E 200 -48.62 26.95 40.11
C TYR E 200 -48.81 25.56 39.50
N ASP E 201 -50.06 25.11 39.49
CA ASP E 201 -50.45 23.90 38.79
C ASP E 201 -51.94 24.00 38.48
N ASP E 202 -52.58 22.89 38.14
CA ASP E 202 -54.00 22.92 37.80
C ASP E 202 -54.85 22.23 38.87
N ASP E 203 -54.39 22.29 40.12
CA ASP E 203 -55.12 21.75 41.26
C ASP E 203 -56.51 22.36 41.32
N PRO E 204 -57.56 21.53 41.39
CA PRO E 204 -58.92 22.10 41.40
C PRO E 204 -59.21 22.93 42.65
N GLY E 205 -58.35 22.83 43.65
CA GLY E 205 -58.50 23.61 44.88
C GLY E 205 -58.20 25.09 44.73
N TRP E 206 -57.55 25.49 43.64
CA TRP E 206 -57.23 26.89 43.41
C TRP E 206 -58.49 27.74 43.20
N SER E 207 -58.54 28.90 43.85
CA SER E 207 -59.61 29.85 43.59
C SER E 207 -59.06 31.27 43.52
N ASP E 208 -59.69 32.08 42.69
CA ASP E 208 -59.21 33.44 42.45
C ASP E 208 -59.86 34.44 43.41
N ILE E 209 -59.04 35.34 43.91
CA ILE E 209 -59.49 36.47 44.72
C ILE E 209 -59.87 37.63 43.81
N PRO E 210 -61.08 38.20 43.98
CA PRO E 210 -61.41 39.32 43.10
C PRO E 210 -60.57 40.54 43.40
N ASP E 211 -60.52 41.46 42.44
CA ASP E 211 -59.71 42.67 42.59
C ASP E 211 -60.24 43.55 43.72
N ARG E 212 -59.35 44.39 44.26
CA ARG E 212 -59.70 45.35 45.32
C ARG E 212 -60.19 44.65 46.59
N HIS E 213 -59.46 43.62 46.99
CA HIS E 213 -59.73 42.92 48.25
C HIS E 213 -58.47 42.77 49.08
N LEU E 214 -58.68 42.55 50.37
CA LEU E 214 -57.65 42.22 51.32
C LEU E 214 -57.81 40.76 51.71
N VAL E 215 -56.70 40.04 51.77
CA VAL E 215 -56.69 38.64 52.17
C VAL E 215 -55.85 38.48 53.43
N ASP E 216 -56.45 37.85 54.44
CA ASP E 216 -55.82 37.67 55.75
C ASP E 216 -55.83 36.17 56.08
N VAL E 217 -54.64 35.58 56.24
CA VAL E 217 -54.50 34.17 56.56
C VAL E 217 -53.83 33.99 57.90
N ARG E 218 -54.53 33.37 58.84
CA ARG E 218 -53.96 33.10 60.14
C ARG E 218 -54.74 31.98 60.81
N ASP E 219 -54.05 31.15 61.61
CA ASP E 219 -54.67 30.03 62.29
C ASP E 219 -55.48 29.18 61.31
N ALA E 220 -54.91 28.98 60.12
CA ALA E 220 -55.49 28.16 59.05
C ALA E 220 -56.77 28.74 58.44
N HIS E 221 -57.22 29.89 58.94
CA HIS E 221 -58.42 30.55 58.41
C HIS E 221 -58.05 31.59 57.36
N VAL E 222 -58.82 31.64 56.27
CA VAL E 222 -58.63 32.66 55.24
C VAL E 222 -59.81 33.62 55.27
N VAL E 223 -59.53 34.89 55.47
CA VAL E 223 -60.56 35.93 55.47
C VAL E 223 -60.31 36.90 54.31
N VAL E 224 -61.34 37.07 53.49
CA VAL E 224 -61.27 37.91 52.30
C VAL E 224 -62.27 39.05 52.47
N THR E 225 -61.80 40.28 52.34
CA THR E 225 -62.65 41.44 52.62
C THR E 225 -62.44 42.52 51.56
N PRO E 226 -63.51 43.23 51.22
CA PRO E 226 -63.38 44.24 50.17
C PRO E 226 -62.68 45.47 50.71
N LEU E 227 -61.91 46.15 49.87
CA LEU E 227 -61.21 47.35 50.30
C LEU E 227 -61.96 48.63 49.96
N SER E 228 -61.63 49.68 50.70
CA SER E 228 -62.26 50.98 50.51
C SER E 228 -61.90 51.56 49.15
N SER E 229 -62.91 51.68 48.28
CA SER E 229 -62.72 52.26 46.95
C SER E 229 -63.51 53.56 46.82
N CYS F 2 13.21 -37.80 -45.36
CA CYS F 2 13.34 -37.51 -43.93
C CYS F 2 13.51 -36.02 -43.64
N ARG F 3 13.24 -35.67 -42.40
CA ARG F 3 13.52 -34.32 -41.89
C ARG F 3 14.25 -34.48 -40.58
N HIS F 4 15.21 -33.61 -40.29
CA HIS F 4 15.87 -33.69 -39.00
C HIS F 4 16.10 -32.30 -38.41
N VAL F 5 16.38 -32.31 -37.12
CA VAL F 5 16.61 -31.09 -36.38
C VAL F 5 17.65 -31.37 -35.32
N ALA F 6 18.44 -30.35 -35.00
CA ALA F 6 19.42 -30.45 -33.93
C ALA F 6 19.44 -29.19 -33.12
N TRP F 7 19.77 -29.35 -31.85
CA TRP F 7 19.89 -28.25 -30.90
C TRP F 7 21.23 -28.32 -30.23
N LEU F 8 21.88 -27.18 -30.05
CA LEU F 8 23.06 -27.09 -29.19
C LEU F 8 22.99 -25.78 -28.41
N GLY F 9 22.91 -25.88 -27.09
CA GLY F 9 22.88 -24.70 -26.25
C GLY F 9 22.36 -24.99 -24.86
N ALA F 10 21.72 -24.00 -24.23
CA ALA F 10 21.12 -24.20 -22.91
C ALA F 10 20.12 -25.35 -22.96
N PRO F 11 19.96 -26.09 -21.84
CA PRO F 11 19.07 -27.25 -21.88
C PRO F 11 17.67 -26.91 -22.38
N ARG F 12 17.19 -27.78 -23.26
CA ARG F 12 15.88 -27.65 -23.89
C ARG F 12 15.20 -29.02 -23.87
N SER F 13 13.89 -29.09 -23.65
CA SER F 13 13.24 -30.41 -23.63
C SER F 13 13.07 -30.93 -25.05
N LEU F 14 13.04 -32.25 -25.19
CA LEU F 14 12.77 -32.87 -26.49
C LEU F 14 11.42 -32.41 -27.03
N ALA F 15 10.45 -32.27 -26.13
CA ALA F 15 9.13 -31.82 -26.53
C ALA F 15 9.19 -30.40 -27.09
N ASP F 16 9.94 -29.55 -26.39
CA ASP F 16 10.06 -28.16 -26.79
C ASP F 16 10.64 -28.04 -28.20
N LEU F 17 11.56 -28.94 -28.53
CA LEU F 17 12.26 -28.87 -29.81
C LEU F 17 11.50 -29.55 -30.95
N VAL F 18 10.83 -30.66 -30.62
CA VAL F 18 10.31 -31.59 -31.60
C VAL F 18 8.79 -31.56 -31.73
N LEU F 19 8.09 -31.48 -30.60
CA LEU F 19 6.63 -31.63 -30.59
C LEU F 19 5.88 -30.31 -30.54
N ASP F 20 6.45 -29.31 -29.88
CA ASP F 20 5.71 -28.09 -29.55
C ASP F 20 5.73 -27.00 -30.63
N PRO F 21 6.81 -26.88 -31.41
CA PRO F 21 6.77 -25.80 -32.41
C PRO F 21 5.62 -25.99 -33.41
N PRO F 22 5.09 -24.89 -33.96
CA PRO F 22 3.92 -24.97 -34.84
C PRO F 22 4.21 -25.63 -36.17
N GLN F 23 5.48 -25.68 -36.57
CA GLN F 23 5.87 -26.35 -37.81
C GLN F 23 7.10 -27.23 -37.61
N GLY F 24 7.24 -27.79 -36.42
CA GLY F 24 8.41 -28.59 -36.08
C GLY F 24 8.32 -30.01 -36.60
N LEU F 25 9.19 -30.86 -36.07
CA LEU F 25 9.34 -32.22 -36.60
C LEU F 25 8.03 -33.02 -36.53
N LEU F 26 7.28 -32.86 -35.45
CA LEU F 26 5.99 -33.53 -35.35
C LEU F 26 5.10 -33.16 -36.53
N VAL F 27 4.97 -31.87 -36.81
CA VAL F 27 4.13 -31.44 -37.91
C VAL F 27 4.73 -31.93 -39.23
N GLN F 28 6.05 -31.97 -39.32
CA GLN F 28 6.73 -32.38 -40.55
C GLN F 28 6.57 -33.87 -40.85
N SER F 29 6.14 -34.63 -39.86
CA SER F 29 5.91 -36.06 -40.05
C SER F 29 4.73 -36.30 -40.99
N TYR F 30 3.79 -35.35 -41.06
CA TYR F 30 2.63 -35.48 -41.95
C TYR F 30 2.40 -34.29 -42.87
N ALA F 31 3.07 -33.17 -42.60
CA ALA F 31 2.87 -31.96 -43.39
C ALA F 31 4.12 -31.09 -43.46
N PRO F 32 5.20 -31.62 -44.04
CA PRO F 32 6.44 -30.86 -44.22
C PRO F 32 6.21 -29.69 -45.18
N ARG F 33 7.07 -28.67 -45.10
CA ARG F 33 6.86 -27.45 -45.89
C ARG F 33 7.88 -27.26 -47.01
N ARG F 34 9.02 -27.94 -46.92
CA ARG F 34 10.10 -27.74 -47.87
C ARG F 34 10.70 -29.07 -48.32
N GLN F 35 9.85 -30.09 -48.38
CA GLN F 35 10.32 -31.43 -48.71
C GLN F 35 10.07 -31.73 -50.17
N LYS F 36 11.16 -31.94 -50.92
CA LYS F 36 11.06 -32.24 -52.34
C LYS F 36 10.82 -33.73 -52.59
N HIS F 37 11.35 -34.57 -51.71
CA HIS F 37 11.24 -36.02 -51.85
C HIS F 37 10.41 -36.65 -50.74
N GLY F 38 9.23 -37.13 -51.11
CA GLY F 38 8.28 -37.68 -50.14
C GLY F 38 7.29 -36.61 -49.73
N LEU F 39 6.06 -37.02 -49.44
CA LEU F 39 5.01 -36.10 -49.00
C LEU F 39 4.91 -36.08 -47.49
N MSE F 40 5.72 -36.91 -46.87
CA MSE F 40 5.59 -37.19 -45.45
C MSE F 40 6.75 -37.97 -44.92
O MSE F 40 7.59 -38.45 -45.68
CB MSE F 40 4.34 -37.98 -45.22
CG MSE F 40 4.42 -39.37 -45.86
SE MSE F 40 2.74 -40.32 -45.75
CE MSE F 40 1.80 -38.96 -44.71
H MSE F 40 6.37 -37.35 -47.25
HA MSE F 40 5.52 -36.34 -44.97
HB2 MSE F 40 4.21 -38.08 -44.27
HB3 MSE F 40 3.59 -37.50 -45.62
HG2 MSE F 40 4.66 -39.28 -46.79
HG3 MSE F 40 5.09 -39.89 -45.40
HE1 MSE F 40 2.26 -38.84 -43.87
HE2 MSE F 40 0.90 -39.27 -44.55
HE3 MSE F 40 1.78 -38.14 -45.22
N ASN F 41 6.76 -38.14 -43.62
CA ASN F 41 7.84 -38.82 -42.93
C ASN F 41 7.23 -39.64 -41.81
N ALA F 42 6.59 -40.75 -42.19
CA ALA F 42 5.77 -41.54 -41.29
C ALA F 42 6.38 -42.90 -40.96
N ASP F 43 7.57 -43.18 -41.51
CA ASP F 43 8.18 -44.51 -41.40
C ASP F 43 9.14 -44.61 -40.23
N GLY F 44 8.73 -44.05 -39.10
CA GLY F 44 9.52 -44.08 -37.90
C GLY F 44 10.12 -42.72 -37.57
N TRP F 45 10.84 -42.68 -36.44
CA TRP F 45 11.47 -41.47 -35.97
C TRP F 45 12.53 -41.82 -34.95
N GLY F 46 13.36 -40.86 -34.61
CA GLY F 46 14.29 -41.04 -33.51
C GLY F 46 14.65 -39.72 -32.89
N ALA F 47 14.93 -39.77 -31.59
CA ALA F 47 15.39 -38.61 -30.84
C ALA F 47 16.57 -39.02 -30.01
N GLY F 48 17.70 -38.39 -30.29
CA GLY F 48 18.92 -38.63 -29.54
C GLY F 48 19.30 -37.39 -28.78
N PHE F 49 19.91 -37.59 -27.63
CA PHE F 49 20.34 -36.46 -26.83
C PHE F 49 21.50 -36.88 -25.96
N PHE F 50 22.21 -35.88 -25.45
CA PHE F 50 23.29 -36.11 -24.52
C PHE F 50 22.82 -35.71 -23.14
N ASP F 51 22.96 -36.63 -22.18
CA ASP F 51 22.46 -36.35 -20.85
C ASP F 51 23.47 -35.49 -20.12
N ASP F 52 23.18 -35.17 -18.86
CA ASP F 52 24.02 -34.26 -18.08
C ASP F 52 25.47 -34.74 -17.97
N ASP F 53 25.65 -36.04 -18.10
CA ASP F 53 26.97 -36.65 -17.94
C ASP F 53 27.67 -36.88 -19.28
N GLY F 54 27.08 -36.37 -20.36
CA GLY F 54 27.69 -36.44 -21.68
C GLY F 54 27.47 -37.77 -22.39
N VAL F 55 26.58 -38.59 -21.86
CA VAL F 55 26.30 -39.90 -22.45
C VAL F 55 25.24 -39.75 -23.53
N ALA F 56 25.52 -40.30 -24.70
CA ALA F 56 24.56 -40.29 -25.80
C ALA F 56 23.46 -41.29 -25.56
N ARG F 57 22.22 -40.80 -25.61
CA ARG F 57 21.05 -41.64 -25.37
C ARG F 57 20.10 -41.46 -26.55
N ARG F 58 19.33 -42.51 -26.84
CA ARG F 58 18.46 -42.52 -28.02
C ARG F 58 17.15 -43.26 -27.80
N TRP F 59 16.09 -42.68 -28.35
CA TRP F 59 14.77 -43.28 -28.43
C TRP F 59 14.43 -43.35 -29.91
N ARG F 60 14.16 -44.56 -30.40
CA ARG F 60 13.85 -44.73 -31.81
C ARG F 60 12.65 -45.64 -32.00
N SER F 61 11.94 -45.39 -33.09
CA SER F 61 10.71 -46.11 -33.39
C SER F 61 10.55 -46.31 -34.90
N ASP F 62 9.72 -47.29 -35.26
CA ASP F 62 9.39 -47.56 -36.65
C ASP F 62 7.97 -47.10 -37.00
N LYS F 63 7.30 -46.44 -36.06
CA LYS F 63 5.93 -45.95 -36.23
C LYS F 63 5.87 -44.43 -36.40
N PRO F 64 4.74 -43.91 -36.86
CA PRO F 64 4.65 -42.47 -37.10
C PRO F 64 4.78 -41.67 -35.80
N LEU F 65 5.55 -40.59 -35.84
CA LEU F 65 5.80 -39.78 -34.65
C LEU F 65 4.51 -39.26 -34.01
N TRP F 66 3.54 -38.89 -34.83
CA TRP F 66 2.32 -38.29 -34.31
C TRP F 66 1.49 -39.28 -33.48
N GLY F 67 1.79 -40.56 -33.64
CA GLY F 67 1.00 -41.60 -33.00
C GLY F 67 1.52 -42.10 -31.67
N ASP F 68 2.67 -41.58 -31.21
CA ASP F 68 3.34 -42.18 -30.06
C ASP F 68 2.97 -41.46 -28.76
N ALA F 69 2.07 -42.06 -28.00
CA ALA F 69 1.58 -41.42 -26.78
C ALA F 69 2.64 -41.42 -25.68
N SER F 70 3.50 -42.44 -25.66
CA SER F 70 4.59 -42.47 -24.66
C SER F 70 5.56 -41.31 -24.86
N PHE F 71 6.00 -41.08 -26.09
CA PHE F 71 6.93 -39.99 -26.35
C PHE F 71 6.27 -38.63 -26.03
N ALA F 72 5.00 -38.48 -26.36
CA ALA F 72 4.30 -37.23 -26.09
C ALA F 72 4.22 -36.99 -24.58
N SER F 73 4.12 -38.08 -23.82
CA SER F 73 4.03 -37.97 -22.38
C SER F 73 5.38 -37.71 -21.73
N VAL F 74 6.42 -38.38 -22.24
CA VAL F 74 7.73 -38.39 -21.58
C VAL F 74 8.66 -37.28 -22.09
N ALA F 75 8.53 -36.89 -23.34
CA ALA F 75 9.47 -35.94 -23.93
C ALA F 75 9.59 -34.61 -23.18
N PRO F 76 8.49 -34.10 -22.58
CA PRO F 76 8.64 -32.85 -21.84
C PRO F 76 9.60 -32.96 -20.66
N ALA F 77 9.86 -34.19 -20.23
CA ALA F 77 10.68 -34.45 -19.04
C ALA F 77 12.13 -34.76 -19.40
N LEU F 78 12.43 -34.81 -20.69
CA LEU F 78 13.78 -35.06 -21.16
C LEU F 78 14.43 -33.78 -21.68
N ARG F 79 15.32 -33.20 -20.88
CA ARG F 79 16.00 -31.95 -21.24
C ARG F 79 17.47 -32.20 -21.54
N SER F 80 17.98 -31.49 -22.54
CA SER F 80 19.35 -31.69 -22.98
C SER F 80 19.92 -30.45 -23.64
N ARG F 81 21.22 -30.27 -23.47
CA ARG F 81 22.00 -29.25 -24.18
C ARG F 81 22.22 -29.56 -25.65
N CYS F 82 21.98 -30.81 -26.05
CA CYS F 82 22.41 -31.26 -27.36
C CYS F 82 21.54 -32.41 -27.84
N VAL F 83 20.79 -32.13 -28.90
CA VAL F 83 19.77 -33.04 -29.40
C VAL F 83 19.92 -33.19 -30.91
N VAL F 84 19.67 -34.40 -31.41
CA VAL F 84 19.54 -34.67 -32.84
C VAL F 84 18.34 -35.58 -32.99
N ALA F 85 17.34 -35.13 -33.75
CA ALA F 85 16.13 -35.92 -33.93
C ALA F 85 15.73 -35.93 -35.39
N ALA F 86 15.01 -36.96 -35.80
CA ALA F 86 14.61 -37.09 -37.20
C ALA F 86 13.31 -37.87 -37.34
N VAL F 87 12.56 -37.54 -38.40
CA VAL F 87 11.39 -38.32 -38.79
C VAL F 87 11.72 -38.90 -40.14
N ARG F 88 11.40 -40.19 -40.32
CA ARG F 88 11.89 -40.92 -41.48
C ARG F 88 10.85 -41.10 -42.56
N SER F 89 11.29 -40.93 -43.80
CA SER F 89 10.55 -41.43 -44.94
C SER F 89 11.40 -42.48 -45.62
N ALA F 90 10.87 -43.69 -45.70
CA ALA F 90 11.63 -44.83 -46.21
C ALA F 90 11.44 -44.99 -47.69
N THR F 91 12.55 -45.21 -48.39
CA THR F 91 12.51 -45.51 -49.82
C THR F 91 12.09 -46.97 -49.99
N ILE F 92 11.46 -47.27 -51.12
CA ILE F 92 10.97 -48.62 -51.41
C ILE F 92 12.00 -49.69 -51.09
N GLY F 93 11.55 -50.77 -50.46
CA GLY F 93 12.40 -51.92 -50.19
C GLY F 93 13.26 -51.82 -48.95
N MSE F 94 13.47 -50.61 -48.44
CA MSE F 94 14.26 -50.44 -47.22
C MSE F 94 13.45 -50.91 -46.01
O MSE F 94 12.24 -50.64 -45.92
CB MSE F 94 14.68 -48.98 -47.03
CG MSE F 94 15.61 -48.44 -48.12
SE MSE F 94 17.36 -49.30 -48.14
CE MSE F 94 18.28 -48.10 -49.36
H MSE F 94 13.19 -49.88 -48.78
HA MSE F 94 15.06 -50.98 -47.28
HB2 MSE F 94 13.88 -48.43 -47.03
HB3 MSE F 94 15.14 -48.89 -46.18
HG2 MSE F 94 15.19 -48.59 -48.98
HG3 MSE F 94 15.74 -47.49 -47.97
HE1 MSE F 94 19.19 -48.40 -49.49
HE2 MSE F 94 17.80 -48.10 -50.22
HE3 MSE F 94 18.27 -47.19 -49.00
N SER F 95 14.10 -51.60 -45.10
CA SER F 95 13.45 -52.08 -43.89
C SER F 95 12.91 -50.92 -43.07
N ILE F 96 11.68 -51.06 -42.58
CA ILE F 96 11.10 -50.10 -41.64
C ILE F 96 11.17 -50.71 -40.25
N GLU F 97 12.22 -50.32 -39.53
CA GLU F 97 12.55 -50.89 -38.23
C GLU F 97 13.29 -49.83 -37.43
N PRO F 98 13.20 -49.89 -36.09
CA PRO F 98 13.83 -48.83 -35.29
C PRO F 98 15.34 -48.68 -35.55
N SER F 99 16.05 -49.77 -35.82
CA SER F 99 17.49 -49.68 -36.04
C SER F 99 17.83 -48.95 -37.33
N ALA F 100 16.84 -48.78 -38.20
CA ALA F 100 17.03 -48.08 -39.48
C ALA F 100 16.68 -46.59 -39.37
N SER F 101 16.15 -46.18 -38.22
CA SER F 101 15.80 -44.78 -38.00
C SER F 101 17.00 -44.01 -37.44
N ALA F 102 17.21 -42.80 -37.92
CA ALA F 102 18.19 -41.91 -37.32
C ALA F 102 17.66 -41.47 -35.96
N PRO F 103 18.56 -41.10 -35.02
CA PRO F 103 20.00 -41.02 -35.22
C PRO F 103 20.75 -42.32 -34.96
N PHE F 104 21.79 -42.49 -35.76
CA PHE F 104 22.77 -43.54 -35.57
C PHE F 104 23.79 -43.03 -34.58
N SER F 105 24.57 -43.94 -33.99
CA SER F 105 25.53 -43.56 -32.97
C SER F 105 26.75 -44.47 -32.98
N ASP F 106 27.91 -43.87 -32.71
CA ASP F 106 29.11 -44.64 -32.42
C ASP F 106 29.52 -44.49 -30.96
N GLY F 107 28.60 -43.98 -30.14
CA GLY F 107 28.83 -43.78 -28.72
C GLY F 107 29.29 -42.37 -28.37
N GLN F 108 29.92 -41.69 -29.32
CA GLN F 108 30.42 -40.32 -29.11
C GLN F 108 29.59 -39.33 -29.93
N TRP F 109 29.23 -39.75 -31.13
CA TRP F 109 28.46 -38.92 -32.04
C TRP F 109 27.08 -39.51 -32.32
N LEU F 110 26.07 -38.64 -32.36
CA LEU F 110 24.77 -38.94 -32.93
C LEU F 110 24.74 -38.43 -34.36
N LEU F 111 24.14 -39.16 -35.29
CA LEU F 111 24.16 -38.78 -36.70
C LEU F 111 22.86 -39.11 -37.42
N SER F 112 22.35 -38.13 -38.16
CA SER F 112 21.19 -38.31 -39.03
C SER F 112 21.56 -38.06 -40.49
N HIS F 113 21.00 -38.86 -41.40
CA HIS F 113 21.17 -38.66 -42.83
C HIS F 113 19.82 -38.46 -43.51
N ASN F 114 19.70 -37.34 -44.21
CA ASN F 114 18.57 -37.05 -45.08
C ASN F 114 19.05 -37.08 -46.53
N GLY F 115 18.66 -38.13 -47.25
CA GLY F 115 18.94 -38.19 -48.65
C GLY F 115 18.86 -39.59 -49.18
N LEU F 116 19.83 -39.91 -50.02
CA LEU F 116 19.80 -41.11 -50.83
C LEU F 116 21.23 -41.35 -51.29
N VAL F 117 21.68 -42.59 -51.17
CA VAL F 117 22.99 -42.95 -51.68
C VAL F 117 22.96 -44.38 -52.18
N ALA F 118 23.66 -44.61 -53.28
CA ALA F 118 23.79 -45.96 -53.85
C ALA F 118 24.73 -46.79 -52.98
N ARG F 119 24.22 -47.85 -52.35
CA ARG F 119 25.03 -48.64 -51.42
C ARG F 119 26.21 -49.27 -52.12
N GLY F 120 26.07 -49.47 -53.43
CA GLY F 120 27.12 -50.09 -54.21
C GLY F 120 28.43 -49.32 -54.22
N VAL F 121 28.40 -48.01 -54.01
CA VAL F 121 29.65 -47.23 -54.05
C VAL F 121 30.31 -47.17 -52.68
N LEU F 122 29.61 -47.66 -51.66
CA LEU F 122 30.11 -47.63 -50.29
C LEU F 122 30.79 -48.94 -49.94
N PRO F 123 31.80 -48.89 -49.05
CA PRO F 123 32.47 -50.12 -48.68
C PRO F 123 31.56 -51.06 -47.91
N LEU F 124 31.79 -52.35 -48.05
CA LEU F 124 31.14 -53.31 -47.16
C LEU F 124 31.58 -53.02 -45.73
N THR F 125 30.69 -53.31 -44.79
CA THR F 125 30.98 -53.08 -43.39
C THR F 125 30.30 -54.12 -42.53
N GLY F 126 30.90 -54.41 -41.38
CA GLY F 126 30.29 -55.25 -40.37
C GLY F 126 29.81 -54.43 -39.20
N ALA F 127 29.93 -53.11 -39.29
CA ALA F 127 29.69 -52.23 -38.14
C ALA F 127 28.44 -51.38 -38.25
N ALA F 128 27.61 -51.63 -39.26
CA ALA F 128 26.40 -50.84 -39.45
C ALA F 128 25.30 -51.30 -38.49
N GLU F 129 24.43 -50.38 -38.11
CA GLU F 129 23.33 -50.66 -37.20
C GLU F 129 22.14 -51.27 -37.90
N SER F 130 22.16 -51.20 -39.23
CA SER F 130 21.06 -51.65 -40.07
C SER F 130 21.58 -51.89 -41.49
N THR F 131 20.74 -52.46 -42.34
CA THR F 131 21.11 -52.74 -43.72
C THR F 131 20.78 -51.59 -44.66
N VAL F 132 20.01 -50.61 -44.17
CA VAL F 132 19.55 -49.54 -45.04
C VAL F 132 20.70 -48.61 -45.42
N ASP F 133 20.57 -47.92 -46.54
CA ASP F 133 21.68 -47.15 -47.10
C ASP F 133 22.19 -46.09 -46.14
N SER F 134 21.31 -45.41 -45.42
CA SER F 134 21.73 -44.40 -44.45
C SER F 134 22.64 -44.99 -43.36
N ALA F 135 22.38 -46.22 -42.95
CA ALA F 135 23.17 -46.86 -41.89
C ALA F 135 24.55 -47.24 -42.41
N ILE F 136 24.61 -47.67 -43.66
CA ILE F 136 25.87 -48.02 -44.28
C ILE F 136 26.71 -46.76 -44.41
N LEU F 137 26.06 -45.66 -44.78
CA LEU F 137 26.73 -44.39 -44.91
C LEU F 137 27.21 -43.89 -43.54
N ALA F 138 26.36 -44.04 -42.53
CA ALA F 138 26.75 -43.65 -41.19
C ALA F 138 27.98 -44.43 -40.75
N ALA F 139 28.00 -45.73 -41.04
CA ALA F 139 29.15 -46.55 -40.64
C ALA F 139 30.43 -46.01 -41.28
N LEU F 140 30.36 -45.63 -42.55
CA LEU F 140 31.50 -45.07 -43.26
C LEU F 140 31.93 -43.76 -42.61
N ILE F 141 30.96 -42.88 -42.35
CA ILE F 141 31.27 -41.59 -41.73
C ILE F 141 31.96 -41.77 -40.37
N PHE F 142 31.45 -42.68 -39.54
CA PHE F 142 32.03 -42.92 -38.22
C PHE F 142 33.44 -43.50 -38.34
N SER F 143 33.65 -44.33 -39.35
CA SER F 143 34.94 -44.97 -39.58
C SER F 143 36.02 -43.94 -39.93
N ARG F 144 35.65 -42.95 -40.74
CA ARG F 144 36.59 -41.91 -41.14
C ARG F 144 36.80 -40.87 -40.04
N GLY F 145 35.84 -40.78 -39.12
CA GLY F 145 35.88 -39.79 -38.04
C GLY F 145 35.12 -38.54 -38.43
N LEU F 146 34.37 -37.96 -37.49
CA LEU F 146 33.55 -36.80 -37.81
C LEU F 146 34.37 -35.55 -38.12
N ASP F 147 35.62 -35.50 -37.67
CA ASP F 147 36.49 -34.39 -38.03
C ASP F 147 36.80 -34.42 -39.54
N ALA F 148 36.45 -35.52 -40.20
CA ALA F 148 36.64 -35.63 -41.65
C ALA F 148 35.29 -35.70 -42.38
N LEU F 149 34.22 -35.23 -41.74
CA LEU F 149 32.88 -35.35 -42.32
C LEU F 149 32.79 -34.70 -43.68
N GLY F 150 33.31 -33.48 -43.81
CA GLY F 150 33.24 -32.76 -45.07
C GLY F 150 33.91 -33.54 -46.19
N ALA F 151 35.07 -34.11 -45.88
CA ALA F 151 35.83 -34.89 -46.85
C ALA F 151 35.08 -36.15 -47.25
N THR F 152 34.49 -36.81 -46.27
CA THR F 152 33.80 -38.06 -46.51
C THR F 152 32.59 -37.81 -47.42
N ILE F 153 31.85 -36.75 -47.13
CA ILE F 153 30.67 -36.43 -47.91
C ILE F 153 31.06 -35.96 -49.31
N ALA F 154 32.09 -35.11 -49.40
CA ALA F 154 32.56 -34.65 -50.71
C ALA F 154 33.00 -35.84 -51.55
N GLU F 155 33.63 -36.82 -50.91
CA GLU F 155 34.09 -38.01 -51.64
C GLU F 155 32.91 -38.83 -52.14
N VAL F 156 31.96 -39.14 -51.25
CA VAL F 156 30.83 -39.99 -51.62
C VAL F 156 29.97 -39.31 -52.68
N GLY F 157 29.86 -37.98 -52.57
CA GLY F 157 29.10 -37.20 -53.52
C GLY F 157 29.67 -37.29 -54.93
N GLU F 158 30.97 -37.56 -55.04
CA GLU F 158 31.61 -37.73 -56.34
C GLU F 158 31.55 -39.19 -56.79
N LEU F 159 31.56 -40.13 -55.84
CA LEU F 159 31.39 -41.54 -56.15
C LEU F 159 30.00 -41.81 -56.73
N ASP F 160 29.01 -41.13 -56.17
CA ASP F 160 27.62 -41.27 -56.60
C ASP F 160 27.06 -39.89 -56.90
N PRO F 161 27.15 -39.45 -58.15
CA PRO F 161 26.74 -38.06 -58.42
C PRO F 161 25.23 -37.83 -58.31
N ASN F 162 24.45 -38.88 -58.04
CA ASN F 162 23.03 -38.71 -57.75
C ASN F 162 22.71 -38.74 -56.26
N ALA F 163 23.73 -38.91 -55.43
CA ALA F 163 23.53 -39.02 -53.99
C ALA F 163 23.09 -37.70 -53.40
N ARG F 164 22.22 -37.78 -52.40
CA ARG F 164 21.87 -36.63 -51.57
C ARG F 164 22.38 -36.97 -50.19
N LEU F 165 23.17 -36.06 -49.62
CA LEU F 165 23.98 -36.39 -48.45
C LEU F 165 23.92 -35.32 -47.37
N ASN F 166 22.70 -34.97 -46.96
CA ASN F 166 22.54 -34.03 -45.85
C ASN F 166 22.74 -34.78 -44.55
N ILE F 167 23.78 -34.39 -43.82
CA ILE F 167 24.10 -34.98 -42.54
C ILE F 167 23.84 -33.97 -41.43
N LEU F 168 23.39 -34.47 -40.29
CA LEU F 168 23.30 -33.65 -39.08
C LEU F 168 23.85 -34.50 -37.94
N ALA F 169 24.89 -33.99 -37.29
CA ALA F 169 25.62 -34.77 -36.30
C ALA F 169 25.94 -33.95 -35.06
N ALA F 170 26.06 -34.62 -33.91
CA ALA F 170 26.35 -33.91 -32.68
C ALA F 170 27.08 -34.80 -31.68
N ASN F 171 27.90 -34.19 -30.83
CA ASN F 171 28.68 -34.94 -29.84
C ASN F 171 28.52 -34.40 -28.41
N GLY F 172 27.55 -33.52 -28.23
CA GLY F 172 27.21 -32.97 -26.91
C GLY F 172 27.72 -31.56 -26.73
N SER F 173 28.77 -31.21 -27.48
CA SER F 173 29.41 -29.91 -27.37
C SER F 173 29.59 -29.26 -28.74
N ARG F 174 29.28 -29.99 -29.80
CA ARG F 174 29.41 -29.47 -31.17
C ARG F 174 28.31 -30.01 -32.07
N LEU F 175 27.96 -29.22 -33.09
CA LEU F 175 27.14 -29.72 -34.19
C LEU F 175 27.96 -29.68 -35.46
N LEU F 176 27.74 -30.69 -36.30
CA LEU F 176 28.24 -30.70 -37.66
C LEU F 176 27.10 -31.01 -38.61
N ALA F 177 27.06 -30.32 -39.74
CA ALA F 177 26.06 -30.59 -40.77
C ALA F 177 26.65 -30.42 -42.16
N THR F 178 26.08 -31.13 -43.12
CA THR F 178 26.37 -30.91 -44.53
C THR F 178 25.09 -30.67 -45.30
N THR F 179 25.17 -29.78 -46.29
CA THR F 179 24.14 -29.67 -47.31
C THR F 179 24.67 -30.31 -48.58
N TRP F 180 23.93 -31.26 -49.11
CA TRP F 180 24.32 -31.92 -50.35
C TRP F 180 23.07 -32.45 -51.02
N GLY F 181 22.29 -31.52 -51.56
CA GLY F 181 21.11 -31.86 -52.35
C GLY F 181 19.79 -31.75 -51.63
N ASP F 182 19.81 -31.29 -50.38
CA ASP F 182 18.56 -31.03 -49.68
C ASP F 182 18.72 -29.86 -48.72
N THR F 183 17.63 -29.51 -48.05
CA THR F 183 17.53 -28.23 -47.37
C THR F 183 18.12 -28.25 -45.97
N LEU F 184 18.70 -27.12 -45.58
CA LEU F 184 19.11 -26.90 -44.19
C LEU F 184 18.94 -25.43 -43.83
N SER F 185 18.41 -25.16 -42.64
CA SER F 185 18.30 -23.81 -42.13
C SER F 185 18.91 -23.72 -40.73
N VAL F 186 19.33 -22.51 -40.36
CA VAL F 186 19.91 -22.25 -39.05
C VAL F 186 19.15 -21.15 -38.34
N LEU F 187 18.93 -21.35 -37.04
CA LEU F 187 18.37 -20.30 -36.18
C LEU F 187 19.31 -20.07 -35.01
N ARG F 188 19.81 -18.85 -34.89
CA ARG F 188 20.56 -18.47 -33.70
C ARG F 188 19.60 -17.94 -32.65
N ARG F 189 19.40 -18.72 -31.60
CA ARG F 189 18.61 -18.28 -30.46
C ARG F 189 19.49 -17.53 -29.47
N PRO F 190 18.87 -16.82 -28.52
CA PRO F 190 19.68 -16.17 -27.49
C PRO F 190 20.52 -17.17 -26.67
N ASP F 191 20.07 -18.41 -26.61
CA ASP F 191 20.67 -19.41 -25.74
C ASP F 191 21.15 -20.67 -26.47
N GLY F 192 21.32 -20.58 -27.79
CA GLY F 192 21.81 -21.73 -28.52
C GLY F 192 21.57 -21.62 -30.01
N VAL F 193 21.76 -22.75 -30.69
CA VAL F 193 21.66 -22.80 -32.14
C VAL F 193 20.81 -24.00 -32.54
N VAL F 194 19.86 -23.75 -33.44
CA VAL F 194 19.09 -24.81 -34.08
C VAL F 194 19.57 -25.01 -35.53
N LEU F 195 19.79 -26.26 -35.91
CA LEU F 195 19.96 -26.60 -37.31
C LEU F 195 18.78 -27.51 -37.67
N ALA F 196 18.16 -27.26 -38.82
CA ALA F 196 16.96 -28.03 -39.18
C ALA F 196 16.78 -28.14 -40.68
N SER F 197 16.24 -29.28 -41.12
CA SER F 197 15.86 -29.46 -42.52
C SER F 197 15.01 -28.29 -42.96
N GLU F 198 14.12 -27.85 -42.07
CA GLU F 198 13.32 -26.68 -42.36
C GLU F 198 12.91 -25.98 -41.07
N PRO F 199 12.67 -24.66 -41.16
CA PRO F 199 12.29 -23.89 -39.96
C PRO F 199 11.09 -24.49 -39.25
N TYR F 200 11.11 -24.51 -37.93
CA TYR F 200 9.98 -25.08 -37.19
C TYR F 200 8.96 -24.00 -36.82
N ASP F 201 9.23 -22.77 -37.23
CA ASP F 201 8.26 -21.70 -37.11
C ASP F 201 8.59 -20.60 -38.13
N ASP F 202 8.04 -19.41 -37.95
CA ASP F 202 8.27 -18.31 -38.87
C ASP F 202 9.11 -17.20 -38.23
N ASP F 203 9.98 -17.59 -37.32
CA ASP F 203 10.94 -16.68 -36.71
C ASP F 203 11.77 -16.01 -37.80
N PRO F 204 11.83 -14.66 -37.82
CA PRO F 204 12.59 -14.00 -38.88
C PRO F 204 14.08 -14.32 -38.83
N GLY F 205 14.54 -14.87 -37.71
CA GLY F 205 15.94 -15.25 -37.56
C GLY F 205 16.39 -16.46 -38.37
N TRP F 206 15.46 -17.22 -38.94
CA TRP F 206 15.85 -18.39 -39.74
C TRP F 206 16.63 -17.98 -40.98
N SER F 207 17.72 -18.69 -41.24
CA SER F 207 18.60 -18.43 -42.38
C SER F 207 18.88 -19.74 -43.12
N ASP F 208 18.86 -19.70 -44.44
CA ASP F 208 19.08 -20.91 -45.23
C ASP F 208 20.56 -21.11 -45.52
N ILE F 209 21.03 -22.33 -45.30
CA ILE F 209 22.40 -22.70 -45.63
C ILE F 209 22.51 -23.02 -47.12
N PRO F 210 23.49 -22.44 -47.82
CA PRO F 210 23.59 -22.77 -49.25
C PRO F 210 24.01 -24.22 -49.46
N ASP F 211 23.72 -24.75 -50.63
CA ASP F 211 24.01 -26.17 -50.91
C ASP F 211 25.52 -26.41 -50.96
N ARG F 212 25.90 -27.67 -50.75
CA ARG F 212 27.30 -28.11 -50.85
C ARG F 212 28.20 -27.41 -49.84
N HIS F 213 27.69 -27.21 -48.62
CA HIS F 213 28.47 -26.59 -47.56
C HIS F 213 28.56 -27.45 -46.31
N LEU F 214 29.54 -27.13 -45.48
CA LEU F 214 29.72 -27.74 -44.17
C LEU F 214 29.37 -26.69 -43.12
N VAL F 215 28.59 -27.08 -42.12
CA VAL F 215 28.28 -26.20 -41.00
C VAL F 215 28.92 -26.76 -39.74
N ASP F 216 29.66 -25.91 -39.04
CA ASP F 216 30.32 -26.28 -37.80
C ASP F 216 29.85 -25.32 -36.70
N VAL F 217 29.22 -25.86 -35.67
CA VAL F 217 28.73 -25.06 -34.54
C VAL F 217 29.42 -25.49 -33.25
N ARG F 218 30.08 -24.55 -32.60
CA ARG F 218 30.66 -24.83 -31.29
C ARG F 218 31.00 -23.52 -30.60
N ASP F 219 30.77 -23.48 -29.29
CA ASP F 219 31.05 -22.30 -28.47
C ASP F 219 30.28 -21.09 -29.01
N ALA F 220 29.05 -21.36 -29.46
CA ALA F 220 28.12 -20.35 -29.97
C ALA F 220 28.53 -19.75 -31.31
N HIS F 221 29.59 -20.28 -31.93
CA HIS F 221 30.03 -19.82 -33.24
C HIS F 221 29.50 -20.74 -34.31
N VAL F 222 28.90 -20.18 -35.36
CA VAL F 222 28.42 -20.93 -36.50
C VAL F 222 29.33 -20.63 -37.70
N VAL F 223 30.07 -21.64 -38.15
CA VAL F 223 31.03 -21.48 -39.24
C VAL F 223 30.59 -22.33 -40.42
N VAL F 224 30.44 -21.67 -41.58
CA VAL F 224 29.89 -22.30 -42.78
C VAL F 224 30.93 -22.23 -43.90
N THR F 225 31.40 -23.39 -44.35
CA THR F 225 32.49 -23.45 -45.32
C THR F 225 32.12 -24.34 -46.51
N PRO F 226 32.68 -24.04 -47.68
CA PRO F 226 32.28 -24.82 -48.86
C PRO F 226 32.80 -26.25 -48.78
N LEU F 227 31.96 -27.21 -49.16
CA LEU F 227 32.45 -28.55 -49.46
C LEU F 227 33.08 -28.48 -50.86
N SER F 228 34.38 -28.71 -50.99
CA SER F 228 35.27 -29.03 -49.88
C SER F 228 36.61 -28.32 -50.00
N SER F 229 36.78 -27.34 -49.11
CA SER F 229 38.09 -26.96 -48.61
C SER F 229 38.48 -27.96 -47.53
N HIS F 230 38.01 -29.19 -47.69
CA HIS F 230 38.24 -30.29 -46.77
C HIS F 230 38.78 -31.49 -47.56
N HIS F 231 39.04 -31.26 -48.85
CA HIS F 231 39.71 -32.18 -49.78
C HIS F 231 38.75 -32.67 -50.85
N CYS G 2 17.16 -70.62 -30.48
CA CYS G 2 15.99 -70.70 -31.33
C CYS G 2 15.49 -72.13 -31.45
N ARG G 3 14.26 -72.27 -31.93
CA ARG G 3 13.72 -73.56 -32.31
C ARG G 3 13.13 -73.41 -33.70
N HIS G 4 13.30 -74.42 -34.56
CA HIS G 4 12.66 -74.35 -35.85
C HIS G 4 12.02 -75.67 -36.25
N VAL G 5 11.18 -75.58 -37.27
CA VAL G 5 10.43 -76.71 -37.75
C VAL G 5 10.23 -76.56 -39.25
N ALA G 6 10.22 -77.69 -39.96
CA ALA G 6 9.94 -77.68 -41.38
C ALA G 6 9.06 -78.84 -41.80
N TRP G 7 8.31 -78.62 -42.88
CA TRP G 7 7.41 -79.60 -43.45
C TRP G 7 7.62 -79.73 -44.94
N LEU G 8 7.63 -80.97 -45.41
CA LEU G 8 7.59 -81.27 -46.83
C LEU G 8 6.66 -82.44 -47.07
N GLY G 9 5.57 -82.20 -47.77
CA GLY G 9 4.59 -83.25 -48.01
C GLY G 9 3.28 -82.72 -48.55
N ALA G 10 2.20 -83.47 -48.33
CA ALA G 10 0.89 -83.04 -48.73
C ALA G 10 0.56 -81.73 -48.02
N PRO G 11 -0.28 -80.88 -48.64
CA PRO G 11 -0.55 -79.56 -48.07
C PRO G 11 -0.99 -79.65 -46.62
N ARG G 12 -0.38 -78.78 -45.82
CA ARG G 12 -0.59 -78.75 -44.39
C ARG G 12 -0.73 -77.30 -43.97
N SER G 13 -1.60 -76.97 -43.02
CA SER G 13 -1.73 -75.57 -42.63
C SER G 13 -0.61 -75.16 -41.68
N LEU G 14 -0.27 -73.87 -41.69
CA LEU G 14 0.73 -73.35 -40.76
C LEU G 14 0.28 -73.61 -39.32
N ALA G 15 -1.02 -73.48 -39.05
CA ALA G 15 -1.53 -73.68 -37.70
C ALA G 15 -1.31 -75.12 -37.27
N ASP G 16 -1.56 -76.05 -38.18
CA ASP G 16 -1.46 -77.48 -37.88
C ASP G 16 -0.03 -77.88 -37.55
N LEU G 17 0.92 -77.21 -38.18
CA LEU G 17 2.33 -77.49 -37.97
C LEU G 17 2.91 -76.81 -36.74
N VAL G 18 2.47 -75.58 -36.49
CA VAL G 18 3.15 -74.66 -35.58
C VAL G 18 2.37 -74.37 -34.29
N LEU G 19 1.05 -74.22 -34.41
CA LEU G 19 0.22 -73.77 -33.30
C LEU G 19 -0.54 -74.89 -32.58
N ASP G 20 -0.98 -75.89 -33.33
CA ASP G 20 -1.89 -76.90 -32.82
C ASP G 20 -1.23 -78.06 -32.05
N PRO G 21 0.01 -78.45 -32.42
CA PRO G 21 0.58 -79.57 -31.65
C PRO G 21 0.82 -79.25 -30.17
N PRO G 22 0.70 -80.25 -29.28
CA PRO G 22 0.78 -79.98 -27.85
C PRO G 22 2.16 -79.54 -27.36
N GLN G 23 3.21 -79.82 -28.12
CA GLN G 23 4.55 -79.36 -27.79
C GLN G 23 5.27 -78.76 -28.99
N GLY G 24 4.49 -78.13 -29.87
CA GLY G 24 5.03 -77.53 -31.07
C GLY G 24 5.66 -76.17 -30.85
N LEU G 25 5.93 -75.48 -31.95
CA LEU G 25 6.68 -74.22 -31.89
C LEU G 25 6.03 -73.19 -30.96
N LEU G 26 4.71 -73.09 -30.99
CA LEU G 26 3.99 -72.21 -30.09
C LEU G 26 4.38 -72.46 -28.64
N VAL G 27 4.32 -73.72 -28.23
CA VAL G 27 4.64 -74.09 -26.85
C VAL G 27 6.14 -73.87 -26.60
N GLN G 28 6.94 -74.13 -27.63
CA GLN G 28 8.38 -73.98 -27.51
C GLN G 28 8.80 -72.53 -27.36
N SER G 29 7.91 -71.59 -27.67
CA SER G 29 8.27 -70.18 -27.52
C SER G 29 8.39 -69.81 -26.04
N TYR G 30 7.68 -70.52 -25.17
CA TYR G 30 7.74 -70.24 -23.72
C TYR G 30 8.13 -71.44 -22.84
N ALA G 31 8.06 -72.65 -23.38
CA ALA G 31 8.36 -73.85 -22.60
C ALA G 31 8.96 -74.95 -23.47
N PRO G 32 10.14 -74.69 -24.05
CA PRO G 32 10.78 -75.74 -24.85
C PRO G 32 11.16 -76.93 -23.99
N ARG G 33 11.24 -78.12 -24.59
CA ARG G 33 11.50 -79.33 -23.82
C ARG G 33 12.96 -79.79 -23.87
N ARG G 34 13.71 -79.35 -24.88
CA ARG G 34 15.08 -79.80 -25.09
C ARG G 34 16.11 -78.69 -25.27
N GLN G 35 15.92 -77.61 -24.51
N GLN G 35 15.88 -77.53 -24.67
CA GLN G 35 16.78 -76.43 -24.56
CA GLN G 35 16.70 -76.36 -25.04
C GLN G 35 17.51 -76.20 -23.24
C GLN G 35 17.81 -76.08 -24.03
N LYS G 36 16.78 -76.36 -22.12
N LYS G 36 19.03 -75.97 -24.55
CA LYS G 36 17.25 -76.17 -20.73
CA LYS G 36 20.21 -75.73 -23.71
C LYS G 36 16.28 -75.24 -19.99
C LYS G 36 20.64 -74.26 -23.74
N HIS G 37 15.96 -75.57 -18.75
N HIS G 37 20.25 -73.54 -24.79
CA HIS G 37 14.96 -74.81 -18.00
CA HIS G 37 20.64 -72.14 -24.98
C HIS G 37 15.42 -73.38 -17.75
C HIS G 37 19.46 -71.26 -25.41
N GLY G 38 14.57 -72.42 -18.11
N GLY G 38 18.67 -70.70 -24.49
CA GLY G 38 14.92 -71.01 -18.03
CA GLY G 38 18.76 -70.94 -23.06
C GLY G 38 14.99 -70.39 -19.41
C GLY G 38 17.45 -71.48 -22.52
N LEU G 39 15.29 -71.21 -20.42
N LEU G 39 16.44 -70.61 -22.43
CA LEU G 39 15.36 -70.74 -21.80
CA LEU G 39 15.22 -70.95 -21.71
C LEU G 39 13.97 -70.62 -22.40
C LEU G 39 13.90 -70.67 -22.44
N MSE G 40 13.88 -69.73 -23.38
CA MSE G 40 12.64 -69.45 -24.11
C MSE G 40 12.99 -68.90 -25.47
O MSE G 40 14.16 -68.65 -25.75
CB MSE G 40 11.81 -68.44 -23.34
CG MSE G 40 12.52 -67.12 -23.27
SE MSE G 40 11.90 -65.95 -21.89
CE MSE G 40 12.08 -67.12 -20.31
H MSE G 40 14.55 -69.26 -23.65
HA MSE G 40 12.13 -70.27 -24.20
HB2 MSE G 40 10.96 -68.31 -23.81
HB3 MSE G 40 11.65 -68.76 -22.45
HG2 MSE G 40 13.46 -67.29 -23.11
HG3 MSE G 40 12.42 -66.66 -24.12
HE1 MSE G 40 13.00 -67.38 -20.22
HE2 MSE G 40 11.53 -67.91 -20.44
HE3 MSE G 40 11.78 -66.64 -19.53
N ASN G 41 11.97 -68.71 -26.29
CA ASN G 41 12.17 -68.23 -27.65
C ASN G 41 11.07 -67.21 -27.93
N ALA G 42 11.22 -66.06 -27.29
CA ALA G 42 10.20 -65.03 -27.28
C ALA G 42 10.58 -63.78 -28.06
N ASP G 43 11.71 -63.83 -28.76
CA ASP G 43 12.24 -62.64 -29.42
C ASP G 43 11.85 -62.56 -30.90
N GLY G 44 10.62 -62.94 -31.20
CA GLY G 44 10.11 -62.91 -32.54
C GLY G 44 9.94 -64.31 -33.08
N TRP G 45 9.48 -64.37 -34.32
CA TRP G 45 9.17 -65.63 -34.95
C TRP G 45 8.99 -65.36 -36.43
N GLY G 46 8.96 -66.42 -37.21
CA GLY G 46 8.65 -66.30 -38.60
C GLY G 46 8.12 -67.61 -39.15
N ALA G 47 7.26 -67.50 -40.16
CA ALA G 47 6.74 -68.66 -40.86
C ALA G 47 6.83 -68.40 -42.35
N GLY G 48 7.53 -69.28 -43.04
CA GLY G 48 7.67 -69.18 -44.47
C GLY G 48 7.07 -70.40 -45.15
N PHE G 49 6.56 -70.19 -46.35
CA PHE G 49 5.96 -71.27 -47.10
C PHE G 49 6.00 -70.99 -48.60
N PHE G 50 5.78 -72.04 -49.38
CA PHE G 50 5.73 -71.91 -50.83
C PHE G 50 4.30 -72.11 -51.30
N ASP G 51 3.83 -71.20 -52.13
CA ASP G 51 2.46 -71.30 -52.61
C ASP G 51 2.42 -72.27 -53.80
N ASP G 52 1.24 -72.41 -54.39
CA ASP G 52 1.03 -73.35 -55.48
C ASP G 52 1.90 -73.07 -56.71
N ASP G 53 2.37 -71.84 -56.84
CA ASP G 53 3.18 -71.46 -57.99
C ASP G 53 4.67 -71.44 -57.67
N GLY G 54 5.04 -71.89 -56.48
CA GLY G 54 6.44 -72.02 -56.10
C GLY G 54 7.03 -70.76 -55.49
N VAL G 55 6.19 -69.75 -55.30
CA VAL G 55 6.67 -68.49 -54.73
C VAL G 55 6.84 -68.62 -53.22
N ALA G 56 8.01 -68.20 -52.75
CA ALA G 56 8.30 -68.21 -51.32
C ALA G 56 7.63 -67.02 -50.65
N ARG G 57 6.89 -67.29 -49.60
CA ARG G 57 6.17 -66.24 -48.88
C ARG G 57 6.50 -66.35 -47.40
N ARG G 58 6.53 -65.20 -46.72
CA ARG G 58 6.96 -65.14 -45.33
C ARG G 58 6.14 -64.16 -44.49
N TRP G 59 5.91 -64.58 -43.25
CA TRP G 59 5.30 -63.75 -42.22
C TRP G 59 6.30 -63.73 -41.06
N ARG G 60 6.79 -62.55 -40.69
CA ARG G 60 7.77 -62.47 -39.60
C ARG G 60 7.42 -61.35 -38.64
N SER G 61 7.83 -61.54 -37.38
CA SER G 61 7.50 -60.64 -36.29
C SER G 61 8.66 -60.57 -35.31
N ASP G 62 8.69 -59.48 -34.53
CA ASP G 62 9.67 -59.31 -33.48
C ASP G 62 9.07 -59.53 -32.08
N LYS G 63 7.81 -59.97 -32.03
CA LYS G 63 7.10 -60.20 -30.76
C LYS G 63 6.95 -61.68 -30.47
N PRO G 64 6.56 -62.03 -29.22
CA PRO G 64 6.44 -63.46 -28.91
C PRO G 64 5.31 -64.15 -29.69
N LEU G 65 5.58 -65.35 -30.19
CA LEU G 65 4.61 -66.05 -31.02
C LEU G 65 3.29 -66.26 -30.29
N TRP G 66 3.33 -66.49 -28.97
CA TRP G 66 2.10 -66.83 -28.26
C TRP G 66 1.14 -65.66 -28.17
N GLY G 67 1.64 -64.44 -28.42
CA GLY G 67 0.83 -63.26 -28.27
C GLY G 67 0.16 -62.74 -29.52
N ASP G 68 0.41 -63.39 -30.65
CA ASP G 68 -0.04 -62.85 -31.94
C ASP G 68 -1.42 -63.40 -32.33
N ALA G 69 -2.44 -62.57 -32.13
CA ALA G 69 -3.82 -62.98 -32.40
C ALA G 69 -4.09 -63.07 -33.89
N SER G 70 -3.41 -62.25 -34.69
CA SER G 70 -3.59 -62.31 -36.14
C SER G 70 -3.08 -63.64 -36.69
N PHE G 71 -1.91 -64.06 -36.26
CA PHE G 71 -1.36 -65.31 -36.76
C PHE G 71 -2.24 -66.47 -36.31
N ALA G 72 -2.76 -66.42 -35.10
CA ALA G 72 -3.59 -67.51 -34.60
C ALA G 72 -4.88 -67.59 -35.43
N SER G 73 -5.37 -66.43 -35.87
CA SER G 73 -6.61 -66.38 -36.63
C SER G 73 -6.40 -66.81 -38.09
N VAL G 74 -5.29 -66.39 -38.69
CA VAL G 74 -5.09 -66.57 -40.12
C VAL G 74 -4.36 -67.86 -40.46
N ALA G 75 -3.50 -68.33 -39.56
CA ALA G 75 -2.62 -69.47 -39.87
C ALA G 75 -3.38 -70.74 -40.31
N PRO G 76 -4.59 -70.97 -39.78
CA PRO G 76 -5.30 -72.17 -40.25
C PRO G 76 -5.71 -72.10 -41.74
N ALA G 77 -5.74 -70.90 -42.30
CA ALA G 77 -6.15 -70.72 -43.70
C ALA G 77 -4.95 -70.73 -44.65
N LEU G 78 -3.74 -70.86 -44.12
CA LEU G 78 -2.52 -70.89 -44.95
C LEU G 78 -1.97 -72.30 -45.02
N ARG G 79 -2.11 -72.92 -46.19
CA ARG G 79 -1.72 -74.32 -46.39
C ARG G 79 -0.61 -74.41 -47.43
N SER G 80 0.32 -75.34 -47.22
CA SER G 80 1.46 -75.44 -48.12
C SER G 80 2.07 -76.83 -48.06
N ARG G 81 2.67 -77.24 -49.17
CA ARG G 81 3.42 -78.48 -49.22
CA ARG G 81 3.43 -78.48 -49.23
C ARG G 81 4.80 -78.32 -48.58
N CYS G 82 5.21 -77.08 -48.35
CA CYS G 82 6.56 -76.80 -47.87
C CYS G 82 6.61 -75.58 -46.97
N VAL G 83 7.00 -75.80 -45.72
CA VAL G 83 6.97 -74.77 -44.68
C VAL G 83 8.27 -74.77 -43.90
N VAL G 84 8.81 -73.58 -43.59
CA VAL G 84 9.86 -73.46 -42.60
C VAL G 84 9.45 -72.36 -41.63
N ALA G 85 9.46 -72.67 -40.34
CA ALA G 85 9.09 -71.70 -39.32
C ALA G 85 10.04 -71.77 -38.13
N ALA G 86 10.15 -70.66 -37.41
CA ALA G 86 11.07 -70.59 -36.29
C ALA G 86 10.58 -69.62 -35.24
N VAL G 87 10.99 -69.89 -34.01
CA VAL G 87 10.82 -68.95 -32.91
C VAL G 87 12.21 -68.57 -32.42
N ARG G 88 12.41 -67.28 -32.21
CA ARG G 88 13.74 -66.74 -31.95
C ARG G 88 14.05 -66.51 -30.48
N SER G 89 15.28 -66.84 -30.10
CA SER G 89 15.87 -66.35 -28.86
C SER G 89 17.08 -65.54 -29.26
N ALA G 90 17.09 -64.26 -28.90
CA ALA G 90 18.11 -63.35 -29.42
C ALA G 90 19.34 -63.32 -28.52
N THR G 91 20.52 -63.28 -29.14
CA THR G 91 21.77 -63.13 -28.40
C THR G 91 21.87 -61.69 -27.90
N ILE G 92 22.59 -61.50 -26.81
CA ILE G 92 22.82 -60.15 -26.27
C ILE G 92 23.49 -59.28 -27.33
N GLY G 93 22.95 -58.08 -27.51
CA GLY G 93 23.52 -57.13 -28.46
C GLY G 93 23.00 -57.27 -29.88
N MSE G 94 22.20 -58.30 -30.14
CA MSE G 94 21.59 -58.48 -31.45
C MSE G 94 20.26 -57.71 -31.50
O MSE G 94 19.55 -57.60 -30.50
CB MSE G 94 21.37 -59.96 -31.77
CG MSE G 94 22.64 -60.80 -31.83
SE MSE G 94 23.79 -60.44 -33.38
CE MSE G 94 25.31 -61.58 -32.91
H MSE G 94 22.00 -58.91 -29.58
HA MSE G 94 22.18 -58.10 -32.13
HB2 MSE G 94 20.79 -60.33 -31.09
HB3 MSE G 94 20.93 -60.02 -32.64
HG2 MSE G 94 23.16 -60.61 -31.03
HG3 MSE G 94 22.40 -61.73 -31.84
HE1 MSE G 94 25.98 -61.50 -33.61
HE2 MSE G 94 25.67 -61.27 -32.06
HE3 MSE G 94 25.00 -62.50 -32.84
N SER G 95 19.95 -57.17 -32.67
CA SER G 95 18.70 -56.44 -32.88
C SER G 95 17.51 -57.39 -32.80
N ILE G 96 16.46 -56.94 -32.11
CA ILE G 96 15.19 -57.66 -32.11
C ILE G 96 14.23 -56.90 -33.02
N GLU G 97 14.03 -57.46 -34.20
CA GLU G 97 13.32 -56.80 -35.29
C GLU G 97 12.93 -57.88 -36.30
N PRO G 98 11.81 -57.68 -37.02
CA PRO G 98 11.35 -58.76 -37.92
C PRO G 98 12.36 -59.21 -38.96
N SER G 99 13.19 -58.30 -39.46
CA SER G 99 14.14 -58.69 -40.49
C SER G 99 15.21 -59.61 -39.93
N ALA G 100 15.36 -59.64 -38.62
CA ALA G 100 16.33 -60.52 -37.97
C ALA G 100 15.76 -61.88 -37.61
N SER G 101 14.44 -62.05 -37.79
CA SER G 101 13.81 -63.34 -37.53
C SER G 101 13.92 -64.27 -38.73
N ALA G 102 14.21 -65.55 -38.47
CA ALA G 102 14.12 -66.56 -39.52
C ALA G 102 12.65 -66.74 -39.89
N PRO G 103 12.37 -67.20 -41.11
CA PRO G 103 13.33 -67.60 -42.13
C PRO G 103 13.79 -66.46 -43.01
N PHE G 104 15.07 -66.53 -43.37
CA PHE G 104 15.68 -65.68 -44.37
C PHE G 104 15.42 -66.29 -45.73
N SER G 105 15.56 -65.51 -46.79
CA SER G 105 15.25 -65.99 -48.12
C SER G 105 16.13 -65.35 -49.16
N ASP G 106 16.50 -66.14 -50.17
CA ASP G 106 17.12 -65.59 -51.37
C ASP G 106 16.16 -65.66 -52.54
N GLY G 107 14.89 -65.94 -52.24
CA GLY G 107 13.85 -66.03 -53.26
C GLY G 107 13.56 -67.44 -53.74
N GLN G 108 14.54 -68.34 -53.59
CA GLN G 108 14.35 -69.74 -53.97
C GLN G 108 14.37 -70.63 -52.74
N TRP G 109 15.15 -70.23 -51.75
CA TRP G 109 15.31 -70.97 -50.50
C TRP G 109 14.83 -70.16 -49.32
N LEU G 110 14.13 -70.82 -48.40
CA LEU G 110 13.87 -70.29 -47.07
C LEU G 110 14.87 -70.92 -46.12
N LEU G 111 15.42 -70.15 -45.19
CA LEU G 111 16.45 -70.69 -44.30
C LEU G 111 16.36 -70.16 -42.88
N SER G 112 16.45 -71.07 -41.91
CA SER G 112 16.53 -70.73 -40.49
C SER G 112 17.84 -71.20 -39.89
N HIS G 113 18.40 -70.41 -38.99
CA HIS G 113 19.61 -70.76 -38.25
C HIS G 113 19.33 -70.74 -36.76
N ASN G 114 19.65 -71.86 -36.10
CA ASN G 114 19.63 -71.98 -34.65
C ASN G 114 21.04 -72.16 -34.16
N GLY G 115 21.60 -71.12 -33.55
CA GLY G 115 22.92 -71.25 -32.97
C GLY G 115 23.57 -69.91 -32.75
N LEU G 116 24.87 -69.88 -33.00
CA LEU G 116 25.73 -68.78 -32.58
C LEU G 116 26.99 -68.83 -33.42
N VAL G 117 27.39 -67.68 -33.96
CA VAL G 117 28.61 -67.63 -34.73
C VAL G 117 29.20 -66.24 -34.59
N ALA G 118 30.51 -66.18 -34.39
CA ALA G 118 31.22 -64.92 -34.37
C ALA G 118 31.17 -64.29 -35.76
N ARG G 119 30.54 -63.12 -35.88
CA ARG G 119 30.44 -62.46 -37.18
C ARG G 119 31.82 -62.11 -37.72
N GLY G 120 32.80 -62.02 -36.83
CA GLY G 120 34.15 -61.68 -37.21
C GLY G 120 34.82 -62.67 -38.14
N VAL G 121 34.37 -63.93 -38.13
CA VAL G 121 34.96 -64.95 -39.01
C VAL G 121 34.15 -65.15 -40.29
N LEU G 122 32.97 -64.53 -40.36
CA LEU G 122 32.16 -64.58 -41.58
C LEU G 122 32.58 -63.44 -42.52
N PRO G 123 32.45 -63.65 -43.84
CA PRO G 123 32.77 -62.57 -44.77
C PRO G 123 31.84 -61.38 -44.62
N LEU G 124 32.34 -60.18 -44.87
CA LEU G 124 31.47 -59.03 -45.02
C LEU G 124 30.55 -59.27 -46.22
N THR G 125 29.36 -58.71 -46.19
CA THR G 125 28.43 -58.89 -47.30
C THR G 125 27.56 -57.66 -47.46
N GLY G 126 27.06 -57.45 -48.67
CA GLY G 126 26.09 -56.41 -48.93
C GLY G 126 24.71 -56.98 -49.17
N ALA G 127 24.54 -58.28 -48.94
CA ALA G 127 23.35 -59.00 -49.35
C ALA G 127 22.54 -59.54 -48.17
N ALA G 128 22.92 -59.20 -46.96
CA ALA G 128 22.22 -59.74 -45.80
C ALA G 128 20.92 -58.97 -45.59
N GLU G 129 19.92 -59.64 -45.02
CA GLU G 129 18.62 -59.03 -44.76
C GLU G 129 18.60 -58.28 -43.44
N SER G 130 19.61 -58.53 -42.61
CA SER G 130 19.71 -57.92 -41.30
C SER G 130 21.18 -57.88 -40.88
N THR G 131 21.46 -57.23 -39.76
CA THR G 131 22.82 -57.13 -39.24
C THR G 131 23.19 -58.30 -38.36
N VAL G 132 22.19 -59.08 -37.95
CA VAL G 132 22.42 -60.13 -36.96
C VAL G 132 23.25 -61.29 -37.54
N ASP G 133 23.96 -61.98 -36.66
CA ASP G 133 24.88 -63.04 -37.08
C ASP G 133 24.19 -64.06 -37.97
N SER G 134 22.98 -64.48 -37.60
CA SER G 134 22.30 -65.50 -38.39
C SER G 134 22.01 -65.03 -39.83
N ALA G 135 21.78 -63.73 -40.01
CA ALA G 135 21.52 -63.19 -41.36
C ALA G 135 22.79 -63.16 -42.19
N ILE G 136 23.91 -62.85 -41.56
CA ILE G 136 25.20 -62.81 -42.24
C ILE G 136 25.56 -64.23 -42.68
N LEU G 137 25.29 -65.19 -41.79
CA LEU G 137 25.54 -66.59 -42.08
C LEU G 137 24.64 -67.04 -43.22
N ALA G 138 23.37 -66.66 -43.18
CA ALA G 138 22.43 -66.99 -44.24
C ALA G 138 22.95 -66.50 -45.59
N ALA G 139 23.46 -65.28 -45.60
CA ALA G 139 23.95 -64.68 -46.85
C ALA G 139 25.11 -65.48 -47.41
N LEU G 140 25.99 -65.96 -46.54
CA LEU G 140 27.12 -66.78 -46.97
C LEU G 140 26.63 -68.11 -47.54
N ILE G 141 25.71 -68.75 -46.83
CA ILE G 141 25.16 -70.03 -47.29
C ILE G 141 24.49 -69.88 -48.66
N PHE G 142 23.69 -68.83 -48.83
CA PHE G 142 23.04 -68.57 -50.12
C PHE G 142 24.08 -68.32 -51.22
N SER G 143 25.13 -67.59 -50.88
N SER G 143 25.14 -67.61 -50.87
CA SER G 143 26.16 -67.25 -51.85
CA SER G 143 26.17 -67.24 -51.83
C SER G 143 26.89 -68.50 -52.35
C SER G 143 26.93 -68.47 -52.33
N ARG G 144 27.16 -69.43 -51.44
CA ARG G 144 27.85 -70.68 -51.80
C ARG G 144 26.93 -71.67 -52.50
N GLY G 145 25.62 -71.51 -52.28
CA GLY G 145 24.65 -72.41 -52.87
C GLY G 145 24.30 -73.52 -51.90
N LEU G 146 23.02 -73.93 -51.89
CA LEU G 146 22.60 -74.91 -50.89
C LEU G 146 23.17 -76.30 -51.18
N ASP G 147 23.56 -76.58 -52.41
CA ASP G 147 24.19 -77.86 -52.70
C ASP G 147 25.55 -77.98 -51.99
N ALA G 148 26.06 -76.86 -51.49
CA ALA G 148 27.35 -76.83 -50.79
C ALA G 148 27.17 -76.61 -49.29
N LEU G 149 25.94 -76.74 -48.81
CA LEU G 149 25.63 -76.40 -47.42
C LEU G 149 26.55 -77.11 -46.42
N GLY G 150 26.78 -78.40 -46.63
CA GLY G 150 27.57 -79.19 -45.70
C GLY G 150 29.00 -78.70 -45.64
N ALA G 151 29.54 -78.36 -46.81
CA ALA G 151 30.89 -77.83 -46.89
C ALA G 151 30.99 -76.45 -46.24
N THR G 152 29.98 -75.63 -46.49
CA THR G 152 29.97 -74.28 -45.95
C THR G 152 29.96 -74.32 -44.43
N ILE G 153 29.13 -75.20 -43.87
CA ILE G 153 28.99 -75.31 -42.43
C ILE G 153 30.28 -75.87 -41.81
N ALA G 154 30.85 -76.91 -42.41
CA ALA G 154 32.10 -77.47 -41.91
C ALA G 154 33.22 -76.42 -41.95
N GLU G 155 33.21 -75.57 -42.96
CA GLU G 155 34.22 -74.51 -43.09
C GLU G 155 34.06 -73.49 -41.96
N VAL G 156 32.84 -73.01 -41.74
CA VAL G 156 32.58 -72.05 -40.67
C VAL G 156 32.87 -72.68 -39.31
N GLY G 157 32.48 -73.94 -39.16
CA GLY G 157 32.70 -74.67 -37.94
C GLY G 157 34.17 -74.77 -37.56
N GLU G 158 35.04 -74.71 -38.56
CA GLU G 158 36.48 -74.78 -38.33
C GLU G 158 37.02 -73.40 -37.96
N LEU G 159 36.45 -72.36 -38.57
CA LEU G 159 36.85 -70.99 -38.27
C LEU G 159 36.45 -70.58 -36.86
N ASP G 160 35.31 -71.08 -36.41
CA ASP G 160 34.81 -70.79 -35.06
C ASP G 160 34.44 -72.10 -34.37
N PRO G 161 35.38 -72.67 -33.60
CA PRO G 161 35.11 -73.96 -32.96
C PRO G 161 34.01 -73.92 -31.89
N ASN G 162 33.57 -72.72 -31.51
CA ASN G 162 32.46 -72.58 -30.58
C ASN G 162 31.14 -72.28 -31.29
N ALA G 163 31.17 -72.30 -32.61
CA ALA G 163 29.97 -72.00 -33.39
C ALA G 163 28.94 -73.11 -33.23
N ARG G 164 27.66 -72.72 -33.16
CA ARG G 164 26.56 -73.66 -33.27
C ARG G 164 25.85 -73.31 -34.57
N LEU G 165 25.74 -74.29 -35.45
CA LEU G 165 25.40 -74.04 -36.84
C LEU G 165 24.28 -74.96 -37.32
N ASN G 166 23.19 -74.98 -36.57
CA ASN G 166 22.02 -75.75 -36.96
C ASN G 166 21.20 -74.99 -37.99
N ILE G 167 21.10 -75.57 -39.18
CA ILE G 167 20.41 -74.96 -40.31
C ILE G 167 19.22 -75.81 -40.67
N LEU G 168 18.14 -75.13 -41.06
CA LEU G 168 16.98 -75.79 -41.63
C LEU G 168 16.53 -74.94 -42.80
N ALA G 169 16.43 -75.55 -43.97
CA ALA G 169 16.18 -74.80 -45.20
C ALA G 169 15.26 -75.58 -46.12
N ALA G 170 14.57 -74.86 -47.01
CA ALA G 170 13.63 -75.49 -47.93
C ALA G 170 13.45 -74.68 -49.21
N ASN G 171 13.17 -75.35 -50.33
CA ASN G 171 13.02 -74.65 -51.61
C ASN G 171 11.70 -74.94 -52.32
N GLY G 172 10.80 -75.60 -51.62
CA GLY G 172 9.48 -75.90 -52.15
C GLY G 172 9.31 -77.38 -52.46
N SER G 173 10.42 -78.04 -52.81
CA SER G 173 10.36 -79.48 -53.13
C SER G 173 11.46 -80.29 -52.45
N ARG G 174 12.30 -79.64 -51.63
CA ARG G 174 13.25 -80.36 -50.81
C ARG G 174 13.55 -79.62 -49.51
N LEU G 175 13.96 -80.39 -48.51
CA LEU G 175 14.46 -79.85 -47.25
C LEU G 175 15.93 -80.16 -47.12
N LEU G 176 16.66 -79.22 -46.53
CA LEU G 176 18.05 -79.43 -46.14
C LEU G 176 18.23 -78.98 -44.72
N ALA G 177 19.05 -79.71 -43.96
CA ALA G 177 19.34 -79.36 -42.58
C ALA G 177 20.74 -79.80 -42.17
N THR G 178 21.30 -79.09 -41.20
CA THR G 178 22.53 -79.52 -40.56
C THR G 178 22.34 -79.54 -39.07
N THR G 179 22.95 -80.52 -38.42
CA THR G 179 23.12 -80.52 -36.98
C THR G 179 24.56 -80.14 -36.69
N TRP G 180 24.74 -79.13 -35.87
CA TRP G 180 26.07 -78.67 -35.51
C TRP G 180 25.98 -77.94 -34.18
N GLY G 181 25.88 -78.71 -33.09
CA GLY G 181 25.77 -78.15 -31.76
C GLY G 181 24.44 -78.44 -31.07
N ASP G 182 23.48 -78.91 -31.85
CA ASP G 182 22.11 -79.21 -31.36
C ASP G 182 21.60 -80.36 -32.23
N THR G 183 20.75 -81.24 -31.71
CA THR G 183 20.23 -82.32 -32.55
C THR G 183 19.01 -81.85 -33.33
N LEU G 184 18.53 -82.73 -34.19
CA LEU G 184 17.38 -82.47 -35.02
C LEU G 184 16.54 -83.72 -34.93
N SER G 185 15.22 -83.56 -34.96
CA SER G 185 14.34 -84.72 -34.92
C SER G 185 13.57 -84.80 -36.21
N VAL G 186 13.26 -86.01 -36.62
CA VAL G 186 12.53 -86.24 -37.86
C VAL G 186 11.31 -87.13 -37.60
N LEU G 187 10.21 -86.75 -38.24
CA LEU G 187 8.97 -87.53 -38.21
C LEU G 187 8.52 -87.81 -39.62
N ARG G 188 8.49 -89.09 -39.97
CA ARG G 188 7.99 -89.52 -41.26
C ARG G 188 6.52 -89.92 -41.12
N ARG G 189 5.63 -89.08 -41.62
CA ARG G 189 4.21 -89.37 -41.63
C ARG G 189 3.83 -89.96 -42.97
N PRO G 190 2.64 -90.55 -43.07
CA PRO G 190 2.26 -91.12 -44.37
C PRO G 190 2.18 -90.07 -45.47
N ASP G 191 1.98 -88.81 -45.10
CA ASP G 191 1.74 -87.76 -46.09
C ASP G 191 2.91 -86.78 -46.22
N GLY G 192 4.03 -87.07 -45.57
CA GLY G 192 5.18 -86.17 -45.63
C GLY G 192 6.12 -86.26 -44.44
N VAL G 193 7.09 -85.36 -44.40
CA VAL G 193 8.16 -85.41 -43.41
C VAL G 193 8.27 -84.11 -42.64
N VAL G 194 8.40 -84.22 -41.32
CA VAL G 194 8.72 -83.10 -40.45
C VAL G 194 10.16 -83.18 -40.00
N LEU G 195 10.86 -82.05 -40.06
CA LEU G 195 12.14 -81.86 -39.40
C LEU G 195 11.95 -80.78 -38.35
N ALA G 196 12.46 -81.01 -37.14
CA ALA G 196 12.24 -80.07 -36.05
C ALA G 196 13.36 -80.10 -35.03
N SER G 197 13.65 -78.93 -34.44
CA SER G 197 14.58 -78.86 -33.32
C SER G 197 14.19 -79.84 -32.23
N GLU G 198 12.89 -80.00 -32.02
CA GLU G 198 12.42 -81.00 -31.07
C GLU G 198 11.02 -81.47 -31.45
N PRO G 199 10.69 -82.72 -31.07
CA PRO G 199 9.39 -83.28 -31.42
C PRO G 199 8.24 -82.42 -30.93
N TYR G 200 7.20 -82.24 -31.74
CA TYR G 200 6.09 -81.39 -31.32
C TYR G 200 4.99 -82.19 -30.62
N ASP G 201 5.22 -83.48 -30.40
CA ASP G 201 4.33 -84.30 -29.59
C ASP G 201 5.08 -85.57 -29.18
N ASP G 202 4.35 -86.60 -28.75
CA ASP G 202 5.01 -87.84 -28.28
C ASP G 202 4.79 -89.00 -29.25
N ASP G 203 4.63 -88.68 -30.53
CA ASP G 203 4.51 -89.67 -31.59
C ASP G 203 5.71 -90.62 -31.56
N PRO G 204 5.48 -91.94 -31.46
CA PRO G 204 6.65 -92.83 -31.35
C PRO G 204 7.52 -92.83 -32.61
N GLY G 205 7.01 -92.26 -33.70
CA GLY G 205 7.76 -92.22 -34.96
C GLY G 205 8.87 -91.19 -34.99
N TRP G 206 8.91 -90.31 -34.00
CA TRP G 206 9.99 -89.33 -33.91
C TRP G 206 11.32 -90.04 -33.65
N SER G 207 12.35 -89.64 -34.37
CA SER G 207 13.71 -90.12 -34.08
C SER G 207 14.69 -88.97 -34.23
N ASP G 208 15.83 -89.11 -33.56
CA ASP G 208 16.79 -88.02 -33.48
C ASP G 208 17.93 -88.20 -34.47
N ILE G 209 18.31 -87.10 -35.10
CA ILE G 209 19.50 -87.02 -35.95
C ILE G 209 20.69 -86.68 -35.07
N PRO G 210 21.78 -87.46 -35.15
CA PRO G 210 22.91 -87.12 -34.29
C PRO G 210 23.65 -85.85 -34.76
N ASP G 211 24.51 -85.34 -33.88
CA ASP G 211 25.24 -84.11 -34.15
C ASP G 211 26.21 -84.29 -35.31
N ARG G 212 26.52 -83.17 -35.98
CA ARG G 212 27.47 -83.12 -37.10
C ARG G 212 27.00 -83.95 -38.29
N HIS G 213 25.74 -83.76 -38.70
CA HIS G 213 25.20 -84.42 -39.89
C HIS G 213 24.45 -83.47 -40.80
N LEU G 214 24.32 -83.88 -42.05
CA LEU G 214 23.49 -83.22 -43.04
C LEU G 214 22.26 -84.09 -43.27
N VAL G 215 21.12 -83.45 -43.42
CA VAL G 215 19.86 -84.14 -43.69
C VAL G 215 19.26 -83.58 -44.97
N ASP G 216 18.91 -84.49 -45.88
CA ASP G 216 18.41 -84.14 -47.20
C ASP G 216 17.08 -84.86 -47.44
N VAL G 217 16.01 -84.10 -47.63
CA VAL G 217 14.67 -84.68 -47.83
C VAL G 217 14.11 -84.29 -49.19
N ARG G 218 13.69 -85.29 -49.94
CA ARG G 218 13.13 -85.11 -51.28
C ARG G 218 12.04 -86.15 -51.54
N ASP G 219 10.85 -85.69 -51.91
CA ASP G 219 9.74 -86.60 -52.17
C ASP G 219 9.60 -87.60 -51.00
N ALA G 220 9.71 -87.06 -49.78
CA ALA G 220 9.58 -87.80 -48.52
C ALA G 220 10.68 -88.84 -48.30
N HIS G 221 11.74 -88.79 -49.10
CA HIS G 221 12.91 -89.66 -48.89
C HIS G 221 13.97 -88.93 -48.06
N VAL G 222 14.30 -89.48 -46.89
CA VAL G 222 15.25 -88.85 -45.95
C VAL G 222 16.64 -89.45 -46.05
N VAL G 223 17.61 -88.61 -46.43
CA VAL G 223 19.01 -89.03 -46.55
C VAL G 223 19.87 -88.28 -45.53
N VAL G 224 20.57 -89.03 -44.70
CA VAL G 224 21.40 -88.47 -43.63
C VAL G 224 22.84 -88.81 -43.88
N THR G 225 23.70 -87.80 -43.95
CA THR G 225 25.13 -88.02 -44.15
C THR G 225 25.95 -87.29 -43.09
N PRO G 226 27.15 -87.80 -42.79
CA PRO G 226 28.04 -87.12 -41.85
C PRO G 226 28.63 -85.86 -42.46
N LEU G 227 29.01 -84.90 -41.63
CA LEU G 227 29.72 -83.72 -42.10
C LEU G 227 31.20 -83.90 -41.79
N SER G 228 32.06 -83.25 -42.57
CA SER G 228 33.50 -83.35 -42.32
C SER G 228 33.91 -82.37 -41.23
N CYS H 2 -12.54 54.69 49.77
CA CYS H 2 -12.52 54.78 48.31
C CYS H 2 -11.31 55.57 47.85
N ARG H 3 -11.00 55.44 46.57
CA ARG H 3 -9.98 56.24 45.91
C ARG H 3 -10.58 56.70 44.60
N HIS H 4 -10.32 57.95 44.23
CA HIS H 4 -10.78 58.43 42.94
C HIS H 4 -9.71 59.22 42.20
N VAL H 5 -9.97 59.42 40.91
CA VAL H 5 -9.05 60.12 40.02
C VAL H 5 -9.88 60.85 38.99
N ALA H 6 -9.37 61.98 38.54
CA ALA H 6 -10.03 62.73 37.48
C ALA H 6 -9.03 63.36 36.54
N TRP H 7 -9.47 63.58 35.32
CA TRP H 7 -8.64 64.15 34.26
C TRP H 7 -9.40 65.27 33.59
N LEU H 8 -8.70 66.37 33.31
CA LEU H 8 -9.21 67.41 32.42
C LEU H 8 -8.07 67.84 31.51
N GLY H 9 -8.22 67.61 30.21
CA GLY H 9 -7.19 68.05 29.27
C GLY H 9 -7.41 67.46 27.90
N ALA H 10 -6.31 67.30 27.17
CA ALA H 10 -6.37 66.64 25.87
C ALA H 10 -6.89 65.22 26.04
N PRO H 11 -7.54 64.67 25.00
CA PRO H 11 -8.15 63.35 25.19
C PRO H 11 -7.16 62.31 25.67
N ARG H 12 -7.64 61.51 26.62
CA ARG H 12 -6.84 60.47 27.26
C ARG H 12 -7.72 59.24 27.42
N SER H 13 -7.16 58.05 27.23
CA SER H 13 -7.98 56.86 27.35
C SER H 13 -8.20 56.52 28.83
N LEU H 14 -9.32 55.88 29.12
CA LEU H 14 -9.63 55.46 30.48
C LEU H 14 -8.56 54.51 30.97
N ALA H 15 -8.06 53.65 30.09
CA ALA H 15 -7.02 52.71 30.46
C ALA H 15 -5.76 53.45 30.88
N ASP H 16 -5.41 54.49 30.12
CA ASP H 16 -4.18 55.21 30.39
C ASP H 16 -4.23 55.93 31.74
N LEU H 17 -5.43 56.31 32.16
CA LEU H 17 -5.60 57.03 33.41
C LEU H 17 -5.77 56.09 34.61
N VAL H 18 -6.45 54.96 34.39
CA VAL H 18 -6.92 54.11 35.49
C VAL H 18 -6.17 52.77 35.61
N LEU H 19 -5.85 52.15 34.48
CA LEU H 19 -5.34 50.79 34.48
C LEU H 19 -3.83 50.66 34.26
N ASP H 20 -3.27 51.57 33.48
CA ASP H 20 -1.88 51.44 33.03
C ASP H 20 -0.84 52.02 34.00
N PRO H 21 -1.19 53.07 34.75
CA PRO H 21 -0.15 53.57 35.67
C PRO H 21 0.27 52.51 36.71
N PRO H 22 1.55 52.55 37.12
CA PRO H 22 2.10 51.52 38.03
C PRO H 22 1.49 51.56 39.43
N GLN H 23 0.90 52.67 39.82
CA GLN H 23 0.23 52.78 41.12
C GLN H 23 -1.11 53.48 40.99
N GLY H 24 -1.78 53.27 39.86
CA GLY H 24 -3.05 53.93 39.61
C GLY H 24 -4.22 53.24 40.27
N LEU H 25 -5.42 53.62 39.84
CA LEU H 25 -6.64 53.17 40.46
C LEU H 25 -6.75 51.64 40.48
N LEU H 26 -6.31 50.99 39.41
CA LEU H 26 -6.31 49.52 39.37
C LEU H 26 -5.53 48.95 40.54
N VAL H 27 -4.33 49.47 40.74
CA VAL H 27 -3.45 48.96 41.79
C VAL H 27 -4.02 49.36 43.15
N GLN H 28 -4.66 50.52 43.21
CA GLN H 28 -5.25 51.01 44.45
C GLN H 28 -6.46 50.21 44.88
N SER H 29 -7.04 49.45 43.96
CA SER H 29 -8.18 48.61 44.33
C SER H 29 -7.75 47.49 45.28
N TYR H 30 -6.48 47.06 45.21
CA TYR H 30 -5.99 46.02 46.14
C TYR H 30 -4.77 46.43 46.96
N ALA H 31 -4.07 47.47 46.55
CA ALA H 31 -2.87 47.91 47.28
C ALA H 31 -2.68 49.44 47.23
N PRO H 32 -3.59 50.18 47.88
CA PRO H 32 -3.47 51.65 47.97
C PRO H 32 -2.25 52.05 48.80
N ARG H 33 -1.70 53.23 48.55
CA ARG H 33 -0.47 53.64 49.21
C ARG H 33 -0.69 54.69 50.29
N ARG H 34 -1.83 55.39 50.27
CA ARG H 34 -2.04 56.51 51.19
C ARG H 34 -3.41 56.47 51.84
N GLN H 35 -3.94 55.27 52.02
CA GLN H 35 -5.32 55.12 52.46
C GLN H 35 -5.40 54.77 53.94
N LYS H 36 -6.00 55.65 54.73
CA LYS H 36 -6.09 55.46 56.18
C LYS H 36 -7.35 54.69 56.58
N HIS H 37 -8.34 54.66 55.70
CA HIS H 37 -9.63 54.06 55.99
C HIS H 37 -9.95 52.98 54.98
N GLY H 38 -9.87 51.72 55.42
CA GLY H 38 -9.95 50.57 54.55
C GLY H 38 -8.56 50.14 54.11
N LEU H 39 -8.41 48.84 53.86
CA LEU H 39 -7.15 48.27 53.40
C LEU H 39 -7.13 48.13 51.88
N MSE H 40 -8.31 48.23 51.28
CA MSE H 40 -8.46 47.98 49.85
C MSE H 40 -9.72 48.64 49.38
O MSE H 40 -10.49 49.17 50.18
CB MSE H 40 -8.52 46.49 49.58
CG MSE H 40 -9.81 45.94 50.12
SE MSE H 40 -9.77 44.10 50.68
CE MSE H 40 -8.09 44.01 51.70
H MSE H 40 -9.05 48.43 51.68
HA MSE H 40 -7.69 48.35 49.38
HB2 MSE H 40 -8.51 46.33 48.63
HB3 MSE H 40 -7.78 46.05 50.02
HG2 MSE H 40 -10.06 46.47 50.90
HG3 MSE H 40 -10.49 46.03 49.45
HE1 MSE H 40 -7.97 43.10 52.02
HE2 MSE H 40 -7.35 44.25 51.10
HE3 MSE H 40 -8.14 44.63 52.43
N ASN H 41 -9.96 48.58 48.07
CA ASN H 41 -11.16 49.17 47.48
C ASN H 41 -11.72 48.21 46.45
N ALA H 42 -12.35 47.16 46.97
CA ALA H 42 -12.78 46.01 46.18
C ALA H 42 -14.29 45.92 45.99
N ASP H 43 -15.01 46.90 46.52
CA ASP H 43 -16.47 46.83 46.56
C ASP H 43 -17.13 47.56 45.39
N GLY H 44 -16.53 47.41 44.22
CA GLY H 44 -17.04 48.05 43.02
C GLY H 44 -16.15 49.16 42.53
N TRP H 45 -16.55 49.74 41.41
CA TRP H 45 -15.80 50.80 40.76
C TRP H 45 -16.74 51.48 39.79
N GLY H 46 -16.31 52.64 39.30
CA GLY H 46 -17.00 53.29 38.23
C GLY H 46 -16.06 54.19 37.47
N ALA H 47 -16.34 54.38 36.19
CA ALA H 47 -15.61 55.32 35.37
C ALA H 47 -16.60 56.13 34.57
N GLY H 48 -16.55 57.45 34.73
CA GLY H 48 -17.42 58.36 34.01
C GLY H 48 -16.58 59.24 33.12
N PHE H 49 -17.13 59.62 31.98
CA PHE H 49 -16.42 60.47 31.06
C PHE H 49 -17.39 61.25 30.20
N PHE H 50 -16.89 62.30 29.54
CA PHE H 50 -17.71 63.10 28.65
C PHE H 50 -17.28 62.81 27.22
N ASP H 51 -18.24 62.48 26.37
CA ASP H 51 -17.90 62.07 25.02
C ASP H 51 -17.74 63.30 24.14
N ASP H 52 -17.43 63.10 22.87
CA ASP H 52 -17.11 64.22 21.97
C ASP H 52 -18.30 65.15 21.77
N ASP H 53 -19.50 64.70 22.14
CA ASP H 53 -20.70 65.51 22.02
C ASP H 53 -21.10 66.18 23.34
N GLY H 54 -20.27 66.03 24.37
CA GLY H 54 -20.53 66.62 25.67
C GLY H 54 -21.41 65.79 26.61
N VAL H 55 -21.81 64.60 26.19
CA VAL H 55 -22.68 63.76 27.01
C VAL H 55 -21.90 63.02 28.09
N ALA H 56 -22.37 63.09 29.33
CA ALA H 56 -21.83 62.30 30.43
C ALA H 56 -22.23 60.84 30.28
N ARG H 57 -21.24 59.97 30.28
CA ARG H 57 -21.44 58.54 30.14
C ARG H 57 -20.73 57.81 31.28
N ARG H 58 -21.27 56.68 31.71
CA ARG H 58 -20.74 55.98 32.88
C ARG H 58 -20.77 54.49 32.74
N TRP H 59 -19.73 53.85 33.25
CA TRP H 59 -19.63 52.41 33.41
C TRP H 59 -19.43 52.15 34.90
N ARG H 60 -20.33 51.39 35.51
CA ARG H 60 -20.21 51.09 36.94
C ARG H 60 -20.42 49.62 37.24
N SER H 61 -19.80 49.17 38.33
CA SER H 61 -19.80 47.75 38.69
C SER H 61 -19.75 47.59 40.22
N ASP H 62 -20.21 46.45 40.70
CA ASP H 62 -20.14 46.15 42.12
C ASP H 62 -19.05 45.13 42.42
N LYS H 63 -18.27 44.77 41.41
CA LYS H 63 -17.18 43.81 41.55
C LYS H 63 -15.81 44.49 41.60
N PRO H 64 -14.77 43.78 42.05
CA PRO H 64 -13.45 44.40 42.13
C PRO H 64 -12.91 44.81 40.75
N LEU H 65 -12.31 45.99 40.68
CA LEU H 65 -11.83 46.53 39.41
C LEU H 65 -10.82 45.59 38.74
N TRP H 66 -9.95 44.97 39.52
CA TRP H 66 -8.89 44.13 38.94
C TRP H 66 -9.41 42.91 38.22
N GLY H 67 -10.66 42.53 38.50
CA GLY H 67 -11.21 41.30 37.97
C GLY H 67 -12.05 41.50 36.73
N ASP H 68 -12.18 42.74 36.24
CA ASP H 68 -13.12 43.00 35.14
C ASP H 68 -12.42 42.93 33.79
N ALA H 69 -12.60 41.79 33.12
CA ALA H 69 -11.96 41.53 31.84
C ALA H 69 -12.52 42.42 30.72
N SER H 70 -13.81 42.75 30.80
CA SER H 70 -14.43 43.60 29.78
C SER H 70 -13.85 45.00 29.83
N PHE H 71 -13.71 45.54 31.04
CA PHE H 71 -13.21 46.89 31.18
C PHE H 71 -11.74 46.92 30.75
N ALA H 72 -10.99 45.90 31.13
CA ALA H 72 -9.59 45.83 30.69
C ALA H 72 -9.47 45.83 29.17
N SER H 73 -10.39 45.16 28.49
CA SER H 73 -10.37 45.06 27.03
C SER H 73 -10.84 46.36 26.36
N VAL H 74 -11.87 46.98 26.90
CA VAL H 74 -12.53 48.09 26.23
C VAL H 74 -11.95 49.47 26.60
N ALA H 75 -11.47 49.61 27.83
CA ALA H 75 -11.02 50.92 28.35
C ALA H 75 -10.00 51.63 27.46
N PRO H 76 -9.12 50.87 26.80
CA PRO H 76 -8.16 51.59 25.95
C PRO H 76 -8.81 52.29 24.77
N ALA H 77 -10.03 51.90 24.41
CA ALA H 77 -10.73 52.46 23.25
C ALA H 77 -11.67 53.60 23.64
N LEU H 78 -11.74 53.91 24.92
CA LEU H 78 -12.57 55.02 25.40
C LEU H 78 -11.69 56.20 25.77
N ARG H 79 -11.72 57.24 24.95
CA ARG H 79 -10.90 58.43 25.14
C ARG H 79 -11.76 59.65 25.40
N SER H 80 -11.34 60.46 26.37
CA SER H 80 -12.10 61.64 26.76
C SER H 80 -11.21 62.77 27.26
N ARG H 81 -11.68 64.00 27.08
CA ARG H 81 -11.05 65.18 27.65
C ARG H 81 -11.36 65.32 29.14
N CYS H 82 -12.34 64.58 29.63
CA CYS H 82 -12.79 64.77 31.00
C CYS H 82 -13.34 63.48 31.59
N VAL H 83 -12.65 63.00 32.65
CA VAL H 83 -12.92 61.70 33.25
C VAL H 83 -12.98 61.80 34.78
N VAL H 84 -13.91 61.09 35.40
CA VAL H 84 -13.92 60.88 36.86
C VAL H 84 -14.12 59.38 37.08
N ALA H 85 -13.17 58.76 37.79
CA ALA H 85 -13.23 57.33 38.09
C ALA H 85 -12.96 57.09 39.56
N ALA H 86 -13.50 55.99 40.08
CA ALA H 86 -13.33 55.67 41.49
C ALA H 86 -13.40 54.17 41.73
N VAL H 87 -12.68 53.73 42.76
CA VAL H 87 -12.81 52.37 43.27
C VAL H 87 -13.34 52.48 44.70
N ARG H 88 -14.27 51.61 45.04
CA ARG H 88 -15.07 51.75 46.25
C ARG H 88 -14.63 50.80 47.37
N SER H 89 -14.55 51.33 48.57
CA SER H 89 -14.48 50.54 49.79
C SER H 89 -15.77 50.84 50.53
N ALA H 90 -16.61 49.83 50.72
CA ALA H 90 -17.97 50.07 51.23
C ALA H 90 -18.00 50.07 52.76
N THR H 91 -18.71 51.04 53.32
CA THR H 91 -18.96 51.07 54.76
C THR H 91 -19.87 49.91 55.13
N ILE H 92 -19.57 49.26 56.25
CA ILE H 92 -20.41 48.18 56.77
C ILE H 92 -21.88 48.59 56.79
N GLY H 93 -22.74 47.73 56.25
CA GLY H 93 -24.17 48.00 56.19
C GLY H 93 -24.65 48.56 54.87
N MSE H 94 -23.79 49.30 54.19
CA MSE H 94 -24.14 49.93 52.91
C MSE H 94 -24.21 48.90 51.79
O MSE H 94 -23.34 48.03 51.66
CB MSE H 94 -23.11 51.01 52.54
CG MSE H 94 -22.89 52.07 53.59
SE MSE H 94 -24.46 53.19 53.88
CE MSE H 94 -23.71 54.40 55.23
H MSE H 94 -22.98 49.47 54.45
HA MSE H 94 -25.00 50.35 52.99
HB2 MSE H 94 -22.26 50.58 52.36
HB3 MSE H 94 -23.42 51.45 51.72
HG2 MSE H 94 -22.67 51.63 54.42
HG3 MSE H 94 -22.16 52.64 53.31
HE1 MSE H 94 -24.39 55.03 55.49
HE2 MSE H 94 -23.43 53.88 56.00
HE3 MSE H 94 -22.95 54.86 54.85
N SER H 95 -25.24 49.03 50.96
CA SER H 95 -25.41 48.14 49.82
C SER H 95 -24.20 48.19 48.89
N ILE H 96 -23.79 47.02 48.43
CA ILE H 96 -22.75 46.87 47.43
C ILE H 96 -23.43 46.49 46.12
N GLU H 97 -23.56 47.49 45.25
CA GLU H 97 -24.37 47.40 44.05
C GLU H 97 -23.90 48.52 43.12
N PRO H 98 -24.02 48.32 41.80
CA PRO H 98 -23.47 49.34 40.88
C PRO H 98 -24.03 50.77 41.07
N SER H 99 -25.29 50.90 41.44
CA SER H 99 -25.88 52.22 41.59
C SER H 99 -25.27 52.97 42.76
N ALA H 100 -24.62 52.23 43.66
CA ALA H 100 -23.96 52.80 44.84
C ALA H 100 -22.51 53.17 44.59
N SER H 101 -21.99 52.79 43.43
CA SER H 101 -20.63 53.14 43.07
C SER H 101 -20.58 54.53 42.45
N ALA H 102 -19.54 55.29 42.81
CA ALA H 102 -19.23 56.53 42.12
C ALA H 102 -18.74 56.20 40.72
N PRO H 103 -18.89 57.14 39.76
CA PRO H 103 -19.45 58.48 39.89
C PRO H 103 -20.96 58.52 39.78
N PHE H 104 -21.57 59.36 40.63
CA PHE H 104 -22.95 59.73 40.51
C PHE H 104 -23.08 60.83 39.48
N SER H 105 -24.29 61.08 39.02
CA SER H 105 -24.48 62.04 37.95
C SER H 105 -25.85 62.68 38.00
N ASP H 106 -25.90 63.98 37.72
CA ASP H 106 -27.16 64.66 37.47
C ASP H 106 -27.31 65.04 36.00
N GLY H 107 -26.52 64.41 35.15
CA GLY H 107 -26.56 64.69 33.71
C GLY H 107 -25.55 65.71 33.21
N GLN H 108 -25.18 66.67 34.06
CA GLN H 108 -24.19 67.69 33.67
C GLN H 108 -22.90 67.49 34.44
N TRP H 109 -23.01 67.04 35.70
CA TRP H 109 -21.85 66.74 36.54
C TRP H 109 -21.71 65.26 36.87
N LEU H 110 -20.48 64.79 36.85
CA LEU H 110 -20.10 63.50 37.44
C LEU H 110 -19.51 63.82 38.81
N LEU H 111 -19.74 62.95 39.79
CA LEU H 111 -19.31 63.22 41.15
C LEU H 111 -18.94 61.96 41.93
N SER H 112 -17.77 62.00 42.56
CA SER H 112 -17.33 60.92 43.45
C SER H 112 -17.15 61.43 44.87
N HIS H 113 -17.53 60.62 45.84
CA HIS H 113 -17.29 60.91 47.24
C HIS H 113 -16.43 59.84 47.90
N ASN H 114 -15.34 60.29 48.50
CA ASN H 114 -14.50 59.45 49.34
C ASN H 114 -14.63 59.90 50.79
N GLY H 115 -15.24 59.07 51.62
CA GLY H 115 -15.35 59.42 53.02
C GLY H 115 -16.50 58.72 53.72
N LEU H 116 -17.15 59.48 54.60
CA LEU H 116 -18.16 58.93 55.48
C LEU H 116 -19.02 60.09 55.94
N VAL H 117 -20.34 59.93 55.91
CA VAL H 117 -21.22 60.96 56.45
C VAL H 117 -22.47 60.33 57.06
N ALA H 118 -22.89 60.86 58.20
CA ALA H 118 -24.09 60.37 58.87
C ALA H 118 -25.31 60.75 58.05
N ARG H 119 -26.06 59.76 57.58
CA ARG H 119 -27.21 60.08 56.74
C ARG H 119 -28.25 60.87 57.53
N GLY H 120 -28.21 60.73 58.85
CA GLY H 120 -29.18 61.39 59.70
C GLY H 120 -29.09 62.90 59.67
N VAL H 121 -27.95 63.45 59.24
CA VAL H 121 -27.82 64.91 59.18
C VAL H 121 -28.17 65.45 57.79
N LEU H 122 -28.45 64.56 56.84
CA LEU H 122 -28.78 64.97 55.49
C LEU H 122 -30.29 64.97 55.24
N PRO H 123 -30.76 65.85 54.33
CA PRO H 123 -32.19 65.87 54.02
C PRO H 123 -32.64 64.59 53.35
N LEU H 124 -33.89 64.18 53.58
CA LEU H 124 -34.48 63.12 52.77
C LEU H 124 -34.58 63.59 51.33
N THR H 125 -34.50 62.67 50.40
CA THR H 125 -34.58 63.01 48.99
C THR H 125 -35.25 61.90 48.20
N GLY H 126 -35.88 62.27 47.09
CA GLY H 126 -36.37 61.30 46.13
C GLY H 126 -35.50 61.24 44.90
N ALA H 127 -34.38 61.95 44.92
CA ALA H 127 -33.53 62.11 43.73
C ALA H 127 -32.24 61.31 43.79
N ALA H 128 -32.03 60.53 44.84
CA ALA H 128 -30.77 59.80 44.98
C ALA H 128 -30.72 58.57 44.06
N GLU H 129 -29.53 58.19 43.63
CA GLU H 129 -29.32 57.03 42.78
C GLU H 129 -29.26 55.72 43.55
N SER H 130 -29.01 55.84 44.86
CA SER H 130 -28.87 54.68 45.75
C SER H 130 -29.25 55.12 47.15
N THR H 131 -29.33 54.16 48.06
CA THR H 131 -29.59 54.45 49.46
C THR H 131 -28.35 54.78 50.26
N VAL H 132 -27.17 54.51 49.70
CA VAL H 132 -25.95 54.63 50.48
C VAL H 132 -25.64 56.09 50.78
N ASP H 133 -24.87 56.31 51.85
CA ASP H 133 -24.67 57.66 52.35
C ASP H 133 -24.06 58.56 51.29
N SER H 134 -23.12 58.04 50.51
CA SER H 134 -22.51 58.87 49.46
C SER H 134 -23.51 59.34 48.42
N ALA H 135 -24.50 58.50 48.11
CA ALA H 135 -25.51 58.87 47.12
C ALA H 135 -26.47 59.93 47.67
N ILE H 136 -26.76 59.86 48.97
CA ILE H 136 -27.60 60.87 49.62
C ILE H 136 -26.87 62.21 49.64
N LEU H 137 -25.58 62.16 49.92
CA LEU H 137 -24.75 63.35 49.90
C LEU H 137 -24.63 63.94 48.49
N ALA H 138 -24.47 63.07 47.50
CA ALA H 138 -24.39 63.52 46.12
C ALA H 138 -25.66 64.28 45.72
N ALA H 139 -26.81 63.72 46.10
CA ALA H 139 -28.09 64.36 45.80
C ALA H 139 -28.15 65.75 46.40
N LEU H 140 -27.70 65.89 47.64
CA LEU H 140 -27.65 67.21 48.28
C LEU H 140 -26.74 68.15 47.52
N ILE H 141 -25.54 67.68 47.20
CA ILE H 141 -24.59 68.50 46.48
C ILE H 141 -25.21 68.98 45.15
N PHE H 142 -25.81 68.06 44.39
CA PHE H 142 -26.42 68.42 43.11
C PHE H 142 -27.55 69.43 43.29
N SER H 143 -28.35 69.26 44.36
CA SER H 143 -29.50 70.13 44.58
C SER H 143 -29.08 71.55 44.92
N ARG H 144 -27.94 71.71 45.59
CA ARG H 144 -27.41 73.04 45.91
C ARG H 144 -26.64 73.65 44.74
N GLY H 145 -26.17 72.80 43.82
CA GLY H 145 -25.41 73.24 42.68
C GLY H 145 -23.92 73.16 42.93
N LEU H 146 -23.13 72.78 41.92
CA LEU H 146 -21.71 72.56 42.14
C LEU H 146 -20.94 73.87 42.34
N ASP H 147 -21.50 75.00 41.91
CA ASP H 147 -20.88 76.29 42.19
C ASP H 147 -20.96 76.63 43.67
N ALA H 148 -21.80 75.90 44.41
CA ALA H 148 -21.87 76.06 45.87
C ALA H 148 -21.23 74.86 46.60
N LEU H 149 -20.38 74.09 45.91
CA LEU H 149 -19.78 72.90 46.52
C LEU H 149 -19.05 73.23 47.82
N GLY H 150 -18.25 74.29 47.80
CA GLY H 150 -17.50 74.70 48.97
C GLY H 150 -18.41 74.96 50.16
N ALA H 151 -19.48 75.71 49.93
CA ALA H 151 -20.45 76.02 50.98
C ALA H 151 -21.15 74.76 51.49
N THR H 152 -21.53 73.87 50.57
CA THR H 152 -22.25 72.65 50.94
C THR H 152 -21.40 71.75 51.82
N ILE H 153 -20.12 71.57 51.45
CA ILE H 153 -19.24 70.68 52.20
C ILE H 153 -18.87 71.29 53.55
N ALA H 154 -18.60 72.59 53.59
CA ALA H 154 -18.31 73.26 54.86
C ALA H 154 -19.49 73.13 55.82
N GLU H 155 -20.70 73.17 55.28
CA GLU H 155 -21.92 73.03 56.09
C GLU H 155 -22.05 71.61 56.63
N VAL H 156 -22.02 70.62 55.74
CA VAL H 156 -22.17 69.22 56.15
C VAL H 156 -21.06 68.83 57.12
N GLY H 157 -19.87 69.36 56.90
CA GLY H 157 -18.76 69.10 57.80
C GLY H 157 -18.97 69.59 59.22
N GLU H 158 -19.81 70.61 59.39
CA GLU H 158 -20.17 71.08 60.74
C GLU H 158 -21.38 70.33 61.28
N LEU H 159 -22.29 69.93 60.39
CA LEU H 159 -23.47 69.16 60.79
C LEU H 159 -23.02 67.83 61.38
N ASP H 160 -22.00 67.24 60.75
CA ASP H 160 -21.42 65.96 61.18
C ASP H 160 -19.93 66.14 61.39
N PRO H 161 -19.51 66.41 62.64
CA PRO H 161 -18.08 66.67 62.90
C PRO H 161 -17.17 65.47 62.64
N ASN H 162 -17.76 64.29 62.47
CA ASN H 162 -16.98 63.08 62.17
C ASN H 162 -16.95 62.77 60.67
N ALA H 163 -17.66 63.55 59.86
CA ALA H 163 -17.73 63.27 58.42
C ALA H 163 -16.39 63.48 57.74
N ARG H 164 -16.16 62.64 56.74
CA ARG H 164 -15.06 62.84 55.80
C ARG H 164 -15.73 63.11 54.46
N LEU H 165 -15.33 64.18 53.80
CA LEU H 165 -16.07 64.74 52.69
C LEU H 165 -15.17 65.11 51.51
N ASN H 166 -14.39 64.15 51.03
CA ASN H 166 -13.61 64.36 49.83
C ASN H 166 -14.46 64.16 48.58
N ILE H 167 -14.68 65.26 47.87
CA ILE H 167 -15.47 65.22 46.65
C ILE H 167 -14.56 65.42 45.46
N LEU H 168 -14.89 64.76 44.36
CA LEU H 168 -14.21 64.97 43.10
C LEU H 168 -15.30 64.96 42.03
N ALA H 169 -15.42 66.07 41.31
CA ALA H 169 -16.51 66.25 40.37
C ALA H 169 -16.03 66.88 39.07
N ALA H 170 -16.78 66.66 38.00
CA ALA H 170 -16.41 67.21 36.69
C ALA H 170 -17.65 67.42 35.81
N ASN H 171 -17.59 68.41 34.92
CA ASN H 171 -18.70 68.73 34.03
C ASN H 171 -18.31 68.77 32.56
N GLY H 172 -17.12 68.26 32.25
CA GLY H 172 -16.62 68.23 30.88
C GLY H 172 -15.57 69.29 30.56
N SER H 173 -15.60 70.41 31.29
CA SER H 173 -14.64 71.48 31.03
C SER H 173 -14.11 72.08 32.33
N ARG H 174 -14.44 71.44 33.44
CA ARG H 174 -14.07 71.91 34.76
C ARG H 174 -13.97 70.75 35.74
N LEU H 175 -13.02 70.82 36.66
CA LEU H 175 -12.97 69.88 37.80
C LEU H 175 -13.21 70.66 39.07
N LEU H 176 -13.96 70.07 39.98
CA LEU H 176 -14.11 70.62 41.33
C LEU H 176 -13.80 69.53 42.32
N ALA H 177 -13.12 69.88 43.41
CA ALA H 177 -12.82 68.90 44.43
C ALA H 177 -12.75 69.54 45.79
N THR H 178 -12.96 68.72 46.82
CA THR H 178 -12.74 69.16 48.18
C THR H 178 -11.87 68.15 48.91
N THR H 179 -11.04 68.69 49.80
CA THR H 179 -10.38 67.89 50.80
C THR H 179 -11.06 68.16 52.12
N TRP H 180 -11.52 67.10 52.77
CA TRP H 180 -12.13 67.22 54.08
C TRP H 180 -11.96 65.89 54.79
N GLY H 181 -10.75 65.66 55.28
CA GLY H 181 -10.46 64.48 56.09
C GLY H 181 -9.79 63.35 55.33
N ASP H 182 -9.51 63.55 54.04
CA ASP H 182 -8.76 62.55 53.31
C ASP H 182 -7.90 63.21 52.25
N THR H 183 -7.16 62.38 51.53
CA THR H 183 -6.04 62.85 50.72
C THR H 183 -6.42 63.28 49.31
N LEU H 184 -5.74 64.28 48.78
CA LEU H 184 -5.84 64.65 47.36
C LEU H 184 -4.53 65.21 46.84
N SER H 185 -4.16 64.80 45.63
CA SER H 185 -2.93 65.26 44.99
C SER H 185 -3.26 65.74 43.59
N VAL H 186 -2.39 66.59 43.04
CA VAL H 186 -2.58 67.15 41.71
C VAL H 186 -1.32 66.96 40.88
N LEU H 187 -1.51 66.64 39.60
CA LEU H 187 -0.42 66.58 38.64
C LEU H 187 -0.76 67.42 37.44
N ARG H 188 0.10 68.41 37.15
CA ARG H 188 -0.08 69.28 36.01
C ARG H 188 0.83 68.82 34.90
N ARG H 189 0.26 68.22 33.86
CA ARG H 189 1.02 67.80 32.69
C ARG H 189 0.89 68.88 31.62
N PRO H 190 1.74 68.82 30.59
CA PRO H 190 1.61 69.79 29.50
C PRO H 190 0.26 69.70 28.79
N ASP H 191 -0.39 68.55 28.82
CA ASP H 191 -1.64 68.33 28.08
C ASP H 191 -2.89 68.27 28.94
N GLY H 192 -2.76 68.49 30.25
CA GLY H 192 -3.92 68.51 31.11
C GLY H 192 -3.59 68.35 32.58
N VAL H 193 -4.63 68.20 33.40
CA VAL H 193 -4.48 68.11 34.84
C VAL H 193 -5.12 66.84 35.39
N VAL H 194 -4.43 66.21 36.33
CA VAL H 194 -4.93 65.07 37.08
C VAL H 194 -5.19 65.48 38.52
N LEU H 195 -6.37 65.16 39.04
CA LEU H 195 -6.62 65.19 40.49
C LEU H 195 -6.82 63.76 40.93
N ALA H 196 -6.22 63.38 42.05
CA ALA H 196 -6.30 61.99 42.50
C ALA H 196 -6.18 61.87 44.01
N SER H 197 -6.88 60.90 44.57
CA SER H 197 -6.75 60.57 45.99
C SER H 197 -5.29 60.38 46.33
N GLU H 198 -4.56 59.72 45.43
CA GLU H 198 -3.13 59.55 45.61
C GLU H 198 -2.44 59.45 44.24
N PRO H 199 -1.16 59.84 44.18
CA PRO H 199 -0.39 59.80 42.93
C PRO H 199 -0.38 58.42 42.30
N TYR H 200 -0.52 58.36 40.98
CA TYR H 200 -0.59 57.08 40.31
C TYR H 200 0.78 56.61 39.84
N ASP H 201 1.80 57.40 40.12
CA ASP H 201 3.18 56.99 39.92
C ASP H 201 4.08 57.82 40.85
N ASP H 202 5.38 57.87 40.57
CA ASP H 202 6.29 58.63 41.41
C ASP H 202 6.82 59.86 40.67
N ASP H 203 6.03 60.36 39.72
CA ASP H 203 6.34 61.62 39.03
C ASP H 203 6.60 62.72 40.06
N PRO H 204 7.77 63.42 39.96
CA PRO H 204 8.07 64.49 40.92
C PRO H 204 7.10 65.65 40.85
N GLY H 205 6.31 65.72 39.78
CA GLY H 205 5.37 66.81 39.59
C GLY H 205 4.13 66.74 40.45
N TRP H 206 3.88 65.58 41.08
CA TRP H 206 2.75 65.45 41.99
C TRP H 206 2.91 66.38 43.19
N SER H 207 1.84 67.04 43.58
CA SER H 207 1.86 67.81 44.82
C SER H 207 0.57 67.56 45.58
N ASP H 208 0.64 67.71 46.90
CA ASP H 208 -0.49 67.38 47.76
C ASP H 208 -1.33 68.61 48.07
N ILE H 209 -2.65 68.45 48.07
CA ILE H 209 -3.56 69.53 48.42
C ILE H 209 -3.78 69.53 49.93
N PRO H 210 -3.65 70.70 50.57
CA PRO H 210 -3.87 70.69 52.03
C PRO H 210 -5.33 70.39 52.38
N ASP H 211 -5.56 69.87 53.58
CA ASP H 211 -6.91 69.53 54.01
C ASP H 211 -7.79 70.77 54.12
N ARG H 212 -9.11 70.57 54.05
CA ARG H 212 -10.09 71.63 54.18
C ARG H 212 -9.94 72.71 53.11
N HIS H 213 -9.75 72.29 51.86
CA HIS H 213 -9.64 73.21 50.73
C HIS H 213 -10.54 72.82 49.58
N LEU H 214 -10.86 73.82 48.77
CA LEU H 214 -11.57 73.63 47.50
C LEU H 214 -10.54 73.71 46.40
N VAL H 215 -10.66 72.82 45.42
CA VAL H 215 -9.83 72.86 44.22
C VAL H 215 -10.71 73.05 42.99
N ASP H 216 -10.32 74.00 42.16
CA ASP H 216 -11.06 74.37 40.96
C ASP H 216 -10.11 74.34 39.77
N VAL H 217 -10.37 73.43 38.83
CA VAL H 217 -9.52 73.28 37.64
C VAL H 217 -10.29 73.65 36.38
N ARG H 218 -9.77 74.61 35.63
CA ARG H 218 -10.36 74.98 34.34
C ARG H 218 -9.34 75.77 33.55
N ASP H 219 -9.35 75.59 32.23
CA ASP H 219 -8.48 76.35 31.33
C ASP H 219 -7.02 76.34 31.79
N ALA H 220 -6.54 75.14 32.15
CA ALA H 220 -5.15 74.92 32.60
C ALA H 220 -4.83 75.51 33.98
N HIS H 221 -5.79 76.21 34.60
CA HIS H 221 -5.56 76.79 35.91
C HIS H 221 -5.99 75.84 37.01
N VAL H 222 -5.22 75.82 38.10
CA VAL H 222 -5.59 75.09 39.30
C VAL H 222 -5.71 76.09 40.44
N VAL H 223 -6.93 76.32 40.89
CA VAL H 223 -7.20 77.33 41.91
C VAL H 223 -7.56 76.63 43.21
N VAL H 224 -6.76 76.89 44.23
CA VAL H 224 -6.90 76.22 45.52
C VAL H 224 -7.23 77.26 46.60
N THR H 225 -8.38 77.09 47.24
CA THR H 225 -8.86 78.08 48.22
C THR H 225 -9.36 77.38 49.49
N PRO H 226 -9.18 78.02 50.65
CA PRO H 226 -9.61 77.40 51.90
C PRO H 226 -11.13 77.32 52.05
N LEU H 227 -11.63 76.24 52.63
CA LEU H 227 -13.05 76.10 52.90
C LEU H 227 -13.41 76.82 54.20
N CYS I 2 1.74 -60.62 -13.21
CA CYS I 2 2.67 -59.52 -13.43
C CYS I 2 3.60 -59.29 -12.25
N ARG I 3 4.57 -58.41 -12.45
CA ARG I 3 5.43 -57.95 -11.36
C ARG I 3 5.45 -56.44 -11.40
N HIS I 4 5.36 -55.80 -10.24
CA HIS I 4 5.47 -54.35 -10.23
C HIS I 4 6.38 -53.84 -9.11
N VAL I 5 6.75 -52.56 -9.24
CA VAL I 5 7.61 -51.92 -8.28
C VAL I 5 7.20 -50.45 -8.17
N ALA I 6 7.35 -49.88 -6.98
CA ALA I 6 7.08 -48.47 -6.78
C ALA I 6 8.12 -47.83 -5.89
N TRP I 7 8.30 -46.54 -6.07
CA TRP I 7 9.28 -45.74 -5.31
C TRP I 7 8.62 -44.49 -4.78
N LEU I 8 8.91 -44.15 -3.52
CA LEU I 8 8.57 -42.84 -2.99
C LEU I 8 9.74 -42.35 -2.16
N GLY I 9 10.38 -41.28 -2.61
CA GLY I 9 11.49 -40.72 -1.87
C GLY I 9 12.18 -39.60 -2.61
N ALA I 10 13.48 -39.44 -2.37
CA ALA I 10 14.29 -38.49 -3.13
C ALA I 10 14.30 -38.95 -4.57
N PRO I 11 14.65 -38.04 -5.51
CA PRO I 11 14.65 -38.46 -6.91
C PRO I 11 15.54 -39.68 -7.17
N ARG I 12 15.01 -40.59 -7.96
CA ARG I 12 15.70 -41.83 -8.31
C ARG I 12 15.38 -42.13 -9.77
N SER I 13 16.32 -42.72 -10.51
CA SER I 13 16.07 -42.92 -11.92
C SER I 13 15.23 -44.17 -12.15
N LEU I 14 14.49 -44.19 -13.26
CA LEU I 14 13.78 -45.39 -13.68
C LEU I 14 14.74 -46.55 -13.84
N ALA I 15 15.94 -46.29 -14.36
CA ALA I 15 16.92 -47.36 -14.55
C ALA I 15 17.37 -47.92 -13.20
N ASP I 16 17.58 -47.06 -12.21
CA ASP I 16 17.96 -47.47 -10.85
C ASP I 16 17.00 -48.47 -10.25
N LEU I 17 15.73 -48.24 -10.50
CA LEU I 17 14.65 -48.98 -9.88
C LEU I 17 14.30 -50.25 -10.62
N VAL I 18 14.38 -50.18 -11.94
CA VAL I 18 13.76 -51.16 -12.84
C VAL I 18 14.79 -52.03 -13.57
N LEU I 19 15.89 -51.43 -14.03
CA LEU I 19 16.81 -52.10 -14.95
C LEU I 19 18.10 -52.57 -14.29
N ASP I 20 18.65 -51.74 -13.41
CA ASP I 20 19.99 -52.00 -12.88
C ASP I 20 20.08 -53.05 -11.77
N PRO I 21 19.06 -53.17 -10.92
CA PRO I 21 19.23 -54.19 -9.87
C PRO I 21 19.38 -55.62 -10.43
N PRO I 22 20.16 -56.48 -9.77
CA PRO I 22 20.47 -57.82 -10.28
C PRO I 22 19.24 -58.74 -10.37
N GLN I 23 18.18 -58.44 -9.65
CA GLN I 23 16.96 -59.24 -9.73
C GLN I 23 15.73 -58.34 -9.82
N GLY I 24 15.87 -57.22 -10.51
CA GLY I 24 14.80 -56.24 -10.63
C GLY I 24 13.83 -56.55 -11.76
N LEU I 25 12.98 -55.59 -12.10
CA LEU I 25 11.90 -55.83 -13.06
C LEU I 25 12.43 -56.33 -14.39
N LEU I 26 13.56 -55.80 -14.84
CA LEU I 26 14.16 -56.28 -16.08
C LEU I 26 14.39 -57.80 -16.04
N VAL I 27 15.03 -58.26 -14.97
CA VAL I 27 15.31 -59.69 -14.81
C VAL I 27 14.01 -60.47 -14.60
N GLN I 28 13.07 -59.86 -13.89
CA GLN I 28 11.79 -60.51 -13.63
C GLN I 28 10.95 -60.68 -14.89
N SER I 29 11.25 -59.93 -15.96
CA SER I 29 10.48 -60.12 -17.19
C SER I 29 10.74 -61.50 -17.83
N TYR I 30 11.92 -62.09 -17.60
CA TYR I 30 12.22 -63.42 -18.12
C TYR I 30 12.60 -64.45 -17.07
N ALA I 31 12.93 -64.00 -15.85
CA ALA I 31 13.37 -64.92 -14.80
C ALA I 31 12.97 -64.40 -13.41
N PRO I 32 11.67 -64.31 -13.16
CA PRO I 32 11.19 -63.95 -11.82
C PRO I 32 11.55 -65.03 -10.80
N ARG I 33 11.72 -64.65 -9.53
CA ARG I 33 12.11 -65.58 -8.48
C ARG I 33 10.94 -66.07 -7.63
N ARG I 34 9.86 -65.28 -7.58
CA ARG I 34 8.75 -65.53 -6.64
C ARG I 34 7.38 -65.61 -7.30
N GLN I 35 7.37 -65.99 -8.56
CA GLN I 35 6.15 -66.02 -9.34
C GLN I 35 5.52 -67.40 -9.31
N LYS I 36 4.25 -67.44 -8.93
CA LYS I 36 3.53 -68.71 -8.80
C LYS I 36 2.50 -68.85 -9.91
N HIS I 37 2.33 -67.79 -10.70
CA HIS I 37 1.39 -67.81 -11.82
C HIS I 37 2.05 -67.24 -13.07
N GLY I 38 2.25 -68.10 -14.07
CA GLY I 38 2.96 -67.73 -15.28
C GLY I 38 4.46 -67.89 -15.10
N LEU I 39 5.15 -68.13 -16.21
CA LEU I 39 6.59 -68.39 -16.16
C LEU I 39 7.43 -67.12 -16.24
N MSE I 40 6.84 -66.09 -16.82
CA MSE I 40 7.57 -64.88 -17.14
C MSE I 40 6.60 -63.72 -17.21
O MSE I 40 5.41 -63.88 -16.97
CB MSE I 40 8.24 -65.03 -18.47
CG MSE I 40 7.17 -65.16 -19.51
SE MSE I 40 7.55 -66.62 -20.66
CE MSE I 40 8.81 -65.55 -21.56
H MSE I 40 6.01 -66.06 -17.04
HA MSE I 40 8.24 -64.71 -16.46
HB2 MSE I 40 8.77 -64.24 -18.66
HB3 MSE I 40 8.79 -65.83 -18.47
HG2 MSE I 40 6.31 -65.32 -19.08
HG3 MSE I 40 7.14 -64.35 -20.04
HE1 MSE I 40 9.22 -66.08 -22.27
HE2 MSE I 40 8.37 -64.78 -21.93
HE3 MSE I 40 9.50 -65.27 -20.92
N ASN I 41 7.13 -62.55 -17.55
CA ASN I 41 6.34 -61.34 -17.71
C ASN I 41 6.83 -60.59 -18.93
N ALA I 42 6.47 -61.11 -20.08
CA ALA I 42 7.02 -60.67 -21.36
C ALA I 42 5.99 -59.96 -22.23
N ASP I 43 4.78 -59.77 -21.70
CA ASP I 43 3.68 -59.25 -22.51
C ASP I 43 3.53 -57.74 -22.38
N GLY I 44 4.65 -57.05 -22.42
CA GLY I 44 4.64 -55.61 -22.31
C GLY I 44 5.10 -55.16 -20.94
N TRP I 45 5.21 -53.84 -20.79
CA TRP I 45 5.70 -53.24 -19.57
C TRP I 45 5.24 -51.81 -19.53
N GLY I 46 5.46 -51.15 -18.41
CA GLY I 46 5.17 -49.74 -18.32
C GLY I 46 5.89 -49.14 -17.14
N ALA I 47 6.17 -47.85 -17.28
CA ALA I 47 6.78 -47.08 -16.22
C ALA I 47 6.10 -45.73 -16.18
N GLY I 48 5.61 -45.36 -15.00
CA GLY I 48 5.02 -44.07 -14.81
C GLY I 48 5.74 -43.33 -13.69
N PHE I 49 5.78 -42.02 -13.78
CA PHE I 49 6.45 -41.23 -12.76
C PHE I 49 5.84 -39.86 -12.70
N PHE I 50 6.13 -39.13 -11.61
CA PHE I 50 5.69 -37.76 -11.45
C PHE I 50 6.86 -36.81 -11.64
N ASP I 51 6.69 -35.79 -12.48
CA ASP I 51 7.77 -34.84 -12.71
C ASP I 51 7.75 -33.79 -11.60
N ASP I 52 8.64 -32.82 -11.68
CA ASP I 52 8.78 -31.82 -10.62
C ASP I 52 7.52 -30.98 -10.43
N ASP I 53 6.68 -30.90 -11.46
CA ASP I 53 5.44 -30.14 -11.36
C ASP I 53 4.27 -31.01 -10.91
N GLY I 54 4.55 -32.26 -10.57
CA GLY I 54 3.53 -33.17 -10.09
C GLY I 54 2.69 -33.77 -11.21
N VAL I 55 3.14 -33.61 -12.45
CA VAL I 55 2.42 -34.18 -13.59
C VAL I 55 2.78 -35.66 -13.77
N ALA I 56 1.76 -36.48 -13.88
CA ALA I 56 1.93 -37.91 -14.13
C ALA I 56 2.33 -38.14 -15.57
N ARG I 57 3.41 -38.89 -15.76
CA ARG I 57 3.92 -39.20 -17.09
C ARG I 57 4.12 -40.70 -17.21
N ARG I 58 3.88 -41.26 -18.40
CA ARG I 58 3.95 -42.70 -18.59
C ARG I 58 4.60 -43.10 -19.89
N TRP I 59 5.33 -44.21 -19.84
CA TRP I 59 5.88 -44.88 -21.00
C TRP I 59 5.40 -46.32 -20.94
N ARG I 60 4.67 -46.77 -21.96
CA ARG I 60 4.15 -48.13 -21.98
C ARG I 60 4.39 -48.81 -23.31
N SER I 61 4.55 -50.13 -23.25
CA SER I 61 4.89 -50.94 -24.41
C SER I 61 4.19 -52.29 -24.38
N ASP I 62 4.06 -52.92 -25.56
CA ASP I 62 3.49 -54.26 -25.66
C ASP I 62 4.57 -55.32 -25.89
N LYS I 63 5.83 -54.92 -25.84
CA LYS I 63 6.94 -55.82 -26.10
C LYS I 63 7.65 -56.21 -24.79
N PRO I 64 8.44 -57.27 -24.82
CA PRO I 64 9.17 -57.67 -23.62
C PRO I 64 10.18 -56.60 -23.17
N LEU I 65 10.18 -56.32 -21.87
CA LEU I 65 11.04 -55.27 -21.33
C LEU I 65 12.52 -55.50 -21.66
N TRP I 66 12.96 -56.76 -21.64
CA TRP I 66 14.38 -57.04 -21.85
C TRP I 66 14.84 -56.67 -23.25
N GLY I 67 13.89 -56.53 -24.18
CA GLY I 67 14.23 -56.26 -25.56
C GLY I 67 14.16 -54.79 -25.96
N ASP I 68 13.77 -53.92 -25.05
CA ASP I 68 13.51 -52.53 -25.40
C ASP I 68 14.78 -51.68 -25.28
N ALA I 69 15.40 -51.43 -26.43
CA ALA I 69 16.67 -50.73 -26.48
C ALA I 69 16.47 -49.26 -26.14
N SER I 70 15.33 -48.70 -26.54
CA SER I 70 15.07 -47.29 -26.28
C SER I 70 14.92 -47.05 -24.78
N PHE I 71 14.15 -47.90 -24.10
CA PHE I 71 13.99 -47.71 -22.67
C PHE I 71 15.33 -47.91 -21.95
N ALA I 72 16.10 -48.90 -22.37
CA ALA I 72 17.41 -49.16 -21.76
C ALA I 72 18.30 -47.93 -21.88
N SER I 73 18.22 -47.26 -23.02
CA SER I 73 19.05 -46.11 -23.31
C SER I 73 18.58 -44.87 -22.54
N VAL I 74 17.26 -44.65 -22.47
CA VAL I 74 16.73 -43.38 -21.96
C VAL I 74 16.42 -43.40 -20.46
N ALA I 75 16.08 -44.56 -19.91
CA ALA I 75 15.61 -44.63 -18.53
C ALA I 75 16.58 -44.04 -17.49
N PRO I 76 17.89 -44.14 -17.72
CA PRO I 76 18.77 -43.50 -16.73
C PRO I 76 18.62 -41.98 -16.63
N ALA I 77 18.03 -41.36 -17.65
CA ALA I 77 17.89 -39.90 -17.70
C ALA I 77 16.54 -39.43 -17.16
N LEU I 78 15.72 -40.37 -16.70
CA LEU I 78 14.41 -40.06 -16.14
C LEU I 78 14.43 -40.31 -14.64
N ARG I 79 14.42 -39.22 -13.86
CA ARG I 79 14.47 -39.32 -12.41
C ARG I 79 13.18 -38.76 -11.80
N SER I 80 12.73 -39.37 -10.72
CA SER I 80 11.49 -38.96 -10.08
C SER I 80 11.47 -39.30 -8.62
N ARG I 81 10.71 -38.53 -7.85
CA ARG I 81 10.47 -38.82 -6.44
C ARG I 81 9.41 -39.91 -6.26
N CYS I 82 8.71 -40.25 -7.34
CA CYS I 82 7.60 -41.18 -7.22
C CYS I 82 7.36 -41.93 -8.53
N VAL I 83 7.53 -43.24 -8.47
CA VAL I 83 7.54 -44.11 -9.65
C VAL I 83 6.66 -45.34 -9.42
N VAL I 84 5.93 -45.75 -10.44
CA VAL I 84 5.24 -47.05 -10.45
C VAL I 84 5.56 -47.72 -11.78
N ALA I 85 6.11 -48.92 -11.74
CA ALA I 85 6.46 -49.63 -12.98
C ALA I 85 6.06 -51.08 -12.88
N ALA I 86 5.84 -51.70 -14.04
CA ALA I 86 5.37 -53.07 -14.07
C ALA I 86 5.78 -53.78 -15.35
N VAL I 87 5.99 -55.09 -15.22
CA VAL I 87 6.11 -55.97 -16.38
C VAL I 87 4.93 -56.90 -16.37
N ARG I 88 4.35 -57.12 -17.54
CA ARG I 88 3.08 -57.81 -17.65
C ARG I 88 3.20 -59.26 -18.06
N SER I 89 2.37 -60.09 -17.42
CA SER I 89 2.03 -61.42 -17.94
C SER I 89 0.54 -61.41 -18.23
N ALA I 90 0.19 -61.53 -19.51
CA ALA I 90 -1.20 -61.33 -19.92
C ALA I 90 -2.04 -62.57 -19.64
N THR I 91 -3.26 -62.35 -19.14
CA THR I 91 -4.24 -63.42 -18.99
C THR I 91 -4.76 -63.84 -20.35
N ILE I 92 -5.12 -65.12 -20.49
CA ILE I 92 -5.64 -65.63 -21.75
C ILE I 92 -6.79 -64.77 -22.23
N GLY I 93 -6.79 -64.47 -23.52
CA GLY I 93 -7.88 -63.73 -24.13
C GLY I 93 -7.76 -62.22 -24.03
N MSE I 94 -6.82 -61.73 -23.22
CA MSE I 94 -6.64 -60.30 -23.03
C MSE I 94 -5.71 -59.73 -24.09
O MSE I 94 -4.64 -60.30 -24.38
CB MSE I 94 -6.11 -59.98 -21.64
CG MSE I 94 -6.94 -60.54 -20.52
SE MSE I 94 -8.74 -59.78 -20.53
CE MSE I 94 -9.68 -61.23 -19.63
H MSE I 94 -6.27 -62.21 -22.76
HA MSE I 94 -7.50 -59.86 -23.12
HB2 MSE I 94 -5.21 -60.35 -21.56
HB3 MSE I 94 -6.07 -59.01 -21.54
HG2 MSE I 94 -7.02 -61.50 -20.63
HG3 MSE I 94 -6.53 -60.32 -19.67
HE1 MSE I 94 -10.61 -61.00 -19.56
HE2 MSE I 94 -9.58 -62.04 -20.15
HE3 MSE I 94 -9.29 -61.35 -18.75
N SER I 95 -6.11 -58.59 -24.65
CA SER I 95 -5.29 -57.89 -25.64
C SER I 95 -3.89 -57.62 -25.07
N ILE I 96 -2.89 -57.79 -25.92
CA ILE I 96 -1.52 -57.41 -25.56
C ILE I 96 -1.20 -56.15 -26.35
N GLU I 97 -1.32 -55.02 -25.66
CA GLU I 97 -1.28 -53.70 -26.28
C GLU I 97 -0.83 -52.72 -25.23
N PRO I 98 -0.18 -51.61 -25.63
CA PRO I 98 0.35 -50.70 -24.60
C PRO I 98 -0.72 -50.15 -23.65
N SER I 99 -1.93 -49.92 -24.15
CA SER I 99 -2.98 -49.33 -23.32
C SER I 99 -3.43 -50.31 -22.24
N ALA I 100 -3.10 -51.59 -22.43
CA ALA I 100 -3.46 -52.64 -21.48
C ALA I 100 -2.36 -52.90 -20.46
N SER I 101 -1.20 -52.29 -20.68
CA SER I 101 -0.10 -52.39 -19.72
C SER I 101 -0.29 -51.40 -18.57
N ALA I 102 0.05 -51.83 -17.37
CA ALA I 102 0.14 -50.93 -16.22
C ALA I 102 1.34 -50.01 -16.45
N PRO I 103 1.36 -48.82 -15.82
CA PRO I 103 0.33 -48.28 -14.94
C PRO I 103 -0.77 -47.56 -15.68
N PHE I 104 -1.97 -47.74 -15.14
CA PHE I 104 -3.15 -46.97 -15.51
C PHE I 104 -3.17 -45.67 -14.74
N SER I 105 -3.98 -44.72 -15.20
CA SER I 105 -4.00 -43.43 -14.53
C SER I 105 -5.29 -42.69 -14.69
N ASP I 106 -5.68 -41.99 -13.64
CA ASP I 106 -6.78 -41.03 -13.69
C ASP I 106 -6.25 -39.59 -13.66
N GLY I 107 -4.94 -39.44 -13.83
CA GLY I 107 -4.32 -38.12 -13.88
C GLY I 107 -3.70 -37.72 -12.56
N GLN I 108 -4.25 -38.24 -11.47
CA GLN I 108 -3.71 -37.97 -10.12
C GLN I 108 -2.94 -39.17 -9.62
N TRP I 109 -3.48 -40.36 -9.90
CA TRP I 109 -2.88 -41.63 -9.45
C TRP I 109 -2.34 -42.44 -10.60
N LEU I 110 -1.24 -43.14 -10.32
CA LEU I 110 -0.74 -44.21 -11.18
C LEU I 110 -1.07 -45.53 -10.48
N LEU I 111 -1.51 -46.54 -11.22
CA LEU I 111 -1.95 -47.78 -10.60
C LEU I 111 -1.61 -48.99 -11.44
N SER I 112 -1.04 -50.00 -10.76
CA SER I 112 -0.73 -51.30 -11.36
C SER I 112 -1.50 -52.42 -10.68
N HIS I 113 -1.98 -53.35 -11.48
CA HIS I 113 -2.65 -54.54 -10.97
C HIS I 113 -1.90 -55.80 -11.35
N ASN I 114 -1.54 -56.57 -10.34
CA ASN I 114 -0.98 -57.89 -10.57
C ASN I 114 -2.00 -58.93 -10.17
N GLY I 115 -2.56 -59.59 -11.17
CA GLY I 115 -3.45 -60.69 -10.90
C GLY I 115 -4.45 -60.96 -11.99
N LEU I 116 -5.64 -61.34 -11.55
CA LEU I 116 -6.63 -61.99 -12.36
C LEU I 116 -7.96 -61.58 -11.78
N VAL I 117 -8.90 -61.14 -12.61
CA VAL I 117 -10.25 -60.91 -12.11
C VAL I 117 -11.26 -61.07 -13.24
N ALA I 118 -12.37 -61.72 -12.94
CA ALA I 118 -13.44 -61.90 -13.92
C ALA I 118 -14.13 -60.58 -14.20
N ARG I 119 -14.12 -60.12 -15.44
CA ARG I 119 -14.77 -58.85 -15.76
C ARG I 119 -16.27 -58.90 -15.52
N GLY I 120 -16.83 -60.10 -15.55
CA GLY I 120 -18.26 -60.28 -15.32
C GLY I 120 -18.77 -59.81 -13.96
N VAL I 121 -17.88 -59.68 -12.97
CA VAL I 121 -18.30 -59.25 -11.64
C VAL I 121 -18.03 -57.77 -11.42
N LEU I 122 -17.33 -57.15 -12.37
CA LEU I 122 -17.02 -55.72 -12.30
C LEU I 122 -18.09 -54.90 -13.03
N PRO I 123 -18.33 -53.67 -12.55
CA PRO I 123 -19.31 -52.82 -13.24
C PRO I 123 -18.87 -52.44 -14.63
N LEU I 124 -19.83 -52.21 -15.52
CA LEU I 124 -19.51 -51.62 -16.82
C LEU I 124 -19.02 -50.21 -16.57
N THR I 125 -18.17 -49.73 -17.48
CA THR I 125 -17.62 -48.38 -17.34
C THR I 125 -17.39 -47.79 -18.71
N GLY I 126 -17.44 -46.47 -18.80
CA GLY I 126 -17.03 -45.77 -20.00
C GLY I 126 -15.69 -45.10 -19.81
N ALA I 127 -15.05 -45.35 -18.67
CA ALA I 127 -13.84 -44.64 -18.26
C ALA I 127 -12.56 -45.47 -18.29
N ALA I 128 -12.63 -46.69 -18.80
CA ALA I 128 -11.46 -47.56 -18.76
C ALA I 128 -10.52 -47.20 -19.91
N GLU I 129 -9.24 -47.48 -19.71
CA GLU I 129 -8.21 -47.17 -20.71
C GLU I 129 -8.04 -48.30 -21.72
N SER I 130 -8.56 -49.47 -21.36
CA SER I 130 -8.47 -50.67 -22.18
C SER I 130 -9.64 -51.56 -21.81
N THR I 131 -9.85 -52.61 -22.60
CA THR I 131 -10.94 -53.54 -22.31
C THR I 131 -10.48 -54.69 -21.42
N VAL I 132 -9.17 -54.79 -21.16
CA VAL I 132 -8.66 -55.91 -20.39
C VAL I 132 -9.07 -55.81 -18.91
N ASP I 133 -9.12 -56.96 -18.25
CA ASP I 133 -9.64 -57.04 -16.90
C ASP I 133 -8.98 -56.05 -15.94
N SER I 134 -7.66 -55.91 -15.99
CA SER I 134 -6.96 -55.02 -15.07
C SER I 134 -7.39 -53.58 -15.26
N ALA I 135 -7.70 -53.20 -16.49
CA ALA I 135 -8.09 -51.83 -16.79
C ALA I 135 -9.52 -51.54 -16.27
N ILE I 136 -10.39 -52.53 -16.36
CA ILE I 136 -11.75 -52.38 -15.86
C ILE I 136 -11.70 -52.26 -14.33
N LEU I 137 -10.84 -53.06 -13.71
CA LEU I 137 -10.63 -52.98 -12.26
C LEU I 137 -10.05 -51.63 -11.85
N ALA I 138 -9.09 -51.13 -12.62
CA ALA I 138 -8.49 -49.82 -12.34
C ALA I 138 -9.58 -48.76 -12.34
N ALA I 139 -10.46 -48.81 -13.34
CA ALA I 139 -11.53 -47.84 -13.48
C ALA I 139 -12.42 -47.86 -12.23
N LEU I 140 -12.76 -49.05 -11.76
CA LEU I 140 -13.59 -49.19 -10.54
C LEU I 140 -12.88 -48.60 -9.33
N ILE I 141 -11.61 -48.94 -9.15
CA ILE I 141 -10.81 -48.43 -8.04
C ILE I 141 -10.76 -46.90 -8.06
N PHE I 142 -10.50 -46.32 -9.23
CA PHE I 142 -10.44 -44.87 -9.36
C PHE I 142 -11.80 -44.23 -9.04
N SER I 143 -12.86 -44.87 -9.51
N SER I 143 -12.87 -44.88 -9.48
CA SER I 143 -14.22 -44.39 -9.29
CA SER I 143 -14.22 -44.35 -9.29
C SER I 143 -14.59 -44.36 -7.80
C SER I 143 -14.64 -44.38 -7.81
N ARG I 144 -14.17 -45.38 -7.06
CA ARG I 144 -14.49 -45.48 -5.64
C ARG I 144 -13.59 -44.57 -4.82
N GLY I 145 -12.43 -44.23 -5.38
CA GLY I 145 -11.45 -43.40 -4.70
C GLY I 145 -10.42 -44.24 -3.96
N LEU I 146 -9.16 -43.80 -3.98
CA LEU I 146 -8.10 -44.61 -3.42
C LEU I 146 -8.18 -44.71 -1.89
N ASP I 147 -8.89 -43.78 -1.27
CA ASP I 147 -9.10 -43.88 0.17
C ASP I 147 -9.97 -45.09 0.51
N ALA I 148 -10.69 -45.61 -0.47
CA ALA I 148 -11.54 -46.78 -0.30
C ALA I 148 -10.93 -48.05 -0.91
N LEU I 149 -9.63 -48.00 -1.24
CA LEU I 149 -8.98 -49.12 -1.92
C LEU I 149 -9.19 -50.46 -1.22
N GLY I 150 -8.97 -50.49 0.08
CA GLY I 150 -9.10 -51.73 0.84
C GLY I 150 -10.51 -52.31 0.80
N ALA I 151 -11.52 -51.44 0.86
CA ALA I 151 -12.91 -51.90 0.81
C ALA I 151 -13.25 -52.38 -0.60
N THR I 152 -12.74 -51.70 -1.60
CA THR I 152 -13.02 -52.06 -2.99
C THR I 152 -12.45 -53.43 -3.28
N ILE I 153 -11.20 -53.65 -2.89
CA ILE I 153 -10.54 -54.92 -3.15
C ILE I 153 -11.24 -56.05 -2.40
N ALA I 154 -11.58 -55.83 -1.13
CA ALA I 154 -12.34 -56.84 -0.38
C ALA I 154 -13.68 -57.15 -1.04
N GLU I 155 -14.33 -56.13 -1.60
CA GLU I 155 -15.63 -56.32 -2.26
C GLU I 155 -15.47 -57.18 -3.51
N VAL I 156 -14.47 -56.87 -4.31
CA VAL I 156 -14.19 -57.60 -5.55
C VAL I 156 -13.73 -59.00 -5.20
N GLY I 157 -12.90 -59.11 -4.16
CA GLY I 157 -12.37 -60.40 -3.73
C GLY I 157 -13.46 -61.37 -3.31
N GLU I 158 -14.54 -60.84 -2.75
CA GLU I 158 -15.65 -61.69 -2.33
C GLU I 158 -16.52 -62.04 -3.53
N LEU I 159 -16.64 -61.12 -4.48
CA LEU I 159 -17.41 -61.36 -5.69
C LEU I 159 -16.76 -62.42 -6.57
N ASP I 160 -15.43 -62.40 -6.63
CA ASP I 160 -14.66 -63.38 -7.41
C ASP I 160 -13.63 -64.09 -6.52
N PRO I 161 -13.99 -65.27 -5.99
CA PRO I 161 -13.13 -66.05 -5.08
C PRO I 161 -11.80 -66.45 -5.70
N ASN I 162 -11.74 -66.44 -7.03
CA ASN I 162 -10.53 -66.81 -7.76
C ASN I 162 -9.64 -65.62 -8.11
N ALA I 163 -10.11 -64.42 -7.80
CA ALA I 163 -9.38 -63.22 -8.17
C ALA I 163 -8.09 -63.06 -7.38
N ARG I 164 -7.07 -62.56 -8.06
CA ARG I 164 -5.84 -62.11 -7.42
C ARG I 164 -5.79 -60.61 -7.64
N LEU I 165 -5.70 -59.86 -6.53
CA LEU I 165 -5.97 -58.43 -6.57
C LEU I 165 -4.85 -57.61 -5.94
N ASN I 166 -3.63 -57.87 -6.37
CA ASN I 166 -2.48 -57.11 -5.92
C ASN I 166 -2.40 -55.77 -6.63
N ILE I 167 -2.56 -54.70 -5.85
CA ILE I 167 -2.56 -53.34 -6.38
C ILE I 167 -1.34 -52.60 -5.88
N LEU I 168 -0.77 -51.75 -6.74
CA LEU I 168 0.29 -50.85 -6.30
C LEU I 168 -0.01 -49.52 -6.97
N ALA I 169 -0.17 -48.49 -6.16
CA ALA I 169 -0.59 -47.18 -6.66
C ALA I 169 0.19 -46.04 -6.01
N ALA I 170 0.26 -44.91 -6.72
CA ALA I 170 0.99 -43.75 -6.21
C ALA I 170 0.43 -42.45 -6.78
N ASN I 171 0.46 -41.37 -5.99
CA ASN I 171 -0.07 -40.08 -6.43
C ASN I 171 0.95 -38.95 -6.37
N GLY I 172 2.21 -39.32 -6.19
CA GLY I 172 3.31 -38.37 -6.16
C GLY I 172 3.85 -38.11 -4.78
N SER I 173 3.04 -38.34 -3.76
CA SER I 173 3.44 -38.07 -2.38
C SER I 173 3.05 -39.20 -1.43
N ARG I 174 2.41 -40.23 -1.96
CA ARG I 174 2.11 -41.41 -1.15
C ARG I 174 1.93 -42.65 -2.02
N LEU I 175 2.18 -43.81 -1.42
CA LEU I 175 1.96 -45.10 -2.05
C LEU I 175 0.85 -45.82 -1.35
N LEU I 176 0.07 -46.56 -2.13
CA LEU I 176 -0.93 -47.47 -1.59
C LEU I 176 -0.76 -48.81 -2.25
N ALA I 177 -0.97 -49.87 -1.50
CA ALA I 177 -0.86 -51.21 -2.08
C ALA I 177 -1.74 -52.21 -1.36
N THR I 178 -2.16 -53.24 -2.09
CA THR I 178 -2.83 -54.35 -1.48
C THR I 178 -2.17 -55.66 -1.87
N THR I 179 -2.18 -56.58 -0.92
CA THR I 179 -1.83 -57.96 -1.16
C THR I 179 -3.11 -58.78 -1.16
N TRP I 180 -3.34 -59.50 -2.25
CA TRP I 180 -4.51 -60.34 -2.36
C TRP I 180 -4.23 -61.45 -3.36
N GLY I 181 -3.58 -62.50 -2.88
CA GLY I 181 -3.18 -63.62 -3.72
C GLY I 181 -1.68 -63.67 -3.90
N ASP I 182 -0.97 -62.63 -3.46
CA ASP I 182 0.50 -62.61 -3.48
C ASP I 182 1.03 -61.72 -2.37
N THR I 183 2.30 -61.93 -1.97
CA THR I 183 2.91 -61.04 -0.98
C THR I 183 3.47 -59.80 -1.67
N LEU I 184 3.95 -58.89 -0.84
CA LEU I 184 4.60 -57.70 -1.32
C LEU I 184 5.85 -57.58 -0.47
N SER I 185 6.88 -56.94 -1.01
CA SER I 185 8.11 -56.74 -0.27
C SER I 185 8.38 -55.23 -0.16
N VAL I 186 9.06 -54.85 0.92
CA VAL I 186 9.32 -53.45 1.20
C VAL I 186 10.79 -53.27 1.57
N LEU I 187 11.39 -52.22 1.03
CA LEU I 187 12.77 -51.87 1.34
C LEU I 187 12.82 -50.41 1.75
N ARG I 188 13.34 -50.15 2.95
CA ARG I 188 13.51 -48.78 3.40
C ARG I 188 14.94 -48.35 3.12
N ARG I 189 15.12 -47.55 2.07
CA ARG I 189 16.42 -46.99 1.76
C ARG I 189 16.60 -45.73 2.59
N PRO I 190 17.84 -45.22 2.69
CA PRO I 190 18.00 -43.97 3.44
C PRO I 190 17.20 -42.82 2.82
N ASP I 191 16.98 -42.86 1.51
CA ASP I 191 16.37 -41.74 0.80
C ASP I 191 14.94 -42.01 0.32
N GLY I 192 14.34 -43.12 0.76
CA GLY I 192 12.97 -43.42 0.39
C GLY I 192 12.58 -44.86 0.60
N VAL I 193 11.39 -45.20 0.10
CA VAL I 193 10.81 -46.53 0.27
C VAL I 193 10.52 -47.19 -1.08
N VAL I 194 10.91 -48.46 -1.19
CA VAL I 194 10.53 -49.29 -2.32
C VAL I 194 9.43 -50.26 -1.91
N LEU I 195 8.38 -50.38 -2.73
CA LEU I 195 7.43 -51.50 -2.63
C LEU I 195 7.57 -52.33 -3.91
N ALA I 196 7.60 -53.65 -3.77
CA ALA I 196 7.81 -54.52 -4.95
C ALA I 196 7.18 -55.89 -4.80
N SER I 197 6.74 -56.45 -5.92
CA SER I 197 6.25 -57.83 -5.94
C SER I 197 7.31 -58.79 -5.39
N GLU I 198 8.57 -58.51 -5.69
CA GLU I 198 9.65 -59.29 -5.11
C GLU I 198 10.89 -58.41 -4.96
N PRO I 199 11.74 -58.72 -3.97
CA PRO I 199 12.99 -57.98 -3.80
C PRO I 199 13.82 -57.97 -5.07
N TYR I 200 14.37 -56.81 -5.42
CA TYR I 200 15.16 -56.71 -6.63
C TYR I 200 16.65 -57.02 -6.42
N ASP I 201 17.02 -57.38 -5.19
CA ASP I 201 18.35 -57.91 -4.89
C ASP I 201 18.28 -58.70 -3.57
N ASP I 202 19.42 -58.93 -2.93
CA ASP I 202 19.45 -59.72 -1.70
C ASP I 202 19.81 -58.85 -0.50
N ASP I 203 19.46 -57.57 -0.59
CA ASP I 203 19.66 -56.62 0.51
C ASP I 203 18.97 -57.15 1.77
N PRO I 204 19.69 -57.20 2.90
CA PRO I 204 19.07 -57.73 4.12
C PRO I 204 17.89 -56.88 4.61
N GLY I 205 17.80 -55.65 4.11
CA GLY I 205 16.74 -54.73 4.50
C GLY I 205 15.34 -55.10 4.02
N TRP I 206 15.25 -55.97 3.03
CA TRP I 206 13.94 -56.36 2.51
C TRP I 206 13.11 -57.08 3.56
N SER I 207 11.85 -56.74 3.65
CA SER I 207 10.91 -57.52 4.45
C SER I 207 9.65 -57.74 3.64
N ASP I 208 8.90 -58.78 3.99
CA ASP I 208 7.70 -59.16 3.26
C ASP I 208 6.44 -58.72 4.00
N ILE I 209 5.43 -58.37 3.22
CA ILE I 209 4.08 -58.06 3.71
C ILE I 209 3.20 -59.27 3.48
N PRO I 210 2.51 -59.76 4.52
CA PRO I 210 1.71 -60.96 4.29
C PRO I 210 0.49 -60.69 3.42
N ASP I 211 -0.11 -61.76 2.90
CA ASP I 211 -1.30 -61.66 2.06
C ASP I 211 -2.47 -61.02 2.79
N ARG I 212 -3.39 -60.43 2.02
CA ARG I 212 -4.62 -59.82 2.51
C ARG I 212 -4.37 -58.66 3.48
N HIS I 213 -3.49 -57.75 3.03
CA HIS I 213 -3.19 -56.53 3.74
C HIS I 213 -3.18 -55.30 2.83
N LEU I 214 -3.34 -54.14 3.46
CA LEU I 214 -3.21 -52.85 2.82
C LEU I 214 -1.94 -52.18 3.31
N VAL I 215 -1.18 -51.59 2.40
CA VAL I 215 0.04 -50.88 2.74
C VAL I 215 -0.12 -49.41 2.35
N ASP I 216 0.24 -48.52 3.25
CA ASP I 216 0.09 -47.09 3.07
C ASP I 216 1.43 -46.45 3.39
N VAL I 217 2.03 -45.80 2.39
CA VAL I 217 3.32 -45.15 2.59
C VAL I 217 3.19 -43.65 2.36
N ARG I 218 3.56 -42.87 3.35
CA ARG I 218 3.68 -41.43 3.16
C ARG I 218 4.71 -40.89 4.12
N ASP I 219 5.52 -39.96 3.63
CA ASP I 219 6.74 -39.55 4.31
C ASP I 219 7.64 -40.79 4.33
N ALA I 220 8.26 -41.08 5.48
CA ALA I 220 9.05 -42.30 5.61
C ALA I 220 8.24 -43.38 6.33
N HIS I 221 6.97 -43.10 6.58
CA HIS I 221 6.14 -43.97 7.42
C HIS I 221 5.40 -45.03 6.61
N VAL I 222 5.58 -46.28 6.99
CA VAL I 222 4.90 -47.41 6.34
C VAL I 222 3.89 -48.00 7.30
N VAL I 223 2.61 -47.90 6.94
CA VAL I 223 1.52 -48.40 7.78
C VAL I 223 0.89 -49.59 7.09
N VAL I 224 0.82 -50.72 7.79
CA VAL I 224 0.26 -51.94 7.23
C VAL I 224 -0.96 -52.33 8.05
N THR I 225 -2.07 -52.56 7.35
CA THR I 225 -3.32 -52.95 8.02
C THR I 225 -3.92 -54.17 7.34
N PRO I 226 -4.68 -54.98 8.09
CA PRO I 226 -5.35 -56.08 7.40
C PRO I 226 -6.48 -55.59 6.51
N LEU I 227 -6.83 -56.40 5.52
CA LEU I 227 -8.07 -56.22 4.79
C LEU I 227 -9.14 -57.09 5.44
N SER I 228 -10.41 -56.84 5.14
CA SER I 228 -11.46 -57.72 5.62
C SER I 228 -11.47 -59.00 4.79
N SER I 229 -11.65 -60.14 5.45
CA SER I 229 -11.74 -61.43 4.77
C SER I 229 -12.98 -62.19 5.23
N CYS J 2 -6.00 30.97 47.69
CA CYS J 2 -7.28 30.58 48.28
C CYS J 2 -7.09 30.10 49.70
N ARG J 3 -8.20 30.02 50.42
CA ARG J 3 -8.28 29.43 51.75
C ARG J 3 -9.51 28.55 51.78
N HIS J 4 -9.42 27.37 52.39
CA HIS J 4 -10.61 26.55 52.53
C HIS J 4 -10.75 25.96 53.94
N VAL J 5 -11.94 25.45 54.20
CA VAL J 5 -12.28 24.88 55.50
C VAL J 5 -13.31 23.77 55.26
N ALA J 6 -13.24 22.73 56.09
CA ALA J 6 -14.21 21.66 56.03
C ALA J 6 -14.57 21.18 57.40
N TRP J 7 -15.77 20.61 57.50
CA TRP J 7 -16.31 20.10 58.75
C TRP J 7 -16.83 18.69 58.53
N LEU J 8 -16.61 17.83 59.51
CA LEU J 8 -17.23 16.52 59.55
C LEU J 8 -17.61 16.19 60.98
N GLY J 9 -18.89 16.06 61.24
CA GLY J 9 -19.35 15.71 62.57
C GLY J 9 -20.82 16.01 62.73
N ALA J 10 -21.20 16.34 63.97
CA ALA J 10 -22.57 16.69 64.26
C ALA J 10 -22.98 17.91 63.41
N PRO J 11 -24.28 18.02 63.10
CA PRO J 11 -24.71 19.15 62.27
C PRO J 11 -24.21 20.50 62.76
N ARG J 12 -23.69 21.29 61.83
CA ARG J 12 -23.15 22.61 62.11
C ARG J 12 -23.62 23.55 61.00
N SER J 13 -23.98 24.78 61.33
CA SER J 13 -24.47 25.69 60.31
C SER J 13 -23.30 26.25 59.51
N LEU J 14 -23.55 26.58 58.24
CA LEU J 14 -22.53 27.19 57.40
C LEU J 14 -22.03 28.46 58.04
N ALA J 15 -22.93 29.24 58.65
CA ALA J 15 -22.54 30.48 59.30
C ALA J 15 -21.57 30.23 60.45
N ASP J 16 -21.86 29.21 61.25
CA ASP J 16 -21.05 28.92 62.42
C ASP J 16 -19.63 28.51 62.04
N LEU J 17 -19.48 27.89 60.86
CA LEU J 17 -18.17 27.41 60.41
C LEU J 17 -17.38 28.49 59.66
N VAL J 18 -18.10 29.30 58.89
CA VAL J 18 -17.51 30.18 57.89
C VAL J 18 -17.55 31.65 58.29
N LEU J 19 -18.67 32.09 58.86
CA LEU J 19 -18.90 33.52 59.06
C LEU J 19 -18.66 33.96 60.49
N ASP J 20 -18.93 33.09 61.45
CA ASP J 20 -18.98 33.50 62.85
C ASP J 20 -17.63 33.47 63.59
N PRO J 21 -16.71 32.56 63.22
CA PRO J 21 -15.45 32.58 63.96
C PRO J 21 -14.67 33.89 63.79
N PRO J 22 -13.91 34.30 64.81
CA PRO J 22 -13.21 35.58 64.77
C PRO J 22 -12.13 35.67 63.68
N GLN J 23 -11.58 34.53 63.25
CA GLN J 23 -10.58 34.53 62.18
C GLN J 23 -10.91 33.47 61.12
N GLY J 24 -12.20 33.25 60.89
CA GLY J 24 -12.65 32.24 59.96
C GLY J 24 -12.60 32.69 58.50
N LEU J 25 -13.21 31.91 57.64
CA LEU J 25 -13.12 32.14 56.19
C LEU J 25 -13.56 33.56 55.79
N LEU J 26 -14.62 34.06 56.41
CA LEU J 26 -15.05 35.43 56.14
C LEU J 26 -13.91 36.42 56.35
N VAL J 27 -13.24 36.32 57.49
CA VAL J 27 -12.16 37.25 57.81
C VAL J 27 -10.99 36.99 56.88
N GLN J 28 -10.76 35.72 56.56
CA GLN J 28 -9.68 35.35 55.66
C GLN J 28 -9.87 35.87 54.25
N SER J 29 -11.10 36.25 53.89
CA SER J 29 -11.32 36.77 52.53
C SER J 29 -10.62 38.11 52.33
N TYR J 30 -10.42 38.85 53.43
CA TYR J 30 -9.75 40.15 53.33
C TYR J 30 -8.54 40.31 54.26
N ALA J 31 -8.43 39.46 55.27
CA ALA J 31 -7.30 39.54 56.20
C ALA J 31 -6.85 38.15 56.68
N PRO J 32 -6.28 37.35 55.77
CA PRO J 32 -5.76 36.04 56.13
C PRO J 32 -4.54 36.16 57.02
N ARG J 33 -4.28 35.16 57.86
CA ARG J 33 -3.18 35.24 58.81
C ARG J 33 -1.95 34.42 58.39
N ARG J 34 -2.14 33.44 57.50
CA ARG J 34 -1.06 32.51 57.15
C ARG J 34 -0.87 32.31 55.65
N GLN J 35 -1.20 33.33 54.87
CA GLN J 35 -1.24 33.17 53.41
C GLN J 35 0.00 33.75 52.76
N LYS J 36 0.72 32.90 52.00
CA LYS J 36 1.97 33.30 51.37
C LYS J 36 1.75 33.80 49.94
N HIS J 37 0.63 33.40 49.33
CA HIS J 37 0.35 33.72 47.94
C HIS J 37 -0.99 34.44 47.82
N GLY J 38 -0.92 35.71 47.44
CA GLY J 38 -2.08 36.59 47.43
C GLY J 38 -2.17 37.28 48.77
N LEU J 39 -2.74 38.49 48.80
CA LEU J 39 -2.93 39.24 50.03
C LEU J 39 -4.33 39.02 50.58
N MSE J 40 -5.21 38.49 49.73
CA MSE J 40 -6.62 38.40 50.05
C MSE J 40 -7.25 37.32 49.20
O MSE J 40 -6.61 36.75 48.32
CB MSE J 40 -7.28 39.73 49.76
CG MSE J 40 -7.05 40.14 48.34
SE MSE J 40 -7.34 42.01 48.07
CE MSE J 40 -9.22 41.93 48.48
H MSE J 40 -5.00 38.17 48.97
HA MSE J 40 -6.73 38.20 50.99
HB2 MSE J 40 -8.23 39.66 49.91
HB3 MSE J 40 -6.89 40.42 50.34
HG2 MSE J 40 -6.13 39.94 48.09
HG3 MSE J 40 -7.66 39.65 47.76
HE1 MSE J 40 -9.59 42.82 48.41
HE2 MSE J 40 -9.65 41.33 47.86
HE3 MSE J 40 -9.32 41.59 49.39
N ASN J 41 -8.52 37.06 49.46
CA ASN J 41 -9.25 36.03 48.74
C ASN J 41 -10.63 36.56 48.39
N ALA J 42 -10.65 37.45 47.41
CA ALA J 42 -11.83 38.25 47.12
C ALA J 42 -12.44 37.92 45.77
N ASP J 43 -11.89 36.91 45.09
CA ASP J 43 -12.31 36.57 43.73
C ASP J 43 -13.39 35.48 43.71
N GLY J 44 -14.30 35.56 44.66
CA GLY J 44 -15.40 34.60 44.72
C GLY J 44 -15.27 33.68 45.92
N TRP J 45 -16.26 32.83 46.07
CA TRP J 45 -16.30 31.91 47.20
C TRP J 45 -17.28 30.80 46.88
N GLY J 46 -17.23 29.73 47.67
CA GLY J 46 -18.24 28.69 47.56
C GLY J 46 -18.40 27.99 48.89
N ALA J 47 -19.60 27.44 49.09
CA ALA J 47 -19.91 26.64 50.26
C ALA J 47 -20.71 25.44 49.77
N GLY J 48 -20.16 24.25 50.04
CA GLY J 48 -20.83 23.01 49.71
C GLY J 48 -21.16 22.24 50.97
N PHE J 49 -22.22 21.46 50.92
CA PHE J 49 -22.62 20.67 52.06
C PHE J 49 -23.46 19.48 51.61
N PHE J 50 -23.60 18.51 52.50
CA PHE J 50 -24.42 17.35 52.21
C PHE J 50 -25.68 17.44 53.05
N ASP J 51 -26.83 17.24 52.41
CA ASP J 51 -28.10 17.29 53.15
C ASP J 51 -28.40 15.93 53.76
N ASP J 52 -29.64 15.77 54.24
CA ASP J 52 -30.05 14.58 54.97
C ASP J 52 -30.01 13.30 54.12
N ASP J 53 -30.21 13.45 52.82
CA ASP J 53 -30.21 12.29 51.91
C ASP J 53 -28.83 12.05 51.32
N GLY J 54 -27.85 12.80 51.78
CA GLY J 54 -26.48 12.63 51.31
C GLY J 54 -26.24 13.31 49.98
N VAL J 55 -27.14 14.20 49.60
CA VAL J 55 -27.01 14.93 48.35
C VAL J 55 -26.05 16.10 48.53
N ALA J 56 -25.08 16.20 47.64
CA ALA J 56 -24.16 17.33 47.63
C ALA J 56 -24.84 18.57 47.07
N ARG J 57 -24.81 19.64 47.84
CA ARG J 57 -25.39 20.91 47.43
C ARG J 57 -24.36 22.01 47.54
N ARG J 58 -24.46 23.00 46.66
CA ARG J 58 -23.44 24.04 46.51
C ARG J 58 -24.03 25.41 46.23
N TRP J 59 -23.44 26.42 46.88
CA TRP J 59 -23.69 27.83 46.64
C TRP J 59 -22.35 28.45 46.27
N ARG J 60 -22.26 29.05 45.10
CA ARG J 60 -21.00 29.62 44.61
C ARG J 60 -21.22 31.01 44.04
N SER J 61 -20.19 31.84 44.15
CA SER J 61 -20.26 33.22 43.73
C SER J 61 -18.91 33.66 43.16
N ASP J 62 -18.92 34.72 42.37
CA ASP J 62 -17.68 35.30 41.86
C ASP J 62 -17.37 36.64 42.51
N LYS J 63 -18.09 36.93 43.59
CA LYS J 63 -17.92 38.18 44.33
C LYS J 63 -17.28 37.93 45.69
N PRO J 64 -16.75 38.99 46.33
CA PRO J 64 -16.11 38.81 47.64
C PRO J 64 -17.08 38.30 48.70
N LEU J 65 -16.65 37.33 49.49
CA LEU J 65 -17.52 36.74 50.50
C LEU J 65 -18.06 37.78 51.48
N TRP J 66 -17.25 38.77 51.83
CA TRP J 66 -17.66 39.71 52.87
C TRP J 66 -18.83 40.59 52.42
N GLY J 67 -19.10 40.63 51.12
CA GLY J 67 -20.11 41.51 50.59
C GLY J 67 -21.46 40.85 50.31
N ASP J 68 -21.58 39.56 50.61
CA ASP J 68 -22.78 38.84 50.18
C ASP J 68 -23.84 38.80 51.27
N ALA J 69 -24.82 39.70 51.13
CA ALA J 69 -25.86 39.85 52.12
C ALA J 69 -26.80 38.64 52.16
N SER J 70 -27.01 38.01 51.02
CA SER J 70 -27.87 36.83 50.97
C SER J 70 -27.25 35.69 51.75
N PHE J 71 -25.97 35.44 51.53
CA PHE J 71 -25.31 34.36 52.24
C PHE J 71 -25.29 34.63 53.74
N ALA J 72 -24.99 35.88 54.12
CA ALA J 72 -24.97 36.22 55.54
C ALA J 72 -26.34 35.99 56.18
N SER J 73 -27.40 36.23 55.42
CA SER J 73 -28.75 36.06 55.93
C SER J 73 -29.15 34.58 56.01
N VAL J 74 -28.79 33.81 54.99
CA VAL J 74 -29.31 32.44 54.85
C VAL J 74 -28.39 31.40 55.50
N ALA J 75 -27.09 31.66 55.58
CA ALA J 75 -26.12 30.64 56.05
C ALA J 75 -26.42 30.08 57.44
N PRO J 76 -26.96 30.90 58.36
CA PRO J 76 -27.30 30.34 59.66
C PRO J 76 -28.37 29.25 59.61
N ALA J 77 -29.14 29.20 58.52
CA ALA J 77 -30.26 28.25 58.40
C ALA J 77 -29.87 26.97 57.65
N LEU J 78 -28.64 26.91 57.17
CA LEU J 78 -28.15 25.71 56.49
C LEU J 78 -27.21 24.95 57.40
N ARG J 79 -27.65 23.76 57.82
CA ARG J 79 -26.89 22.92 58.73
C ARG J 79 -26.56 21.60 58.07
N SER J 80 -25.35 21.13 58.31
CA SER J 80 -24.92 19.89 57.72
C SER J 80 -23.89 19.19 58.59
N ARG J 81 -23.81 17.87 58.44
CA ARG J 81 -22.77 17.07 59.08
C ARG J 81 -21.45 17.15 58.33
N CYS J 82 -21.49 17.68 57.11
CA CYS J 82 -20.30 17.68 56.26
C CYS J 82 -20.31 18.88 55.32
N VAL J 83 -19.31 19.74 55.46
CA VAL J 83 -19.21 21.01 54.74
C VAL J 83 -17.81 21.21 54.16
N VAL J 84 -17.73 21.72 52.93
CA VAL J 84 -16.46 22.21 52.37
C VAL J 84 -16.73 23.59 51.80
N ALA J 85 -15.96 24.58 52.25
CA ALA J 85 -16.12 25.96 51.79
C ALA J 85 -14.77 26.58 51.47
N ALA J 86 -14.77 27.57 50.57
CA ALA J 86 -13.53 28.19 50.14
C ALA J 86 -13.75 29.63 49.73
N VAL J 87 -12.71 30.43 49.91
CA VAL J 87 -12.67 31.76 49.33
C VAL J 87 -11.50 31.76 48.34
N ARG J 88 -11.70 32.41 47.21
CA ARG J 88 -10.78 32.31 46.09
C ARG J 88 -9.88 33.53 45.92
N SER J 89 -8.60 33.27 45.71
CA SER J 89 -7.70 34.26 45.13
C SER J 89 -7.30 33.72 43.75
N ALA J 90 -7.68 34.46 42.72
CA ALA J 90 -7.58 33.97 41.35
C ALA J 90 -6.21 34.22 40.76
N THR J 91 -5.69 33.23 40.04
CA THR J 91 -4.47 33.39 39.27
C THR J 91 -4.74 34.35 38.11
N ILE J 92 -3.82 35.28 37.89
CA ILE J 92 -3.91 36.20 36.76
C ILE J 92 -4.24 35.42 35.47
N GLY J 93 -5.25 35.89 34.74
CA GLY J 93 -5.62 35.26 33.49
C GLY J 93 -6.72 34.23 33.60
N MSE J 94 -6.98 33.76 34.82
CA MSE J 94 -8.05 32.80 35.04
C MSE J 94 -9.40 33.50 35.17
O MSE J 94 -9.50 34.53 35.85
CB MSE J 94 -7.79 31.96 36.30
CG MSE J 94 -6.50 31.18 36.28
SE MSE J 94 -6.44 29.78 34.93
CE MSE J 94 -4.66 29.10 35.34
H MSE J 94 -6.55 33.98 35.53
HA MSE J 94 -8.10 32.20 34.29
HB2 MSE J 94 -7.76 32.55 37.07
HB3 MSE J 94 -8.51 31.33 36.40
HG2 MSE J 94 -5.76 31.80 36.09
HG3 MSE J 94 -6.37 30.77 37.14
HE1 MSE J 94 -4.64 28.79 36.25
HE2 MSE J 94 -4.46 28.36 34.73
HE3 MSE J 94 -4.01 29.82 35.21
N SER J 95 -10.42 32.94 34.55
CA SER J 95 -11.76 33.48 34.65
C SER J 95 -12.21 33.60 36.09
N ILE J 96 -12.83 34.73 36.40
CA ILE J 96 -13.47 34.95 37.69
C ILE J 96 -14.97 34.84 37.48
N GLU J 97 -15.50 33.68 37.85
CA GLU J 97 -16.85 33.28 37.54
C GLU J 97 -17.24 32.21 38.55
N PRO J 98 -18.54 32.08 38.86
CA PRO J 98 -18.92 31.09 39.89
C PRO J 98 -18.48 29.65 39.57
N SER J 99 -18.48 29.24 38.31
CA SER J 99 -18.12 27.87 37.96
C SER J 99 -16.64 27.60 38.23
N ALA J 100 -15.85 28.66 38.38
CA ALA J 100 -14.42 28.52 38.67
C ALA J 100 -14.14 28.56 40.18
N SER J 101 -15.17 28.79 40.97
CA SER J 101 -15.01 28.83 42.42
C SER J 101 -15.16 27.44 43.00
N ALA J 102 -14.29 27.09 43.95
CA ALA J 102 -14.46 25.85 44.70
C ALA J 102 -15.67 26.01 45.61
N PRO J 103 -16.34 24.90 45.98
CA PRO J 103 -15.98 23.52 45.66
C PRO J 103 -16.52 23.02 44.32
N PHE J 104 -15.69 22.21 43.66
CA PHE J 104 -16.10 21.45 42.51
C PHE J 104 -16.78 20.17 43.00
N SER J 105 -17.52 19.51 42.11
CA SER J 105 -18.27 18.32 42.47
C SER J 105 -18.38 17.32 41.33
N ASP J 106 -18.33 16.03 41.65
CA ASP J 106 -18.66 14.99 40.69
C ASP J 106 -19.97 14.31 41.11
N GLY J 107 -20.70 14.95 42.02
CA GLY J 107 -21.97 14.42 42.51
C GLY J 107 -21.84 13.68 43.83
N GLN J 108 -20.66 13.15 44.09
CA GLN J 108 -20.43 12.35 45.29
C GLN J 108 -19.41 13.03 46.22
N TRP J 109 -18.44 13.69 45.60
CA TRP J 109 -17.39 14.41 46.33
C TRP J 109 -17.45 15.89 46.03
N LEU J 110 -17.27 16.69 47.08
CA LEU J 110 -16.99 18.12 46.96
C LEU J 110 -15.49 18.32 47.08
N LEU J 111 -14.93 19.24 46.31
CA LEU J 111 -13.48 19.40 46.28
C LEU J 111 -13.04 20.85 46.09
N SER J 112 -12.06 21.25 46.89
CA SER J 112 -11.42 22.55 46.78
C SER J 112 -9.93 22.40 46.56
N HIS J 113 -9.38 23.23 45.70
CA HIS J 113 -7.96 23.29 45.47
C HIS J 113 -7.41 24.66 45.84
N ASN J 114 -6.41 24.67 46.71
CA ASN J 114 -5.63 25.85 47.00
C ASN J 114 -4.24 25.67 46.43
N GLY J 115 -3.92 26.46 45.40
CA GLY J 115 -2.60 26.39 44.83
C GLY J 115 -2.52 26.89 43.42
N LEU J 116 -1.68 26.21 42.65
CA LEU J 116 -1.34 26.61 41.30
C LEU J 116 -0.84 25.36 40.61
N VAL J 117 -1.25 25.16 39.36
CA VAL J 117 -0.74 24.04 38.59
C VAL J 117 -0.74 24.39 37.11
N ALA J 118 0.30 23.98 36.41
CA ALA J 118 0.38 24.21 34.97
C ALA J 118 -0.61 23.32 34.24
N ARG J 119 -1.56 23.92 33.55
CA ARG J 119 -2.61 23.15 32.91
C ARG J 119 -2.02 22.24 31.83
N GLY J 120 -0.89 22.64 31.31
CA GLY J 120 -0.25 21.88 30.24
C GLY J 120 0.18 20.47 30.63
N VAL J 121 0.40 20.21 31.92
CA VAL J 121 0.82 18.87 32.32
C VAL J 121 -0.39 17.97 32.62
N LEU J 122 -1.59 18.55 32.56
CA LEU J 122 -2.81 17.81 32.88
C LEU J 122 -3.50 17.33 31.61
N PRO J 123 -4.24 16.22 31.71
CA PRO J 123 -4.91 15.73 30.50
C PRO J 123 -6.01 16.66 30.06
N LEU J 124 -6.29 16.69 28.76
CA LEU J 124 -7.46 17.40 28.26
C LEU J 124 -8.67 16.65 28.80
N THR J 125 -9.77 17.37 28.99
CA THR J 125 -10.96 16.74 29.51
C THR J 125 -12.21 17.42 28.98
N GLY J 126 -13.28 16.65 28.90
CA GLY J 126 -14.59 17.18 28.54
C GLY J 126 -15.50 17.30 29.74
N ALA J 127 -14.95 17.00 30.92
CA ALA J 127 -15.77 16.91 32.13
C ALA J 127 -15.46 17.97 33.19
N ALA J 128 -14.68 18.98 32.83
CA ALA J 128 -14.38 20.05 33.79
C ALA J 128 -15.56 21.02 33.92
N GLU J 129 -15.68 21.67 35.08
CA GLU J 129 -16.77 22.62 35.31
C GLU J 129 -16.42 24.01 34.83
N SER J 130 -15.13 24.23 34.59
CA SER J 130 -14.62 25.52 34.18
C SER J 130 -13.31 25.28 33.43
N THR J 131 -12.78 26.35 32.85
CA THR J 131 -11.51 26.30 32.12
C THR J 131 -10.31 26.51 33.01
N VAL J 132 -10.53 26.96 34.24
CA VAL J 132 -9.42 27.38 35.09
C VAL J 132 -8.62 26.19 35.59
N ASP J 133 -7.36 26.41 35.93
CA ASP J 133 -6.46 25.30 36.26
C ASP J 133 -7.02 24.42 37.38
N SER J 134 -7.62 25.01 38.42
CA SER J 134 -8.13 24.20 39.52
C SER J 134 -9.26 23.26 39.08
N ALA J 135 -10.06 23.68 38.10
CA ALA J 135 -11.18 22.86 37.64
C ALA J 135 -10.66 21.70 36.77
N ILE J 136 -9.59 21.95 36.02
CA ILE J 136 -8.99 20.88 35.21
C ILE J 136 -8.34 19.85 36.14
N LEU J 137 -7.71 20.34 37.20
CA LEU J 137 -7.12 19.46 38.20
C LEU J 137 -8.20 18.65 38.93
N ALA J 138 -9.29 19.31 39.29
CA ALA J 138 -10.41 18.63 39.94
C ALA J 138 -10.92 17.51 39.04
N ALA J 139 -11.07 17.79 37.74
CA ALA J 139 -11.52 16.77 36.80
C ALA J 139 -10.61 15.53 36.82
N LEU J 140 -9.30 15.75 36.79
CA LEU J 140 -8.35 14.66 36.88
C LEU J 140 -8.50 13.89 38.18
N ILE J 141 -8.60 14.60 39.29
CA ILE J 141 -8.72 13.94 40.59
C ILE J 141 -9.97 13.07 40.63
N PHE J 142 -11.08 13.59 40.15
CA PHE J 142 -12.33 12.83 40.14
C PHE J 142 -12.22 11.60 39.23
N SER J 143 -11.52 11.76 38.11
CA SER J 143 -11.33 10.66 37.16
C SER J 143 -10.56 9.50 37.77
N ARG J 144 -9.54 9.82 38.56
CA ARG J 144 -8.71 8.79 39.17
C ARG J 144 -9.38 8.19 40.41
N GLY J 145 -10.33 8.93 40.97
CA GLY J 145 -11.02 8.51 42.19
C GLY J 145 -10.37 9.06 43.44
N LEU J 146 -11.16 9.44 44.44
CA LEU J 146 -10.60 10.07 45.63
C LEU J 146 -9.83 9.10 46.54
N ASP J 147 -10.05 7.80 46.39
CA ASP J 147 -9.27 6.82 47.15
C ASP J 147 -7.82 6.81 46.69
N ALA J 148 -7.56 7.41 45.52
CA ALA J 148 -6.21 7.53 44.98
C ALA J 148 -5.72 8.98 45.04
N LEU J 149 -6.35 9.80 45.86
CA LEU J 149 -5.98 11.21 45.93
C LEU J 149 -4.48 11.39 46.18
N GLY J 150 -3.95 10.66 47.15
CA GLY J 150 -2.55 10.75 47.50
C GLY J 150 -1.66 10.47 46.30
N ALA J 151 -1.99 9.39 45.58
CA ALA J 151 -1.23 9.02 44.39
C ALA J 151 -1.33 10.09 43.32
N THR J 152 -2.55 10.61 43.11
CA THR J 152 -2.76 11.62 42.07
C THR J 152 -1.94 12.87 42.35
N ILE J 153 -1.96 13.34 43.59
CA ILE J 153 -1.26 14.56 43.94
C ILE J 153 0.24 14.36 43.92
N ALA J 154 0.72 13.23 44.43
CA ALA J 154 2.15 12.93 44.36
C ALA J 154 2.61 12.96 42.90
N GLU J 155 1.80 12.40 42.02
CA GLU J 155 2.11 12.37 40.60
C GLU J 155 2.14 13.77 39.98
N VAL J 156 1.08 14.56 40.18
CA VAL J 156 1.01 15.88 39.57
C VAL J 156 2.13 16.78 40.11
N GLY J 157 2.44 16.59 41.39
CA GLY J 157 3.52 17.33 42.03
C GLY J 157 4.88 17.06 41.40
N GLU J 158 5.05 15.91 40.75
CA GLU J 158 6.29 15.61 40.04
C GLU J 158 6.19 16.10 38.61
N LEU J 159 5.00 16.01 38.02
CA LEU J 159 4.79 16.48 36.65
C LEU J 159 5.07 17.98 36.55
N ASP J 160 4.66 18.70 37.58
CA ASP J 160 4.87 20.15 37.69
C ASP J 160 5.54 20.43 39.03
N PRO J 161 6.89 20.49 39.03
CA PRO J 161 7.60 20.69 40.30
C PRO J 161 7.36 22.05 40.94
N ASN J 162 6.69 22.95 40.24
CA ASN J 162 6.31 24.25 40.79
C ASN J 162 4.88 24.28 41.29
N ALA J 163 4.17 23.18 41.13
CA ALA J 163 2.76 23.15 41.50
C ALA J 163 2.59 23.27 43.01
N ARG J 164 1.50 23.91 43.43
CA ARG J 164 1.04 23.85 44.80
C ARG J 164 -0.30 23.17 44.76
N LEU J 165 -0.46 22.14 45.58
CA LEU J 165 -1.56 21.20 45.41
C LEU J 165 -2.26 20.87 46.72
N ASN J 166 -2.68 21.90 47.45
CA ASN J 166 -3.48 21.69 48.65
C ASN J 166 -4.93 21.39 48.27
N ILE J 167 -5.35 20.16 48.54
CA ILE J 167 -6.70 19.71 48.23
C ILE J 167 -7.49 19.53 49.50
N LEU J 168 -8.77 19.89 49.49
CA LEU J 168 -9.67 19.57 50.58
C LEU J 168 -10.96 19.06 49.98
N ALA J 169 -11.37 17.86 50.37
CA ALA J 169 -12.53 17.22 49.77
C ALA J 169 -13.36 16.45 50.79
N ALA J 170 -14.62 16.20 50.46
CA ALA J 170 -15.50 15.49 51.38
C ALA J 170 -16.64 14.83 50.61
N ASN J 171 -17.18 13.74 51.17
CA ASN J 171 -18.21 12.93 50.49
C ASN J 171 -19.44 12.70 51.35
N GLY J 172 -19.52 13.41 52.46
CA GLY J 172 -20.63 13.32 53.39
C GLY J 172 -20.29 12.58 54.68
N SER J 173 -19.31 11.69 54.61
CA SER J 173 -18.96 10.86 55.76
CA SER J 173 -18.95 10.86 55.76
C SER J 173 -17.44 10.77 55.96
N ARG J 174 -16.67 11.43 55.11
CA ARG J 174 -15.23 11.49 55.34
C ARG J 174 -14.65 12.73 54.68
N LEU J 175 -13.50 13.16 55.19
CA LEU J 175 -12.74 14.23 54.61
C LEU J 175 -11.42 13.69 54.11
N LEU J 176 -10.96 14.23 52.98
CA LEU J 176 -9.61 13.98 52.50
C LEU J 176 -8.92 15.30 52.21
N ALA J 177 -7.63 15.37 52.46
CA ALA J 177 -6.87 16.59 52.22
C ALA J 177 -5.41 16.29 51.94
N THR J 178 -4.77 17.18 51.18
CA THR J 178 -3.34 17.12 50.97
C THR J 178 -2.71 18.46 51.29
N THR J 179 -1.50 18.40 51.80
CA THR J 179 -0.63 19.55 51.92
C THR J 179 0.44 19.38 50.87
N TRP J 180 0.55 20.35 49.98
CA TRP J 180 1.58 20.32 48.96
C TRP J 180 1.90 21.76 48.60
N GLY J 181 2.65 22.42 49.48
CA GLY J 181 3.11 23.77 49.22
C GLY J 181 2.35 24.86 49.95
N ASP J 182 1.35 24.48 50.73
CA ASP J 182 0.60 25.47 51.49
C ASP J 182 0.06 24.88 52.77
N THR J 183 -0.63 25.72 53.53
CA THR J 183 -0.90 25.43 54.93
C THR J 183 -2.18 24.61 55.12
N LEU J 184 -2.14 23.71 56.11
CA LEU J 184 -3.36 23.06 56.61
C LEU J 184 -3.26 22.78 58.11
N SER J 185 -4.34 23.08 58.83
CA SER J 185 -4.44 22.78 60.26
C SER J 185 -5.67 21.94 60.57
N VAL J 186 -5.67 21.29 61.73
CA VAL J 186 -6.78 20.44 62.14
C VAL J 186 -7.20 20.73 63.58
N LEU J 187 -8.52 20.71 63.80
CA LEU J 187 -9.12 20.86 65.12
C LEU J 187 -10.09 19.72 65.36
N ARG J 188 -9.85 18.94 66.41
CA ARG J 188 -10.74 17.86 66.79
C ARG J 188 -11.55 18.28 68.00
N ARG J 189 -12.85 18.48 67.79
CA ARG J 189 -13.77 18.78 68.87
C ARG J 189 -14.48 17.50 69.30
N PRO J 190 -15.17 17.54 70.45
CA PRO J 190 -15.92 16.34 70.85
C PRO J 190 -16.98 15.95 69.82
N ASP J 191 -17.50 16.93 69.08
CA ASP J 191 -18.61 16.71 68.17
C ASP J 191 -18.20 16.65 66.70
N GLY J 192 -16.90 16.74 66.43
CA GLY J 192 -16.43 16.63 65.06
C GLY J 192 -15.05 17.21 64.79
N VAL J 193 -14.67 17.19 63.52
CA VAL J 193 -13.34 17.59 63.09
C VAL J 193 -13.43 18.71 62.06
N VAL J 194 -12.57 19.73 62.25
CA VAL J 194 -12.36 20.78 61.26
C VAL J 194 -11.00 20.62 60.60
N LEU J 195 -10.95 20.76 59.27
CA LEU J 195 -9.70 20.92 58.55
C LEU J 195 -9.75 22.29 57.90
N ALA J 196 -8.66 23.03 57.97
CA ALA J 196 -8.65 24.41 57.48
C ALA J 196 -7.27 24.89 57.06
N SER J 197 -7.24 25.72 56.02
CA SER J 197 -6.01 26.37 55.58
C SER J 197 -5.34 27.07 56.74
N GLU J 198 -6.15 27.70 57.59
CA GLU J 198 -5.63 28.27 58.82
C GLU J 198 -6.69 28.22 59.92
N PRO J 199 -6.23 28.14 61.17
CA PRO J 199 -7.16 28.14 62.31
C PRO J 199 -8.09 29.33 62.25
N TYR J 200 -9.37 29.12 62.57
CA TYR J 200 -10.36 30.19 62.55
C TYR J 200 -10.51 30.89 63.91
N ASP J 201 -9.72 30.44 64.87
CA ASP J 201 -9.60 31.15 66.14
C ASP J 201 -8.28 30.75 66.81
N ASP J 202 -8.16 30.97 68.11
CA ASP J 202 -6.92 30.65 68.83
C ASP J 202 -7.12 29.52 69.84
N ASP J 203 -8.01 28.60 69.49
CA ASP J 203 -8.26 27.39 70.28
C ASP J 203 -6.96 26.56 70.39
N PRO J 204 -6.57 26.18 71.63
CA PRO J 204 -5.30 25.44 71.78
C PRO J 204 -5.29 24.09 71.07
N GLY J 205 -6.48 23.59 70.75
CA GLY J 205 -6.62 22.31 70.07
C GLY J 205 -6.13 22.31 68.63
N TRP J 206 -5.94 23.47 68.03
CA TRP J 206 -5.43 23.52 66.65
C TRP J 206 -4.02 22.97 66.56
N SER J 207 -3.78 22.11 65.56
CA SER J 207 -2.42 21.67 65.26
C SER J 207 -2.20 21.73 63.76
N ASP J 208 -0.95 21.88 63.36
CA ASP J 208 -0.60 22.04 61.95
C ASP J 208 -0.20 20.72 61.32
N ILE J 209 -0.68 20.48 60.10
CA ILE J 209 -0.29 19.32 59.30
C ILE J 209 0.99 19.64 58.54
N PRO J 210 2.01 18.76 58.61
CA PRO J 210 3.22 19.08 57.85
C PRO J 210 3.01 18.98 56.34
N ASP J 211 3.87 19.64 55.58
CA ASP J 211 3.74 19.68 54.14
C ASP J 211 3.91 18.27 53.54
N ARG J 212 3.36 18.08 52.35
CA ARG J 212 3.49 16.82 51.61
C ARG J 212 2.95 15.61 52.37
N HIS J 213 1.75 15.80 52.92
CA HIS J 213 1.04 14.78 53.65
C HIS J 213 -0.40 14.61 53.15
N LEU J 214 -0.93 13.42 53.36
CA LEU J 214 -2.34 13.12 53.14
C LEU J 214 -3.02 13.09 54.49
N VAL J 215 -4.23 13.67 54.56
CA VAL J 215 -5.05 13.62 55.77
C VAL J 215 -6.37 12.95 55.43
N ASP J 216 -6.78 12.01 56.25
CA ASP J 216 -7.99 11.22 56.01
C ASP J 216 -8.82 11.19 57.29
N VAL J 217 -10.01 11.76 57.25
CA VAL J 217 -10.88 11.85 58.43
C VAL J 217 -12.14 11.00 58.24
N ARG J 218 -12.37 10.06 59.17
CA ARG J 218 -13.62 9.28 59.23
C ARG J 218 -14.07 9.20 60.67
N ASP J 219 -15.31 9.63 60.94
CA ASP J 219 -15.78 9.75 62.32
C ASP J 219 -14.76 10.59 63.09
N ALA J 220 -14.26 10.08 64.22
CA ALA J 220 -13.30 10.82 65.03
C ALA J 220 -11.86 10.45 64.70
N HIS J 221 -11.67 9.63 63.66
CA HIS J 221 -10.33 9.21 63.27
C HIS J 221 -9.72 10.23 62.34
N VAL J 222 -8.51 10.66 62.66
CA VAL J 222 -7.73 11.54 61.80
C VAL J 222 -6.40 10.86 61.50
N VAL J 223 -6.21 10.47 60.25
CA VAL J 223 -5.01 9.74 59.84
C VAL J 223 -4.18 10.64 58.96
N VAL J 224 -2.93 10.83 59.34
CA VAL J 224 -2.00 11.70 58.63
C VAL J 224 -0.82 10.87 58.12
N THR J 225 -0.61 10.88 56.81
CA THR J 225 0.40 10.01 56.20
C THR J 225 1.27 10.77 55.18
N PRO J 226 2.58 10.48 55.16
CA PRO J 226 3.42 11.17 54.15
C PRO J 226 3.09 10.73 52.74
N LEU J 227 3.07 11.68 51.81
CA LEU J 227 2.78 11.36 50.41
C LEU J 227 3.98 10.72 49.74
N CYS K 2 -29.80 31.84 20.09
CA CYS K 2 -29.17 33.15 20.15
C CYS K 2 -29.49 33.98 18.91
N ARG K 3 -29.13 35.26 18.96
CA ARG K 3 -29.19 36.13 17.78
C ARG K 3 -27.87 36.88 17.70
N HIS K 4 -27.34 37.04 16.50
CA HIS K 4 -26.14 37.85 16.38
C HIS K 4 -26.23 38.81 15.19
N VAL K 5 -25.28 39.74 15.17
CA VAL K 5 -25.22 40.76 14.15
C VAL K 5 -23.76 41.14 13.94
N ALA K 6 -23.42 41.51 12.70
CA ALA K 6 -22.09 41.98 12.39
C ALA K 6 -22.14 43.15 11.43
N TRP K 7 -21.12 43.99 11.51
CA TRP K 7 -20.98 45.17 10.66
C TRP K 7 -19.59 45.19 10.09
N LEU K 8 -19.51 45.51 8.80
CA LEU K 8 -18.24 45.79 8.16
C LEU K 8 -18.43 47.01 7.26
N GLY K 9 -17.81 48.12 7.65
CA GLY K 9 -17.89 49.32 6.83
C GLY K 9 -17.30 50.54 7.52
N ALA K 10 -17.81 51.71 7.15
CA ALA K 10 -17.43 52.95 7.81
C ALA K 10 -17.69 52.84 9.32
N PRO K 11 -16.97 53.62 10.13
CA PRO K 11 -17.16 53.58 11.59
C PRO K 11 -18.62 53.70 11.98
N ARG K 12 -19.07 52.78 12.82
CA ARG K 12 -20.44 52.75 13.31
C ARG K 12 -20.42 52.48 14.81
N SER K 13 -21.28 53.13 15.59
CA SER K 13 -21.26 52.89 17.03
C SER K 13 -21.93 51.57 17.39
N LEU K 14 -21.50 50.96 18.49
CA LEU K 14 -22.14 49.76 18.99
C LEU K 14 -23.64 50.01 19.25
N ALA K 15 -23.95 51.18 19.80
CA ALA K 15 -25.35 51.51 20.10
C ALA K 15 -26.16 51.58 18.80
N ASP K 16 -25.59 52.21 17.77
CA ASP K 16 -26.31 52.40 16.52
C ASP K 16 -26.63 51.05 15.85
N LEU K 17 -25.77 50.06 16.07
CA LEU K 17 -25.94 48.73 15.48
C LEU K 17 -26.84 47.84 16.31
N VAL K 18 -26.69 47.91 17.63
CA VAL K 18 -27.23 46.91 18.54
C VAL K 18 -28.47 47.42 19.31
N LEU K 19 -28.41 48.67 19.78
CA LEU K 19 -29.43 49.19 20.70
C LEU K 19 -30.51 50.07 20.05
N ASP K 20 -30.12 50.85 19.05
CA ASP K 20 -31.00 51.87 18.50
C ASP K 20 -32.01 51.40 17.44
N PRO K 21 -31.68 50.38 16.62
CA PRO K 21 -32.69 49.97 15.64
C PRO K 21 -33.97 49.46 16.29
N PRO K 22 -35.12 49.70 15.65
CA PRO K 22 -36.41 49.32 16.23
C PRO K 22 -36.61 47.82 16.44
N GLN K 23 -35.87 46.98 15.73
CA GLN K 23 -35.98 45.54 15.91
C GLN K 23 -34.60 44.91 15.97
N GLY K 24 -33.67 45.64 16.57
CA GLY K 24 -32.29 45.21 16.65
C GLY K 24 -32.05 44.25 17.80
N LEU K 25 -30.78 44.00 18.09
CA LEU K 25 -30.40 42.98 19.04
C LEU K 25 -30.99 43.24 20.42
N LEU K 26 -31.02 44.50 20.85
CA LEU K 26 -31.67 44.86 22.10
C LEU K 26 -33.10 44.33 22.14
N VAL K 27 -33.88 44.61 21.09
CA VAL K 27 -35.27 44.18 21.07
C VAL K 27 -35.33 42.66 20.92
N GLN K 28 -34.39 42.08 20.18
CA GLN K 28 -34.38 40.64 19.99
C GLN K 28 -34.05 39.87 21.28
N SER K 29 -33.54 40.56 22.30
CA SER K 29 -33.25 39.88 23.56
C SER K 29 -34.53 39.48 24.30
N TYR K 30 -35.65 40.17 24.04
CA TYR K 30 -36.92 39.82 24.67
C TYR K 30 -38.07 39.62 23.68
N ALA K 31 -37.93 40.09 22.43
CA ALA K 31 -38.99 39.92 21.44
C ALA K 31 -38.43 39.76 20.03
N PRO K 32 -37.69 38.67 19.79
CA PRO K 32 -37.21 38.37 18.44
C PRO K 32 -38.37 38.09 17.48
N ARG K 33 -38.17 38.35 16.19
CA ARG K 33 -39.23 38.20 15.19
C ARG K 33 -39.13 36.91 14.36
N ARG K 34 -37.95 36.31 14.32
CA ARG K 34 -37.70 35.15 13.43
C ARG K 34 -37.05 33.98 14.15
N GLN K 35 -37.31 33.84 15.45
CA GLN K 35 -36.63 32.82 16.24
C GLN K 35 -37.52 31.60 16.43
N LYS K 36 -36.97 30.43 16.09
CA LYS K 36 -37.72 29.18 16.16
C LYS K 36 -37.32 28.38 17.40
N HIS K 37 -36.17 28.71 17.97
CA HIS K 37 -35.63 27.99 19.12
C HIS K 37 -35.38 28.93 20.29
N GLY K 38 -36.35 28.99 21.21
CA GLY K 38 -36.31 29.91 22.34
C GLY K 38 -37.22 31.10 22.09
N LEU K 39 -37.84 31.59 23.15
CA LEU K 39 -38.72 32.75 23.05
C LEU K 39 -37.96 34.05 23.21
N MSE K 40 -36.72 33.95 23.69
CA MSE K 40 -35.95 35.12 24.08
C MSE K 40 -34.47 34.81 24.14
O MSE K 40 -34.06 33.66 24.00
CB MSE K 40 -36.40 35.59 25.46
CG MSE K 40 -36.07 34.53 26.48
SE MSE K 40 -36.93 34.78 28.17
CE MSE K 40 -38.79 34.56 27.62
H MSE K 40 -36.31 33.20 23.80
HA MSE K 40 -36.10 35.84 23.45
HB2 MSE K 40 -35.94 36.41 25.69
HB3 MSE K 40 -37.36 35.72 25.45
HG2 MSE K 40 -36.32 33.67 26.14
HG3 MSE K 40 -35.11 34.56 26.64
HE1 MSE K 40 -39.37 34.66 28.39
HE2 MSE K 40 -39.01 35.24 26.96
HE3 MSE K 40 -38.90 33.67 27.22
N ASN K 41 -33.68 35.84 24.38
CA ASN K 41 -32.24 35.71 24.43
C ASN K 41 -31.72 36.55 25.58
N ALA K 42 -31.96 36.05 26.80
CA ALA K 42 -31.74 36.83 28.02
C ALA K 42 -30.56 36.34 28.86
N ASP K 43 -29.82 35.36 28.35
CA ASP K 43 -28.79 34.68 29.13
C ASP K 43 -27.42 35.30 28.88
N GLY K 44 -27.40 36.62 28.73
CA GLY K 44 -26.15 37.33 28.53
C GLY K 44 -26.05 37.85 27.12
N TRP K 45 -24.91 38.47 26.84
CA TRP K 45 -24.68 39.14 25.57
C TRP K 45 -23.21 39.48 25.46
N GLY K 46 -22.81 39.89 24.27
CA GLY K 46 -21.46 40.34 24.08
C GLY K 46 -21.36 41.17 22.83
N ALA K 47 -20.39 42.07 22.85
CA ALA K 47 -20.11 42.90 21.69
C ALA K 47 -18.61 42.99 21.53
N GLY K 48 -18.15 42.64 20.33
CA GLY K 48 -16.74 42.74 20.02
C GLY K 48 -16.55 43.69 18.87
N PHE K 49 -15.39 44.33 18.82
CA PHE K 49 -15.09 45.27 17.74
C PHE K 49 -13.59 45.40 17.59
N PHE K 50 -13.17 45.94 16.45
CA PHE K 50 -11.78 46.19 16.19
C PHE K 50 -11.52 47.68 16.28
N ASP K 51 -10.47 48.05 17.03
CA ASP K 51 -10.15 49.46 17.19
C ASP K 51 -9.30 49.94 16.01
N ASP K 52 -8.87 51.19 16.07
CA ASP K 52 -8.15 51.79 14.96
C ASP K 52 -6.83 51.11 14.66
N ASP K 53 -6.29 50.40 15.64
CA ASP K 53 -5.03 49.67 15.46
C ASP K 53 -5.25 48.20 15.12
N GLY K 54 -6.51 47.82 14.94
CA GLY K 54 -6.83 46.46 14.53
C GLY K 54 -6.88 45.49 15.69
N VAL K 55 -6.89 46.00 16.92
CA VAL K 55 -6.94 45.15 18.10
C VAL K 55 -8.38 44.73 18.37
N ALA K 56 -8.60 43.43 18.59
CA ALA K 56 -9.92 42.94 18.93
C ALA K 56 -10.22 43.25 20.38
N ARG K 57 -11.37 43.86 20.63
CA ARG K 57 -11.79 44.22 21.97
C ARG K 57 -13.20 43.70 22.22
N ARG K 58 -13.50 43.33 23.46
CA ARG K 58 -14.75 42.67 23.78
C ARG K 58 -15.32 43.11 25.11
N TRP K 59 -16.63 43.23 25.13
CA TRP K 59 -17.41 43.47 26.33
C TRP K 59 -18.43 42.34 26.38
N ARG K 60 -18.43 41.57 27.46
CA ARG K 60 -19.36 40.45 27.60
C ARG K 60 -19.99 40.41 28.98
N SER K 61 -21.22 39.92 29.03
CA SER K 61 -22.00 39.85 30.25
C SER K 61 -22.85 38.59 30.31
N ASP K 62 -23.27 38.23 31.51
CA ASP K 62 -24.15 37.07 31.71
C ASP K 62 -25.58 37.49 32.05
N LYS K 63 -25.85 38.79 31.96
CA LYS K 63 -27.16 39.33 32.28
C LYS K 63 -27.93 39.73 31.02
N PRO K 64 -29.24 39.93 31.14
CA PRO K 64 -30.02 40.33 29.96
C PRO K 64 -29.56 41.67 29.39
N LEU K 65 -29.45 41.76 28.07
CA LEU K 65 -28.95 42.98 27.44
C LEU K 65 -29.79 44.21 27.78
N TRP K 66 -31.12 44.04 27.85
CA TRP K 66 -31.99 45.18 28.09
C TRP K 66 -31.77 45.79 29.47
N GLY K 67 -31.16 45.04 30.37
CA GLY K 67 -31.01 45.48 31.75
C GLY K 67 -29.71 46.19 32.06
N ASP K 68 -28.80 46.24 31.09
CA ASP K 68 -27.45 46.73 31.34
C ASP K 68 -27.31 48.25 31.11
N ALA K 69 -27.31 48.99 32.22
CA ALA K 69 -27.27 50.44 32.17
C ALA K 69 -25.91 50.93 31.71
N SER K 70 -24.84 50.20 32.05
CA SER K 70 -23.50 50.65 31.66
C SER K 70 -23.34 50.54 30.14
N PHE K 71 -23.77 49.43 29.55
CA PHE K 71 -23.65 49.31 28.11
C PHE K 71 -24.52 50.36 27.40
N ALA K 72 -25.72 50.61 27.92
CA ALA K 72 -26.60 51.58 27.28
C ALA K 72 -25.95 52.96 27.32
N SER K 73 -25.22 53.23 28.39
CA SER K 73 -24.56 54.54 28.55
C SER K 73 -23.33 54.67 27.66
N VAL K 74 -22.53 53.61 27.57
CA VAL K 74 -21.21 53.70 26.98
C VAL K 74 -21.21 53.34 25.50
N ALA K 75 -22.11 52.45 25.09
CA ALA K 75 -22.09 51.94 23.72
C ALA K 75 -22.12 53.02 22.62
N PRO K 76 -22.79 54.15 22.86
CA PRO K 76 -22.76 55.16 21.78
C PRO K 76 -21.38 55.76 21.52
N ALA K 77 -20.46 55.61 22.47
CA ALA K 77 -19.12 56.21 22.38
C ALA K 77 -18.09 55.25 21.81
N LEU K 78 -18.53 54.02 21.52
CA LEU K 78 -17.66 52.98 20.99
C LEU K 78 -17.98 52.79 19.51
N ARG K 79 -17.07 53.23 18.65
CA ARG K 79 -17.26 53.22 17.20
C ARG K 79 -16.22 52.32 16.56
N SER K 80 -16.63 51.57 15.55
CA SER K 80 -15.73 50.65 14.88
C SER K 80 -16.15 50.38 13.44
N ARG K 81 -15.17 50.07 12.62
CA ARG K 81 -15.40 49.65 11.24
C ARG K 81 -15.84 48.18 11.16
N CYS K 82 -15.70 47.45 12.26
CA CYS K 82 -15.98 46.03 12.25
C CYS K 82 -16.42 45.56 13.62
N VAL K 83 -17.65 45.04 13.68
CA VAL K 83 -18.31 44.66 14.92
C VAL K 83 -18.98 43.30 14.79
N VAL K 84 -18.93 42.52 15.87
CA VAL K 84 -19.71 41.28 16.00
C VAL K 84 -20.35 41.30 17.38
N ALA K 85 -21.67 41.17 17.43
CA ALA K 85 -22.38 41.24 18.70
C ALA K 85 -23.44 40.16 18.75
N ALA K 86 -23.77 39.71 19.95
CA ALA K 86 -24.75 38.64 20.09
C ALA K 86 -25.50 38.73 21.40
N VAL K 87 -26.72 38.21 21.39
CA VAL K 87 -27.48 38.00 22.61
C VAL K 87 -27.71 36.50 22.75
N ARG K 88 -27.53 36.00 23.96
CA ARG K 88 -27.50 34.57 24.17
C ARG K 88 -28.79 33.98 24.73
N SER K 89 -29.14 32.82 24.19
CA SER K 89 -30.13 31.95 24.80
C SER K 89 -29.42 30.64 25.15
N ALA K 90 -29.30 30.35 26.44
CA ALA K 90 -28.47 29.24 26.87
C ALA K 90 -29.21 27.93 26.73
N THR K 91 -28.55 26.96 26.10
CA THR K 91 -29.09 25.62 26.02
C THR K 91 -29.00 25.04 27.43
N ILE K 92 -30.05 24.35 27.87
CA ILE K 92 -30.18 23.98 29.27
C ILE K 92 -29.02 23.12 29.76
N GLY K 93 -28.49 23.46 30.93
CA GLY K 93 -27.36 22.77 31.52
C GLY K 93 -26.02 23.46 31.28
N MSE K 94 -25.98 24.37 30.31
CA MSE K 94 -24.75 25.12 30.02
C MSE K 94 -24.63 26.29 30.98
O MSE K 94 -25.62 26.94 31.33
CB MSE K 94 -24.75 25.63 28.58
CG MSE K 94 -24.90 24.57 27.51
SE MSE K 94 -23.34 23.41 27.28
CE MSE K 94 -23.63 22.18 28.77
H MSE K 94 -26.64 24.56 29.80
HA MSE K 94 -23.99 24.54 30.14
HB2 MSE K 94 -25.48 26.26 28.48
HB3 MSE K 94 -23.91 26.09 28.43
HG2 MSE K 94 -25.65 24.00 27.74
HG3 MSE K 94 -25.06 25.01 26.66
HE1 MSE K 94 -22.91 21.53 28.78
HE2 MSE K 94 -23.64 22.68 29.61
HE3 MSE K 94 -24.48 21.74 28.65
N SER K 95 -23.40 26.57 31.40
CA SER K 95 -23.14 27.67 32.31
C SER K 95 -23.57 28.98 31.68
N ILE K 96 -24.13 29.85 32.52
CA ILE K 96 -24.47 31.20 32.13
C ILE K 96 -23.46 32.12 32.82
N GLU K 97 -22.45 32.51 32.06
CA GLU K 97 -21.32 33.28 32.57
C GLU K 97 -20.74 34.07 31.40
N PRO K 98 -20.07 35.19 31.68
CA PRO K 98 -19.59 36.05 30.59
C PRO K 98 -18.67 35.34 29.61
N SER K 99 -17.86 34.40 30.10
CA SER K 99 -16.90 33.73 29.24
C SER K 99 -17.62 32.80 28.26
N ALA K 100 -18.87 32.48 28.55
CA ALA K 100 -19.68 31.61 27.68
C ALA K 100 -20.47 32.41 26.64
N SER K 101 -20.45 33.73 26.74
CA SER K 101 -21.14 34.57 25.77
C SER K 101 -20.27 34.81 24.54
N ALA K 102 -20.89 34.85 23.38
CA ALA K 102 -20.22 35.30 22.16
C ALA K 102 -20.03 36.81 22.25
N PRO K 103 -19.04 37.36 21.53
CA PRO K 103 -18.11 36.68 20.64
C PRO K 103 -16.90 36.07 21.36
N PHE K 104 -16.47 34.92 20.86
CA PHE K 104 -15.22 34.29 21.21
C PHE K 104 -14.12 34.88 20.34
N SER K 105 -12.87 34.69 20.74
CA SER K 105 -11.76 35.28 19.99
C SER K 105 -10.50 34.46 20.08
N ASP K 106 -9.71 34.48 19.00
CA ASP K 106 -8.37 33.91 19.04
C ASP K 106 -7.35 35.05 18.88
N GLY K 107 -7.83 36.28 19.03
CA GLY K 107 -6.98 37.45 18.92
C GLY K 107 -6.99 38.10 17.55
N GLN K 108 -7.30 37.32 16.51
CA GLN K 108 -7.41 37.85 15.15
C GLN K 108 -8.88 37.92 14.74
N TRP K 109 -9.64 36.89 15.12
CA TRP K 109 -11.04 36.74 14.74
C TRP K 109 -11.94 36.88 15.97
N LEU K 110 -13.09 37.52 15.76
CA LEU K 110 -14.21 37.45 16.68
C LEU K 110 -15.19 36.47 16.09
N LEU K 111 -15.83 35.66 16.92
CA LEU K 111 -16.71 34.62 16.42
C LEU K 111 -17.92 34.39 17.32
N SER K 112 -19.09 34.35 16.70
CA SER K 112 -20.35 34.03 17.38
C SER K 112 -20.97 32.78 16.78
N HIS K 113 -21.53 31.94 17.65
CA HIS K 113 -22.29 30.76 17.21
C HIS K 113 -23.71 30.83 17.70
N ASN K 114 -24.65 30.72 16.75
CA ASN K 114 -26.06 30.56 17.08
C ASN K 114 -26.47 29.14 16.72
N GLY K 115 -26.76 28.35 17.74
CA GLY K 115 -27.33 27.04 17.51
C GLY K 115 -27.05 26.11 18.66
N LEU K 116 -26.67 24.89 18.31
CA LEU K 116 -26.60 23.81 19.27
C LEU K 116 -25.74 22.74 18.63
N VAL K 117 -24.84 22.16 19.41
CA VAL K 117 -24.07 21.03 18.93
C VAL K 117 -23.70 20.14 20.10
N ALA K 118 -23.79 18.84 19.87
CA ALA K 118 -23.41 17.87 20.88
C ALA K 118 -21.92 17.99 21.12
N ARG K 119 -21.52 18.30 22.35
CA ARG K 119 -20.10 18.49 22.64
C ARG K 119 -19.32 17.22 22.38
N GLY K 120 -20.00 16.08 22.43
CA GLY K 120 -19.38 14.79 22.21
C GLY K 120 -18.74 14.60 20.84
N VAL K 121 -19.22 15.33 19.82
CA VAL K 121 -18.69 15.14 18.48
C VAL K 121 -17.51 16.08 18.24
N LEU K 122 -17.21 16.92 19.23
CA LEU K 122 -16.15 17.90 19.09
C LEU K 122 -14.88 17.41 19.77
N PRO K 123 -13.71 17.70 19.18
CA PRO K 123 -12.45 17.31 19.83
C PRO K 123 -12.28 17.94 21.20
N LEU K 124 -11.61 17.25 22.11
CA LEU K 124 -11.25 17.89 23.38
C LEU K 124 -10.24 18.99 23.06
N THR K 125 -10.21 20.03 23.87
CA THR K 125 -9.33 21.16 23.62
C THR K 125 -8.89 21.76 24.95
N GLY K 126 -7.71 22.37 24.96
CA GLY K 126 -7.24 23.13 26.11
C GLY K 126 -7.30 24.61 25.81
N ALA K 127 -7.93 24.97 24.69
CA ALA K 127 -7.92 26.34 24.19
C ALA K 127 -9.28 27.02 24.23
N ALA K 128 -10.28 26.35 24.80
CA ALA K 128 -11.63 26.95 24.83
C ALA K 128 -11.73 27.99 25.94
N GLU K 129 -12.58 28.98 25.73
CA GLU K 129 -12.73 30.09 26.68
C GLU K 129 -13.72 29.74 27.77
N SER K 130 -14.48 28.68 27.54
CA SER K 130 -15.52 28.25 28.46
C SER K 130 -15.79 26.78 28.20
N THR K 131 -16.61 26.18 29.03
CA THR K 131 -16.95 24.77 28.88
C THR K 131 -18.15 24.55 27.96
N VAL K 132 -18.85 25.62 27.61
CA VAL K 132 -20.10 25.47 26.89
C VAL K 132 -19.86 25.07 25.44
N ASP K 133 -20.87 24.46 24.84
CA ASP K 133 -20.73 23.85 23.52
C ASP K 133 -20.22 24.83 22.47
N SER K 134 -20.74 26.06 22.47
CA SER K 134 -20.34 27.05 21.49
C SER K 134 -18.86 27.41 21.60
N ALA K 135 -18.34 27.43 22.83
CA ALA K 135 -16.94 27.74 23.06
C ALA K 135 -16.03 26.62 22.53
N ILE K 136 -16.47 25.38 22.71
CA ILE K 136 -15.71 24.24 22.22
C ILE K 136 -15.73 24.27 20.69
N LEU K 137 -16.87 24.64 20.12
CA LEU K 137 -16.97 24.73 18.67
C LEU K 137 -16.09 25.86 18.15
N ALA K 138 -16.10 27.00 18.84
CA ALA K 138 -15.25 28.13 18.45
C ALA K 138 -13.78 27.70 18.43
N ALA K 139 -13.38 26.98 19.47
CA ALA K 139 -12.00 26.51 19.55
C ALA K 139 -11.66 25.61 18.35
N LEU K 140 -12.57 24.71 17.99
CA LEU K 140 -12.35 23.86 16.81
C LEU K 140 -12.20 24.71 15.55
N ILE K 141 -13.12 25.65 15.35
CA ILE K 141 -13.10 26.51 14.17
C ILE K 141 -11.79 27.30 14.07
N PHE K 142 -11.36 27.92 15.17
CA PHE K 142 -10.11 28.67 15.19
C PHE K 142 -8.92 27.74 14.88
N SER K 143 -8.93 26.54 15.48
CA SER K 143 -7.86 25.55 15.28
C SER K 143 -7.72 25.14 13.81
N ARG K 144 -8.84 24.96 13.15
CA ARG K 144 -8.83 24.53 11.74
C ARG K 144 -8.52 25.69 10.80
N GLY K 145 -8.76 26.92 11.30
CA GLY K 145 -8.51 28.12 10.52
C GLY K 145 -9.76 28.57 9.79
N LEU K 146 -10.00 29.88 9.72
CA LEU K 146 -11.25 30.38 9.15
C LEU K 146 -11.33 30.18 7.64
N ASP K 147 -10.19 30.00 6.97
CA ASP K 147 -10.21 29.67 5.54
C ASP K 147 -10.82 28.30 5.30
N ALA K 148 -10.95 27.52 6.37
CA ALA K 148 -11.60 26.22 6.29
C ALA K 148 -12.98 26.18 6.99
N LEU K 149 -13.53 27.34 7.32
CA LEU K 149 -14.82 27.40 8.02
C LEU K 149 -15.91 26.54 7.38
N GLY K 150 -16.11 26.69 6.08
CA GLY K 150 -17.11 25.91 5.38
C GLY K 150 -16.94 24.40 5.55
N ALA K 151 -15.70 23.91 5.41
CA ALA K 151 -15.47 22.49 5.54
C ALA K 151 -15.58 22.03 7.00
N THR K 152 -15.17 22.89 7.93
CA THR K 152 -15.27 22.55 9.35
C THR K 152 -16.74 22.36 9.75
N ILE K 153 -17.58 23.31 9.35
CA ILE K 153 -19.01 23.24 9.65
C ILE K 153 -19.67 22.06 8.96
N ALA K 154 -19.31 21.78 7.71
CA ALA K 154 -19.86 20.62 7.03
C ALA K 154 -19.50 19.34 7.79
N GLU K 155 -18.28 19.28 8.30
CA GLU K 155 -17.82 18.10 9.01
C GLU K 155 -18.62 17.92 10.31
N VAL K 156 -18.75 19.00 11.07
CA VAL K 156 -19.50 18.95 12.34
C VAL K 156 -20.98 18.60 12.07
N GLY K 157 -21.55 19.17 11.01
CA GLY K 157 -22.92 18.88 10.62
C GLY K 157 -23.14 17.43 10.21
N GLU K 158 -22.11 16.80 9.68
CA GLU K 158 -22.17 15.36 9.38
C GLU K 158 -22.13 14.55 10.66
N LEU K 159 -21.31 14.96 11.62
CA LEU K 159 -21.20 14.22 12.88
C LEU K 159 -22.43 14.38 13.77
N ASP K 160 -23.07 15.54 13.70
CA ASP K 160 -24.28 15.81 14.47
C ASP K 160 -25.36 16.36 13.55
N PRO K 161 -26.14 15.49 12.90
CA PRO K 161 -27.12 15.93 11.91
C PRO K 161 -28.18 16.88 12.48
N ASN K 162 -28.36 16.87 13.80
CA ASN K 162 -29.31 17.78 14.44
C ASN K 162 -28.69 19.10 14.87
N ALA K 163 -27.37 19.23 14.69
CA ALA K 163 -26.69 20.45 15.11
C ALA K 163 -27.17 21.64 14.28
N ARG K 164 -27.26 22.79 14.94
CA ARG K 164 -27.47 24.05 14.26
C ARG K 164 -26.17 24.83 14.40
N LEU K 165 -25.64 25.26 13.27
CA LEU K 165 -24.25 25.71 13.18
C LEU K 165 -24.12 27.05 12.46
N ASN K 166 -24.92 28.03 12.89
CA ASN K 166 -24.82 29.38 12.34
C ASN K 166 -23.66 30.13 12.96
N ILE K 167 -22.65 30.39 12.14
CA ILE K 167 -21.46 31.12 12.58
C ILE K 167 -21.47 32.52 11.99
N LEU K 168 -20.97 33.48 12.76
CA LEU K 168 -20.75 34.82 12.25
C LEU K 168 -19.41 35.27 12.83
N ALA K 169 -18.47 35.60 11.95
CA ALA K 169 -17.10 35.87 12.36
C ALA K 169 -16.54 37.06 11.61
N ALA K 170 -15.53 37.70 12.19
CA ALA K 170 -14.95 38.91 11.60
C ALA K 170 -13.51 39.08 12.06
N ASN K 171 -12.66 39.62 11.19
CA ASN K 171 -11.25 39.84 11.54
C ASN K 171 -10.80 41.29 11.39
N GLY K 172 -11.76 42.19 11.23
CA GLY K 172 -11.47 43.61 11.10
C GLY K 172 -11.59 44.13 9.67
N SER K 173 -11.41 43.24 8.70
CA SER K 173 -11.51 43.66 7.30
C SER K 173 -12.31 42.68 6.46
N ARG K 174 -12.83 41.62 7.08
CA ARG K 174 -13.78 40.74 6.41
C ARG K 174 -14.72 40.08 7.39
N LEU K 175 -15.87 39.68 6.87
CA LEU K 175 -16.85 38.89 7.59
C LEU K 175 -16.96 37.54 6.95
N LEU K 176 -17.19 36.55 7.80
CA LEU K 176 -17.51 35.20 7.34
C LEU K 176 -18.69 34.71 8.12
N ALA K 177 -19.59 34.01 7.44
CA ALA K 177 -20.75 33.46 8.11
C ALA K 177 -21.18 32.16 7.47
N THR K 178 -21.83 31.33 8.26
CA THR K 178 -22.52 30.16 7.74
C THR K 178 -23.96 30.12 8.18
N THR K 179 -24.80 29.63 7.29
CA THR K 179 -26.15 29.25 7.62
C THR K 179 -26.19 27.74 7.71
N TRP K 180 -26.65 27.24 8.85
CA TRP K 180 -26.77 25.81 9.05
C TRP K 180 -27.84 25.57 10.11
N GLY K 181 -29.09 25.69 9.70
CA GLY K 181 -30.22 25.39 10.55
C GLY K 181 -30.95 26.61 11.06
N ASP K 182 -30.40 27.79 10.80
CA ASP K 182 -31.03 29.01 11.28
C ASP K 182 -30.83 30.13 10.28
N THR K 183 -31.36 31.29 10.63
CA THR K 183 -31.57 32.37 9.67
C THR K 183 -30.37 33.30 9.54
N LEU K 184 -30.11 33.80 8.34
CA LEU K 184 -29.21 34.96 8.17
C LEU K 184 -29.74 35.92 7.09
N SER K 185 -29.62 37.21 7.38
CA SER K 185 -30.04 38.25 6.46
C SER K 185 -28.90 39.22 6.25
N VAL K 186 -28.92 39.90 5.11
CA VAL K 186 -27.87 40.84 4.76
C VAL K 186 -28.47 42.18 4.34
N LEU K 187 -27.82 43.25 4.78
CA LEU K 187 -28.16 44.59 4.34
C LEU K 187 -26.90 45.26 3.79
N ARG K 188 -26.96 45.68 2.52
CA ARG K 188 -25.84 46.36 1.90
C ARG K 188 -26.11 47.86 1.83
N ARG K 189 -25.67 48.60 2.85
CA ARG K 189 -25.80 50.06 2.84
C ARG K 189 -24.66 50.67 2.02
N PRO K 190 -24.82 51.92 1.59
CA PRO K 190 -23.72 52.58 0.88
C PRO K 190 -22.40 52.62 1.66
N ASP K 191 -22.49 52.62 3.00
CA ASP K 191 -21.30 52.78 3.84
C ASP K 191 -20.82 51.47 4.47
N GLY K 192 -21.48 50.36 4.13
CA GLY K 192 -21.07 49.07 4.68
C GLY K 192 -22.11 47.98 4.60
N VAL K 193 -21.77 46.84 5.20
CA VAL K 193 -22.58 45.64 5.13
C VAL K 193 -22.95 45.15 6.52
N VAL K 194 -24.24 44.84 6.71
CA VAL K 194 -24.71 44.16 7.90
C VAL K 194 -25.03 42.71 7.60
N LEU K 195 -24.58 41.81 8.46
CA LEU K 195 -25.06 40.43 8.49
C LEU K 195 -25.77 40.23 9.82
N ALA K 196 -26.94 39.60 9.81
CA ALA K 196 -27.72 39.47 11.06
C ALA K 196 -28.65 38.26 11.03
N SER K 197 -28.83 37.67 12.21
CA SER K 197 -29.81 36.60 12.39
C SER K 197 -31.17 37.04 11.89
N GLU K 198 -31.52 38.30 12.13
CA GLU K 198 -32.74 38.84 11.55
C GLU K 198 -32.62 40.33 11.32
N PRO K 199 -33.33 40.86 10.32
CA PRO K 199 -33.31 42.28 10.02
C PRO K 199 -33.65 43.12 11.25
N TYR K 200 -32.90 44.20 11.46
CA TYR K 200 -33.13 45.01 12.65
C TYR K 200 -34.13 46.14 12.40
N ASP K 201 -34.70 46.18 11.19
CA ASP K 201 -35.80 47.08 10.88
C ASP K 201 -36.52 46.54 9.65
N ASP K 202 -37.30 47.38 8.96
CA ASP K 202 -38.05 46.93 7.79
C ASP K 202 -37.53 47.53 6.49
N ASP K 203 -36.23 47.86 6.46
CA ASP K 203 -35.57 48.35 5.25
C ASP K 203 -35.83 47.39 4.09
N PRO K 204 -36.28 47.90 2.93
CA PRO K 204 -36.50 46.98 1.83
C PRO K 204 -35.21 46.35 1.30
N GLY K 205 -34.06 46.89 1.68
CA GLY K 205 -32.77 46.37 1.24
C GLY K 205 -32.36 45.05 1.86
N TRP K 206 -33.03 44.66 2.94
CA TRP K 206 -32.74 43.37 3.58
C TRP K 206 -33.05 42.20 2.65
N SER K 207 -32.15 41.23 2.58
CA SER K 207 -32.42 39.99 1.86
C SER K 207 -31.92 38.80 2.65
N ASP K 208 -32.58 37.66 2.48
CA ASP K 208 -32.25 36.48 3.27
C ASP K 208 -31.27 35.56 2.55
N ILE K 209 -30.31 35.04 3.30
CA ILE K 209 -29.39 34.03 2.81
C ILE K 209 -30.01 32.66 3.04
N PRO K 210 -30.07 31.82 1.99
CA PRO K 210 -30.67 30.51 2.26
C PRO K 210 -29.79 29.62 3.13
N ASP K 211 -30.41 28.61 3.71
CA ASP K 211 -29.71 27.68 4.60
C ASP K 211 -28.60 26.91 3.87
N ARG K 212 -27.64 26.42 4.65
CA ARG K 212 -26.53 25.59 4.16
C ARG K 212 -25.63 26.36 3.19
N HIS K 213 -25.28 27.58 3.56
CA HIS K 213 -24.41 28.43 2.75
C HIS K 213 -23.30 29.10 3.54
N LEU K 214 -22.25 29.46 2.82
CA LEU K 214 -21.15 30.26 3.33
C LEU K 214 -21.27 31.67 2.79
N VAL K 215 -21.08 32.67 3.65
CA VAL K 215 -21.10 34.07 3.25
C VAL K 215 -19.75 34.71 3.53
N ASP K 216 -19.20 35.36 2.52
CA ASP K 216 -17.89 35.98 2.61
C ASP K 216 -17.99 37.46 2.21
N VAL K 217 -17.71 38.34 3.15
CA VAL K 217 -17.77 39.78 2.89
C VAL K 217 -16.39 40.39 3.01
N ARG K 218 -15.91 41.00 1.94
CA ARG K 218 -14.70 41.81 2.02
C ARG K 218 -14.70 42.85 0.92
N ASP K 219 -13.98 43.94 1.16
CA ASP K 219 -14.17 45.16 0.39
C ASP K 219 -15.64 45.54 0.64
N ALA K 220 -16.45 45.61 -0.41
CA ALA K 220 -17.89 45.79 -0.23
C ALA K 220 -18.65 44.68 -0.97
N HIS K 221 -17.95 43.59 -1.25
CA HIS K 221 -18.51 42.48 -2.03
CA HIS K 221 -18.53 42.50 -2.02
C HIS K 221 -19.03 41.39 -1.11
N VAL K 222 -20.23 40.90 -1.40
CA VAL K 222 -20.82 39.80 -0.65
C VAL K 222 -20.85 38.59 -1.57
N VAL K 223 -20.07 37.58 -1.22
CA VAL K 223 -19.99 36.35 -2.00
C VAL K 223 -20.61 35.21 -1.20
N VAL K 224 -21.59 34.55 -1.82
CA VAL K 224 -22.28 33.45 -1.18
C VAL K 224 -21.98 32.16 -1.94
N THR K 225 -21.61 31.12 -1.21
CA THR K 225 -21.33 29.81 -1.82
C THR K 225 -22.04 28.70 -1.05
N PRO K 226 -22.43 27.62 -1.74
CA PRO K 226 -23.04 26.52 -1.01
C PRO K 226 -22.03 25.82 -0.15
N LEU K 227 -22.48 25.20 0.94
CA LEU K 227 -21.64 24.34 1.74
C LEU K 227 -21.81 22.91 1.24
N SER K 228 -20.81 22.06 1.50
CA SER K 228 -20.82 20.68 1.02
C SER K 228 -22.06 19.93 1.47
N CYS L 2 -11.07 -43.02 -42.06
CA CYS L 2 -10.64 -44.32 -42.56
C CYS L 2 -11.17 -44.60 -43.97
N ARG L 3 -10.57 -45.57 -44.63
CA ARG L 3 -11.05 -46.04 -45.93
C ARG L 3 -11.28 -47.53 -45.81
N HIS L 4 -12.43 -48.03 -46.26
CA HIS L 4 -12.64 -49.48 -46.23
C HIS L 4 -13.14 -49.99 -47.58
N VAL L 5 -13.09 -51.30 -47.70
CA VAL L 5 -13.47 -51.97 -48.94
C VAL L 5 -14.01 -53.34 -48.55
N ALA L 6 -14.96 -53.84 -49.32
CA ALA L 6 -15.52 -55.16 -49.10
C ALA L 6 -15.80 -55.83 -50.43
N TRP L 7 -15.74 -57.15 -50.40
CA TRP L 7 -15.95 -57.99 -51.58
C TRP L 7 -16.93 -59.10 -51.24
N LEU L 8 -17.85 -59.36 -52.15
CA LEU L 8 -18.74 -60.51 -52.05
C LEU L 8 -18.90 -61.12 -53.43
N GLY L 9 -18.41 -62.35 -53.60
CA GLY L 9 -18.49 -63.01 -54.90
C GLY L 9 -17.60 -64.21 -55.01
N ALA L 10 -17.15 -64.51 -56.22
CA ALA L 10 -16.21 -65.60 -56.46
C ALA L 10 -14.94 -65.36 -55.65
N PRO L 11 -14.19 -66.43 -55.36
CA PRO L 11 -12.97 -66.27 -54.57
C PRO L 11 -12.02 -65.24 -55.17
N ARG L 12 -11.50 -64.38 -54.30
CA ARG L 12 -10.60 -63.31 -54.69
C ARG L 12 -9.53 -63.18 -53.62
N SER L 13 -8.29 -62.94 -54.03
CA SER L 13 -7.21 -62.83 -53.05
C SER L 13 -7.27 -61.49 -52.34
N LEU L 14 -6.80 -61.45 -51.11
CA LEU L 14 -6.73 -60.20 -50.36
C LEU L 14 -5.82 -59.20 -51.09
N ALA L 15 -4.73 -59.70 -51.66
CA ALA L 15 -3.84 -58.82 -52.41
C ALA L 15 -4.56 -58.23 -53.64
N ASP L 16 -5.33 -59.03 -54.35
CA ASP L 16 -5.99 -58.56 -55.57
C ASP L 16 -7.01 -57.48 -55.24
N LEU L 17 -7.55 -57.51 -54.03
CA LEU L 17 -8.58 -56.55 -53.63
C LEU L 17 -7.96 -55.29 -53.02
N VAL L 18 -6.91 -55.50 -52.24
CA VAL L 18 -6.39 -54.46 -51.36
C VAL L 18 -5.07 -53.86 -51.83
N LEU L 19 -4.17 -54.68 -52.39
CA LEU L 19 -2.81 -54.24 -52.68
C LEU L 19 -2.55 -53.96 -54.15
N ASP L 20 -3.21 -54.68 -55.05
CA ASP L 20 -2.87 -54.62 -56.47
C ASP L 20 -3.58 -53.52 -57.27
N PRO L 21 -4.81 -53.14 -56.87
CA PRO L 21 -5.47 -52.09 -57.68
C PRO L 21 -4.67 -50.79 -57.67
N PRO L 22 -4.72 -50.02 -58.76
CA PRO L 22 -3.86 -48.83 -58.84
C PRO L 22 -4.23 -47.76 -57.83
N GLN L 23 -5.49 -47.75 -57.37
CA GLN L 23 -5.93 -46.80 -56.35
C GLN L 23 -6.62 -47.51 -55.19
N GLY L 24 -6.19 -48.74 -54.92
CA GLY L 24 -6.76 -49.52 -53.83
C GLY L 24 -6.34 -49.09 -52.42
N LEU L 25 -6.67 -49.93 -51.46
CA LEU L 25 -6.46 -49.60 -50.06
C LEU L 25 -4.99 -49.33 -49.74
N LEU L 26 -4.09 -50.07 -50.37
CA LEU L 26 -2.64 -49.82 -50.19
C LEU L 26 -2.30 -48.37 -50.52
N VAL L 27 -2.74 -47.93 -51.68
CA VAL L 27 -2.48 -46.57 -52.15
C VAL L 27 -3.24 -45.56 -51.28
N GLN L 28 -4.43 -45.94 -50.84
CA GLN L 28 -5.25 -45.04 -50.02
C GLN L 28 -4.68 -44.82 -48.61
N SER L 29 -3.73 -45.66 -48.19
CA SER L 29 -3.16 -45.50 -46.87
C SER L 29 -2.29 -44.24 -46.80
N TYR L 30 -1.69 -43.86 -47.93
CA TYR L 30 -0.87 -42.65 -47.98
C TYR L 30 -1.34 -41.61 -48.99
N ALA L 31 -2.25 -41.98 -49.88
CA ALA L 31 -2.67 -41.05 -50.93
C ALA L 31 -4.12 -41.30 -51.36
N PRO L 32 -5.06 -41.07 -50.44
CA PRO L 32 -6.48 -41.22 -50.77
C PRO L 32 -6.95 -40.13 -51.73
N ARG L 33 -8.06 -40.37 -52.41
CA ARG L 33 -8.56 -39.43 -53.41
C ARG L 33 -9.82 -38.67 -52.95
N ARG L 34 -10.58 -39.25 -52.02
CA ARG L 34 -11.88 -38.66 -51.64
C ARG L 34 -12.05 -38.49 -50.14
N GLN L 35 -10.96 -38.16 -49.46
CA GLN L 35 -10.97 -38.09 -48.00
C GLN L 35 -11.09 -36.68 -47.46
N LYS L 36 -12.18 -36.42 -46.74
CA LYS L 36 -12.47 -35.10 -46.20
C LYS L 36 -11.87 -34.91 -44.80
N HIS L 37 -11.59 -36.00 -44.10
CA HIS L 37 -11.05 -35.93 -42.75
C HIS L 37 -9.79 -36.79 -42.61
N GLY L 38 -8.68 -36.13 -42.30
CA GLY L 38 -7.38 -36.78 -42.29
C GLY L 38 -6.71 -36.63 -43.65
N LEU L 39 -5.38 -36.65 -43.65
CA LEU L 39 -4.61 -36.54 -44.89
C LEU L 39 -4.36 -37.90 -45.48
N MSE L 40 -4.58 -38.92 -44.67
CA MSE L 40 -4.03 -40.23 -44.91
C MSE L 40 -4.66 -41.25 -43.99
O MSE L 40 -5.48 -40.89 -43.14
CB MSE L 40 -2.55 -40.20 -44.63
CG MSE L 40 -2.35 -39.78 -43.17
SE MSE L 40 -0.55 -39.53 -42.68
CE MSE L 40 0.07 -41.16 -43.53
H MSE L 40 -5.06 -38.87 -43.96
HA MSE L 40 -4.17 -40.49 -45.84
HB2 MSE L 40 -2.17 -41.09 -44.75
HB3 MSE L 40 -2.12 -39.56 -45.21
HG2 MSE L 40 -2.81 -38.94 -43.03
HG3 MSE L 40 -2.73 -40.46 -42.60
HE1 MSE L 40 1.02 -41.24 -43.40
HE2 MSE L 40 -0.39 -41.92 -43.13
HE3 MSE L 40 -0.13 -41.11 -44.48
N ASN L 41 -4.25 -42.51 -44.13
CA ASN L 41 -4.75 -43.58 -43.27
C ASN L 41 -3.63 -44.52 -42.89
N ALA L 42 -2.76 -44.05 -41.99
CA ALA L 42 -1.55 -44.79 -41.64
C ALA L 42 -1.56 -45.31 -40.22
N ASP L 43 -2.66 -45.14 -39.50
CA ASP L 43 -2.75 -45.51 -38.10
C ASP L 43 -3.23 -46.95 -37.94
N GLY L 44 -2.72 -47.83 -38.78
CA GLY L 44 -3.09 -49.22 -38.72
C GLY L 44 -4.01 -49.64 -39.86
N TRP L 45 -4.32 -50.92 -39.88
CA TRP L 45 -5.14 -51.49 -40.92
C TRP L 45 -5.66 -52.83 -40.44
N GLY L 46 -6.63 -53.36 -41.16
CA GLY L 46 -7.08 -54.72 -40.89
C GLY L 46 -7.70 -55.32 -42.12
N ALA L 47 -7.65 -56.64 -42.19
CA ALA L 47 -8.25 -57.38 -43.28
C ALA L 47 -8.95 -58.59 -42.68
N GLY L 48 -10.24 -58.70 -42.93
CA GLY L 48 -11.01 -59.84 -42.47
C GLY L 48 -11.60 -60.57 -43.65
N PHE L 49 -11.74 -61.89 -43.50
CA PHE L 49 -12.32 -62.72 -44.55
C PHE L 49 -12.96 -63.98 -43.98
N PHE L 50 -13.79 -64.62 -44.80
CA PHE L 50 -14.43 -65.86 -44.40
C PHE L 50 -13.79 -67.00 -45.15
N ASP L 51 -13.39 -68.04 -44.42
CA ASP L 51 -12.75 -69.17 -45.07
C ASP L 51 -13.82 -70.10 -45.63
N ASP L 52 -13.38 -71.25 -46.18
CA ASP L 52 -14.30 -72.16 -46.86
C ASP L 52 -15.36 -72.76 -45.94
N ASP L 53 -15.10 -72.79 -44.64
CA ASP L 53 -16.04 -73.34 -43.67
C ASP L 53 -16.87 -72.24 -42.98
N GLY L 54 -16.75 -71.00 -43.46
CA GLY L 54 -17.55 -69.90 -42.97
C GLY L 54 -16.98 -69.22 -41.73
N VAL L 55 -15.76 -69.59 -41.35
CA VAL L 55 -15.13 -68.98 -40.18
C VAL L 55 -14.57 -67.61 -40.54
N ALA L 56 -14.91 -66.63 -39.71
CA ALA L 56 -14.38 -65.28 -39.81
C ALA L 56 -12.95 -65.26 -39.29
N ARG L 57 -12.03 -64.79 -40.12
CA ARG L 57 -10.62 -64.69 -39.76
C ARG L 57 -10.14 -63.26 -40.00
N ARG L 58 -9.20 -62.81 -39.16
CA ARG L 58 -8.77 -61.42 -39.19
C ARG L 58 -7.29 -61.26 -38.97
N TRP L 59 -6.74 -60.29 -39.70
CA TRP L 59 -5.35 -59.84 -39.54
C TRP L 59 -5.40 -58.33 -39.32
N ARG L 60 -4.89 -57.85 -38.19
CA ARG L 60 -4.97 -56.43 -37.87
C ARG L 60 -3.63 -55.93 -37.36
N SER L 61 -3.35 -54.67 -37.62
CA SER L 61 -2.06 -54.07 -37.30
C SER L 61 -2.25 -52.62 -36.87
N ASP L 62 -1.26 -52.07 -36.17
CA ASP L 62 -1.26 -50.67 -35.79
C ASP L 62 -0.24 -49.87 -36.58
N LYS L 63 0.36 -50.50 -37.59
CA LYS L 63 1.35 -49.86 -38.42
C LYS L 63 0.78 -49.49 -39.79
N PRO L 64 1.48 -48.61 -40.52
CA PRO L 64 0.96 -48.25 -41.84
C PRO L 64 0.96 -49.42 -42.80
N LEU L 65 -0.13 -49.56 -43.57
CA LEU L 65 -0.29 -50.69 -44.46
C LEU L 65 0.84 -50.76 -45.49
N TRP L 66 1.30 -49.61 -45.96
CA TRP L 66 2.30 -49.59 -47.04
C TRP L 66 3.62 -50.16 -46.61
N GLY L 67 3.82 -50.25 -45.30
CA GLY L 67 5.10 -50.69 -44.76
C GLY L 67 5.13 -52.15 -44.34
N ASP L 68 4.02 -52.86 -44.50
CA ASP L 68 3.91 -54.20 -43.93
C ASP L 68 4.35 -55.25 -44.94
N ALA L 69 5.59 -55.69 -44.79
CA ALA L 69 6.17 -56.65 -45.70
C ALA L 69 5.54 -58.03 -45.57
N SER L 70 5.17 -58.42 -44.36
CA SER L 70 4.51 -59.71 -44.17
C SER L 70 3.17 -59.76 -44.92
N PHE L 71 2.36 -58.74 -44.79
CA PHE L 71 1.05 -58.77 -45.46
C PHE L 71 1.27 -58.77 -46.98
N ALA L 72 2.25 -58.00 -47.43
CA ALA L 72 2.50 -57.89 -48.86
C ALA L 72 2.92 -59.25 -49.42
N SER L 73 3.63 -60.01 -48.60
CA SER L 73 4.11 -61.32 -49.01
C SER L 73 3.00 -62.37 -48.95
N VAL L 74 2.19 -62.33 -47.91
CA VAL L 74 1.24 -63.41 -47.64
C VAL L 74 -0.14 -63.19 -48.28
N ALA L 75 -0.53 -61.93 -48.45
CA ALA L 75 -1.90 -61.63 -48.90
C ALA L 75 -2.29 -62.28 -50.25
N PRO L 76 -1.32 -62.45 -51.16
CA PRO L 76 -1.73 -63.11 -52.41
C PRO L 76 -2.19 -64.55 -52.21
N ALA L 77 -1.84 -65.16 -51.07
CA ALA L 77 -2.12 -66.56 -50.79
C ALA L 77 -3.40 -66.75 -49.99
N LEU L 78 -4.07 -65.64 -49.67
CA LEU L 78 -5.33 -65.67 -48.92
C LEU L 78 -6.47 -65.29 -49.85
N ARG L 79 -7.35 -66.26 -50.13
CA ARG L 79 -8.46 -66.07 -51.05
C ARG L 79 -9.78 -66.32 -50.34
N SER L 80 -10.78 -65.54 -50.68
CA SER L 80 -12.08 -65.64 -50.01
C SER L 80 -13.19 -65.08 -50.88
N ARG L 81 -14.39 -65.62 -50.70
CA ARG L 81 -15.60 -65.10 -51.32
C ARG L 81 -16.15 -63.86 -50.63
N CYS L 82 -15.60 -63.54 -49.46
CA CYS L 82 -16.14 -62.43 -48.70
C CYS L 82 -15.08 -61.79 -47.81
N VAL L 83 -14.79 -60.53 -48.11
CA VAL L 83 -13.69 -59.78 -47.48
C VAL L 83 -14.16 -58.41 -47.02
N VAL L 84 -13.67 -57.99 -45.85
CA VAL L 84 -13.80 -56.60 -45.39
C VAL L 84 -12.44 -56.15 -44.90
N ALA L 85 -11.94 -55.05 -45.46
CA ALA L 85 -10.64 -54.53 -45.06
C ALA L 85 -10.69 -53.02 -44.91
N ALA L 86 -9.78 -52.49 -44.11
CA ALA L 86 -9.75 -51.05 -43.85
C ALA L 86 -8.36 -50.56 -43.52
N VAL L 87 -8.10 -49.31 -43.89
CA VAL L 87 -6.93 -48.58 -43.41
C VAL L 87 -7.44 -47.45 -42.51
N ARG L 88 -6.76 -47.22 -41.39
CA ARG L 88 -7.29 -46.37 -40.34
C ARG L 88 -6.60 -45.00 -40.28
N SER L 89 -7.43 -43.98 -40.14
CA SER L 89 -6.98 -42.66 -39.74
C SER L 89 -7.58 -42.41 -38.37
N ALA L 90 -6.73 -42.34 -37.35
CA ALA L 90 -7.22 -42.29 -35.97
C ALA L 90 -7.60 -40.89 -35.57
N THR L 91 -8.69 -40.77 -34.82
CA THR L 91 -9.15 -39.48 -34.36
C THR L 91 -8.50 -39.17 -33.02
N ILE L 92 -8.48 -37.89 -32.66
CA ILE L 92 -7.69 -37.45 -31.52
C ILE L 92 -8.03 -38.22 -30.26
N GLY L 93 -6.98 -38.61 -29.53
CA GLY L 93 -7.15 -39.28 -28.25
C GLY L 93 -7.44 -40.78 -28.30
N MSE L 94 -7.74 -41.31 -29.48
CA MSE L 94 -8.04 -42.73 -29.61
C MSE L 94 -6.77 -43.55 -29.69
O MSE L 94 -5.83 -43.17 -30.41
CB MSE L 94 -8.90 -43.03 -30.85
CG MSE L 94 -10.17 -42.23 -30.98
SE MSE L 94 -11.41 -42.55 -29.51
CE MSE L 94 -10.78 -41.16 -28.30
H MSE L 94 -7.78 -40.87 -30.22
HA MSE L 94 -8.54 -43.02 -28.83
HB2 MSE L 94 -8.36 -42.84 -31.64
HB3 MSE L 94 -9.14 -43.97 -30.84
HG2 MSE L 94 -9.96 -41.28 -30.99
HG3 MSE L 94 -10.63 -42.47 -31.81
HE1 MSE L 94 -11.30 -41.18 -27.49
HE2 MSE L 94 -9.84 -41.32 -28.09
HE3 MSE L 94 -10.87 -40.29 -28.74
N SER L 95 -6.73 -44.65 -28.97
CA SER L 95 -5.60 -45.56 -29.00
C SER L 95 -5.29 -46.05 -30.41
N ILE L 96 -4.00 -46.10 -30.73
CA ILE L 96 -3.56 -46.65 -32.01
C ILE L 96 -2.94 -48.02 -31.70
N GLU L 97 -3.77 -49.05 -31.87
CA GLU L 97 -3.48 -50.42 -31.46
C GLU L 97 -4.29 -51.37 -32.32
N PRO L 98 -3.80 -52.61 -32.53
CA PRO L 98 -4.53 -53.51 -33.43
C PRO L 98 -5.98 -53.75 -33.05
N SER L 99 -6.30 -53.80 -31.76
CA SER L 99 -7.68 -54.09 -31.36
C SER L 99 -8.61 -52.95 -31.71
N ALA L 100 -8.04 -51.77 -31.97
CA ALA L 100 -8.80 -50.58 -32.33
C ALA L 100 -8.99 -50.45 -33.84
N SER L 101 -8.33 -51.32 -34.60
CA SER L 101 -8.44 -51.29 -36.06
C SER L 101 -9.63 -52.13 -36.50
N ALA L 102 -10.34 -51.66 -37.53
CA ALA L 102 -11.35 -52.49 -38.18
C ALA L 102 -10.63 -53.58 -38.97
N PRO L 103 -11.31 -54.71 -39.24
CA PRO L 103 -12.70 -54.99 -38.90
C PRO L 103 -12.89 -55.57 -37.51
N PHE L 104 -13.97 -55.14 -36.85
CA PHE L 104 -14.43 -55.74 -35.62
C PHE L 104 -15.29 -56.96 -35.95
N SER L 105 -15.55 -57.80 -34.96
CA SER L 105 -16.28 -59.03 -35.23
C SER L 105 -17.02 -59.54 -34.01
N ASP L 106 -18.19 -60.12 -34.26
CA ASP L 106 -18.92 -60.84 -33.21
C ASP L 106 -18.91 -62.33 -33.53
N GLY L 107 -18.02 -62.74 -34.43
CA GLY L 107 -17.93 -64.13 -34.85
C GLY L 107 -18.73 -64.47 -36.09
N GLN L 108 -19.80 -63.73 -36.34
CA GLN L 108 -20.65 -63.97 -37.49
C GLN L 108 -20.48 -62.86 -38.54
N TRP L 109 -20.35 -61.62 -38.05
CA TRP L 109 -20.14 -60.45 -38.91
C TRP L 109 -18.77 -59.82 -38.72
N LEU L 110 -18.22 -59.35 -39.83
CA LEU L 110 -17.08 -58.43 -39.82
C LEU L 110 -17.62 -57.02 -40.04
N LEU L 111 -17.08 -56.03 -39.34
CA LEU L 111 -17.61 -54.67 -39.43
C LEU L 111 -16.52 -53.60 -39.34
N SER L 112 -16.60 -52.61 -40.22
CA SER L 112 -15.69 -51.47 -40.20
C SER L 112 -16.50 -50.20 -40.10
N HIS L 113 -15.97 -49.26 -39.32
CA HIS L 113 -16.57 -47.94 -39.17
C HIS L 113 -15.61 -46.87 -39.64
N ASN L 114 -16.08 -46.04 -40.56
CA ASN L 114 -15.37 -44.86 -41.00
C ASN L 114 -16.08 -43.63 -40.46
N GLY L 115 -15.51 -43.01 -39.46
CA GLY L 115 -16.08 -41.78 -38.95
C GLY L 115 -15.71 -41.48 -37.52
N LEU L 116 -16.70 -40.98 -36.80
CA LEU L 116 -16.48 -40.39 -35.50
C LEU L 116 -17.82 -40.37 -34.79
N VAL L 117 -17.84 -40.66 -33.50
CA VAL L 117 -19.08 -40.59 -32.74
C VAL L 117 -18.78 -40.32 -31.28
N ALA L 118 -19.57 -39.48 -30.65
CA ALA L 118 -19.40 -39.15 -29.24
C ALA L 118 -19.71 -40.36 -28.38
N ARG L 119 -18.71 -40.88 -27.68
CA ARG L 119 -18.90 -42.09 -26.89
C ARG L 119 -19.95 -41.90 -25.81
N GLY L 120 -20.15 -40.66 -25.39
CA GLY L 120 -21.09 -40.38 -24.33
C GLY L 120 -22.53 -40.74 -24.68
N VAL L 121 -22.88 -40.74 -25.97
CA VAL L 121 -24.26 -41.02 -26.36
C VAL L 121 -24.53 -42.51 -26.58
N LEU L 122 -23.49 -43.31 -26.50
CA LEU L 122 -23.62 -44.75 -26.71
C LEU L 122 -23.71 -45.49 -25.39
N PRO L 123 -24.37 -46.66 -25.37
CA PRO L 123 -24.49 -47.40 -24.12
C PRO L 123 -23.17 -47.96 -23.64
N LEU L 124 -23.01 -48.10 -22.33
CA LEU L 124 -21.86 -48.83 -21.79
C LEU L 124 -21.98 -50.27 -22.22
N THR L 125 -20.84 -50.94 -22.39
CA THR L 125 -20.84 -52.32 -22.82
C THR L 125 -19.64 -53.03 -22.25
N GLY L 126 -19.76 -54.35 -22.10
CA GLY L 126 -18.64 -55.18 -21.71
C GLY L 126 -18.20 -56.03 -22.88
N ALA L 127 -18.78 -55.76 -24.05
CA ALA L 127 -18.56 -56.60 -25.22
C ALA L 127 -17.74 -55.92 -26.32
N ALA L 128 -17.22 -54.72 -26.06
CA ALA L 128 -16.41 -54.05 -27.07
C ALA L 128 -15.00 -54.64 -27.11
N GLU L 129 -14.37 -54.58 -28.27
CA GLU L 129 -13.03 -55.14 -28.47
C GLU L 129 -11.94 -54.14 -28.09
N SER L 130 -12.34 -52.89 -27.96
CA SER L 130 -11.43 -51.80 -27.66
C SER L 130 -12.25 -50.69 -27.05
N THR L 131 -11.58 -49.64 -26.56
CA THR L 131 -12.25 -48.52 -25.92
C THR L 131 -12.55 -47.40 -26.92
N VAL L 132 -12.01 -47.53 -28.13
CA VAL L 132 -12.18 -46.48 -29.13
C VAL L 132 -13.64 -46.42 -29.57
N ASP L 133 -14.08 -45.23 -29.99
CA ASP L 133 -15.50 -45.00 -30.24
C ASP L 133 -16.05 -45.97 -31.29
N SER L 134 -15.26 -46.28 -32.31
CA SER L 134 -15.70 -47.20 -33.35
C SER L 134 -16.05 -48.58 -32.80
N ALA L 135 -15.29 -49.03 -31.81
CA ALA L 135 -15.49 -50.36 -31.24
C ALA L 135 -16.72 -50.39 -30.33
N ILE L 136 -16.96 -49.28 -29.62
CA ILE L 136 -18.18 -49.14 -28.83
C ILE L 136 -19.39 -49.13 -29.74
N LEU L 137 -19.26 -48.44 -30.87
CA LEU L 137 -20.32 -48.40 -31.86
C LEU L 137 -20.54 -49.76 -32.48
N ALA L 138 -19.47 -50.48 -32.77
CA ALA L 138 -19.60 -51.81 -33.34
C ALA L 138 -20.36 -52.74 -32.38
N ALA L 139 -19.99 -52.70 -31.11
CA ALA L 139 -20.70 -53.47 -30.09
C ALA L 139 -22.20 -53.18 -30.07
N LEU L 140 -22.59 -51.91 -30.16
CA LEU L 140 -24.00 -51.55 -30.20
C LEU L 140 -24.66 -52.15 -31.45
N ILE L 141 -24.00 -51.99 -32.59
CA ILE L 141 -24.55 -52.48 -33.83
C ILE L 141 -24.76 -53.99 -33.77
N PHE L 142 -23.78 -54.72 -33.27
CA PHE L 142 -23.91 -56.18 -33.12
C PHE L 142 -25.05 -56.54 -32.18
N SER L 143 -25.20 -55.79 -31.09
CA SER L 143 -26.22 -56.13 -30.09
C SER L 143 -27.64 -55.89 -30.65
N ARG L 144 -27.81 -54.85 -31.46
CA ARG L 144 -29.11 -54.57 -32.06
C ARG L 144 -29.40 -55.51 -33.23
N GLY L 145 -28.35 -56.09 -33.81
CA GLY L 145 -28.50 -56.98 -34.95
C GLY L 145 -28.31 -56.24 -36.27
N LEU L 146 -27.60 -56.86 -37.21
CA LEU L 146 -27.27 -56.15 -38.46
C LEU L 146 -28.48 -55.90 -39.35
N ASP L 147 -29.55 -56.67 -39.18
CA ASP L 147 -30.77 -56.41 -39.94
C ASP L 147 -31.39 -55.08 -39.52
N ALA L 148 -31.00 -54.59 -38.35
CA ALA L 148 -31.47 -53.31 -37.85
C ALA L 148 -30.40 -52.22 -37.99
N LEU L 149 -29.40 -52.48 -38.83
CA LEU L 149 -28.30 -51.53 -39.00
C LEU L 149 -28.80 -50.14 -39.37
N GLY L 150 -29.73 -50.05 -40.32
CA GLY L 150 -30.28 -48.77 -40.71
C GLY L 150 -30.91 -48.04 -39.54
N ALA L 151 -31.66 -48.78 -38.74
CA ALA L 151 -32.33 -48.21 -37.57
C ALA L 151 -31.31 -47.72 -36.55
N THR L 152 -30.26 -48.50 -36.35
CA THR L 152 -29.26 -48.18 -35.35
C THR L 152 -28.50 -46.92 -35.74
N ILE L 153 -28.11 -46.82 -37.01
CA ILE L 153 -27.33 -45.68 -37.47
C ILE L 153 -28.17 -44.40 -37.51
N ALA L 154 -29.43 -44.49 -37.94
CA ALA L 154 -30.33 -43.34 -37.90
C ALA L 154 -30.46 -42.81 -36.49
N GLU L 155 -30.58 -43.72 -35.54
CA GLU L 155 -30.74 -43.34 -34.13
C GLU L 155 -29.49 -42.66 -33.59
N VAL L 156 -28.33 -43.28 -33.80
CA VAL L 156 -27.08 -42.70 -33.31
C VAL L 156 -26.83 -41.35 -33.99
N GLY L 157 -27.20 -41.26 -35.27
CA GLY L 157 -27.03 -40.03 -36.02
C GLY L 157 -27.85 -38.88 -35.47
N GLU L 158 -28.98 -39.21 -34.82
CA GLU L 158 -29.80 -38.22 -34.14
C GLU L 158 -29.17 -37.80 -32.81
N LEU L 159 -28.68 -38.79 -32.06
CA LEU L 159 -28.09 -38.55 -30.74
C LEU L 159 -26.85 -37.67 -30.82
N ASP L 160 -26.06 -37.87 -31.89
CA ASP L 160 -24.86 -37.08 -32.12
C ASP L 160 -24.91 -36.48 -33.53
N PRO L 161 -25.46 -35.26 -33.65
CA PRO L 161 -25.58 -34.59 -34.95
C PRO L 161 -24.23 -34.34 -35.64
N ASN L 162 -23.14 -34.47 -34.90
CA ASN L 162 -21.79 -34.29 -35.44
C ASN L 162 -21.13 -35.61 -35.83
N ALA L 163 -21.86 -36.71 -35.68
CA ALA L 163 -21.30 -38.03 -35.93
C ALA L 163 -21.18 -38.32 -37.42
N ARG L 164 -20.11 -39.04 -37.75
CA ARG L 164 -19.93 -39.64 -39.07
C ARG L 164 -20.01 -41.15 -38.90
N LEU L 165 -20.94 -41.78 -39.61
CA LEU L 165 -21.33 -43.15 -39.28
C LEU L 165 -21.37 -44.06 -40.51
N ASN L 166 -20.26 -44.08 -41.25
CA ASN L 166 -20.15 -44.97 -42.40
CA ASN L 166 -20.15 -44.96 -42.40
C ASN L 166 -19.75 -46.38 -41.97
N ILE L 167 -20.66 -47.32 -42.16
CA ILE L 167 -20.43 -48.71 -41.80
C ILE L 167 -20.29 -49.55 -43.06
N LEU L 168 -19.41 -50.55 -43.00
CA LEU L 168 -19.32 -51.57 -44.02
C LEU L 168 -19.18 -52.90 -43.28
N ALA L 169 -20.07 -53.84 -43.56
CA ALA L 169 -20.08 -55.09 -42.82
C ALA L 169 -20.41 -56.27 -43.72
N ALA L 170 -19.99 -57.46 -43.30
CA ALA L 170 -20.23 -58.67 -44.07
C ALA L 170 -20.29 -59.93 -43.18
N ASN L 171 -21.07 -60.92 -43.62
CA ASN L 171 -21.24 -62.17 -42.86
C ASN L 171 -20.93 -63.43 -43.67
N GLY L 172 -20.32 -63.23 -44.84
CA GLY L 172 -19.90 -64.33 -45.69
C GLY L 172 -20.80 -64.51 -46.90
N SER L 173 -22.04 -64.03 -46.77
CA SER L 173 -23.04 -64.20 -47.84
C SER L 173 -23.75 -62.89 -48.17
N ARG L 174 -23.41 -61.84 -47.42
CA ARG L 174 -24.13 -60.59 -47.49
C ARG L 174 -23.23 -59.42 -47.12
N LEU L 175 -23.42 -58.28 -47.81
CA LEU L 175 -22.78 -57.03 -47.43
C LEU L 175 -23.84 -56.03 -47.02
N LEU L 176 -23.54 -55.29 -45.95
CA LEU L 176 -24.37 -54.18 -45.51
C LEU L 176 -23.49 -52.96 -45.30
N ALA L 177 -24.00 -51.80 -45.68
CA ALA L 177 -23.26 -50.55 -45.46
C ALA L 177 -24.20 -49.38 -45.24
N THR L 178 -23.69 -48.36 -44.57
CA THR L 178 -24.37 -47.08 -44.49
C THR L 178 -23.44 -45.96 -44.93
N THR L 179 -24.03 -44.96 -45.57
CA THR L 179 -23.36 -43.68 -45.78
C THR L 179 -23.93 -42.69 -44.78
N TRP L 180 -23.05 -42.03 -44.03
CA TRP L 180 -23.47 -41.02 -43.07
C TRP L 180 -22.31 -40.06 -42.84
N GLY L 181 -22.13 -39.14 -43.78
CA GLY L 181 -21.17 -38.07 -43.65
C GLY L 181 -19.88 -38.31 -44.41
N ASP L 182 -19.80 -39.44 -45.11
CA ASP L 182 -18.61 -39.74 -45.89
C ASP L 182 -18.97 -40.63 -47.08
N THR L 183 -17.96 -40.94 -47.89
CA THR L 183 -18.18 -41.47 -49.22
C THR L 183 -18.35 -43.00 -49.28
N LEU L 184 -19.14 -43.46 -50.25
CA LEU L 184 -19.15 -44.88 -50.63
C LEU L 184 -19.45 -45.07 -52.11
N SER L 185 -18.80 -46.06 -52.72
CA SER L 185 -19.05 -46.40 -54.12
C SER L 185 -19.24 -47.90 -54.28
N VAL L 186 -19.87 -48.31 -55.38
CA VAL L 186 -20.14 -49.71 -55.65
C VAL L 186 -19.65 -50.09 -57.04
N LEU L 187 -19.10 -51.29 -57.17
CA LEU L 187 -18.69 -51.83 -58.46
C LEU L 187 -19.29 -53.22 -58.62
N ARG L 188 -20.14 -53.36 -59.64
CA ARG L 188 -20.72 -54.65 -59.97
C ARG L 188 -19.87 -55.32 -61.03
N ARG L 189 -19.11 -56.34 -60.64
CA ARG L 189 -18.36 -57.17 -61.58
C ARG L 189 -19.20 -58.35 -62.03
N PRO L 190 -18.76 -59.04 -63.10
CA PRO L 190 -19.48 -60.25 -63.48
C PRO L 190 -19.40 -61.35 -62.42
N ASP L 191 -18.37 -61.32 -61.56
CA ASP L 191 -18.14 -62.39 -60.58
C ASP L 191 -18.36 -61.94 -59.13
N GLY L 192 -18.87 -60.73 -58.93
CA GLY L 192 -19.16 -60.28 -57.58
C GLY L 192 -19.31 -58.78 -57.46
N VAL L 193 -19.43 -58.31 -56.22
CA VAL L 193 -19.64 -56.90 -55.96
C VAL L 193 -18.61 -56.34 -54.99
N VAL L 194 -18.10 -55.15 -55.31
CA VAL L 194 -17.22 -54.40 -54.42
C VAL L 194 -17.97 -53.21 -53.86
N LEU L 195 -17.90 -53.03 -52.53
CA LEU L 195 -18.25 -51.75 -51.92
C LEU L 195 -16.99 -51.13 -51.36
N ALA L 196 -16.80 -49.83 -51.59
CA ALA L 196 -15.56 -49.16 -51.19
C ALA L 196 -15.77 -47.68 -50.88
N SER L 197 -15.03 -47.19 -49.88
CA SER L 197 -15.03 -45.76 -49.58
C SER L 197 -14.72 -44.95 -50.82
N GLU L 198 -13.84 -45.48 -51.66
CA GLU L 198 -13.59 -44.86 -52.94
C GLU L 198 -13.16 -45.90 -53.97
N PRO L 199 -13.48 -45.67 -55.25
CA PRO L 199 -13.12 -46.61 -56.31
C PRO L 199 -11.63 -46.92 -56.30
N TYR L 200 -11.27 -48.17 -56.53
CA TYR L 200 -9.86 -48.55 -56.48
C TYR L 200 -9.21 -48.53 -57.86
N ASP L 201 -9.99 -48.20 -58.89
CA ASP L 201 -9.46 -47.89 -60.22
C ASP L 201 -10.45 -46.98 -60.94
N ASP L 202 -10.39 -46.91 -62.27
CA ASP L 202 -11.29 -46.05 -63.02
C ASP L 202 -12.17 -46.86 -63.99
N ASP L 203 -12.44 -48.10 -63.59
CA ASP L 203 -13.48 -48.93 -64.18
C ASP L 203 -14.77 -48.11 -64.33
N PRO L 204 -15.38 -48.12 -65.54
CA PRO L 204 -16.57 -47.29 -65.71
C PRO L 204 -17.79 -47.77 -64.91
N GLY L 205 -17.70 -48.98 -64.35
CA GLY L 205 -18.81 -49.52 -63.58
C GLY L 205 -19.01 -48.88 -62.21
N TRP L 206 -18.00 -48.16 -61.71
CA TRP L 206 -18.11 -47.56 -60.38
C TRP L 206 -19.22 -46.52 -60.34
N SER L 207 -20.12 -46.65 -59.36
CA SER L 207 -21.13 -45.62 -59.10
C SER L 207 -21.11 -45.21 -57.63
N ASP L 208 -21.42 -43.95 -57.38
CA ASP L 208 -21.38 -43.41 -56.03
C ASP L 208 -22.72 -43.55 -55.32
N ILE L 209 -22.65 -43.91 -54.04
CA ILE L 209 -23.84 -44.00 -53.20
C ILE L 209 -24.08 -42.65 -52.56
N PRO L 210 -25.32 -42.15 -52.61
CA PRO L 210 -25.56 -40.84 -51.98
C PRO L 210 -25.48 -40.91 -50.46
N ASP L 211 -25.37 -39.76 -49.81
CA ASP L 211 -25.20 -39.72 -48.36
C ASP L 211 -26.49 -40.14 -47.69
N ARG L 212 -26.38 -40.54 -46.42
CA ARG L 212 -27.55 -40.93 -45.62
C ARG L 212 -28.35 -42.05 -46.29
N HIS L 213 -27.66 -43.05 -46.81
CA HIS L 213 -28.30 -44.22 -47.41
C HIS L 213 -27.83 -45.55 -46.82
N LEU L 214 -28.66 -46.57 -46.98
CA LEU L 214 -28.33 -47.95 -46.61
C LEU L 214 -28.07 -48.76 -47.88
N VAL L 215 -27.07 -49.63 -47.84
CA VAL L 215 -26.76 -50.50 -48.97
C VAL L 215 -26.79 -51.96 -48.52
N ASP L 216 -27.48 -52.80 -49.28
CA ASP L 216 -27.64 -54.21 -48.96
C ASP L 216 -27.26 -55.02 -50.19
N VAL L 217 -26.30 -55.92 -50.04
CA VAL L 217 -25.83 -56.74 -51.17
C VAL L 217 -25.96 -58.21 -50.83
N ARG L 218 -26.68 -58.92 -51.69
CA ARG L 218 -27.00 -60.31 -51.42
C ARG L 218 -27.49 -60.92 -52.73
N ASP L 219 -27.03 -62.13 -53.04
CA ASP L 219 -27.48 -62.82 -54.26
C ASP L 219 -27.34 -61.95 -55.50
N ALA L 220 -26.20 -61.27 -55.59
CA ALA L 220 -25.81 -60.48 -56.76
C ALA L 220 -26.62 -59.20 -57.02
N HIS L 221 -27.59 -58.87 -56.17
CA HIS L 221 -28.27 -57.59 -56.33
C HIS L 221 -27.87 -56.62 -55.25
N VAL L 222 -27.83 -55.35 -55.64
CA VAL L 222 -27.47 -54.25 -54.76
C VAL L 222 -28.71 -53.39 -54.54
N VAL L 223 -29.10 -53.25 -53.28
CA VAL L 223 -30.26 -52.45 -52.91
C VAL L 223 -29.81 -51.21 -52.14
N VAL L 224 -30.20 -50.04 -52.65
CA VAL L 224 -29.78 -48.75 -52.08
C VAL L 224 -30.99 -47.93 -51.64
N THR L 225 -31.12 -47.69 -50.35
CA THR L 225 -32.31 -47.01 -49.81
C THR L 225 -31.93 -45.89 -48.85
N PRO L 226 -32.73 -44.82 -48.80
CA PRO L 226 -32.39 -43.76 -47.86
C PRO L 226 -32.68 -44.20 -46.44
N LEU L 227 -31.94 -43.67 -45.46
CA LEU L 227 -32.17 -44.01 -44.07
C LEU L 227 -33.29 -43.16 -43.47
N SER L 228 -33.82 -43.62 -42.34
CA SER L 228 -34.91 -42.93 -41.65
C SER L 228 -34.37 -41.84 -40.72
O1 MES M . 13.13 -2.22 5.14
C2 MES M . 13.09 -0.89 5.67
C3 MES M . 14.41 -0.16 5.45
N4 MES M . 15.52 -0.95 5.96
C5 MES M . 15.50 -2.35 5.54
C6 MES M . 14.14 -2.98 5.79
C7 MES M . 16.84 -0.39 5.71
C8 MES M . 17.12 0.93 6.42
S MES M . 17.02 0.81 8.08
O1S MES M . 15.61 0.55 8.45
O2S MES M . 17.91 -0.27 8.57
O3S MES M . 17.48 2.09 8.66
H21 MES M . 12.87 -0.94 6.74
H22 MES M . 12.27 -0.34 5.19
H31 MES M . 14.56 0.04 4.39
H32 MES M . 14.38 0.81 5.96
HN4 MES M . 15.40 -0.96 6.97
H51 MES M . 16.27 -2.90 6.08
H52 MES M . 15.74 -2.41 4.48
H61 MES M . 14.13 -4.01 5.40
H62 MES M . 13.94 -3.02 6.86
H71 MES M . 17.60 -1.12 5.99
H72 MES M . 16.95 -0.23 4.63
H81 MES M . 16.41 1.69 6.07
H82 MES M . 18.13 1.27 6.15
O1 MES N . 32.98 8.84 5.79
C2 MES N . 32.74 7.81 6.76
C3 MES N . 32.17 6.55 6.11
N4 MES N . 30.98 6.94 5.35
C5 MES N . 31.24 7.97 4.36
C6 MES N . 31.79 9.19 5.11
C7 MES N . 30.13 5.89 4.80
C8 MES N . 30.52 4.51 5.33
S MES N . 29.55 3.36 4.62
O1S MES N . 28.20 3.93 4.39
O2S MES N . 29.46 2.18 5.50
O3S MES N . 30.15 2.94 3.33
H21 MES N . 32.04 8.17 7.51
H22 MES N . 33.67 7.56 7.26
H31 MES N . 32.90 6.09 5.44
H32 MES N . 31.89 5.81 6.87
HN4 MES N . 30.39 7.40 6.04
H51 MES N . 30.32 8.24 3.84
H52 MES N . 31.97 7.62 3.63
H61 MES N . 32.00 10.00 4.39
H62 MES N . 31.04 9.56 5.81
H71 MES N . 29.09 6.10 5.04
H72 MES N . 30.22 5.89 3.71
H81 MES N . 31.56 4.30 5.10
H82 MES N . 30.39 4.49 6.40
O1 MES O . 7.80 30.88 -9.29
C2 MES O . 7.41 29.51 -9.42
C3 MES O . 8.34 28.86 -10.43
N4 MES O . 8.11 29.49 -11.72
C5 MES O . 8.26 30.94 -11.71
C6 MES O . 7.56 31.58 -10.51
C7 MES O . 8.86 28.87 -12.79
C8 MES O . 8.21 27.57 -13.24
S MES O . 6.71 27.78 -13.92
O1S MES O . 6.27 26.47 -14.46
O2S MES O . 5.73 28.24 -12.89
O3S MES O . 6.75 28.80 -15.00
H21 MES O . 6.38 29.45 -9.76
H22 MES O . 7.49 29.02 -8.45
H31 MES O . 9.38 28.99 -10.12
H32 MES O . 8.14 27.78 -10.49
HN4 MES O . 7.13 29.31 -11.93
H51 MES O . 7.85 31.34 -12.64
H52 MES O . 9.32 31.19 -11.69
H61 MES O . 7.90 32.61 -10.41
H62 MES O . 6.48 31.62 -10.71
H71 MES O . 8.91 29.56 -13.64
H72 MES O . 9.88 28.68 -12.46
H81 MES O . 8.86 27.07 -13.96
H82 MES O . 8.11 26.91 -12.38
C3 XPE P . 8.73 -0.51 -1.18
O4 XPE P . 10.00 0.14 -1.09
C5 XPE P . 10.01 1.60 -1.13
C6 XPE P . 9.56 2.16 0.18
O7 XPE P . 9.68 3.57 0.26
C8 XPE P . 8.65 4.27 -0.39
C9 XPE P . 7.59 4.81 0.55
O10 XPE P . 6.47 5.36 -0.20
C11 XPE P . 6.86 6.40 -1.09
C12 XPE P . 5.70 7.16 -1.75
O13 XPE P . 6.26 8.00 -2.71
C14 XPE P . 6.46 7.30 -3.96
C15 XPE P . 7.19 8.11 -4.99
O16 XPE P . 7.46 7.24 -6.12
C17 XPE P . 6.26 6.95 -6.93
C18 XPE P . 6.24 5.56 -7.60
O19 XPE P . 5.81 4.52 -6.74
C20 XPE P . 4.58 4.68 -6.00
C21 XPE P . 4.28 3.34 -5.33
O22 XPE P . 2.92 2.99 -5.53
C23 XPE P . 2.65 1.89 -6.45
C24 XPE P . 1.41 2.28 -7.26
O25 XPE P . 0.40 1.30 -7.20
C26 XPE P . -0.76 1.74 -6.53
C27 XPE P . -0.51 1.68 -5.01
O28 XPE P . -1.60 2.32 -4.31
C29 XPE P . -1.72 1.92 -2.92
H31A XPE P . 8.86 -1.48 -1.20
H32 XPE P . 8.27 -0.22 -2.02
H51 XPE P . 9.40 1.90 -1.84
H52 XPE P . 10.91 1.91 -1.32
H61 XPE P . 10.09 1.76 0.90
H62 XPE P . 8.62 1.93 0.31
H81 XPE P . 8.22 3.68 -1.03
H82 XPE P . 9.04 5.02 -0.87
H91 XPE P . 7.28 4.08 1.12
H92 XPE P . 7.98 5.52 1.11
H111 XPE P . 7.42 6.01 -1.81
H112 XPE P . 7.40 7.05 -0.59
H121 XPE P . 5.23 7.69 -1.08
H122 XPE P . 5.08 6.52 -2.17
H141 XPE P . 6.95 6.49 -3.79
H142 XPE P . 5.59 7.06 -4.32
H151 XPE P . 6.64 8.88 -5.27
H152 XPE P . 8.03 8.43 -4.60
H171 XPE P . 6.20 7.61 -7.62
H172 XPE P . 5.50 7.01 -6.37
H181 XPE P . 5.62 5.61 -8.38
H182 XPE P . 7.13 5.36 -7.92
H201 XPE P . 4.70 5.38 -5.30
H202 XPE P . 3.85 4.93 -6.61
H211 XPE P . 4.87 2.64 -5.72
H212 XPE P . 4.45 3.41 -4.37
H231 XPE P . 3.41 1.76 -7.05
H232 XPE P . 2.48 1.07 -5.96
H241 XPE P . 1.06 3.11 -6.90
H242 XPE P . 1.66 2.43 -8.19
H261 XPE P . -0.96 2.65 -6.79
H262 XPE P . -1.51 1.14 -6.76
H271 XPE P . 0.33 2.14 -4.80
H272 XPE P . -0.44 0.75 -4.73
H291 XPE P . -2.52 2.34 -2.52
H292 XPE P . -0.93 2.22 -2.43
C3 XPE Q . 22.08 2.90 -21.73
O4 XPE Q . 22.27 3.94 -20.75
C5 XPE Q . 22.12 5.29 -21.25
C6 XPE Q . 21.53 6.15 -20.18
O7 XPE Q . 21.90 5.69 -18.90
C8 XPE Q . 20.89 5.79 -17.92
C9 XPE Q . 21.56 5.89 -16.57
O10 XPE Q . 21.07 7.03 -15.82
C11 XPE Q . 22.08 7.93 -15.35
C12 XPE Q . 22.75 8.67 -16.52
O13 XPE Q . 23.44 9.76 -16.02
C14 XPE Q . 24.73 9.96 -16.61
C15 XPE Q . 24.57 10.19 -18.08
O16 XPE Q . 23.50 11.17 -18.26
C17 XPE Q . 23.83 12.26 -19.19
C18 XPE Q . 22.96 12.14 -20.44
O19 XPE Q . 22.05 13.22 -20.44
C20 XPE Q . 21.05 13.14 -19.41
C21 XPE Q . 19.92 14.10 -19.74
O22 XPE Q . 18.75 13.37 -20.16
C23 XPE Q . 18.95 12.47 -21.28
C24 XPE Q . 17.64 12.30 -22.05
O25 XPE Q . 17.89 11.62 -23.26
C26 XPE Q . 17.84 12.45 -24.42
H31A XPE Q . 21.19 2.51 -21.60
H32 XPE Q . 22.16 3.28 -22.63
H51 XPE Q . 22.99 5.64 -21.51
H52 XPE Q . 21.53 5.28 -22.02
H61 XPE Q . 21.85 7.08 -20.28
H62 XPE Q . 20.56 6.15 -20.25
H81 XPE Q . 20.34 6.59 -18.08
H82 XPE Q . 20.32 5.00 -17.95
H91 XPE Q . 21.38 5.08 -16.06
H92 XPE Q . 22.54 5.99 -16.70
H111 XPE Q . 21.66 8.58 -14.73
H112 XPE Q . 22.76 7.41 -14.85
H121 XPE Q . 22.06 8.98 -17.15
H122 XPE Q . 23.37 8.06 -16.98
H141 XPE Q . 25.16 10.72 -16.21
H142 XPE Q . 25.27 9.17 -16.47
H151 XPE Q . 24.33 9.34 -18.52
H152 XPE Q . 25.39 10.53 -18.46
H171 XPE Q . 23.66 13.11 -18.77
H172 XPE Q . 24.75 12.20 -19.43
H181 XPE Q . 22.47 11.28 -20.42
H182 XPE Q . 23.52 12.18 -21.24
H201 XPE Q . 20.70 12.21 -19.36
H202 XPE Q . 21.44 13.38 -18.54
H211 XPE Q . 20.21 14.70 -20.48
H212 XPE Q . 19.70 14.62 -18.95
H231 XPE Q . 19.25 11.61 -20.96
H232 XPE Q . 19.63 12.84 -21.88
H241 XPE Q . 17.27 13.18 -22.25
H242 XPE Q . 17.01 11.79 -21.52
H262 XPE Q . 16.92 12.76 -24.56
O1 MES R . 15.64 19.66 -25.22
C2 MES R . 16.53 19.27 -24.17
C3 MES R . 16.09 19.89 -22.85
N4 MES R . 15.97 21.35 -23.00
C5 MES R . 15.12 21.76 -24.10
C6 MES R . 15.62 21.07 -25.37
C7 MES R . 15.66 21.92 -21.68
C8 MES R . 15.37 23.42 -21.77
S MES R . 16.64 24.28 -22.40
O1S MES R . 17.46 24.84 -21.29
O2S MES R . 16.11 25.40 -23.22
O3S MES R . 17.49 23.41 -23.23
H21 MES R . 17.54 19.60 -24.41
H22 MES R . 16.54 18.19 -24.08
H31 MES R . 15.13 19.47 -22.54
H32 MES R . 16.82 19.66 -22.07
HN4 MES R . 16.90 21.67 -23.22
H51 MES R . 15.17 22.85 -24.22
H52 MES R . 14.09 21.49 -23.91
H61 MES R . 14.98 21.35 -26.21
H62 MES R . 16.64 21.43 -25.60
H71 MES R . 14.80 21.41 -21.26
H72 MES R . 16.50 21.77 -21.01
H81 MES R . 15.13 23.80 -20.77
H82 MES R . 14.48 23.58 -22.39
C3 XPE S . 10.47 31.30 -1.06
O4 XPE S . 10.23 29.91 -1.37
C5 XPE S . 10.49 29.59 -2.76
C6 XPE S . 11.15 28.21 -2.87
O7 XPE S . 10.17 27.20 -2.78
C8 XPE S . 10.48 26.06 -3.53
C9 XPE S . 9.38 25.02 -3.34
O10 XPE S . 9.08 24.94 -1.91
C11 XPE S . 7.75 24.51 -1.65
C12 XPE S . 7.48 24.71 -0.16
O13 XPE S . 7.23 23.42 0.43
C14 XPE S . 8.38 22.60 0.49
C15 XPE S . 8.45 22.01 1.90
O16 XPE S . 9.59 21.09 1.96
C17 XPE S . 10.86 21.81 1.95
C18 XPE S . 12.00 20.87 2.12
O19 XPE S . 13.15 21.64 2.50
C20 XPE S . 13.13 21.96 3.84
C21 XPE S . 13.75 23.32 4.17
O22 XPE S . 12.85 24.42 4.04
C23 XPE S . 11.65 24.41 4.87
C24 XPE S . 10.88 25.73 4.66
O25 XPE S . 11.38 26.84 5.40
C26 XPE S . 11.47 26.62 6.78
C27 XPE S . 11.27 27.84 7.65
O28 XPE S . 10.37 27.47 8.73
H31A XPE S . 10.35 31.45 -0.10
H32 XPE S . 11.38 31.55 -1.33
H51 XPE S . 11.09 30.27 -3.15
H52 XPE S . 9.65 29.58 -3.26
H61 XPE S . 11.79 28.11 -2.15
H62 XPE S . 11.62 28.14 -3.74
H81 XPE S . 10.54 26.29 -4.47
H82 XPE S . 11.33 25.70 -3.24
H91 XPE S . 9.69 24.15 -3.64
H92 XPE S . 8.59 25.29 -3.81
H111 XPE S . 7.66 23.55 -1.88
H112 XPE S . 7.12 25.05 -2.17
H121 XPE S . 8.27 25.13 0.26
H122 XPE S . 6.70 25.29 -0.05
H141 XPE S . 8.30 21.87 -0.18
H142 XPE S . 9.19 23.13 0.31
H151 XPE S . 8.57 22.72 2.54
H152 XPE S . 7.65 21.52 2.08
H171 XPE S . 10.86 22.46 2.69
H172 XPE S . 10.95 22.29 1.11
H181 XPE S . 11.79 20.22 2.81
H182 XPE S . 12.17 20.41 1.29
H201 XPE S . 12.19 21.96 4.15
H202 XPE S . 13.62 21.26 4.34
H211 XPE S . 14.52 23.48 3.56
H212 XPE S . 14.09 23.30 5.10
H231 XPE S . 11.90 24.34 5.81
H232 XPE S . 11.08 23.66 4.61
H241 XPE S . 10.92 25.96 3.71
H242 XPE S . 9.96 25.59 4.90
H261 XPE S . 12.36 26.25 6.97
H262 XPE S . 10.80 25.96 7.02
H271 XPE S . 12.13 28.12 8.02
H272 XPE S . 10.88 28.56 7.13
C3 XPE T . 34.55 24.27 -1.89
O4 XPE T . 34.08 22.97 -2.32
C5 XPE T . 34.42 21.86 -1.43
C6 XPE T . 33.80 20.56 -1.97
O7 XPE T . 32.41 20.56 -1.71
C8 XPE T . 31.60 21.27 -2.63
C9 XPE T . 30.16 21.06 -2.15
O10 XPE T . 29.13 21.03 -3.20
C11 XPE T . 29.44 20.35 -4.40
C12 XPE T . 30.09 18.98 -4.20
O13 XPE T . 29.57 18.00 -5.11
C14 XPE T . 30.56 17.23 -5.80
C15 XPE T . 30.36 15.74 -5.49
O16 XPE T . 31.01 15.41 -4.22
C17 XPE T . 32.40 14.97 -4.28
C18 XPE T . 32.57 13.71 -3.47
O19 XPE T . 31.43 13.51 -2.62
C20 XPE T . 31.56 14.03 -1.36
C21 XPE T . 30.48 13.43 -0.44
O22 XPE T . 30.95 13.43 0.91
C23 XPE T . 30.97 14.73 1.55
C24 XPE T . 31.96 14.70 2.70
O25 XPE T . 32.87 15.76 2.57
C26 XPE T . 33.71 15.92 3.69
H31A XPE T . 34.20 24.95 -2.51
H32 XPE T . 35.52 24.27 -1.91
H51 XPE T . 34.07 22.05 -0.54
H52 XPE T . 35.39 21.77 -1.40
H61 XPE T . 33.96 20.50 -2.93
H62 XPE T . 34.23 19.80 -1.52
H81 XPE T . 31.82 22.21 -2.61
H82 XPE T . 31.71 20.91 -3.53
H91 XPE T . 29.93 21.77 -1.54
H92 XPE T . 30.11 20.22 -1.68
H111 XPE T . 28.60 20.22 -4.92
H112 XPE T . 30.05 20.90 -4.92
H121 XPE T . 29.93 18.68 -3.27
H122 XPE T . 31.06 19.07 -4.34
H141 XPE T . 31.46 17.51 -5.51
H142 XPE T . 30.47 17.37 -6.76
H151 XPE T . 29.42 15.54 -5.44
H152 XPE T . 30.77 15.22 -6.19
H171 XPE T . 32.64 14.79 -5.21
H172 XPE T . 32.97 15.66 -3.93
H181 XPE T . 32.67 12.96 -4.07
H182 XPE T . 33.36 13.79 -2.93
H201 XPE T . 31.46 15.01 -1.39
H202 XPE T . 32.45 13.80 -1.00
H211 XPE T . 30.29 12.50 -0.72
H212 XPE T . 29.66 13.97 -0.50
H231 XPE T . 30.08 14.94 1.90
H232 XPE T . 31.24 15.42 0.90
H241 XPE T . 31.49 14.78 3.54
H242 XPE T . 32.44 13.85 2.68
H262 XPE T . 33.18 16.23 4.45
O1 MES U . -38.29 47.28 27.44
C2 MES U . -39.10 46.18 27.03
C3 MES U . -39.36 45.20 28.16
N4 MES U . -38.07 44.78 28.69
C5 MES U . -37.31 45.93 29.20
C6 MES U . -37.05 46.87 28.02
C7 MES U . -38.03 43.70 29.67
C8 MES U . -38.86 42.50 29.23
S MES U . -40.32 42.50 30.04
O1S MES U . -40.18 41.82 31.35
O2S MES U . -40.79 43.88 30.29
O3S MES U . -41.33 41.80 29.22
H21 MES U . -38.61 45.66 26.20
H22 MES U . -40.06 46.56 26.65
H31 MES U . -39.96 45.66 28.95
H32 MES U . -39.91 44.32 27.79
HN4 MES U . -37.55 44.44 27.90
H51 MES U . -36.37 45.60 29.63
H52 MES U . -37.88 46.44 29.97
H61 MES U . -36.50 47.75 28.36
H62 MES U . -36.44 46.36 27.27
H71 MES U . -36.99 43.38 29.82
H72 MES U . -38.40 44.05 30.63
H81 MES U . -39.04 42.55 28.15
H82 MES U . -38.33 41.57 29.45
C3 XPE V . -33.50 39.30 56.06
O4 XPE V . -32.81 40.47 56.56
C5 XPE V . -31.37 40.39 56.36
C6 XPE V . -30.83 41.70 55.74
O7 XPE V . -30.42 41.63 54.37
C8 XPE V . -29.96 40.42 53.83
C9 XPE V . -31.12 39.76 53.09
O10 XPE V . -30.73 39.47 51.72
C11 XPE V . -30.62 40.66 50.95
C12 XPE V . -30.26 40.36 49.51
O13 XPE V . -29.09 41.09 49.09
C14 XPE V . -29.34 42.46 48.79
C15 XPE V . -29.21 43.27 50.09
O16 XPE V . -28.88 44.67 49.82
C17 XPE V . -28.50 45.37 51.04
C18 XPE V . -27.04 45.06 51.27
O19 XPE V . -26.56 45.48 52.55
C20 XPE V . -25.18 45.43 52.67
C21 XPE V . -24.69 43.97 52.49
O22 XPE V . -23.30 43.83 52.73
C23 XPE V . -22.95 42.48 53.09
C24 XPE V . -22.88 42.43 54.59
O25 XPE V . -23.15 41.13 55.06
C26 XPE V . -23.09 41.07 56.47
H31A XPE V . -33.26 39.16 55.11
H32 XPE V . -33.23 38.52 56.58
H51 XPE V . -31.17 39.64 55.75
H52 XPE V . -30.93 40.23 57.22
H61 XPE V . -31.54 42.38 55.81
H62 XPE V . -30.06 42.00 56.28
H81 XPE V . -29.65 39.84 54.54
H82 XPE V . -29.23 40.60 53.21
H91 XPE V . -31.36 38.94 53.55
H92 XPE V . -31.88 40.37 53.09
H111 XPE V . -31.49 41.15 50.98
H112 XPE V . -29.93 41.22 51.35
H121 XPE V . -31.02 40.62 48.93
H122 XPE V . -30.10 39.40 49.41
H141 XPE V . -28.66 42.77 48.14
H142 XPE V . -30.23 42.56 48.42
H151 XPE V . -28.52 42.87 50.63
H152 XPE V . -30.03 43.22 50.55
H171 XPE V . -29.03 45.05 51.80
H172 XPE V . -28.62 46.32 50.93
H181 XPE V . -26.91 44.11 51.19
H182 XPE V . -26.53 45.50 50.59
H201 XPE V . -24.77 46.00 51.98
H202 XPE V . -24.92 45.75 53.57
H211 XPE V . -24.89 43.69 51.56
H212 XPE V . -25.18 43.40 53.11
H231 XPE V . -22.09 42.25 52.70
H232 XPE V . -23.65 41.85 52.76
H241 XPE V . -23.53 43.04 54.97
H242 XPE V . -21.99 42.69 54.88
H262 XPE V . -24.01 41.14 56.84
O1 MES W . 5.30 -46.36 -51.46
C2 MES W . 5.95 -46.53 -50.22
C3 MES W . 5.19 -45.78 -49.15
N4 MES W . 5.11 -44.36 -49.49
C5 MES W . 4.79 -44.02 -50.88
C6 MES W . 5.39 -45.00 -51.89
C7 MES W . 4.28 -43.63 -48.54
C8 MES W . 5.10 -42.60 -47.77
S MES W . 6.07 -41.63 -48.72
O1S MES W . 6.79 -40.69 -47.83
O2S MES W . 5.23 -40.85 -49.67
O3S MES W . 7.07 -42.45 -49.44
H21 MES W . 6.98 -46.16 -50.28
H22 MES W . 6.00 -47.59 -49.97
H31 MES W . 4.17 -46.18 -49.06
H32 MES W . 5.67 -45.89 -48.19
HN4 MES W . 6.05 -44.00 -49.35
H51 MES W . 5.14 -43.01 -51.09
H52 MES W . 3.70 -44.00 -50.99
H61 MES W . 4.89 -44.87 -52.85
H62 MES W . 6.45 -44.73 -52.04
H71 MES W . 3.47 -43.12 -49.08
H72 MES W . 3.83 -44.33 -47.84
H81 MES W . 4.43 -41.96 -47.19
H82 MES W . 5.74 -43.13 -47.05
O1 MES X . 19.35 -61.52 -20.89
C2 MES X . 18.85 -60.86 -22.05
C3 MES X . 17.38 -61.19 -22.27
N4 MES X . 17.14 -62.63 -22.25
C5 MES X . 17.69 -63.29 -21.06
C6 MES X . 19.17 -62.93 -20.97
C7 MES X . 15.72 -62.89 -22.53
C8 MES X . 15.30 -64.34 -22.33
S MES X . 16.19 -65.43 -23.22
O1S MES X . 15.43 -65.82 -24.43
O2S MES X . 16.44 -66.63 -22.40
O3S MES X . 17.49 -64.82 -23.63
H21 MES X . 19.43 -61.17 -22.92
H22 MES X . 18.97 -59.77 -21.93
H31 MES X . 16.78 -60.72 -21.50
H32 MES X . 17.05 -60.79 -23.23
HN4 MES X . 17.64 -63.02 -23.03
H51 MES X . 17.57 -64.37 -21.14
H52 MES X . 17.16 -62.95 -20.17
H61 MES X . 19.60 -63.41 -20.09
H62 MES X . 19.69 -63.31 -21.85
H71 MES X . 15.51 -62.59 -23.55
H72 MES X . 15.12 -62.25 -21.88
H81 MES X . 14.25 -64.45 -22.60
H82 MES X . 15.39 -64.60 -21.28
C3 XPE Y . 6.28 -54.94 -51.86
O4 XPE Y . 6.60 -54.79 -50.47
C5 XPE Y . 5.81 -53.79 -49.79
C6 XPE Y . 6.09 -53.84 -48.32
O7 XPE Y . 7.26 -53.09 -48.06
C8 XPE Y . 7.47 -52.79 -46.70
C9 XPE Y . 8.95 -52.54 -46.47
O10 XPE Y . 9.61 -53.81 -46.26
C11 XPE Y . 10.97 -53.88 -46.71
C12 XPE Y . 11.79 -54.71 -45.71
O13 XPE Y . 11.21 -55.94 -45.46
C14 XPE Y . 11.38 -56.38 -44.10
C15 XPE Y . 10.78 -57.75 -43.97
O16 XPE Y . 10.16 -57.94 -42.66
C17 XPE Y . 8.94 -58.77 -42.62
C18 XPE Y . 9.11 -60.15 -43.30
O19 XPE Y . 8.00 -60.40 -44.17
C20 XPE Y . 8.17 -60.83 -45.56
C21 XPE Y . 9.51 -60.47 -46.19
O22 XPE Y . 9.42 -60.45 -47.62
C23 XPE Y . 9.00 -61.72 -48.21
C24 XPE Y . 9.91 -62.10 -49.38
O25 XPE Y . 9.95 -63.51 -49.46
C26 XPE Y . 11.13 -64.11 -50.01
C27 XPE Y . 11.66 -63.34 -51.22
O28 XPE Y . 12.71 -62.43 -50.80
C29 XPE Y . 13.61 -62.02 -51.87
H31A XPE Y . 5.76 -55.76 -51.98
H32 XPE Y . 7.11 -54.99 -52.39
H51 XPE Y . 4.85 -53.98 -49.94
H52 XPE Y . 6.02 -52.91 -50.14
H61 XPE Y . 6.23 -54.76 -48.03
H62 XPE Y . 5.35 -53.46 -47.83
H81 XPE Y . 7.18 -53.54 -46.15
H82 XPE Y . 6.97 -51.99 -46.46
H91 XPE Y . 9.07 -51.98 -45.69
H92 XPE Y . 9.34 -52.09 -47.26
H111 XPE Y . 10.99 -54.31 -47.59
H112 XPE Y . 11.34 -52.97 -46.77
H121 XPE Y . 11.86 -54.22 -44.86
H122 XPE Y . 12.69 -54.85 -46.07
H141 XPE Y . 12.32 -56.42 -43.89
H142 XPE Y . 10.94 -55.77 -43.51
H151 XPE Y . 11.47 -58.42 -44.09
H152 XPE Y . 10.10 -57.86 -44.66
H171 XPE Y . 8.69 -58.92 -41.69
H172 XPE Y . 8.23 -58.30 -43.04
H181 XPE Y . 9.15 -60.86 -42.62
H182 XPE Y . 9.93 -60.14 -43.82
H201 XPE Y . 8.06 -61.81 -45.59
H202 XPE Y . 7.45 -60.42 -46.09
H211 XPE Y . 10.19 -61.14 -45.91
H212 XPE Y . 9.79 -59.58 -45.88
H231 XPE Y . 9.03 -62.41 -47.53
H232 XPE Y . 8.09 -61.63 -48.53
H241 XPE Y . 10.80 -61.76 -49.22
H242 XPE Y . 9.55 -61.73 -50.21
H261 XPE Y . 11.82 -64.13 -49.32
H262 XPE Y . 10.92 -65.03 -50.27
H271 XPE Y . 12.01 -63.98 -51.89
H272 XPE Y . 10.93 -62.83 -51.63
H291 XPE Y . 14.00 -62.82 -52.30
H292 XPE Y . 13.11 -61.50 -52.53
O1 MES Z . -15.17 43.90 57.25
C2 MES Z . -16.13 44.23 56.25
C3 MES Z . -15.53 44.13 54.86
N4 MES Z . -14.22 44.77 54.75
C5 MES Z . -13.31 44.47 55.85
C6 MES Z . -14.04 44.75 57.15
C7 MES Z . -13.68 44.55 53.41
C8 MES Z . -12.26 45.07 53.24
S MES Z . -12.08 46.70 53.53
O1S MES Z . -13.10 47.16 54.51
O2S MES Z . -10.72 46.93 54.05
O3S MES Z . -12.24 47.45 52.27
H21 MES Z . -16.49 45.24 56.42
H22 MES Z . -16.99 43.56 56.33
H31 MES Z . -15.44 43.08 54.57
H32 MES Z . -16.21 44.60 54.13
HN4 MES Z . -14.39 45.77 54.81
H51 MES Z . -12.41 45.10 55.77
H52 MES Z . -12.99 43.43 55.80
H61 MES Z . -13.37 44.57 58.00
H62 MES Z . -14.35 45.79 57.19
H71 MES Z . -13.69 43.47 53.20
H72 MES Z . -14.33 45.03 52.68
H81 MES Z . -11.59 44.52 53.91
H82 MES Z . -11.92 44.85 52.22
C3 XPE AA . -31.77 51.52 29.14
O4 XPE AA . -31.14 50.77 30.21
C5 XPE AA . -32.02 50.55 31.33
C6 XPE AA . -31.46 49.49 32.29
O7 XPE AA . -31.87 49.79 33.62
C8 XPE AA . -30.94 50.58 34.32
C9 XPE AA . -31.53 51.35 35.52
O10 XPE AA . -30.48 52.16 36.16
C11 XPE AA . -29.51 51.40 36.88
C12 XPE AA . -28.44 52.22 37.59
O13 XPE AA . -27.19 52.14 36.86
C14 XPE AA . -26.12 51.39 37.43
C15 XPE AA . -24.97 51.26 36.42
O16 XPE AA . -24.34 52.58 36.19
C17 XPE AA . -23.82 52.82 34.86
C18 XPE AA . -24.71 53.81 34.18
O19 XPE AA . -25.38 54.59 35.18
C20 XPE AA . -26.76 54.45 35.26
C21 XPE AA . -27.53 55.56 34.52
O22 XPE AA . -27.04 55.75 33.19
C23 XPE AA . -25.80 56.46 33.05
C24 XPE AA . -25.99 57.93 32.77
O25 XPE AA . -24.69 58.45 32.70
C26 XPE AA . -24.50 59.73 33.26
H31A XPE AA . -31.99 52.43 29.45
H32 XPE AA . -31.16 51.57 28.38
H51 XPE AA . -32.90 50.25 31.01
H52 XPE AA . -32.14 51.40 31.82
H61 XPE AA . -30.49 49.49 32.24
H62 XPE AA . -31.80 48.60 32.04
H81 XPE AA . -30.54 51.22 33.71
H82 XPE AA . -30.22 50.00 34.66
H91 XPE AA . -32.24 51.93 35.20
H92 XPE AA . -31.89 50.72 36.16
H111 XPE AA . -29.06 50.78 36.25
H112 XPE AA . -29.98 50.86 37.56
H121 XPE AA . -28.30 51.87 38.51
H122 XPE AA . -28.73 53.16 37.64
H141 XPE AA . -26.44 50.49 37.68
H142 XPE AA . -25.79 51.85 38.23
H151 XPE AA . -24.30 50.64 36.76
H152 XPE AA . -25.31 50.94 35.59
H171 XPE AA . -22.91 53.17 34.91
H172 XPE AA . -23.81 51.99 34.35
H181 XPE AA . -24.17 54.39 33.61
H182 XPE AA . -25.36 53.35 33.64
H201 XPE AA . -27.01 53.58 34.89
H202 XPE AA . -27.02 54.47 36.22
H211 XPE AA . -27.43 56.41 35.02
H212 XPE AA . -28.48 55.32 34.48
H231 XPE AA . -25.29 56.07 32.32
H232 XPE AA . -25.28 56.36 33.88
H241 XPE AA . -26.46 58.06 31.92
H242 XPE AA . -26.49 58.35 33.49
H262 XPE AA . -24.64 60.41 32.56
O1 MES BA . 0.03 -69.82 -22.94
C2 MES BA . -0.39 -68.48 -22.97
C3 MES BA . 0.80 -67.53 -23.07
N4 MES BA . 1.76 -67.80 -22.00
C5 MES BA . 2.15 -69.20 -21.87
C6 MES BA . 0.89 -70.07 -21.83
C7 MES BA . 2.87 -66.87 -22.14
C8 MES BA . 3.97 -67.07 -21.10
S MES BA . 3.42 -66.94 -19.52
O1S MES BA . 1.94 -67.11 -19.47
O2S MES BA . 4.08 -68.00 -18.73
O3S MES BA . 3.76 -65.63 -18.94
H21 MES BA . -0.96 -68.25 -22.07
H22 MES BA . -1.05 -68.32 -23.83
H31 MES BA . 1.29 -67.67 -24.04
H32 MES BA . 0.47 -66.50 -23.01
HN4 MES BA . 1.30 -67.57 -21.14
H51 MES BA . 2.73 -69.34 -20.96
H52 MES BA . 2.78 -69.50 -22.71
H61 MES BA . 1.18 -71.12 -21.80
H62 MES BA . 0.35 -69.87 -20.90
H71 MES BA . 3.31 -66.98 -23.13
H72 MES BA . 2.49 -65.85 -22.06
H81 MES BA . 4.41 -68.06 -21.23
H82 MES BA . 4.76 -66.33 -21.24
C3 XPE CA . -0.99 -36.46 -27.35
O4 XPE CA . -0.68 -36.84 -28.70
C5 XPE CA . 0.13 -38.02 -28.78
C6 XPE CA . -0.43 -38.96 -29.80
O7 XPE CA . -1.46 -39.72 -29.24
C8 XPE CA . -1.73 -40.91 -29.94
C9 XPE CA . -2.98 -41.56 -29.40
O10 XPE CA . -2.80 -41.69 -27.99
C11 XPE CA . -3.80 -42.41 -27.26
C12 XPE CA . -3.16 -43.71 -26.75
O13 XPE CA . -3.45 -43.99 -25.43
C14 XPE CA . -2.83 -45.21 -25.00
C15 XPE CA . -1.43 -44.90 -24.55
O16 XPE CA . -0.68 -46.14 -24.51
C17 XPE CA . 0.61 -46.06 -25.17
C18 XPE CA . 1.62 -45.54 -24.16
O19 XPE CA . 1.03 -45.30 -22.88
C20 XPE CA . 1.80 -44.31 -22.15
C21 XPE CA . 1.23 -42.94 -22.40
O22 XPE CA . 0.05 -42.83 -21.62
C23 XPE CA . -0.96 -41.91 -22.15
C24 XPE CA . -0.87 -40.57 -21.43
O25 XPE CA . -0.52 -40.75 -20.06
C26 XPE CA . -0.61 -39.56 -19.30
C27 XPE CA . -0.86 -39.85 -17.80
O28 XPE CA . -1.99 -39.08 -17.33
C29 XPE CA . -3.29 -39.59 -17.75
H31A XPE CA . -0.15 -36.28 -26.87
H32 XPE CA . -1.54 -35.64 -27.36
H51 XPE CA . 1.05 -37.78 -29.02
H52 XPE CA . 0.15 -38.47 -27.90
H61 XPE CA . 0.29 -39.57 -30.10
H62 XPE CA . -0.76 -38.46 -30.56
H81 XPE CA . -0.97 -41.52 -29.83
H82 XPE CA . -1.84 -40.71 -30.89
H91 XPE CA . -3.10 -42.44 -29.81
H92 XPE CA . -3.76 -40.98 -29.60
H111 XPE CA . -4.12 -41.86 -26.49
H112 XPE CA . -4.56 -42.62 -27.85
H121 XPE CA . -2.18 -43.64 -26.85
H122 XPE CA . -3.48 -44.46 -27.30
H141 XPE CA . -3.33 -45.59 -24.26
H142 XPE CA . -2.80 -45.84 -25.72
H151 XPE CA . -1.45 -44.49 -23.67
H152 XPE CA . -1.01 -44.29 -25.19
H171 XPE CA . 0.55 -45.46 -25.92
H172 XPE CA . 0.87 -46.93 -25.46
H181 XPE CA . 2.34 -46.21 -24.05
H182 XPE CA . 1.99 -44.71 -24.50
H201 XPE CA . 2.74 -44.34 -22.47
H202 XPE CA . 1.77 -44.52 -21.20
H211 XPE CA . 1.88 -42.24 -22.12
H212 XPE CA . 1.01 -42.83 -23.35
H231 XPE CA . -1.83 -42.30 -22.01
H232 XPE CA . -0.81 -41.79 -23.10
H241 XPE CA . -1.73 -40.12 -21.48
H242 XPE CA . -0.18 -40.03 -21.86
H261 XPE CA . 0.23 -39.07 -19.39
H262 XPE CA . -1.35 -39.01 -19.64
H271 XPE CA . -1.04 -40.81 -17.68
H272 XPE CA . -0.07 -39.61 -17.29
H291 XPE CA . -3.99 -38.97 -17.45
H292 XPE CA . -3.30 -39.65 -18.73
O1 MES DA . -3.07 41.86 40.51
C2 MES DA . -4.10 41.02 40.01
C3 MES DA . -5.21 40.76 41.05
N4 MES DA . -4.76 40.66 42.44
C5 MES DA . -3.65 41.53 42.81
C6 MES DA . -2.57 41.35 41.74
C7 MES DA . -5.93 40.78 43.31
C8 MES DA . -5.62 40.63 44.80
S MES DA . -4.73 39.27 45.20
O1S MES DA . -3.62 39.72 46.05
O2S MES DA . -5.56 38.28 45.94
O3S MES DA . -4.22 38.62 43.97
H21 MES DA . -3.68 40.07 39.72
H22 MES DA . -4.55 41.49 39.12
H31 MES DA . -5.96 41.56 40.97
H32 MES DA . -5.71 39.83 40.78
HN4 MES DA . -4.42 39.72 42.56
H51 MES DA . -3.26 41.24 43.79
H52 MES DA . -3.97 42.57 42.86
H61 MES DA . -1.67 41.88 42.04
H62 MES DA . -2.33 40.29 41.65
H71 MES DA . -6.40 41.75 43.15
H72 MES DA . -6.66 40.02 43.02
H81 MES DA . -5.07 41.52 45.14
H82 MES DA . -6.56 40.60 45.35
C3 XPE EA . -24.14 20.59 42.56
O4 XPE EA . -24.49 21.93 42.32
C5 XPE EA . -24.72 22.24 40.98
C6 XPE EA . -24.63 23.75 40.80
O7 XPE EA . -23.92 24.29 41.94
C8 XPE EA . -24.15 25.68 42.19
C9 XPE EA . -22.93 26.47 41.69
O10 XPE EA . -23.33 27.50 40.85
C11 XPE EA . -22.31 27.93 39.92
C12 XPE EA . -22.86 27.94 38.52
O13 XPE EA . -22.75 26.61 37.93
C14 XPE EA . -23.09 26.58 36.50
C15 XPE EA . -23.86 25.30 36.13
O16 XPE EA . -24.82 25.57 35.11
C17 XPE EA . -26.05 26.13 35.61
C18 XPE EA . -27.00 26.53 34.47
O19 XPE EA . -28.07 27.31 35.02
C20 XPE EA . -29.32 26.60 35.28
C21 XPE EA . -29.28 25.88 36.62
O22 XPE EA . -30.59 25.69 37.10
C23 XPE EA . -31.20 24.45 36.76
H32 XPE EA . -24.87 20.00 42.28
H51 XPE EA . -25.62 21.93 40.72
H52 XPE EA . -24.06 21.81 40.42
H61 XPE EA . -24.15 23.95 39.98
H62 XPE EA . -25.54 24.13 40.77
H81 XPE EA . -24.27 25.83 43.15
H82 XPE EA . -24.96 25.96 41.71
H91 XPE EA . -22.45 26.85 42.46
H92 XPE EA . -22.34 25.86 41.19
H111 XPE EA . -21.55 27.33 39.96
H112 XPE EA . -22.02 28.82 40.16
H121 XPE EA . -23.80 28.20 38.55
H122 XPE EA . -22.37 28.58 37.99
H141 XPE EA . -22.29 26.62 35.97
H142 XPE EA . -23.64 27.34 36.30
H151 XPE EA . -24.32 24.95 36.93
H152 XPE EA . -23.23 24.63 35.81
H171 XPE EA . -26.50 25.46 36.18
H172 XPE EA . -25.84 26.93 36.15
H181 XPE EA . -27.36 25.72 34.05
H182 XPE EA . -26.51 27.06 33.82
H201 XPE EA . -30.05 27.23 35.28
H202 XPE EA . -29.46 25.95 34.56
H211 XPE EA . -28.77 26.41 37.26
H212 XPE EA . -28.84 25.01 36.52
H232 XPE EA . -31.10 24.31 35.80
O1 MES FA . -35.94 26.10 30.63
C2 MES FA . -36.88 26.77 29.80
C3 MES FA . -36.23 27.89 29.01
N4 MES FA . -35.58 28.79 29.95
C5 MES FA . -34.56 28.09 30.73
C6 MES FA . -35.25 26.97 31.50
C7 MES FA . -35.06 30.06 29.46
C8 MES FA . -36.08 30.81 28.61
S MES FA . -35.73 30.64 26.99
O1S MES FA . -35.18 29.30 26.70
O2S MES FA . -36.95 30.87 26.18
O3S MES FA . -34.70 31.65 26.62
H21 MES FA . -37.68 27.18 30.43
H22 MES FA . -37.34 26.06 29.11
H31 MES FA . -35.51 27.49 28.30
H32 MES FA . -36.99 28.45 28.42
HN4 MES FA . -36.30 29.03 30.62
H51 MES FA . -34.07 28.78 31.41
H52 MES FA . -33.80 27.67 30.07
H61 MES FA . -34.50 26.41 32.08
H62 MES FA . -35.95 27.41 32.22
H71 MES FA . -34.16 29.89 28.86
H72 MES FA . -34.77 30.68 30.32
H81 MES FA . -37.09 30.42 28.82
H82 MES FA . -36.08 31.87 28.88
C3 XPE GA . -5.74 41.61 31.67
O4 XPE GA . -6.34 41.57 32.98
C5 XPE GA . -7.66 42.13 33.01
C6 XPE GA . -8.39 41.65 34.22
O7 XPE GA . -8.76 40.31 34.02
C8 XPE GA . -9.66 39.83 34.99
C9 XPE GA . -9.64 38.32 34.95
O10 XPE GA . -9.91 37.90 33.60
C11 XPE GA . -9.95 36.49 33.43
C12 XPE GA . -10.42 36.16 32.00
O13 XPE GA . -11.79 36.30 31.92
C14 XPE GA . -12.36 35.83 30.70
C15 XPE GA . -13.83 36.14 30.70
O16 XPE GA . -14.08 37.41 30.02
C17 XPE GA . -15.37 38.01 30.41
C18 XPE GA . -15.60 39.30 29.62
O19 XPE GA . -15.19 39.09 28.27
C20 XPE GA . -14.83 40.29 27.55
C21 XPE GA . -13.32 40.47 27.57
O22 XPE GA . -12.68 39.26 27.16
C23 XPE GA . -11.26 39.20 27.55
C24 XPE GA . -10.33 39.43 26.36
O25 XPE GA . -11.03 39.97 25.26
C26 XPE GA . -10.23 40.15 24.09
H31A XPE GA . -6.02 40.84 31.15
H32 XPE GA . -4.75 41.61 31.76
H51 XPE GA . -8.15 41.87 32.20
H52 XPE GA . -7.59 43.10 33.04
H61 XPE GA . -9.21 42.19 34.35
H62 XPE GA . -7.83 41.71 35.00
H81 XPE GA . -9.40 40.14 35.87
H82 XPE GA . -10.56 40.14 34.79
H91 XPE GA . -10.32 37.96 35.55
H92 XPE GA . -8.75 37.99 35.23
H111 XPE GA . -9.06 36.11 33.58
H112 XPE GA . -10.58 36.09 34.07
H121 XPE GA . -9.99 36.79 31.36
H122 XPE GA . -10.17 35.23 31.77
H141 XPE GA . -12.23 34.88 30.62
H142 XPE GA . -11.95 36.28 29.95
H151 XPE GA . -14.16 36.19 31.62
H152 XPE GA . -14.31 35.43 30.24
H171 XPE GA . -16.09 37.38 30.21
H172 XPE GA . -15.37 38.20 31.35
H181 XPE GA . -16.55 39.56 29.65
H182 XPE GA . -15.05 40.02 30.02
H201 XPE GA . -15.26 41.07 27.97
H202 XPE GA . -15.14 40.20 26.61
H211 XPE GA . -13.07 41.20 26.95
H212 XPE GA . -13.03 40.69 28.47
H231 XPE GA . -11.08 38.33 27.93
H232 XPE GA . -11.09 39.88 28.22
H241 XPE GA . -9.93 38.58 26.09
H242 XPE GA . -9.61 40.04 26.62
H262 XPE GA . -10.59 39.62 23.36
O1 MES HA . -2.71 -35.08 -35.40
C2 MES HA . -3.50 -36.22 -35.70
C3 MES HA . -2.88 -37.08 -36.79
N4 MES HA . -2.49 -36.28 -37.94
C5 MES HA . -1.80 -35.02 -37.64
C6 MES HA . -2.55 -34.27 -36.54
C7 MES HA . -1.72 -37.01 -38.96
C8 MES HA . -2.51 -38.21 -39.49
S MES HA . -3.90 -37.75 -40.28
O1S MES HA . -4.48 -38.94 -40.94
O2S MES HA . -4.88 -37.23 -39.30
O3S MES HA . -3.56 -36.71 -41.28
H21 MES HA . -4.49 -35.89 -36.02
H22 MES HA . -3.64 -36.82 -34.80
H31 MES HA . -2.00 -37.60 -36.40
H32 MES HA . -3.59 -37.84 -37.12
HN4 MES HA . -3.34 -36.00 -38.39
H51 MES HA . -1.74 -34.41 -38.54
H52 MES HA . -0.78 -35.23 -37.31
H61 MES HA . -1.99 -33.36 -36.28
H62 MES HA . -3.53 -33.96 -36.92
H71 MES HA . -1.49 -36.35 -39.79
H72 MES HA . -0.79 -37.36 -38.52
H81 MES HA . -2.77 -38.87 -38.65
H82 MES HA . -1.87 -38.78 -40.17
C3 XPE IA . -6.18 -67.97 -29.24
O4 XPE IA . -5.30 -66.93 -29.66
C5 XPE IA . -3.97 -67.05 -29.14
C6 XPE IA . -3.24 -65.76 -29.34
O7 XPE IA . -3.77 -64.80 -28.46
C8 XPE IA . -3.01 -63.62 -28.39
C9 XPE IA . -3.69 -62.63 -27.47
O10 XPE IA . -4.79 -62.05 -28.18
C11 XPE IA . -5.81 -61.50 -27.36
C12 XPE IA . -6.80 -60.72 -28.22
O13 XPE IA . -6.15 -59.66 -28.84
C14 XPE IA . -7.01 -58.81 -29.62
C15 XPE IA . -6.77 -59.10 -31.08
O16 XPE IA . -5.90 -58.07 -31.61
C17 XPE IA . -5.23 -58.35 -32.87
C18 XPE IA . -6.31 -58.37 -33.95
O19 XPE IA . -6.01 -59.23 -35.01
C20 XPE IA . -7.17 -59.94 -35.50
C21 XPE IA . -7.40 -61.22 -34.72
O22 XPE IA . -8.68 -61.18 -34.07
C23 XPE IA . -8.92 -62.31 -33.18
C24 XPE IA . -10.00 -63.26 -33.74
O25 XPE IA . -10.63 -62.73 -34.88
C26 XPE IA . -11.66 -63.55 -35.43
C27 XPE IA . -13.06 -63.02 -35.09
O28 XPE IA . -13.70 -63.85 -34.08
C29 XPE IA . -14.23 -63.13 -32.94
H31A XPE IA . -7.03 -67.90 -29.73
H32 XPE IA . -5.78 -68.85 -29.42
H51 XPE IA . -4.00 -67.26 -28.18
H52 XPE IA . -3.49 -67.77 -29.60
H61 XPE IA . -3.38 -65.44 -30.27
H62 XPE IA . -2.30 -65.88 -29.17
H81 XPE IA . -2.93 -63.24 -29.28
H82 XPE IA . -2.12 -63.84 -28.05
H91 XPE IA . -3.05 -61.94 -27.22
H92 XPE IA . -4.02 -63.10 -26.67
H111 XPE IA . -6.28 -62.22 -26.88
H112 XPE IA . -5.39 -60.89 -26.70
H121 XPE IA . -7.17 -61.32 -28.92
H122 XPE IA . -7.54 -60.38 -27.67
H141 XPE IA . -7.93 -58.99 -29.39
H142 XPE IA . -6.81 -57.89 -29.44
H151 XPE IA . -7.62 -59.10 -31.56
H152 XPE IA . -6.35 -59.97 -31.17
H171 XPE IA . -4.58 -57.66 -33.07
H172 XPE IA . -4.80 -59.20 -32.83
H181 XPE IA . -6.42 -57.45 -34.30
H182 XPE IA . -7.15 -58.65 -33.54
H201 XPE IA . -7.03 -60.16 -36.46
H202 XPE IA . -7.97 -59.37 -35.41
H211 XPE IA . -7.38 -62.00 -35.34
H212 XPE IA . -6.70 -61.33 -34.05
H231 XPE IA . -8.09 -62.81 -33.07
H232 XPE IA . -9.22 -61.97 -32.32
H241 XPE IA . -10.65 -63.42 -33.05
H242 XPE IA . -9.57 -64.11 -33.99
H261 XPE IA . -11.55 -63.58 -36.40
H262 XPE IA . -11.56 -64.47 -35.07
H271 XPE IA . -13.61 -63.02 -35.91
H272 XPE IA . -12.98 -62.11 -34.76
H291 XPE IA . -14.96 -62.54 -33.24
H292 XPE IA . -13.51 -62.59 -32.54
#